data_2CXJ
#
_entry.id   2CXJ
#
_entity_poly.entity_id   1
_entity_poly.type   'polypeptide(L)'
_entity_poly.pdbx_seq_one_letter_code
;MAAETLTELEAAIETVVSTFFTFAGREGRKGSLNINEFKELATQQLPHLLKDVGSLDEKMKTLDVNQDSELRFSEYWRLI
GELAKEVRKEKALGIRKK
;
_entity_poly.pdbx_strand_id   A,B
#
# COMPACT_ATOMS: atom_id res chain seq x y z
N MET A 1 17.97 -4.69 2.92
CA MET A 1 17.48 -5.75 2.01
C MET A 1 16.57 -5.20 0.95
N ALA A 2 16.07 -6.08 0.10
CA ALA A 2 15.18 -5.69 -0.98
C ALA A 2 13.77 -6.18 -0.76
N ALA A 3 12.82 -5.54 -1.44
CA ALA A 3 11.43 -5.92 -1.33
C ALA A 3 11.10 -7.03 -2.31
N GLU A 4 11.51 -8.24 -1.96
CA GLU A 4 11.25 -9.40 -2.81
C GLU A 4 9.79 -9.80 -2.70
N THR A 5 9.45 -10.68 -1.76
CA THR A 5 8.09 -11.12 -1.59
C THR A 5 7.29 -10.20 -0.65
N LEU A 6 6.23 -10.74 -0.03
CA LEU A 6 5.37 -9.99 0.87
C LEU A 6 6.07 -9.70 2.19
N THR A 7 6.47 -8.46 2.40
CA THR A 7 7.13 -8.11 3.64
C THR A 7 6.10 -7.94 4.74
N GLU A 8 6.55 -7.64 5.95
CA GLU A 8 5.64 -7.48 7.10
C GLU A 8 4.40 -6.67 6.71
N LEU A 9 4.57 -5.80 5.73
CA LEU A 9 3.49 -4.95 5.27
C LEU A 9 2.29 -5.75 4.78
N GLU A 10 2.50 -6.99 4.34
CA GLU A 10 1.39 -7.80 3.86
C GLU A 10 0.31 -7.88 4.93
N ALA A 11 0.74 -7.93 6.19
CA ALA A 11 -0.19 -7.97 7.30
C ALA A 11 -1.10 -6.76 7.21
N ALA A 12 -0.55 -5.67 6.71
CA ALA A 12 -1.31 -4.45 6.53
C ALA A 12 -2.31 -4.62 5.40
N ILE A 13 -1.95 -5.48 4.45
CA ILE A 13 -2.81 -5.76 3.31
C ILE A 13 -4.18 -6.21 3.82
N GLU A 14 -4.19 -6.82 5.01
CA GLU A 14 -5.40 -7.33 5.63
C GLU A 14 -6.36 -6.19 5.96
N THR A 15 -5.84 -5.06 6.41
CA THR A 15 -6.68 -3.91 6.73
C THR A 15 -7.28 -3.33 5.47
N VAL A 16 -6.40 -2.88 4.58
CA VAL A 16 -6.80 -2.30 3.31
C VAL A 16 -7.76 -3.21 2.56
N VAL A 17 -7.53 -4.51 2.64
CA VAL A 17 -8.38 -5.48 1.94
C VAL A 17 -9.67 -5.73 2.71
N SER A 18 -9.58 -5.80 4.03
CA SER A 18 -10.73 -6.05 4.87
C SER A 18 -11.56 -4.78 5.10
N THR A 19 -11.01 -3.63 4.75
CA THR A 19 -11.73 -2.37 4.92
C THR A 19 -12.66 -2.01 3.75
N PHE A 20 -12.08 -1.30 2.78
CA PHE A 20 -12.80 -0.80 1.60
C PHE A 20 -12.92 -1.85 0.53
N PHE A 21 -11.88 -2.63 0.38
CA PHE A 21 -11.86 -3.66 -0.62
C PHE A 21 -12.97 -4.67 -0.37
N THR A 22 -13.53 -4.64 0.83
CA THR A 22 -14.61 -5.56 1.12
C THR A 22 -15.83 -5.26 0.26
N PHE A 23 -15.84 -4.08 -0.38
CA PHE A 23 -16.96 -3.71 -1.22
C PHE A 23 -17.04 -4.63 -2.44
N ALA A 24 -16.01 -5.44 -2.65
CA ALA A 24 -15.99 -6.40 -3.76
C ALA A 24 -17.32 -7.11 -3.85
N GLY A 25 -17.84 -7.42 -2.67
CA GLY A 25 -19.12 -8.09 -2.54
C GLY A 25 -20.15 -7.59 -3.54
N ARG A 26 -20.05 -6.32 -3.93
CA ARG A 26 -20.97 -5.72 -4.90
C ARG A 26 -21.13 -6.62 -6.12
N GLU A 27 -20.01 -7.15 -6.59
CA GLU A 27 -20.03 -8.03 -7.76
C GLU A 27 -20.27 -9.47 -7.32
N GLY A 28 -21.31 -10.08 -7.87
CA GLY A 28 -21.66 -11.45 -7.52
C GLY A 28 -20.47 -12.36 -7.37
N ARG A 29 -19.95 -12.85 -8.49
CA ARG A 29 -18.80 -13.76 -8.47
C ARG A 29 -17.74 -13.31 -7.47
N LYS A 30 -16.85 -14.23 -7.12
CA LYS A 30 -15.78 -13.93 -6.17
C LYS A 30 -14.50 -13.63 -6.94
N GLY A 31 -14.60 -12.73 -7.90
CA GLY A 31 -13.46 -12.34 -8.70
C GLY A 31 -12.88 -11.07 -8.19
N SER A 32 -13.49 -9.96 -8.49
CA SER A 32 -12.96 -8.71 -8.00
C SER A 32 -14.02 -7.74 -7.58
N LEU A 33 -13.53 -6.63 -7.11
CA LEU A 33 -14.33 -5.53 -6.66
C LEU A 33 -14.38 -4.52 -7.78
N ASN A 34 -15.40 -3.68 -7.84
CA ASN A 34 -15.49 -2.78 -8.98
C ASN A 34 -15.41 -1.30 -8.62
N ILE A 35 -16.46 -0.54 -8.89
CA ILE A 35 -16.45 0.87 -8.60
C ILE A 35 -17.80 1.36 -8.13
N ASN A 36 -18.56 0.46 -7.51
CA ASN A 36 -19.86 0.80 -7.00
C ASN A 36 -19.70 1.48 -5.66
N GLU A 37 -19.18 0.75 -4.68
CA GLU A 37 -18.96 1.36 -3.39
C GLU A 37 -17.73 2.24 -3.46
N PHE A 38 -16.87 2.03 -4.48
CA PHE A 38 -15.73 2.89 -4.64
C PHE A 38 -16.23 4.33 -4.69
N LYS A 39 -17.48 4.46 -5.18
CA LYS A 39 -18.13 5.75 -5.26
C LYS A 39 -18.31 6.36 -3.89
N GLU A 40 -18.14 5.54 -2.90
CA GLU A 40 -18.19 5.98 -1.51
C GLU A 40 -16.83 6.56 -1.12
N LEU A 41 -15.83 6.45 -2.02
CA LEU A 41 -14.49 6.94 -1.77
C LEU A 41 -14.38 8.45 -1.89
N ALA A 42 -14.05 8.95 -3.09
CA ALA A 42 -13.90 10.39 -3.32
C ALA A 42 -14.94 11.19 -2.58
N THR A 43 -16.14 10.64 -2.53
CA THR A 43 -17.28 11.27 -1.89
C THR A 43 -17.07 11.44 -0.40
N GLN A 44 -16.76 10.34 0.28
CA GLN A 44 -16.53 10.35 1.70
C GLN A 44 -15.13 10.84 2.02
N GLN A 45 -14.18 10.50 1.17
CA GLN A 45 -12.80 10.93 1.39
C GLN A 45 -12.64 12.38 0.94
N LEU A 46 -13.66 12.91 0.23
CA LEU A 46 -13.64 14.29 -0.23
C LEU A 46 -13.14 15.18 0.88
N PRO A 47 -13.91 15.40 1.95
CA PRO A 47 -13.43 16.26 3.01
C PRO A 47 -12.50 15.52 3.95
N HIS A 48 -11.21 15.59 3.61
CA HIS A 48 -10.15 15.06 4.44
C HIS A 48 -9.53 16.18 5.25
N LEU A 49 -8.36 15.91 5.80
CA LEU A 49 -7.60 16.95 6.46
C LEU A 49 -6.87 17.68 5.35
N LEU A 50 -5.77 17.09 4.90
CA LEU A 50 -5.00 17.59 3.76
C LEU A 50 -5.60 17.05 2.46
N LYS A 51 -6.91 17.16 2.31
CA LYS A 51 -7.62 16.63 1.15
C LYS A 51 -6.87 16.84 -0.16
N ASP A 52 -7.13 15.95 -1.09
CA ASP A 52 -6.53 15.99 -2.42
C ASP A 52 -7.48 16.70 -3.38
N VAL A 53 -8.78 16.40 -3.22
CA VAL A 53 -9.86 16.98 -4.03
C VAL A 53 -10.33 16.04 -5.13
N GLY A 54 -11.23 15.14 -4.75
CA GLY A 54 -11.79 14.20 -5.70
C GLY A 54 -12.59 14.90 -6.77
N SER A 55 -11.91 15.27 -7.85
CA SER A 55 -12.58 15.95 -8.95
C SER A 55 -13.69 15.08 -9.52
N LEU A 56 -14.89 15.66 -9.61
CA LEU A 56 -16.07 14.92 -10.11
C LEU A 56 -15.71 14.03 -11.29
N ASP A 57 -15.23 14.62 -12.37
CA ASP A 57 -14.84 13.85 -13.54
C ASP A 57 -13.83 12.78 -13.16
N GLU A 58 -12.80 13.20 -12.44
CA GLU A 58 -11.75 12.28 -12.01
C GLU A 58 -12.40 11.12 -11.29
N LYS A 59 -13.39 11.45 -10.47
CA LYS A 59 -14.11 10.44 -9.72
C LYS A 59 -14.86 9.52 -10.67
N MET A 60 -15.17 10.01 -11.86
CA MET A 60 -15.87 9.22 -12.87
C MET A 60 -14.90 8.33 -13.65
N LYS A 61 -13.88 8.94 -14.22
CA LYS A 61 -12.87 8.20 -14.99
C LYS A 61 -12.20 7.14 -14.14
N THR A 62 -11.62 7.59 -13.03
CA THR A 62 -10.92 6.69 -12.11
C THR A 62 -11.63 5.36 -11.94
N LEU A 63 -12.97 5.36 -12.09
CA LEU A 63 -13.72 4.10 -11.97
C LEU A 63 -13.08 3.04 -12.85
N ASP A 64 -13.05 3.32 -14.15
CA ASP A 64 -12.44 2.41 -15.10
C ASP A 64 -11.00 2.12 -14.69
N VAL A 65 -10.29 3.17 -14.29
CA VAL A 65 -8.91 3.02 -13.85
C VAL A 65 -8.84 2.01 -12.72
N ASN A 66 -9.21 2.43 -11.51
CA ASN A 66 -9.21 1.54 -10.36
C ASN A 66 -10.49 0.71 -10.32
N GLN A 67 -10.84 0.10 -11.45
CA GLN A 67 -12.05 -0.69 -11.52
C GLN A 67 -11.94 -1.81 -10.51
N ASP A 68 -10.93 -2.61 -10.69
CA ASP A 68 -10.64 -3.72 -9.82
C ASP A 68 -9.74 -3.26 -8.69
N SER A 69 -9.98 -2.03 -8.19
CA SER A 69 -9.19 -1.46 -7.10
C SER A 69 -8.95 -2.51 -6.04
N GLU A 70 -9.92 -3.40 -5.94
CA GLU A 70 -9.86 -4.54 -5.04
C GLU A 70 -9.93 -5.78 -5.90
N LEU A 71 -9.38 -6.87 -5.39
CA LEU A 71 -9.43 -8.07 -6.13
C LEU A 71 -9.62 -9.34 -5.28
N ARG A 72 -10.35 -10.31 -5.84
CA ARG A 72 -10.51 -11.62 -5.22
C ARG A 72 -9.80 -12.66 -6.11
N PHE A 73 -9.75 -12.37 -7.43
CA PHE A 73 -9.07 -13.24 -8.41
C PHE A 73 -7.61 -12.76 -8.74
N SER A 74 -7.33 -12.02 -9.83
CA SER A 74 -5.92 -11.62 -10.12
C SER A 74 -5.68 -10.12 -10.11
N GLU A 75 -6.73 -9.36 -10.23
CA GLU A 75 -6.62 -7.89 -10.24
C GLU A 75 -6.07 -7.26 -8.93
N TYR A 76 -5.29 -8.00 -8.12
CA TYR A 76 -4.79 -7.45 -6.88
C TYR A 76 -3.75 -6.41 -7.17
N TRP A 77 -3.14 -6.52 -8.34
CA TRP A 77 -2.17 -5.51 -8.75
C TRP A 77 -2.85 -4.13 -8.73
N ARG A 78 -4.18 -4.12 -8.63
CA ARG A 78 -4.92 -2.89 -8.57
C ARG A 78 -4.64 -2.25 -7.23
N LEU A 79 -4.60 -3.09 -6.18
CA LEU A 79 -4.30 -2.60 -4.84
C LEU A 79 -2.96 -1.90 -4.85
N ILE A 80 -2.14 -2.22 -5.84
CA ILE A 80 -0.83 -1.65 -5.92
C ILE A 80 -0.86 -0.13 -5.77
N GLY A 81 -1.63 0.53 -6.63
CA GLY A 81 -1.76 1.97 -6.54
C GLY A 81 -2.80 2.38 -5.50
N GLU A 82 -3.37 1.38 -4.81
CA GLU A 82 -4.41 1.65 -3.83
C GLU A 82 -3.83 2.04 -2.48
N LEU A 83 -3.18 1.08 -1.83
CA LEU A 83 -2.56 1.32 -0.53
C LEU A 83 -1.77 2.62 -0.55
N ALA A 84 -1.32 3.00 -1.74
CA ALA A 84 -0.59 4.24 -1.90
C ALA A 84 -1.50 5.45 -1.80
N LYS A 85 -2.74 5.32 -2.27
CA LYS A 85 -3.72 6.42 -2.20
C LYS A 85 -3.64 7.11 -0.87
N GLU A 86 -3.27 6.34 0.14
CA GLU A 86 -3.13 6.84 1.49
C GLU A 86 -1.74 7.47 1.69
N VAL A 87 -0.72 6.77 1.21
CA VAL A 87 0.66 7.23 1.35
C VAL A 87 0.96 8.47 0.52
N ARG A 88 0.38 8.54 -0.67
CA ARG A 88 0.63 9.67 -1.58
C ARG A 88 0.63 11.02 -0.86
N LYS A 89 -0.54 11.49 -0.47
CA LYS A 89 -0.65 12.77 0.23
C LYS A 89 0.07 12.69 1.57
N GLU A 90 0.05 11.49 2.13
CA GLU A 90 0.70 11.25 3.40
C GLU A 90 2.21 11.40 3.29
N LYS A 91 2.73 11.52 2.07
CA LYS A 91 4.16 11.70 1.86
C LYS A 91 4.63 13.00 2.52
N ALA A 92 3.93 14.08 2.21
CA ALA A 92 4.26 15.39 2.77
C ALA A 92 3.68 15.54 4.15
N LEU A 93 2.38 15.29 4.30
CA LEU A 93 1.74 15.42 5.60
C LEU A 93 2.47 14.60 6.64
N GLY A 94 3.17 13.56 6.19
CA GLY A 94 3.93 12.74 7.10
C GLY A 94 4.85 13.55 7.96
N ILE A 95 5.21 14.72 7.47
CA ILE A 95 6.12 15.60 8.17
C ILE A 95 5.55 16.11 9.49
N ARG A 96 5.24 15.20 10.39
CA ARG A 96 4.73 15.59 11.69
C ARG A 96 5.76 16.50 12.37
N LYS A 97 7.02 16.39 11.91
CA LYS A 97 8.09 17.22 12.43
C LYS A 97 8.17 18.52 11.64
N LYS A 98 7.34 19.48 11.99
CA LYS A 98 7.30 20.77 11.30
C LYS A 98 7.83 21.87 12.20
N MET B 1 -15.85 6.30 -8.00
CA MET B 1 -15.17 7.55 -7.57
C MET B 1 -13.68 7.46 -7.79
N ALA B 2 -12.96 8.52 -7.45
CA ALA B 2 -11.51 8.55 -7.64
C ALA B 2 -10.77 8.52 -6.32
N ALA B 3 -9.50 8.15 -6.40
CA ALA B 3 -8.66 8.09 -5.22
C ALA B 3 -8.02 9.44 -4.97
N GLU B 4 -8.81 10.36 -4.45
CA GLU B 4 -8.32 11.70 -4.14
C GLU B 4 -7.42 11.67 -2.92
N THR B 5 -8.01 11.83 -1.73
CA THR B 5 -7.22 11.81 -0.52
C THR B 5 -7.07 10.39 0.06
N LEU B 6 -6.83 10.30 1.38
CA LEU B 6 -6.65 9.02 2.06
C LEU B 6 -7.96 8.25 2.15
N THR B 7 -8.08 7.19 1.38
CA THR B 7 -9.28 6.37 1.41
C THR B 7 -9.23 5.44 2.61
N GLU B 8 -10.31 4.68 2.83
CA GLU B 8 -10.37 3.76 3.98
C GLU B 8 -9.05 3.03 4.18
N LEU B 9 -8.33 2.83 3.09
CA LEU B 9 -7.05 2.14 3.11
C LEU B 9 -6.04 2.80 4.04
N GLU B 10 -6.19 4.09 4.30
CA GLU B 10 -5.25 4.77 5.20
C GLU B 10 -5.21 4.04 6.53
N ALA B 11 -6.37 3.54 6.96
CA ALA B 11 -6.45 2.78 8.19
C ALA B 11 -5.47 1.63 8.13
N ALA B 12 -5.29 1.11 6.93
CA ALA B 12 -4.36 0.02 6.69
C ALA B 12 -2.93 0.53 6.82
N ILE B 13 -2.74 1.81 6.51
CA ILE B 13 -1.42 2.43 6.60
C ILE B 13 -0.88 2.24 8.02
N GLU B 14 -1.81 2.13 8.98
CA GLU B 14 -1.46 1.95 10.39
C GLU B 14 -0.74 0.64 10.62
N THR B 15 -1.15 -0.43 9.92
CA THR B 15 -0.51 -1.71 10.09
C THR B 15 0.89 -1.68 9.51
N VAL B 16 0.95 -1.38 8.22
CA VAL B 16 2.21 -1.30 7.49
C VAL B 16 3.19 -0.36 8.18
N VAL B 17 2.67 0.74 8.73
CA VAL B 17 3.53 1.70 9.40
C VAL B 17 3.91 1.23 10.80
N SER B 18 2.93 0.62 11.48
CA SER B 18 3.15 0.12 12.83
C SER B 18 3.86 -1.24 12.83
N THR B 19 3.91 -1.89 11.68
CA THR B 19 4.59 -3.19 11.60
C THR B 19 6.09 -3.09 11.35
N PHE B 20 6.47 -3.09 10.07
CA PHE B 20 7.88 -3.04 9.67
C PHE B 20 8.46 -1.65 9.75
N PHE B 21 7.67 -0.67 9.38
CA PHE B 21 8.14 0.69 9.38
C PHE B 21 8.53 1.17 10.78
N THR B 22 8.15 0.43 11.80
CA THR B 22 8.51 0.80 13.16
C THR B 22 10.02 0.74 13.34
N PHE B 23 10.71 0.09 12.39
CA PHE B 23 12.15 -0.02 12.45
C PHE B 23 12.81 1.35 12.32
N ALA B 24 12.02 2.36 11.94
CA ALA B 24 12.52 3.73 11.82
C ALA B 24 13.41 4.09 13.01
N GLY B 25 12.93 3.76 14.19
CA GLY B 25 13.68 4.03 15.42
C GLY B 25 15.18 3.81 15.27
N ARG B 26 15.59 2.90 14.36
CA ARG B 26 17.01 2.65 14.12
C ARG B 26 17.76 3.97 14.03
N GLU B 27 17.17 4.88 13.27
CA GLU B 27 17.73 6.22 13.10
C GLU B 27 17.28 7.13 14.24
N GLY B 28 18.26 7.71 14.94
CA GLY B 28 17.97 8.58 16.07
C GLY B 28 16.81 9.51 15.84
N ARG B 29 17.05 10.62 15.15
CA ARG B 29 16.02 11.61 14.88
C ARG B 29 14.70 10.94 14.49
N LYS B 30 13.61 11.71 14.59
CA LYS B 30 12.30 11.21 14.25
C LYS B 30 11.95 11.65 12.84
N GLY B 31 12.86 11.38 11.91
CA GLY B 31 12.64 11.73 10.52
C GLY B 31 12.17 10.56 9.75
N SER B 32 13.05 9.67 9.43
CA SER B 32 12.65 8.50 8.68
C SER B 32 13.35 7.25 9.12
N LEU B 33 12.93 6.18 8.48
CA LEU B 33 13.47 4.87 8.69
C LEU B 33 14.48 4.61 7.61
N ASN B 34 15.46 3.72 7.81
CA ASN B 34 16.47 3.56 6.77
C ASN B 34 16.47 2.18 6.15
N ILE B 35 17.57 1.45 6.28
CA ILE B 35 17.66 0.14 5.70
C ILE B 35 18.41 -0.82 6.61
N ASN B 36 18.37 -0.55 7.90
CA ASN B 36 19.02 -1.39 8.88
C ASN B 36 18.16 -2.59 9.15
N GLU B 37 17.00 -2.37 9.75
CA GLU B 37 16.13 -3.50 9.98
C GLU B 37 15.50 -3.94 8.68
N PHE B 38 15.52 -3.08 7.66
CA PHE B 38 15.01 -3.46 6.36
C PHE B 38 15.73 -4.74 5.95
N LYS B 39 16.97 -4.85 6.41
CA LYS B 39 17.80 -6.02 6.15
C LYS B 39 17.14 -7.28 6.73
N GLU B 40 16.13 -7.07 7.57
CA GLU B 40 15.37 -8.16 8.10
C GLU B 40 14.24 -8.54 7.12
N LEU B 41 14.15 -7.81 5.98
CA LEU B 41 13.09 -8.05 5.00
C LEU B 41 13.41 -9.22 4.09
N ALA B 42 14.10 -8.95 2.99
CA ALA B 42 14.45 -9.98 2.00
C ALA B 42 14.88 -11.25 2.71
N THR B 43 15.68 -11.04 3.75
CA THR B 43 16.20 -12.12 4.56
C THR B 43 15.10 -13.02 5.12
N GLN B 44 14.16 -12.40 5.83
CA GLN B 44 13.05 -13.12 6.44
C GLN B 44 11.95 -13.41 5.43
N GLN B 45 11.63 -12.42 4.62
CA GLN B 45 10.61 -12.58 3.59
C GLN B 45 11.13 -13.52 2.50
N LEU B 46 12.45 -13.78 2.51
CA LEU B 46 13.07 -14.69 1.54
C LEU B 46 12.18 -15.90 1.33
N PRO B 47 12.09 -16.82 2.32
CA PRO B 47 11.23 -17.96 2.13
C PRO B 47 9.80 -17.66 2.45
N HIS B 48 9.11 -17.29 1.39
CA HIS B 48 7.70 -17.04 1.40
C HIS B 48 6.97 -18.24 0.83
N LEU B 49 5.71 -18.03 0.49
CA LEU B 49 4.97 -19.05 -0.20
C LEU B 49 5.35 -18.90 -1.67
N LEU B 50 4.73 -17.93 -2.33
CA LEU B 50 5.04 -17.59 -3.72
C LEU B 50 6.20 -16.59 -3.75
N LYS B 51 7.27 -16.87 -3.01
CA LYS B 51 8.43 -15.98 -2.90
C LYS B 51 8.78 -15.31 -4.22
N ASP B 52 9.47 -14.19 -4.11
CA ASP B 52 9.90 -13.42 -5.26
C ASP B 52 11.36 -13.72 -5.55
N VAL B 53 12.12 -13.86 -4.46
CA VAL B 53 13.54 -14.18 -4.49
C VAL B 53 14.43 -12.95 -4.26
N GLY B 54 14.49 -12.56 -3.01
CA GLY B 54 15.32 -11.43 -2.62
C GLY B 54 16.77 -11.62 -3.03
N SER B 55 17.09 -11.23 -4.27
CA SER B 55 18.44 -11.36 -4.78
C SER B 55 19.42 -10.59 -3.89
N LEU B 56 20.49 -11.27 -3.48
CA LEU B 56 21.50 -10.65 -2.61
C LEU B 56 21.81 -9.22 -3.02
N ASP B 57 22.33 -9.06 -4.24
CA ASP B 57 22.67 -7.73 -4.73
C ASP B 57 21.48 -6.81 -4.64
N GLU B 58 20.36 -7.30 -5.12
CA GLU B 58 19.12 -6.55 -5.10
C GLU B 58 18.85 -6.08 -3.69
N LYS B 59 19.08 -7.00 -2.76
CA LYS B 59 18.89 -6.71 -1.35
C LYS B 59 19.83 -5.61 -0.90
N MET B 60 20.96 -5.48 -1.61
CA MET B 60 21.95 -4.45 -1.29
C MET B 60 21.57 -3.10 -1.89
N LYS B 61 21.35 -3.08 -3.20
CA LYS B 61 20.96 -1.86 -3.89
C LYS B 61 19.66 -1.29 -3.37
N THR B 62 18.64 -2.13 -3.32
CA THR B 62 17.33 -1.71 -2.85
C THR B 62 17.42 -0.85 -1.61
N LEU B 63 18.46 -1.07 -0.79
CA LEU B 63 18.63 -0.25 0.41
C LEU B 63 18.51 1.22 0.05
N ASP B 64 19.43 1.67 -0.79
CA ASP B 64 19.42 3.04 -1.25
C ASP B 64 18.06 3.40 -1.83
N VAL B 65 17.52 2.50 -2.65
CA VAL B 65 16.22 2.71 -3.26
C VAL B 65 15.17 2.98 -2.19
N ASN B 66 14.78 1.93 -1.46
CA ASN B 66 13.80 2.06 -0.38
C ASN B 66 14.45 2.51 0.92
N GLN B 67 15.45 3.38 0.83
CA GLN B 67 16.15 3.88 2.00
C GLN B 67 15.14 4.33 3.05
N ASP B 68 14.37 5.33 2.72
CA ASP B 68 13.34 5.84 3.60
C ASP B 68 12.05 5.07 3.39
N SER B 69 12.16 3.75 3.13
CA SER B 69 10.99 2.91 2.91
C SER B 69 9.88 3.27 3.89
N GLU B 70 10.31 3.73 5.04
CA GLU B 70 9.41 4.21 6.08
C GLU B 70 9.74 5.66 6.31
N LEU B 71 8.78 6.41 6.79
CA LEU B 71 9.04 7.78 7.05
C LEU B 71 8.32 8.34 8.28
N ARG B 72 8.98 9.27 8.95
CA ARG B 72 8.41 10.01 10.07
C ARG B 72 8.25 11.48 9.65
N PHE B 73 9.13 11.92 8.74
CA PHE B 73 9.11 13.29 8.19
C PHE B 73 8.40 13.41 6.80
N SER B 74 9.10 13.34 5.64
CA SER B 74 8.40 13.52 4.34
C SER B 74 8.54 12.33 3.40
N GLU B 75 9.53 11.51 3.62
CA GLU B 75 9.78 10.32 2.80
C GLU B 75 8.66 9.26 2.86
N TYR B 76 7.42 9.64 3.14
CA TYR B 76 6.37 8.66 3.24
C TYR B 76 6.05 8.13 1.86
N TRP B 77 6.30 8.96 0.87
CA TRP B 77 6.11 8.54 -0.52
C TRP B 77 6.88 7.24 -0.73
N ARG B 78 7.86 6.99 0.14
CA ARG B 78 8.60 5.77 0.07
C ARG B 78 7.64 4.60 0.27
N LEU B 79 6.68 4.77 1.20
CA LEU B 79 5.70 3.72 1.48
C LEU B 79 4.89 3.44 0.24
N ILE B 80 4.84 4.41 -0.66
CA ILE B 80 4.07 4.29 -1.87
C ILE B 80 4.34 2.93 -2.55
N GLY B 81 5.61 2.64 -2.81
CA GLY B 81 5.98 1.37 -3.41
C GLY B 81 6.13 0.25 -2.38
N GLU B 82 5.93 0.58 -1.09
CA GLU B 82 6.07 -0.40 -0.02
C GLU B 82 4.86 -1.27 0.15
N LEU B 83 3.74 -0.64 0.52
CA LEU B 83 2.50 -1.37 0.71
C LEU B 83 2.23 -2.24 -0.49
N ALA B 84 2.80 -1.83 -1.61
CA ALA B 84 2.64 -2.60 -2.84
C ALA B 84 3.50 -3.86 -2.82
N LYS B 85 4.66 -3.80 -2.16
CA LYS B 85 5.55 -4.96 -2.06
C LYS B 85 4.76 -6.22 -1.75
N GLU B 86 3.66 -6.03 -1.07
CA GLU B 86 2.78 -7.12 -0.72
C GLU B 86 1.83 -7.44 -1.87
N VAL B 87 1.21 -6.40 -2.39
CA VAL B 87 0.25 -6.51 -3.47
C VAL B 87 0.87 -7.05 -4.77
N ARG B 88 2.08 -6.62 -5.08
CA ARG B 88 2.75 -7.04 -6.31
C ARG B 88 2.56 -8.52 -6.62
N LYS B 89 3.24 -9.37 -5.87
CA LYS B 89 3.13 -10.82 -6.08
C LYS B 89 1.72 -11.30 -5.80
N GLU B 90 1.09 -10.62 -4.87
CA GLU B 90 -0.25 -10.94 -4.48
C GLU B 90 -1.25 -10.67 -5.61
N LYS B 91 -0.79 -10.02 -6.68
CA LYS B 91 -1.64 -9.75 -7.82
C LYS B 91 -2.09 -11.06 -8.44
N ALA B 92 -1.13 -11.95 -8.69
CA ALA B 92 -1.42 -13.24 -9.27
C ALA B 92 -1.90 -14.21 -8.21
N LEU B 93 -1.11 -14.40 -7.16
CA LEU B 93 -1.49 -15.30 -6.09
C LEU B 93 -2.91 -14.98 -5.61
N GLY B 94 -3.30 -13.73 -5.79
CA GLY B 94 -4.63 -13.29 -5.40
C GLY B 94 -5.70 -14.24 -5.89
N ILE B 95 -5.40 -14.89 -7.01
CA ILE B 95 -6.34 -15.80 -7.64
C ILE B 95 -6.66 -17.02 -6.80
N ARG B 96 -7.25 -16.79 -5.64
CA ARG B 96 -7.66 -17.89 -4.80
C ARG B 96 -8.64 -18.75 -5.60
N LYS B 97 -9.24 -18.16 -6.64
CA LYS B 97 -10.17 -18.88 -7.51
C LYS B 97 -9.40 -19.52 -8.67
N LYS B 98 -8.83 -20.68 -8.41
CA LYS B 98 -8.08 -21.40 -9.43
C LYS B 98 -8.81 -22.67 -9.87
N MET A 1 18.31 -4.72 2.83
CA MET A 1 17.82 -5.86 2.02
C MET A 1 16.77 -5.41 1.03
N ALA A 2 16.26 -6.36 0.27
CA ALA A 2 15.24 -6.05 -0.71
C ALA A 2 13.90 -6.65 -0.34
N ALA A 3 12.85 -6.11 -0.91
CA ALA A 3 11.52 -6.60 -0.68
C ALA A 3 11.19 -7.71 -1.66
N GLU A 4 11.65 -8.90 -1.34
CA GLU A 4 11.40 -10.05 -2.22
C GLU A 4 9.90 -10.32 -2.23
N THR A 5 9.42 -11.11 -1.30
CA THR A 5 8.00 -11.38 -1.22
C THR A 5 7.24 -10.21 -0.57
N LEU A 6 6.03 -10.48 -0.08
CA LEU A 6 5.20 -9.49 0.57
C LEU A 6 5.81 -9.05 1.88
N THR A 7 6.26 -7.81 1.94
CA THR A 7 6.83 -7.31 3.17
C THR A 7 5.81 -7.39 4.28
N GLU A 8 6.23 -7.25 5.52
CA GLU A 8 5.31 -7.33 6.66
C GLU A 8 4.00 -6.59 6.36
N LEU A 9 4.07 -5.60 5.48
CA LEU A 9 2.91 -4.84 5.08
C LEU A 9 1.76 -5.78 4.70
N GLU A 10 2.13 -6.99 4.29
CA GLU A 10 1.18 -8.02 3.94
C GLU A 10 0.12 -8.11 5.02
N ALA A 11 0.59 -8.20 6.25
CA ALA A 11 -0.30 -8.24 7.40
C ALA A 11 -1.26 -7.07 7.36
N ALA A 12 -0.75 -5.93 6.90
CA ALA A 12 -1.58 -4.74 6.76
C ALA A 12 -2.60 -4.94 5.66
N ILE A 13 -2.29 -5.84 4.73
CA ILE A 13 -3.20 -6.15 3.63
C ILE A 13 -4.59 -6.47 4.19
N GLU A 14 -4.60 -7.04 5.40
CA GLU A 14 -5.83 -7.43 6.07
C GLU A 14 -6.69 -6.21 6.37
N THR A 15 -6.07 -5.10 6.75
CA THR A 15 -6.84 -3.89 7.04
C THR A 15 -7.37 -3.28 5.75
N VAL A 16 -6.45 -2.94 4.86
CA VAL A 16 -6.79 -2.35 3.58
C VAL A 16 -7.74 -3.24 2.77
N VAL A 17 -7.62 -4.54 2.93
CA VAL A 17 -8.48 -5.47 2.19
C VAL A 17 -9.86 -5.57 2.87
N SER A 18 -9.84 -5.66 4.19
CA SER A 18 -11.07 -5.76 4.97
C SER A 18 -11.74 -4.40 5.21
N THR A 19 -11.06 -3.32 4.83
CA THR A 19 -11.62 -1.99 5.00
C THR A 19 -12.47 -1.52 3.80
N PHE A 20 -11.81 -0.85 2.86
CA PHE A 20 -12.44 -0.28 1.67
C PHE A 20 -12.60 -1.34 0.62
N PHE A 21 -11.68 -2.26 0.63
CA PHE A 21 -11.69 -3.32 -0.34
C PHE A 21 -12.84 -4.28 -0.08
N THR A 22 -13.56 -4.07 1.01
CA THR A 22 -14.71 -4.90 1.26
C THR A 22 -15.81 -4.62 0.22
N PHE A 23 -15.65 -3.54 -0.57
CA PHE A 23 -16.68 -3.18 -1.53
C PHE A 23 -16.66 -4.06 -2.79
N ALA A 24 -15.64 -4.92 -2.92
CA ALA A 24 -15.58 -5.87 -4.04
C ALA A 24 -16.87 -6.65 -4.08
N GLY A 25 -17.25 -7.11 -2.90
CA GLY A 25 -18.49 -7.87 -2.72
C GLY A 25 -19.62 -7.33 -3.58
N ARG A 26 -19.59 -6.03 -3.82
CA ARG A 26 -20.59 -5.35 -4.63
C ARG A 26 -20.92 -6.15 -5.89
N GLU A 27 -19.90 -6.74 -6.51
CA GLU A 27 -20.08 -7.52 -7.72
C GLU A 27 -20.43 -8.97 -7.39
N GLY A 28 -21.23 -9.59 -8.25
CA GLY A 28 -21.64 -10.96 -8.02
C GLY A 28 -20.48 -11.91 -7.79
N ARG A 29 -20.12 -12.65 -8.83
CA ARG A 29 -19.04 -13.63 -8.73
C ARG A 29 -17.84 -13.08 -7.96
N LYS A 30 -16.94 -13.98 -7.56
CA LYS A 30 -15.75 -13.59 -6.82
C LYS A 30 -14.56 -13.47 -7.76
N GLY A 31 -14.60 -12.48 -8.64
CA GLY A 31 -13.50 -12.23 -9.57
C GLY A 31 -12.88 -10.90 -9.34
N SER A 32 -13.63 -9.82 -9.57
CA SER A 32 -13.08 -8.52 -9.33
C SER A 32 -14.08 -7.57 -8.71
N LEU A 33 -13.55 -6.50 -8.21
CA LEU A 33 -14.32 -5.43 -7.63
C LEU A 33 -14.48 -4.39 -8.70
N ASN A 34 -15.55 -3.62 -8.65
CA ASN A 34 -15.75 -2.65 -9.70
C ASN A 34 -15.77 -1.24 -9.15
N ILE A 35 -16.21 -0.29 -9.93
CA ILE A 35 -16.24 1.08 -9.49
C ILE A 35 -17.64 1.52 -9.10
N ASN A 36 -18.39 0.58 -8.56
CA ASN A 36 -19.75 0.86 -8.12
C ASN A 36 -19.72 1.49 -6.74
N GLU A 37 -19.23 0.76 -5.76
CA GLU A 37 -19.16 1.32 -4.42
C GLU A 37 -17.96 2.25 -4.34
N PHE A 38 -16.99 2.11 -5.26
CA PHE A 38 -15.86 3.01 -5.25
C PHE A 38 -16.43 4.43 -5.27
N LYS A 39 -17.61 4.55 -5.89
CA LYS A 39 -18.29 5.83 -5.98
C LYS A 39 -18.66 6.37 -4.63
N GLU A 40 -18.60 5.51 -3.66
CA GLU A 40 -18.84 5.91 -2.29
C GLU A 40 -17.55 6.51 -1.72
N LEU A 41 -16.45 6.41 -2.49
CA LEU A 41 -15.15 6.92 -2.06
C LEU A 41 -15.08 8.42 -2.09
N ALA A 42 -14.60 9.01 -3.19
CA ALA A 42 -14.47 10.46 -3.30
C ALA A 42 -15.63 11.18 -2.64
N THR A 43 -16.80 10.56 -2.73
CA THR A 43 -18.00 11.11 -2.17
C THR A 43 -17.87 11.34 -0.67
N GLN A 44 -17.68 10.24 0.06
CA GLN A 44 -17.51 10.30 1.50
C GLN A 44 -16.09 10.68 1.86
N GLN A 45 -15.17 10.25 1.02
CA GLN A 45 -13.76 10.54 1.20
C GLN A 45 -13.48 12.01 0.94
N LEU A 46 -14.38 12.65 0.17
CA LEU A 46 -14.25 14.08 -0.15
C LEU A 46 -13.73 14.81 1.09
N PRO A 47 -14.55 15.00 2.14
CA PRO A 47 -14.02 15.65 3.31
C PRO A 47 -13.24 14.66 4.15
N HIS A 48 -11.95 14.61 3.87
CA HIS A 48 -10.99 13.81 4.60
C HIS A 48 -10.27 14.68 5.62
N LEU A 49 -9.09 14.23 6.05
CA LEU A 49 -8.27 15.04 6.92
C LEU A 49 -7.54 16.05 6.04
N LEU A 50 -6.42 15.63 5.44
CA LEU A 50 -5.69 16.48 4.50
C LEU A 50 -6.29 16.31 3.10
N LYS A 51 -7.61 16.47 3.01
CA LYS A 51 -8.36 16.29 1.78
C LYS A 51 -7.64 16.81 0.54
N ASP A 52 -7.93 16.14 -0.57
CA ASP A 52 -7.36 16.47 -1.88
C ASP A 52 -8.43 17.02 -2.81
N VAL A 53 -9.71 16.84 -2.44
CA VAL A 53 -10.84 17.31 -3.22
C VAL A 53 -11.06 16.48 -4.47
N GLY A 54 -11.68 15.33 -4.28
CA GLY A 54 -11.98 14.46 -5.40
C GLY A 54 -12.71 15.20 -6.51
N SER A 55 -11.96 15.62 -7.52
CA SER A 55 -12.54 16.34 -8.64
C SER A 55 -13.66 15.53 -9.27
N LEU A 56 -14.80 16.19 -9.52
CA LEU A 56 -15.96 15.53 -10.12
C LEU A 56 -15.54 14.62 -11.27
N ASP A 57 -14.78 15.17 -12.20
CA ASP A 57 -14.31 14.41 -13.35
C ASP A 57 -13.39 13.28 -12.89
N GLU A 58 -12.41 13.63 -12.07
CA GLU A 58 -11.45 12.66 -11.55
C GLU A 58 -12.19 11.47 -11.00
N LYS A 59 -13.26 11.75 -10.27
CA LYS A 59 -14.08 10.71 -9.70
C LYS A 59 -14.71 9.87 -10.79
N MET A 60 -14.93 10.49 -11.94
CA MET A 60 -15.51 9.80 -13.08
C MET A 60 -14.47 8.99 -13.85
N LYS A 61 -13.29 9.57 -14.03
CA LYS A 61 -12.22 8.90 -14.76
C LYS A 61 -11.65 7.76 -13.93
N THR A 62 -11.30 8.08 -12.71
CA THR A 62 -10.72 7.12 -11.79
C THR A 62 -11.48 5.79 -11.82
N LEU A 63 -12.76 5.84 -12.18
CA LEU A 63 -13.55 4.64 -12.27
C LEU A 63 -12.86 3.61 -13.16
N ASP A 64 -13.06 3.74 -14.47
CA ASP A 64 -12.45 2.81 -15.41
C ASP A 64 -10.94 2.71 -15.17
N VAL A 65 -10.34 3.80 -14.68
CA VAL A 65 -8.92 3.78 -14.36
C VAL A 65 -8.68 2.65 -13.37
N ASN A 66 -9.07 2.87 -12.12
CA ASN A 66 -8.98 1.82 -11.10
C ASN A 66 -10.21 0.93 -11.16
N GLN A 67 -10.58 0.51 -12.37
CA GLN A 67 -11.75 -0.30 -12.58
C GLN A 67 -11.68 -1.53 -11.69
N ASP A 68 -10.59 -2.24 -11.86
CA ASP A 68 -10.30 -3.45 -11.10
C ASP A 68 -9.49 -3.07 -9.88
N SER A 69 -9.64 -1.82 -9.38
CA SER A 69 -8.86 -1.31 -8.23
C SER A 69 -8.70 -2.43 -7.25
N GLU A 70 -9.79 -3.15 -7.11
CA GLU A 70 -9.82 -4.31 -6.26
C GLU A 70 -10.31 -5.50 -7.04
N LEU A 71 -9.97 -6.64 -6.54
CA LEU A 71 -10.37 -7.85 -7.15
C LEU A 71 -10.50 -8.99 -6.18
N ARG A 72 -11.09 -10.04 -6.69
CA ARG A 72 -11.27 -11.26 -5.97
C ARG A 72 -10.30 -12.31 -6.52
N PHE A 73 -9.91 -12.12 -7.79
CA PHE A 73 -9.00 -13.04 -8.47
C PHE A 73 -7.55 -12.55 -8.52
N SER A 74 -6.97 -12.33 -9.71
CA SER A 74 -5.55 -11.95 -9.80
C SER A 74 -5.31 -10.54 -10.24
N GLU A 75 -6.34 -9.73 -10.22
CA GLU A 75 -6.16 -8.35 -10.61
C GLU A 75 -5.50 -7.56 -9.46
N TYR A 76 -5.26 -8.25 -8.31
CA TYR A 76 -4.71 -7.64 -7.08
C TYR A 76 -3.65 -6.61 -7.35
N TRP A 77 -3.03 -6.69 -8.49
CA TRP A 77 -2.03 -5.70 -8.85
C TRP A 77 -2.70 -4.33 -8.93
N ARG A 78 -4.04 -4.28 -8.92
CA ARG A 78 -4.76 -3.03 -9.00
C ARG A 78 -4.71 -2.33 -7.65
N LEU A 79 -4.97 -3.08 -6.56
CA LEU A 79 -4.86 -2.49 -5.24
C LEU A 79 -3.42 -2.08 -4.96
N ILE A 80 -2.50 -2.53 -5.80
CA ILE A 80 -1.11 -2.21 -5.64
C ILE A 80 -0.91 -0.70 -5.48
N GLY A 81 -1.41 0.08 -6.43
CA GLY A 81 -1.31 1.53 -6.34
C GLY A 81 -2.36 2.12 -5.43
N GLU A 82 -3.21 1.27 -4.87
CA GLU A 82 -4.28 1.73 -3.98
C GLU A 82 -3.75 1.95 -2.59
N LEU A 83 -3.17 0.90 -2.01
CA LEU A 83 -2.62 0.98 -0.67
C LEU A 83 -1.69 2.18 -0.54
N ALA A 84 -1.26 2.72 -1.67
CA ALA A 84 -0.44 3.91 -1.65
C ALA A 84 -1.28 5.17 -1.45
N LYS A 85 -2.48 5.18 -2.06
CA LYS A 85 -3.41 6.31 -1.97
C LYS A 85 -3.49 6.83 -0.55
N GLU A 86 -3.22 5.96 0.41
CA GLU A 86 -3.23 6.34 1.80
C GLU A 86 -1.88 6.98 2.20
N VAL A 87 -0.76 6.35 1.83
CA VAL A 87 0.58 6.86 2.18
C VAL A 87 1.08 7.96 1.25
N ARG A 88 0.30 8.32 0.25
CA ARG A 88 0.73 9.37 -0.68
C ARG A 88 0.48 10.77 -0.13
N LYS A 89 -0.76 11.04 0.28
CA LYS A 89 -1.11 12.35 0.83
C LYS A 89 -0.71 12.42 2.29
N GLU A 90 -0.82 11.30 2.95
CA GLU A 90 -0.49 11.18 4.35
C GLU A 90 1.00 11.47 4.60
N LYS A 91 1.78 11.53 3.51
CA LYS A 91 3.20 11.80 3.64
C LYS A 91 3.47 13.20 4.16
N ALA A 92 2.80 14.18 3.55
CA ALA A 92 2.98 15.56 3.96
C ALA A 92 2.67 15.70 5.45
N LEU A 93 1.91 14.75 5.97
CA LEU A 93 1.61 14.74 7.39
C LEU A 93 2.77 14.09 8.12
N GLY A 94 3.42 13.14 7.45
CA GLY A 94 4.55 12.45 8.03
C GLY A 94 5.49 13.42 8.71
N ILE A 95 5.61 14.61 8.15
CA ILE A 95 6.48 15.63 8.71
C ILE A 95 5.89 16.20 9.98
N ARG A 96 5.58 15.33 10.93
CA ARG A 96 5.04 15.75 12.20
C ARG A 96 6.03 16.71 12.86
N LYS A 97 7.30 16.62 12.45
CA LYS A 97 8.33 17.50 12.96
C LYS A 97 8.38 18.74 12.08
N LYS A 98 7.48 19.68 12.37
CA LYS A 98 7.39 20.91 11.59
C LYS A 98 7.97 22.09 12.38
N MET B 1 -16.02 6.48 -8.17
CA MET B 1 -15.39 7.75 -7.71
C MET B 1 -13.88 7.64 -7.75
N ALA B 2 -13.22 8.70 -7.33
CA ALA B 2 -11.77 8.73 -7.33
C ALA B 2 -11.21 8.73 -5.92
N ALA B 3 -9.96 8.28 -5.81
CA ALA B 3 -9.25 8.27 -4.56
C ALA B 3 -8.63 9.63 -4.33
N GLU B 4 -9.44 10.58 -3.88
CA GLU B 4 -8.92 11.92 -3.64
C GLU B 4 -7.90 11.85 -2.51
N THR B 5 -8.35 11.96 -1.27
CA THR B 5 -7.44 11.85 -0.16
C THR B 5 -7.07 10.38 0.10
N LEU B 6 -6.59 10.11 1.32
CA LEU B 6 -6.21 8.77 1.72
C LEU B 6 -7.43 7.88 1.80
N THR B 7 -7.48 6.85 0.95
CA THR B 7 -8.60 5.94 0.95
C THR B 7 -8.60 5.18 2.25
N GLU B 8 -9.70 4.53 2.59
CA GLU B 8 -9.81 3.80 3.86
C GLU B 8 -8.51 3.06 4.20
N LEU B 9 -7.77 2.69 3.16
CA LEU B 9 -6.48 2.00 3.34
C LEU B 9 -5.64 2.74 4.37
N GLU B 10 -5.90 4.03 4.51
CA GLU B 10 -5.22 4.85 5.48
C GLU B 10 -5.23 4.16 6.83
N ALA B 11 -6.39 3.64 7.22
CA ALA B 11 -6.51 2.91 8.47
C ALA B 11 -5.53 1.75 8.47
N ALA B 12 -5.33 1.18 7.29
CA ALA B 12 -4.39 0.08 7.13
C ALA B 12 -2.96 0.59 7.32
N ILE B 13 -2.78 1.89 7.09
CA ILE B 13 -1.46 2.50 7.24
C ILE B 13 -0.91 2.18 8.63
N GLU B 14 -1.83 2.02 9.58
CA GLU B 14 -1.48 1.72 10.96
C GLU B 14 -0.78 0.37 11.08
N THR B 15 -1.22 -0.61 10.30
CA THR B 15 -0.61 -1.92 10.36
C THR B 15 0.76 -1.88 9.70
N VAL B 16 0.77 -1.49 8.44
CA VAL B 16 1.99 -1.40 7.65
C VAL B 16 3.01 -0.45 8.28
N VAL B 17 2.52 0.58 8.97
CA VAL B 17 3.41 1.53 9.61
C VAL B 17 3.94 0.97 10.93
N SER B 18 3.03 0.36 11.68
CA SER B 18 3.37 -0.24 12.97
C SER B 18 3.98 -1.63 12.82
N THR B 19 3.96 -2.19 11.61
CA THR B 19 4.55 -3.50 11.38
C THR B 19 6.04 -3.44 11.04
N PHE B 20 6.34 -3.46 9.73
CA PHE B 20 7.71 -3.43 9.25
C PHE B 20 8.31 -2.05 9.34
N PHE B 21 7.45 -1.07 9.22
CA PHE B 21 7.89 0.29 9.25
C PHE B 21 8.33 0.71 10.65
N THR B 22 8.19 -0.16 11.62
CA THR B 22 8.65 0.16 12.96
C THR B 22 10.18 0.21 13.01
N PHE B 23 10.83 -0.23 11.92
CA PHE B 23 12.28 -0.25 11.84
C PHE B 23 12.89 1.14 11.62
N ALA B 24 12.07 2.13 11.28
CA ALA B 24 12.55 3.51 11.10
C ALA B 24 13.37 3.93 12.32
N GLY B 25 12.76 3.76 13.49
CA GLY B 25 13.41 4.07 14.75
C GLY B 25 14.89 3.73 14.75
N ARG B 26 15.26 2.72 13.97
CA ARG B 26 16.66 2.31 13.84
C ARG B 26 17.58 3.52 13.78
N GLU B 27 17.13 4.53 13.05
CA GLU B 27 17.89 5.77 12.91
C GLU B 27 17.56 6.73 14.05
N GLY B 28 18.55 7.52 14.45
CA GLY B 28 18.39 8.46 15.54
C GLY B 28 17.19 9.37 15.39
N ARG B 29 17.44 10.61 14.98
CA ARG B 29 16.38 11.60 14.81
C ARG B 29 15.13 10.99 14.16
N LYS B 30 14.03 11.71 14.25
CA LYS B 30 12.77 11.25 13.67
C LYS B 30 12.57 11.91 12.31
N GLY B 31 13.43 11.56 11.35
CA GLY B 31 13.32 12.08 10.00
C GLY B 31 13.01 10.99 9.03
N SER B 32 13.93 10.05 8.86
CA SER B 32 13.67 8.98 7.94
C SER B 32 14.19 7.66 8.45
N LEU B 33 13.72 6.62 7.80
CA LEU B 33 14.12 5.27 8.09
C LEU B 33 15.19 4.93 7.07
N ASN B 34 16.10 4.04 7.39
CA ASN B 34 17.15 3.75 6.47
C ASN B 34 17.08 2.30 6.06
N ILE B 35 18.11 1.84 5.41
CA ILE B 35 18.15 0.47 4.95
C ILE B 35 18.95 -0.42 5.87
N ASN B 36 18.96 -0.08 7.15
CA ASN B 36 19.69 -0.85 8.14
C ASN B 36 18.87 -2.05 8.54
N GLU B 37 17.75 -1.85 9.23
CA GLU B 37 16.94 -3.00 9.60
C GLU B 37 16.23 -3.55 8.37
N PHE B 38 16.09 -2.73 7.31
CA PHE B 38 15.50 -3.24 6.08
C PHE B 38 16.22 -4.53 5.72
N LYS B 39 17.51 -4.56 6.06
CA LYS B 39 18.34 -5.71 5.79
C LYS B 39 17.81 -6.95 6.48
N GLU B 40 16.96 -6.74 7.46
CA GLU B 40 16.32 -7.83 8.14
C GLU B 40 15.12 -8.31 7.33
N LEU B 41 14.88 -7.67 6.17
CA LEU B 41 13.74 -8.02 5.35
C LEU B 41 14.03 -9.24 4.51
N ALA B 42 14.56 -9.05 3.31
CA ALA B 42 14.83 -10.17 2.41
C ALA B 42 15.42 -11.33 3.17
N THR B 43 16.22 -11.00 4.16
CA THR B 43 16.85 -11.99 5.00
C THR B 43 15.81 -12.94 5.58
N GLN B 44 14.93 -12.40 6.40
CA GLN B 44 13.85 -13.16 7.04
C GLN B 44 12.69 -13.37 6.07
N GLN B 45 12.44 -12.34 5.27
CA GLN B 45 11.38 -12.37 4.30
C GLN B 45 11.67 -13.39 3.22
N LEU B 46 12.97 -13.72 3.06
CA LEU B 46 13.40 -14.71 2.07
C LEU B 46 12.39 -15.84 2.04
N PRO B 47 12.33 -16.73 3.04
CA PRO B 47 11.31 -17.75 3.00
C PRO B 47 9.99 -17.21 3.49
N HIS B 48 9.24 -16.74 2.53
CA HIS B 48 7.90 -16.25 2.69
C HIS B 48 6.91 -17.33 2.31
N LEU B 49 5.69 -16.91 1.97
CA LEU B 49 4.70 -17.84 1.48
C LEU B 49 5.01 -18.06 -0.01
N LEU B 50 4.50 -17.17 -0.86
CA LEU B 50 4.79 -17.21 -2.29
C LEU B 50 6.10 -16.47 -2.58
N LYS B 51 7.14 -16.83 -1.83
CA LYS B 51 8.45 -16.18 -1.92
C LYS B 51 8.86 -15.83 -3.34
N ASP B 52 9.69 -14.80 -3.42
CA ASP B 52 10.20 -14.29 -4.68
C ASP B 52 11.72 -14.51 -4.78
N VAL B 53 12.34 -14.82 -3.64
CA VAL B 53 13.76 -15.08 -3.56
C VAL B 53 14.58 -13.81 -3.64
N GLY B 54 14.59 -13.08 -2.52
CA GLY B 54 15.36 -11.85 -2.43
C GLY B 54 16.78 -12.05 -2.94
N SER B 55 17.00 -11.70 -4.19
CA SER B 55 18.31 -11.84 -4.80
C SER B 55 19.36 -11.08 -4.00
N LEU B 56 20.49 -11.74 -3.75
CA LEU B 56 21.57 -11.12 -2.98
C LEU B 56 21.84 -9.69 -3.42
N ASP B 57 22.03 -9.51 -4.72
CA ASP B 57 22.29 -8.18 -5.26
C ASP B 57 21.10 -7.27 -5.03
N GLU B 58 19.95 -7.79 -5.40
CA GLU B 58 18.69 -7.05 -5.26
C GLU B 58 18.59 -6.50 -3.86
N LYS B 59 18.94 -7.34 -2.90
CA LYS B 59 18.91 -6.94 -1.50
C LYS B 59 19.89 -5.81 -1.25
N MET B 60 20.94 -5.78 -2.07
CA MET B 60 21.96 -4.74 -1.93
C MET B 60 21.54 -3.45 -2.62
N LYS B 61 20.95 -3.57 -3.80
CA LYS B 61 20.51 -2.40 -4.57
C LYS B 61 19.29 -1.78 -3.93
N THR B 62 18.32 -2.62 -3.64
CA THR B 62 17.07 -2.17 -3.04
C THR B 62 17.33 -1.22 -1.88
N LEU B 63 18.50 -1.36 -1.24
CA LEU B 63 18.86 -0.49 -0.14
C LEU B 63 18.74 0.97 -0.58
N ASP B 64 19.79 1.47 -1.23
CA ASP B 64 19.80 2.85 -1.70
C ASP B 64 18.51 3.16 -2.46
N VAL B 65 18.00 2.17 -3.18
CA VAL B 65 16.75 2.34 -3.92
C VAL B 65 15.68 2.84 -2.96
N ASN B 66 15.21 1.93 -2.10
CA ASN B 66 14.22 2.28 -1.09
C ASN B 66 14.89 2.84 0.16
N GLN B 67 16.00 3.55 -0.01
CA GLN B 67 16.73 4.15 1.11
C GLN B 67 15.76 4.72 2.15
N ASP B 68 14.97 5.68 1.72
CA ASP B 68 13.98 6.34 2.54
C ASP B 68 12.67 5.58 2.46
N SER B 69 12.72 4.26 2.15
CA SER B 69 11.50 3.44 2.01
C SER B 69 10.49 3.88 3.02
N GLU B 70 11.02 4.15 4.20
CA GLU B 70 10.23 4.65 5.28
C GLU B 70 10.83 5.91 5.80
N LEU B 71 10.00 6.69 6.43
CA LEU B 71 10.44 7.90 6.99
C LEU B 71 9.64 8.32 8.20
N ARG B 72 10.17 9.30 8.85
CA ARG B 72 9.57 9.92 9.99
C ARG B 72 8.99 11.27 9.57
N PHE B 73 9.56 11.85 8.50
CA PHE B 73 9.14 13.15 8.01
C PHE B 73 8.21 13.09 6.78
N SER B 74 8.66 13.57 5.63
CA SER B 74 7.77 13.68 4.46
C SER B 74 8.19 12.79 3.31
N GLU B 75 9.17 11.96 3.54
CA GLU B 75 9.61 11.03 2.53
C GLU B 75 8.55 9.94 2.33
N TYR B 76 7.49 9.97 3.18
CA TYR B 76 6.44 8.95 3.19
C TYR B 76 6.09 8.42 1.80
N TRP B 77 6.28 9.24 0.78
CA TRP B 77 6.02 8.80 -0.58
C TRP B 77 6.86 7.55 -0.89
N ARG B 78 7.88 7.29 -0.08
CA ARG B 78 8.72 6.14 -0.26
C ARG B 78 7.96 4.87 0.09
N LEU B 79 7.20 4.89 1.18
CA LEU B 79 6.39 3.74 1.56
C LEU B 79 5.25 3.54 0.57
N ILE B 80 5.03 4.55 -0.27
CA ILE B 80 3.98 4.49 -1.26
C ILE B 80 4.07 3.18 -2.07
N GLY B 81 5.26 2.91 -2.61
CA GLY B 81 5.46 1.69 -3.37
C GLY B 81 5.75 0.48 -2.49
N GLU B 82 5.83 0.71 -1.18
CA GLU B 82 6.11 -0.36 -0.22
C GLU B 82 4.87 -1.16 0.08
N LEU B 83 3.83 -0.44 0.52
CA LEU B 83 2.55 -1.06 0.84
C LEU B 83 2.08 -1.88 -0.35
N ALA B 84 2.66 -1.63 -1.50
CA ALA B 84 2.33 -2.41 -2.67
C ALA B 84 3.06 -3.76 -2.67
N LYS B 85 4.31 -3.75 -2.20
CA LYS B 85 5.14 -4.96 -2.14
C LYS B 85 4.38 -6.11 -1.54
N GLU B 86 3.36 -5.80 -0.76
CA GLU B 86 2.52 -6.82 -0.19
C GLU B 86 1.45 -7.28 -1.18
N VAL B 87 0.76 -6.32 -1.81
CA VAL B 87 -0.32 -6.64 -2.75
C VAL B 87 0.17 -6.97 -4.17
N ARG B 88 1.48 -6.95 -4.40
CA ARG B 88 2.02 -7.24 -5.72
C ARG B 88 2.13 -8.74 -5.99
N LYS B 89 2.80 -9.45 -5.09
CA LYS B 89 2.99 -10.90 -5.22
C LYS B 89 1.76 -11.63 -4.76
N GLU B 90 1.15 -11.08 -3.73
CA GLU B 90 -0.02 -11.63 -3.12
C GLU B 90 -1.19 -11.66 -4.11
N LYS B 91 -1.03 -10.98 -5.24
CA LYS B 91 -2.07 -10.97 -6.24
C LYS B 91 -2.27 -12.33 -6.86
N ALA B 92 -1.18 -12.96 -7.28
CA ALA B 92 -1.27 -14.28 -7.88
C ALA B 92 -1.99 -15.23 -6.94
N LEU B 93 -2.00 -14.88 -5.65
CA LEU B 93 -2.72 -15.67 -4.68
C LEU B 93 -4.19 -15.25 -4.72
N GLY B 94 -4.41 -13.98 -5.00
CA GLY B 94 -5.76 -13.44 -5.09
C GLY B 94 -6.69 -14.37 -5.81
N ILE B 95 -6.15 -15.07 -6.81
CA ILE B 95 -6.93 -16.01 -7.58
C ILE B 95 -7.24 -17.27 -6.79
N ARG B 96 -7.86 -17.11 -5.63
CA ARG B 96 -8.22 -18.25 -4.83
C ARG B 96 -9.14 -19.16 -5.63
N LYS B 97 -9.76 -18.58 -6.67
CA LYS B 97 -10.62 -19.35 -7.54
C LYS B 97 -9.80 -19.92 -8.69
N LYS B 98 -9.15 -21.03 -8.43
CA LYS B 98 -8.30 -21.67 -9.43
C LYS B 98 -8.98 -22.93 -9.98
N MET A 1 18.56 -4.60 3.01
CA MET A 1 18.01 -5.63 2.09
C MET A 1 16.97 -5.03 1.16
N ALA A 2 16.42 -5.88 0.30
CA ALA A 2 15.38 -5.45 -0.63
C ALA A 2 14.05 -6.11 -0.32
N ALA A 3 13.00 -5.50 -0.82
CA ALA A 3 11.66 -6.01 -0.60
C ALA A 3 11.26 -6.97 -1.71
N GLU A 4 11.73 -8.22 -1.60
CA GLU A 4 11.41 -9.25 -2.60
C GLU A 4 9.93 -9.60 -2.54
N THR A 5 9.55 -10.57 -1.72
CA THR A 5 8.15 -10.94 -1.58
C THR A 5 7.36 -9.82 -0.87
N LEU A 6 6.30 -10.19 -0.12
CA LEU A 6 5.48 -9.21 0.57
C LEU A 6 6.16 -8.79 1.84
N THR A 7 6.42 -7.50 2.00
CA THR A 7 7.02 -7.05 3.22
C THR A 7 6.02 -7.22 4.33
N GLU A 8 6.46 -7.10 5.58
CA GLU A 8 5.57 -7.25 6.73
C GLU A 8 4.22 -6.57 6.47
N LEU A 9 4.25 -5.55 5.64
CA LEU A 9 3.08 -4.80 5.26
C LEU A 9 1.97 -5.74 4.80
N GLU A 10 2.33 -6.94 4.35
CA GLU A 10 1.34 -7.93 3.93
C GLU A 10 0.31 -8.09 5.03
N ALA A 11 0.77 -8.00 6.27
CA ALA A 11 -0.11 -8.09 7.42
C ALA A 11 -1.11 -6.95 7.34
N ALA A 12 -0.64 -5.81 6.86
CA ALA A 12 -1.50 -4.65 6.69
C ALA A 12 -2.55 -4.94 5.63
N ILE A 13 -2.23 -5.87 4.72
CA ILE A 13 -3.15 -6.25 3.69
C ILE A 13 -4.50 -6.62 4.31
N GLU A 14 -4.44 -7.09 5.55
CA GLU A 14 -5.62 -7.49 6.30
C GLU A 14 -6.52 -6.29 6.60
N THR A 15 -5.91 -5.13 6.85
CA THR A 15 -6.69 -3.93 7.12
C THR A 15 -7.26 -3.38 5.84
N VAL A 16 -6.37 -2.91 4.96
CA VAL A 16 -6.76 -2.35 3.68
C VAL A 16 -7.81 -3.21 2.97
N VAL A 17 -7.67 -4.52 3.08
CA VAL A 17 -8.62 -5.43 2.46
C VAL A 17 -9.95 -5.41 3.25
N SER A 18 -9.83 -5.33 4.57
CA SER A 18 -10.99 -5.29 5.45
C SER A 18 -11.59 -3.89 5.57
N THR A 19 -10.87 -2.88 5.08
CA THR A 19 -11.38 -1.51 5.14
C THR A 19 -12.27 -1.15 3.95
N PHE A 20 -11.63 -0.71 2.87
CA PHE A 20 -12.33 -0.28 1.67
C PHE A 20 -12.72 -1.45 0.83
N PHE A 21 -11.81 -2.40 0.69
CA PHE A 21 -12.04 -3.58 -0.12
C PHE A 21 -13.24 -4.34 0.39
N THR A 22 -13.78 -3.90 1.51
CA THR A 22 -15.03 -4.47 1.94
C THR A 22 -16.11 -4.14 0.89
N PHE A 23 -15.81 -3.18 -0.01
CA PHE A 23 -16.78 -2.77 -1.03
C PHE A 23 -17.05 -3.85 -2.08
N ALA A 24 -16.17 -4.84 -2.21
CA ALA A 24 -16.42 -5.95 -3.13
C ALA A 24 -17.79 -6.55 -2.87
N GLY A 25 -18.27 -6.36 -1.65
CA GLY A 25 -19.57 -6.87 -1.25
C GLY A 25 -20.62 -6.76 -2.34
N ARG A 26 -20.47 -5.74 -3.19
CA ARG A 26 -21.40 -5.53 -4.30
C ARG A 26 -21.44 -6.77 -5.20
N GLU A 27 -20.27 -7.13 -5.69
CA GLU A 27 -20.13 -8.30 -6.57
C GLU A 27 -18.76 -8.93 -6.39
N GLY A 28 -18.68 -9.96 -5.56
CA GLY A 28 -17.41 -10.61 -5.32
C GLY A 28 -17.52 -12.12 -5.23
N ARG A 29 -17.81 -12.76 -6.35
CA ARG A 29 -17.91 -14.20 -6.39
C ARG A 29 -16.51 -14.80 -6.43
N LYS A 30 -15.96 -14.91 -7.65
CA LYS A 30 -14.62 -15.44 -7.83
C LYS A 30 -13.76 -14.49 -8.67
N GLY A 31 -14.37 -13.46 -9.26
CA GLY A 31 -13.64 -12.51 -10.06
C GLY A 31 -13.32 -11.29 -9.28
N SER A 32 -13.93 -10.16 -9.61
CA SER A 32 -13.61 -8.94 -8.88
C SER A 32 -14.77 -7.98 -8.68
N LEU A 33 -14.42 -6.90 -7.99
CA LEU A 33 -15.32 -5.82 -7.68
C LEU A 33 -15.15 -4.71 -8.67
N ASN A 34 -16.18 -3.91 -8.80
CA ASN A 34 -16.20 -2.83 -9.73
C ASN A 34 -15.99 -1.49 -9.05
N ILE A 35 -16.30 -0.42 -9.77
CA ILE A 35 -16.16 0.92 -9.24
C ILE A 35 -17.51 1.52 -8.84
N ASN A 36 -18.48 0.66 -8.63
CA ASN A 36 -19.81 1.10 -8.22
C ASN A 36 -19.72 1.57 -6.79
N GLU A 37 -19.40 0.65 -5.90
CA GLU A 37 -19.24 1.03 -4.52
C GLU A 37 -18.12 2.04 -4.43
N PHE A 38 -17.11 1.89 -5.29
CA PHE A 38 -16.02 2.85 -5.30
C PHE A 38 -16.59 4.26 -5.28
N LYS A 39 -17.81 4.40 -5.83
CA LYS A 39 -18.50 5.68 -5.87
C LYS A 39 -18.79 6.20 -4.47
N GLU A 40 -18.62 5.35 -3.51
CA GLU A 40 -18.75 5.73 -2.13
C GLU A 40 -17.41 6.34 -1.66
N LEU A 41 -16.40 6.31 -2.55
CA LEU A 41 -15.07 6.84 -2.23
C LEU A 41 -14.97 8.35 -2.35
N ALA A 42 -14.53 8.87 -3.51
CA ALA A 42 -14.35 10.31 -3.69
C ALA A 42 -15.43 11.11 -3.00
N THR A 43 -16.62 10.55 -2.95
CA THR A 43 -17.74 11.20 -2.34
C THR A 43 -17.45 11.50 -0.86
N GLN A 44 -17.26 10.45 -0.06
CA GLN A 44 -16.94 10.62 1.35
C GLN A 44 -15.47 10.90 1.54
N GLN A 45 -14.67 10.40 0.62
CA GLN A 45 -13.24 10.61 0.66
C GLN A 45 -12.94 12.06 0.33
N LEU A 46 -13.83 12.66 -0.49
CA LEU A 46 -13.72 14.07 -0.87
C LEU A 46 -13.28 14.86 0.35
N PRO A 47 -14.12 14.96 1.40
CA PRO A 47 -13.70 15.66 2.57
C PRO A 47 -12.82 14.77 3.46
N HIS A 48 -11.53 14.84 3.19
CA HIS A 48 -10.53 14.17 4.00
C HIS A 48 -9.92 15.16 4.98
N LEU A 49 -8.76 14.83 5.51
CA LEU A 49 -8.04 15.75 6.34
C LEU A 49 -7.31 16.70 5.38
N LEU A 50 -6.14 16.26 4.90
CA LEU A 50 -5.39 17.02 3.90
C LEU A 50 -5.90 16.67 2.50
N LYS A 51 -7.22 16.77 2.31
CA LYS A 51 -7.86 16.43 1.05
C LYS A 51 -7.06 16.86 -0.19
N ASP A 52 -7.36 16.18 -1.28
CA ASP A 52 -6.74 16.45 -2.57
C ASP A 52 -7.75 17.12 -3.51
N VAL A 53 -9.04 16.83 -3.27
CA VAL A 53 -10.15 17.40 -4.02
C VAL A 53 -10.46 16.57 -5.27
N GLY A 54 -11.13 15.45 -5.05
CA GLY A 54 -11.49 14.59 -6.15
C GLY A 54 -12.39 15.28 -7.16
N SER A 55 -11.80 15.68 -8.29
CA SER A 55 -12.55 16.35 -9.34
C SER A 55 -13.62 15.42 -9.91
N LEU A 56 -14.87 15.87 -9.85
CA LEU A 56 -16.02 15.08 -10.30
C LEU A 56 -15.71 14.26 -11.55
N ASP A 57 -14.87 14.79 -12.42
CA ASP A 57 -14.50 14.05 -13.64
C ASP A 57 -13.61 12.89 -13.30
N GLU A 58 -12.55 13.19 -12.54
CA GLU A 58 -11.60 12.18 -12.12
C GLU A 58 -12.35 11.03 -11.47
N LYS A 59 -13.46 11.38 -10.82
CA LYS A 59 -14.31 10.39 -10.19
C LYS A 59 -14.87 9.46 -11.25
N MET A 60 -15.12 10.02 -12.43
CA MET A 60 -15.68 9.27 -13.55
C MET A 60 -14.63 8.47 -14.31
N LYS A 61 -13.47 9.07 -14.52
CA LYS A 61 -12.39 8.42 -15.25
C LYS A 61 -11.82 7.26 -14.46
N THR A 62 -11.60 7.53 -13.19
CA THR A 62 -11.04 6.55 -12.29
C THR A 62 -11.86 5.26 -12.26
N LEU A 63 -13.10 5.33 -12.72
CA LEU A 63 -13.95 4.15 -12.79
C LEU A 63 -13.24 3.04 -13.55
N ASP A 64 -13.13 3.24 -14.87
CA ASP A 64 -12.47 2.28 -15.72
C ASP A 64 -11.03 2.05 -15.27
N VAL A 65 -10.35 3.12 -14.87
CA VAL A 65 -8.99 3.00 -14.39
C VAL A 65 -8.96 2.07 -13.18
N ASN A 66 -9.49 2.56 -12.06
CA ASN A 66 -9.57 1.78 -10.83
C ASN A 66 -10.82 0.88 -10.84
N GLN A 67 -11.11 0.28 -11.99
CA GLN A 67 -12.29 -0.55 -12.12
C GLN A 67 -12.18 -1.76 -11.22
N ASP A 68 -11.06 -2.45 -11.36
CA ASP A 68 -10.78 -3.64 -10.59
C ASP A 68 -10.05 -3.29 -9.29
N SER A 69 -10.22 -2.03 -8.83
CA SER A 69 -9.58 -1.57 -7.61
C SER A 69 -9.68 -2.64 -6.56
N GLU A 70 -10.77 -3.38 -6.64
CA GLU A 70 -10.99 -4.50 -5.77
C GLU A 70 -11.30 -5.72 -6.59
N LEU A 71 -10.81 -6.84 -6.12
CA LEU A 71 -11.04 -8.06 -6.79
C LEU A 71 -11.13 -9.25 -5.85
N ARG A 72 -11.62 -10.32 -6.43
CA ARG A 72 -11.76 -11.60 -5.78
C ARG A 72 -10.81 -12.59 -6.48
N PHE A 73 -10.13 -12.12 -7.55
CA PHE A 73 -9.25 -12.97 -8.32
C PHE A 73 -7.81 -12.42 -8.32
N SER A 74 -7.17 -12.25 -9.48
CA SER A 74 -5.80 -11.78 -9.49
C SER A 74 -5.64 -10.32 -9.87
N GLU A 75 -6.71 -9.57 -9.77
CA GLU A 75 -6.65 -8.16 -10.07
C GLU A 75 -6.01 -7.40 -8.91
N TYR A 76 -5.67 -8.12 -7.82
CA TYR A 76 -5.09 -7.52 -6.61
C TYR A 76 -4.07 -6.44 -6.91
N TRP A 77 -3.48 -6.46 -8.08
CA TRP A 77 -2.53 -5.42 -8.44
C TRP A 77 -3.26 -4.08 -8.55
N ARG A 78 -4.59 -4.11 -8.49
CA ARG A 78 -5.36 -2.89 -8.59
C ARG A 78 -5.30 -2.18 -7.26
N LEU A 79 -5.28 -2.98 -6.19
CA LEU A 79 -5.13 -2.44 -4.85
C LEU A 79 -3.74 -1.79 -4.74
N ILE A 80 -2.81 -2.30 -5.54
CA ILE A 80 -1.43 -1.84 -5.53
C ILE A 80 -1.31 -0.33 -5.40
N GLY A 81 -1.96 0.40 -6.30
CA GLY A 81 -1.90 1.84 -6.25
C GLY A 81 -2.84 2.42 -5.20
N GLU A 82 -3.64 1.54 -4.59
CA GLU A 82 -4.60 1.97 -3.58
C GLU A 82 -3.94 2.08 -2.22
N LEU A 83 -3.33 0.99 -1.78
CA LEU A 83 -2.66 0.97 -0.48
C LEU A 83 -1.69 2.12 -0.40
N ALA A 84 -1.30 2.64 -1.56
CA ALA A 84 -0.45 3.80 -1.61
C ALA A 84 -1.29 5.05 -1.45
N LYS A 85 -2.49 5.02 -2.05
CA LYS A 85 -3.45 6.13 -1.99
C LYS A 85 -3.47 6.76 -0.59
N GLU A 86 -3.22 5.94 0.40
CA GLU A 86 -3.18 6.41 1.77
C GLU A 86 -1.81 7.01 2.11
N VAL A 87 -0.75 6.34 1.69
CA VAL A 87 0.61 6.79 1.99
C VAL A 87 1.09 7.90 1.04
N ARG A 88 0.44 8.02 -0.10
CA ARG A 88 0.82 9.03 -1.08
C ARG A 88 0.80 10.43 -0.49
N LYS A 89 -0.40 10.97 -0.31
CA LYS A 89 -0.58 12.31 0.24
C LYS A 89 0.06 12.37 1.62
N GLU A 90 0.05 11.23 2.29
CA GLU A 90 0.65 11.11 3.60
C GLU A 90 2.17 11.25 3.51
N LYS A 91 2.69 11.23 2.27
CA LYS A 91 4.12 11.37 2.06
C LYS A 91 4.61 12.71 2.60
N ALA A 92 3.98 13.78 2.16
CA ALA A 92 4.32 15.13 2.61
C ALA A 92 3.67 15.46 3.95
N LEU A 93 2.68 14.69 4.35
CA LEU A 93 2.01 14.91 5.64
C LEU A 93 2.82 14.27 6.76
N GLY A 94 3.57 13.23 6.43
CA GLY A 94 4.39 12.56 7.43
C GLY A 94 5.20 13.54 8.23
N ILE A 95 5.87 14.44 7.52
CA ILE A 95 6.71 15.46 8.15
C ILE A 95 5.92 16.31 9.12
N ARG A 96 5.64 15.75 10.28
CA ARG A 96 4.90 16.46 11.31
C ARG A 96 5.73 17.63 11.79
N LYS A 97 7.04 17.43 11.78
CA LYS A 97 7.98 18.47 12.19
C LYS A 97 8.08 19.51 11.08
N LYS A 98 7.12 20.43 11.04
CA LYS A 98 7.08 21.48 10.03
C LYS A 98 7.36 22.84 10.64
N MET B 1 -16.28 6.32 -8.22
CA MET B 1 -15.51 7.54 -7.83
C MET B 1 -14.02 7.31 -7.97
N ALA B 2 -13.26 8.34 -7.62
CA ALA B 2 -11.80 8.26 -7.68
C ALA B 2 -11.20 8.31 -6.29
N ALA B 3 -10.01 7.76 -6.17
CA ALA B 3 -9.29 7.75 -4.91
C ALA B 3 -8.49 9.04 -4.76
N GLU B 4 -9.19 10.12 -4.41
CA GLU B 4 -8.52 11.43 -4.25
C GLU B 4 -7.59 11.40 -3.04
N THR B 5 -8.08 11.73 -1.85
CA THR B 5 -7.24 11.69 -0.66
C THR B 5 -6.89 10.22 -0.31
N LEU B 6 -6.71 9.92 0.98
CA LEU B 6 -6.36 8.57 1.40
C LEU B 6 -7.60 7.70 1.42
N THR B 7 -7.58 6.61 0.67
CA THR B 7 -8.72 5.73 0.70
C THR B 7 -8.76 5.06 2.06
N GLU B 8 -9.88 4.41 2.40
CA GLU B 8 -10.01 3.74 3.70
C GLU B 8 -8.73 3.04 4.11
N LEU B 9 -7.99 2.61 3.10
CA LEU B 9 -6.71 1.95 3.30
C LEU B 9 -5.83 2.71 4.27
N GLU B 10 -6.07 4.01 4.40
CA GLU B 10 -5.29 4.81 5.34
C GLU B 10 -5.33 4.16 6.71
N ALA B 11 -6.47 3.53 7.02
CA ALA B 11 -6.61 2.82 8.28
C ALA B 11 -5.59 1.70 8.31
N ALA B 12 -5.35 1.12 7.15
CA ALA B 12 -4.38 0.06 7.01
C ALA B 12 -2.99 0.62 7.28
N ILE B 13 -2.82 1.93 7.05
CA ILE B 13 -1.54 2.57 7.28
C ILE B 13 -1.08 2.26 8.71
N GLU B 14 -2.05 2.01 9.59
CA GLU B 14 -1.78 1.70 10.99
C GLU B 14 -1.07 0.36 11.13
N THR B 15 -1.41 -0.61 10.27
CA THR B 15 -0.78 -1.90 10.34
C THR B 15 0.61 -1.83 9.71
N VAL B 16 0.64 -1.55 8.42
CA VAL B 16 1.89 -1.45 7.68
C VAL B 16 2.92 -0.61 8.44
N VAL B 17 2.46 0.46 9.07
CA VAL B 17 3.36 1.32 9.84
C VAL B 17 3.79 0.62 11.12
N SER B 18 2.85 -0.11 11.71
CA SER B 18 3.12 -0.85 12.94
C SER B 18 3.78 -2.20 12.68
N THR B 19 3.79 -2.64 11.43
CA THR B 19 4.41 -3.91 11.06
C THR B 19 5.90 -3.77 10.79
N PHE B 20 6.27 -3.52 9.53
CA PHE B 20 7.66 -3.39 9.14
C PHE B 20 8.24 -2.07 9.59
N PHE B 21 7.50 -1.00 9.35
CA PHE B 21 7.95 0.33 9.70
C PHE B 21 8.31 0.44 11.19
N THR B 22 8.07 -0.60 11.95
CA THR B 22 8.54 -0.61 13.31
C THR B 22 10.08 -0.56 13.29
N PHE B 23 10.67 -0.86 12.13
CA PHE B 23 12.12 -0.88 11.97
C PHE B 23 12.77 0.50 12.10
N ALA B 24 12.00 1.58 11.98
CA ALA B 24 12.54 2.93 12.20
C ALA B 24 13.21 3.01 13.56
N GLY B 25 12.80 2.12 14.46
CA GLY B 25 13.37 2.08 15.80
C GLY B 25 14.87 2.32 15.82
N ARG B 26 15.55 1.92 14.75
CA ARG B 26 16.99 2.11 14.65
C ARG B 26 17.31 3.59 14.82
N GLU B 27 16.77 4.38 13.91
CA GLU B 27 16.96 5.83 13.95
C GLU B 27 15.70 6.55 13.47
N GLY B 28 14.89 7.02 14.42
CA GLY B 28 13.67 7.69 14.06
C GLY B 28 13.35 8.88 14.95
N ARG B 29 14.14 9.93 14.85
CA ARG B 29 13.90 11.12 15.65
C ARG B 29 12.80 11.95 15.00
N LYS B 30 13.18 12.77 14.04
CA LYS B 30 12.22 13.61 13.32
C LYS B 30 12.37 13.45 11.81
N GLY B 31 13.43 12.76 11.37
CA GLY B 31 13.64 12.56 9.95
C GLY B 31 13.18 11.20 9.54
N SER B 32 14.08 10.31 9.18
CA SER B 32 13.67 8.99 8.73
C SER B 32 14.56 7.85 9.13
N LEU B 33 14.10 6.66 8.73
CA LEU B 33 14.78 5.42 8.95
C LEU B 33 15.58 5.04 7.72
N ASN B 34 16.59 4.22 7.92
CA ASN B 34 17.45 3.81 6.87
C ASN B 34 17.12 2.40 6.42
N ILE B 35 18.03 1.83 5.67
CA ILE B 35 17.87 0.48 5.16
C ILE B 35 18.70 -0.52 5.95
N ASN B 36 19.08 -0.15 7.16
CA ASN B 36 19.86 -1.03 8.02
C ASN B 36 18.95 -2.12 8.52
N GLU B 37 17.94 -1.74 9.30
CA GLU B 37 16.98 -2.72 9.75
C GLU B 37 16.32 -3.36 8.54
N PHE B 38 16.16 -2.58 7.47
CA PHE B 38 15.60 -3.12 6.24
C PHE B 38 16.31 -4.42 5.90
N LYS B 39 17.58 -4.49 6.29
CA LYS B 39 18.40 -5.68 6.05
C LYS B 39 17.78 -6.90 6.72
N GLU B 40 16.85 -6.67 7.62
CA GLU B 40 16.14 -7.75 8.25
C GLU B 40 15.00 -8.21 7.31
N LEU B 41 14.85 -7.53 6.16
CA LEU B 41 13.79 -7.85 5.22
C LEU B 41 14.14 -9.02 4.33
N ALA B 42 14.74 -8.73 3.17
CA ALA B 42 15.05 -9.78 2.19
C ALA B 42 15.52 -11.05 2.86
N THR B 43 16.26 -10.87 3.94
CA THR B 43 16.78 -12.00 4.68
C THR B 43 15.66 -12.94 5.12
N GLN B 44 14.74 -12.41 5.93
CA GLN B 44 13.60 -13.16 6.43
C GLN B 44 12.48 -13.20 5.40
N GLN B 45 12.37 -12.13 4.64
CA GLN B 45 11.38 -12.03 3.61
C GLN B 45 11.71 -12.99 2.50
N LEU B 46 13.03 -13.26 2.34
CA LEU B 46 13.51 -14.20 1.34
C LEU B 46 12.57 -15.39 1.31
N PRO B 47 12.52 -16.21 2.38
CA PRO B 47 11.59 -17.31 2.39
C PRO B 47 10.21 -16.87 2.80
N HIS B 48 9.46 -16.53 1.78
CA HIS B 48 8.08 -16.17 1.89
C HIS B 48 7.21 -17.35 1.50
N LEU B 49 5.97 -17.05 1.15
CA LEU B 49 5.09 -18.07 0.63
C LEU B 49 5.42 -18.21 -0.85
N LEU B 50 4.82 -17.33 -1.66
CA LEU B 50 5.10 -17.28 -3.09
C LEU B 50 6.31 -16.36 -3.34
N LYS B 51 7.40 -16.62 -2.62
CA LYS B 51 8.61 -15.80 -2.70
C LYS B 51 8.93 -15.35 -4.13
N ASP B 52 9.76 -14.31 -4.19
CA ASP B 52 10.22 -13.75 -5.45
C ASP B 52 11.70 -14.05 -5.65
N VAL B 53 12.42 -14.22 -4.52
CA VAL B 53 13.83 -14.55 -4.49
C VAL B 53 14.71 -13.31 -4.51
N GLY B 54 14.72 -12.61 -3.39
CA GLY B 54 15.53 -11.42 -3.25
C GLY B 54 17.00 -11.67 -3.57
N SER B 55 17.40 -11.29 -4.78
CA SER B 55 18.77 -11.47 -5.22
C SER B 55 19.72 -10.64 -4.36
N LEU B 56 20.68 -11.31 -3.73
CA LEU B 56 21.63 -10.66 -2.82
C LEU B 56 22.06 -9.28 -3.30
N ASP B 57 22.15 -9.08 -4.61
CA ASP B 57 22.54 -7.78 -5.13
C ASP B 57 21.43 -6.77 -4.94
N GLU B 58 20.26 -7.19 -5.34
CA GLU B 58 19.06 -6.37 -5.24
C GLU B 58 18.91 -5.92 -3.80
N LYS B 59 19.36 -6.78 -2.89
CA LYS B 59 19.32 -6.47 -1.49
C LYS B 59 20.20 -5.27 -1.21
N MET B 60 21.29 -5.17 -1.99
CA MET B 60 22.26 -4.08 -1.83
C MET B 60 21.83 -2.79 -2.52
N LYS B 61 21.26 -2.92 -3.70
CA LYS B 61 20.82 -1.76 -4.48
C LYS B 61 19.61 -1.12 -3.84
N THR B 62 18.70 -1.97 -3.41
CA THR B 62 17.48 -1.51 -2.80
C THR B 62 17.75 -0.64 -1.58
N LEU B 63 18.98 -0.72 -1.05
CA LEU B 63 19.34 0.10 0.10
C LEU B 63 19.11 1.56 -0.24
N ASP B 64 19.96 2.08 -1.11
CA ASP B 64 19.86 3.47 -1.55
C ASP B 64 18.49 3.77 -2.12
N VAL B 65 17.96 2.83 -2.90
CA VAL B 65 16.63 2.99 -3.48
C VAL B 65 15.60 3.15 -2.37
N ASN B 66 15.38 2.06 -1.63
CA ASN B 66 14.45 2.05 -0.50
C ASN B 66 15.11 2.56 0.78
N GLN B 67 16.06 3.47 0.64
CA GLN B 67 16.77 4.01 1.79
C GLN B 67 15.79 4.57 2.82
N ASP B 68 14.96 5.50 2.38
CA ASP B 68 13.98 6.13 3.24
C ASP B 68 12.69 5.33 3.27
N SER B 69 12.76 4.03 2.95
CA SER B 69 11.58 3.17 2.95
C SER B 69 10.71 3.50 4.15
N GLU B 70 11.37 3.89 5.22
CA GLU B 70 10.70 4.30 6.41
C GLU B 70 11.20 5.67 6.81
N LEU B 71 10.29 6.46 7.31
CA LEU B 71 10.63 7.77 7.73
C LEU B 71 9.81 8.24 8.92
N ARG B 72 10.30 9.32 9.49
CA ARG B 72 9.67 10.00 10.58
C ARG B 72 9.25 11.40 10.09
N PHE B 73 9.56 11.70 8.81
CA PHE B 73 9.25 12.99 8.24
C PHE B 73 8.29 12.87 7.05
N SER B 74 8.70 13.31 5.87
CA SER B 74 7.81 13.32 4.72
C SER B 74 8.25 12.37 3.64
N GLU B 75 9.16 11.50 3.98
CA GLU B 75 9.63 10.49 3.05
C GLU B 75 8.57 9.40 2.88
N TYR B 76 7.45 9.51 3.65
CA TYR B 76 6.40 8.51 3.64
C TYR B 76 6.10 7.96 2.25
N TRP B 77 6.38 8.74 1.21
CA TRP B 77 6.17 8.25 -0.15
C TRP B 77 7.04 7.03 -0.41
N ARG B 78 8.03 6.80 0.45
CA ARG B 78 8.90 5.67 0.31
C ARG B 78 8.12 4.40 0.65
N LEU B 79 7.15 4.53 1.55
CA LEU B 79 6.29 3.42 1.90
C LEU B 79 5.35 3.13 0.75
N ILE B 80 5.07 4.18 -0.03
CA ILE B 80 4.18 4.08 -1.18
C ILE B 80 4.37 2.78 -1.96
N GLY B 81 5.62 2.48 -2.33
CA GLY B 81 5.90 1.27 -3.07
C GLY B 81 6.00 0.03 -2.17
N GLU B 82 6.03 0.25 -0.86
CA GLU B 82 6.14 -0.85 0.09
C GLU B 82 4.80 -1.49 0.34
N LEU B 83 3.81 -0.68 0.73
CA LEU B 83 2.47 -1.19 0.99
C LEU B 83 1.99 -1.93 -0.23
N ALA B 84 2.60 -1.64 -1.37
CA ALA B 84 2.27 -2.37 -2.58
C ALA B 84 3.04 -3.68 -2.60
N LYS B 85 4.27 -3.64 -2.07
CA LYS B 85 5.14 -4.80 -1.98
C LYS B 85 4.37 -6.02 -1.52
N GLU B 86 3.35 -5.78 -0.75
CA GLU B 86 2.50 -6.85 -0.25
C GLU B 86 1.44 -7.25 -1.28
N VAL B 87 0.81 -6.25 -1.90
CA VAL B 87 -0.25 -6.49 -2.88
C VAL B 87 0.27 -6.82 -4.28
N ARG B 88 1.52 -6.47 -4.55
CA ARG B 88 2.11 -6.72 -5.87
C ARG B 88 2.04 -8.20 -6.25
N LYS B 89 2.90 -8.99 -5.62
CA LYS B 89 2.96 -10.42 -5.88
C LYS B 89 1.62 -11.05 -5.62
N GLU B 90 0.94 -10.49 -4.65
CA GLU B 90 -0.38 -10.94 -4.27
C GLU B 90 -1.38 -10.68 -5.39
N LYS B 91 -0.96 -9.89 -6.39
CA LYS B 91 -1.81 -9.60 -7.51
C LYS B 91 -2.20 -10.88 -8.24
N ALA B 92 -1.19 -11.67 -8.57
CA ALA B 92 -1.40 -12.94 -9.26
C ALA B 92 -1.78 -14.04 -8.28
N LEU B 93 -1.50 -13.84 -7.00
CA LEU B 93 -1.84 -14.83 -5.99
C LEU B 93 -3.30 -14.70 -5.59
N GLY B 94 -3.84 -13.49 -5.70
CA GLY B 94 -5.23 -13.24 -5.36
C GLY B 94 -6.15 -14.26 -5.99
N ILE B 95 -5.92 -14.54 -7.27
CA ILE B 95 -6.74 -15.51 -7.99
C ILE B 95 -6.63 -16.88 -7.34
N ARG B 96 -7.42 -17.09 -6.30
CA ARG B 96 -7.38 -18.37 -5.59
C ARG B 96 -8.01 -19.43 -6.48
N LYS B 97 -8.99 -19.00 -7.26
CA LYS B 97 -9.67 -19.87 -8.19
C LYS B 97 -8.77 -20.12 -9.41
N LYS B 98 -7.85 -21.07 -9.25
CA LYS B 98 -6.93 -21.41 -10.32
C LYS B 98 -7.22 -22.79 -10.89
N MET A 1 18.44 -4.89 3.76
CA MET A 1 18.11 -5.94 2.78
C MET A 1 17.22 -5.40 1.67
N ALA A 2 16.74 -6.30 0.83
CA ALA A 2 15.87 -5.92 -0.28
C ALA A 2 14.45 -6.46 -0.07
N ALA A 3 13.51 -5.90 -0.81
CA ALA A 3 12.12 -6.32 -0.73
C ALA A 3 11.89 -7.59 -1.54
N GLU A 4 12.13 -8.74 -0.92
CA GLU A 4 11.92 -10.01 -1.60
C GLU A 4 10.43 -10.25 -1.80
N THR A 5 9.80 -11.10 -1.00
CA THR A 5 8.37 -11.33 -1.16
C THR A 5 7.51 -10.27 -0.44
N LEU A 6 6.48 -10.68 0.31
CA LEU A 6 5.57 -9.78 0.99
C LEU A 6 6.19 -9.18 2.24
N THR A 7 6.62 -7.93 2.17
CA THR A 7 7.17 -7.28 3.34
C THR A 7 6.11 -7.21 4.41
N GLU A 8 6.55 -6.95 5.64
CA GLU A 8 5.62 -6.85 6.78
C GLU A 8 4.34 -6.11 6.38
N LEU A 9 4.45 -5.22 5.41
CA LEU A 9 3.32 -4.44 4.92
C LEU A 9 2.16 -5.35 4.53
N GLU A 10 2.49 -6.59 4.18
CA GLU A 10 1.48 -7.56 3.80
C GLU A 10 0.43 -7.68 4.91
N ALA A 11 0.90 -7.65 6.16
CA ALA A 11 0.00 -7.72 7.29
C ALA A 11 -1.03 -6.61 7.18
N ALA A 12 -0.60 -5.50 6.58
CA ALA A 12 -1.48 -4.36 6.36
C ALA A 12 -2.50 -4.68 5.29
N ILE A 13 -2.11 -5.59 4.39
CA ILE A 13 -2.99 -6.01 3.31
C ILE A 13 -4.35 -6.43 3.89
N GLU A 14 -4.31 -6.90 5.14
CA GLU A 14 -5.51 -7.32 5.85
C GLU A 14 -6.42 -6.14 6.17
N THR A 15 -5.82 -5.01 6.51
CA THR A 15 -6.62 -3.82 6.83
C THR A 15 -7.22 -3.24 5.56
N VAL A 16 -6.37 -3.01 4.57
CA VAL A 16 -6.78 -2.46 3.29
C VAL A 16 -7.75 -3.38 2.56
N VAL A 17 -7.57 -4.69 2.73
CA VAL A 17 -8.44 -5.65 2.06
C VAL A 17 -9.80 -5.76 2.75
N SER A 18 -9.80 -5.59 4.08
CA SER A 18 -11.02 -5.69 4.87
C SER A 18 -11.86 -4.40 4.87
N THR A 19 -11.25 -3.27 4.57
CA THR A 19 -11.99 -2.01 4.58
C THR A 19 -12.74 -1.71 3.28
N PHE A 20 -12.01 -1.14 2.34
CA PHE A 20 -12.54 -0.69 1.04
C PHE A 20 -12.64 -1.83 0.06
N PHE A 21 -11.69 -2.72 0.16
CA PHE A 21 -11.60 -3.86 -0.71
C PHE A 21 -12.72 -4.84 -0.43
N THR A 22 -13.35 -4.70 0.72
CA THR A 22 -14.47 -5.57 1.04
C THR A 22 -15.67 -5.15 0.20
N PHE A 23 -15.64 -3.90 -0.29
CA PHE A 23 -16.72 -3.43 -1.13
C PHE A 23 -16.74 -4.29 -2.40
N ALA A 24 -15.58 -4.89 -2.72
CA ALA A 24 -15.46 -5.80 -3.85
C ALA A 24 -16.65 -6.75 -3.88
N GLY A 25 -16.97 -7.22 -2.69
CA GLY A 25 -18.09 -8.12 -2.51
C GLY A 25 -19.32 -7.67 -3.27
N ARG A 26 -19.42 -6.35 -3.49
CA ARG A 26 -20.54 -5.76 -4.20
C ARG A 26 -20.81 -6.46 -5.54
N GLU A 27 -19.76 -6.97 -6.16
CA GLU A 27 -19.89 -7.65 -7.44
C GLU A 27 -20.21 -9.12 -7.23
N GLY A 28 -21.11 -9.65 -8.06
CA GLY A 28 -21.51 -11.04 -7.95
C GLY A 28 -20.36 -12.00 -7.72
N ARG A 29 -19.90 -12.63 -8.80
CA ARG A 29 -18.81 -13.59 -8.70
C ARG A 29 -17.68 -13.07 -7.82
N LYS A 30 -16.77 -13.96 -7.44
CA LYS A 30 -15.65 -13.58 -6.60
C LYS A 30 -14.42 -13.33 -7.46
N GLY A 31 -14.57 -12.42 -8.42
CA GLY A 31 -13.46 -12.05 -9.28
C GLY A 31 -12.89 -10.73 -8.88
N SER A 32 -13.63 -9.65 -9.06
CA SER A 32 -13.10 -8.37 -8.66
C SER A 32 -14.13 -7.40 -8.10
N LEU A 33 -13.59 -6.26 -7.69
CA LEU A 33 -14.34 -5.16 -7.15
C LEU A 33 -14.59 -4.20 -8.28
N ASN A 34 -15.64 -3.41 -8.21
CA ASN A 34 -15.89 -2.50 -9.29
C ASN A 34 -15.87 -1.06 -8.80
N ILE A 35 -16.96 -0.32 -9.00
CA ILE A 35 -17.02 1.04 -8.55
C ILE A 35 -18.40 1.40 -8.03
N ASN A 36 -19.04 0.42 -7.39
CA ASN A 36 -20.36 0.64 -6.82
C ASN A 36 -20.19 1.34 -5.49
N GLU A 37 -19.58 0.66 -4.53
CA GLU A 37 -19.33 1.30 -3.25
C GLU A 37 -18.14 2.23 -3.39
N PHE A 38 -17.31 2.03 -4.43
CA PHE A 38 -16.20 2.94 -4.65
C PHE A 38 -16.77 4.36 -4.67
N LYS A 39 -18.04 4.45 -5.07
CA LYS A 39 -18.73 5.73 -5.14
C LYS A 39 -18.78 6.41 -3.80
N GLU A 40 -18.54 5.64 -2.77
CA GLU A 40 -18.49 6.18 -1.43
C GLU A 40 -17.11 6.79 -1.18
N LEU A 41 -16.15 6.47 -2.07
CA LEU A 41 -14.79 6.98 -1.94
C LEU A 41 -14.75 8.49 -2.08
N ALA A 42 -14.50 9.00 -3.29
CA ALA A 42 -14.41 10.44 -3.52
C ALA A 42 -15.41 11.22 -2.68
N THR A 43 -16.59 10.65 -2.53
CA THR A 43 -17.65 11.26 -1.77
C THR A 43 -17.21 11.53 -0.33
N GLN A 44 -16.95 10.46 0.41
CA GLN A 44 -16.47 10.57 1.78
C GLN A 44 -15.02 11.01 1.80
N GLN A 45 -14.30 10.58 0.77
CA GLN A 45 -12.90 10.92 0.58
C GLN A 45 -12.76 12.41 0.46
N LEU A 46 -13.77 13.05 -0.15
CA LEU A 46 -13.77 14.50 -0.29
C LEU A 46 -13.33 15.09 1.04
N PRO A 47 -14.20 15.16 2.07
CA PRO A 47 -13.72 15.66 3.34
C PRO A 47 -13.00 14.57 4.12
N HIS A 48 -11.70 14.52 3.92
CA HIS A 48 -10.83 13.64 4.68
C HIS A 48 -10.18 14.47 5.78
N LEU A 49 -9.41 13.86 6.67
CA LEU A 49 -8.72 14.66 7.65
C LEU A 49 -7.74 15.56 6.89
N LEU A 50 -6.62 14.98 6.46
CA LEU A 50 -5.64 15.72 5.66
C LEU A 50 -6.03 15.66 4.17
N LYS A 51 -7.28 16.01 3.88
CA LYS A 51 -7.82 15.97 2.53
C LYS A 51 -6.83 16.41 1.46
N ASP A 52 -7.02 15.83 0.27
CA ASP A 52 -6.24 16.12 -0.91
C ASP A 52 -7.10 16.80 -1.98
N VAL A 53 -8.43 16.71 -1.80
CA VAL A 53 -9.42 17.32 -2.68
C VAL A 53 -9.30 16.83 -4.11
N GLY A 54 -9.66 15.56 -4.28
CA GLY A 54 -9.62 14.95 -5.59
C GLY A 54 -10.59 15.61 -6.55
N SER A 55 -10.62 15.09 -7.77
CA SER A 55 -11.49 15.63 -8.80
C SER A 55 -12.92 15.12 -8.66
N LEU A 56 -13.87 15.91 -9.16
CA LEU A 56 -15.28 15.53 -9.11
C LEU A 56 -15.59 14.55 -10.25
N ASP A 57 -15.56 15.06 -11.48
CA ASP A 57 -15.82 14.22 -12.65
C ASP A 57 -14.94 12.99 -12.61
N GLU A 58 -13.71 13.19 -12.15
CA GLU A 58 -12.75 12.11 -12.04
C GLU A 58 -13.39 10.93 -11.32
N LYS A 59 -14.38 11.24 -10.49
CA LYS A 59 -15.10 10.24 -9.76
C LYS A 59 -15.92 9.38 -10.71
N MET A 60 -16.44 9.99 -11.76
CA MET A 60 -17.23 9.27 -12.75
C MET A 60 -16.32 8.55 -13.74
N LYS A 61 -15.14 9.09 -13.92
CA LYS A 61 -14.14 8.52 -14.81
C LYS A 61 -13.43 7.39 -14.11
N THR A 62 -12.99 7.67 -12.89
CA THR A 62 -12.30 6.68 -12.08
C THR A 62 -13.12 5.40 -11.98
N LEU A 63 -14.43 5.52 -12.20
CA LEU A 63 -15.32 4.37 -12.16
C LEU A 63 -14.74 3.23 -13.01
N ASP A 64 -14.41 3.55 -14.25
CA ASP A 64 -13.84 2.57 -15.16
C ASP A 64 -12.35 2.38 -14.89
N VAL A 65 -11.63 3.49 -14.71
CA VAL A 65 -10.20 3.43 -14.43
C VAL A 65 -9.93 2.56 -13.21
N ASN A 66 -10.50 2.94 -12.06
CA ASN A 66 -10.35 2.18 -10.83
C ASN A 66 -11.35 1.02 -10.75
N GLN A 67 -11.74 0.48 -11.89
CA GLN A 67 -12.69 -0.62 -11.92
C GLN A 67 -12.16 -1.74 -11.05
N ASP A 68 -11.03 -2.22 -11.51
CA ASP A 68 -10.32 -3.30 -10.87
C ASP A 68 -9.50 -2.79 -9.68
N SER A 69 -9.76 -1.55 -9.21
CA SER A 69 -9.00 -1.00 -8.08
C SER A 69 -8.88 -2.03 -7.00
N GLU A 70 -9.88 -2.88 -6.94
CA GLU A 70 -9.91 -3.98 -6.01
C GLU A 70 -10.40 -5.22 -6.71
N LEU A 71 -9.95 -6.33 -6.21
CA LEU A 71 -10.35 -7.57 -6.76
C LEU A 71 -10.38 -8.72 -5.78
N ARG A 72 -10.93 -9.81 -6.27
CA ARG A 72 -11.01 -11.05 -5.57
C ARG A 72 -10.08 -12.06 -6.25
N PHE A 73 -9.78 -11.81 -7.53
CA PHE A 73 -8.95 -12.69 -8.32
C PHE A 73 -7.50 -12.17 -8.52
N SER A 74 -7.06 -11.97 -9.77
CA SER A 74 -5.67 -11.58 -10.01
C SER A 74 -5.47 -10.13 -10.30
N GLU A 75 -6.51 -9.35 -10.19
CA GLU A 75 -6.38 -7.93 -10.45
C GLU A 75 -5.59 -7.24 -9.32
N TYR A 76 -5.28 -7.99 -8.24
CA TYR A 76 -4.60 -7.44 -7.03
C TYR A 76 -3.52 -6.44 -7.35
N TRP A 77 -2.99 -6.48 -8.55
CA TRP A 77 -2.00 -5.50 -8.95
C TRP A 77 -2.63 -4.11 -8.96
N ARG A 78 -3.97 -4.02 -8.82
CA ARG A 78 -4.64 -2.75 -8.82
C ARG A 78 -4.50 -2.09 -7.46
N LEU A 79 -4.66 -2.89 -6.39
CA LEU A 79 -4.47 -2.35 -5.05
C LEU A 79 -3.08 -1.73 -4.97
N ILE A 80 -2.18 -2.24 -5.80
CA ILE A 80 -0.81 -1.79 -5.83
C ILE A 80 -0.69 -0.26 -5.73
N GLY A 81 -1.32 0.44 -6.66
CA GLY A 81 -1.29 1.89 -6.62
C GLY A 81 -2.31 2.45 -5.64
N GLU A 82 -3.14 1.57 -5.08
CA GLU A 82 -4.19 1.97 -4.16
C GLU A 82 -3.66 2.14 -2.75
N LEU A 83 -3.07 1.08 -2.20
CA LEU A 83 -2.50 1.15 -0.86
C LEU A 83 -1.55 2.33 -0.76
N ALA A 84 -1.14 2.85 -1.93
CA ALA A 84 -0.31 4.03 -1.96
C ALA A 84 -1.14 5.28 -1.79
N LYS A 85 -2.37 5.29 -2.33
CA LYS A 85 -3.27 6.46 -2.21
C LYS A 85 -3.18 7.04 -0.81
N GLU A 86 -3.37 6.17 0.17
CA GLU A 86 -3.27 6.57 1.55
C GLU A 86 -1.91 7.22 1.81
N VAL A 87 -0.86 6.55 1.32
CA VAL A 87 0.50 7.04 1.50
C VAL A 87 0.88 8.10 0.47
N ARG A 88 -0.06 8.50 -0.35
CA ARG A 88 0.21 9.50 -1.37
C ARG A 88 0.16 10.91 -0.76
N LYS A 89 -1.00 11.29 -0.25
CA LYS A 89 -1.15 12.60 0.36
C LYS A 89 -0.42 12.59 1.69
N GLU A 90 -0.40 11.43 2.31
CA GLU A 90 0.29 11.25 3.57
C GLU A 90 1.78 11.51 3.40
N LYS A 91 2.26 11.53 2.15
CA LYS A 91 3.66 11.79 1.87
C LYS A 91 4.11 13.08 2.53
N ALA A 92 3.34 14.14 2.30
CA ALA A 92 3.64 15.45 2.86
C ALA A 92 3.18 15.58 4.30
N LEU A 93 2.28 14.72 4.74
CA LEU A 93 1.83 14.76 6.13
C LEU A 93 2.80 14.02 7.02
N GLY A 94 3.51 13.05 6.46
CA GLY A 94 4.48 12.30 7.24
C GLY A 94 5.33 13.21 8.07
N ILE A 95 5.64 14.38 7.53
CA ILE A 95 6.45 15.34 8.24
C ILE A 95 5.71 15.91 9.42
N ARG A 96 5.39 15.05 10.36
CA ARG A 96 4.70 15.50 11.55
C ARG A 96 5.65 16.35 12.38
N LYS A 97 6.95 16.24 12.10
CA LYS A 97 7.94 17.04 12.80
C LYS A 97 8.04 18.40 12.12
N LYS A 98 7.12 19.29 12.48
CA LYS A 98 7.10 20.63 11.90
C LYS A 98 7.47 21.68 12.94
N MET B 1 -16.80 6.18 -7.63
CA MET B 1 -16.14 7.48 -7.40
C MET B 1 -14.65 7.40 -7.68
N ALA B 2 -13.93 8.47 -7.36
CA ALA B 2 -12.49 8.52 -7.54
C ALA B 2 -11.75 8.54 -6.22
N ALA B 3 -10.46 8.21 -6.28
CA ALA B 3 -9.60 8.21 -5.11
C ALA B 3 -9.19 9.63 -4.74
N GLU B 4 -10.04 10.33 -4.00
CA GLU B 4 -9.73 11.69 -3.61
C GLU B 4 -8.57 11.70 -2.61
N THR B 5 -8.84 11.88 -1.31
CA THR B 5 -7.76 11.86 -0.33
C THR B 5 -7.39 10.42 0.08
N LEU B 6 -7.23 10.16 1.39
CA LEU B 6 -6.83 8.84 1.87
C LEU B 6 -7.98 7.85 1.82
N THR B 7 -7.92 6.90 0.89
CA THR B 7 -8.96 5.89 0.79
C THR B 7 -8.89 5.01 2.03
N GLU B 8 -9.95 4.27 2.29
CA GLU B 8 -10.00 3.40 3.47
C GLU B 8 -8.66 2.71 3.74
N LEU B 9 -7.91 2.48 2.67
CA LEU B 9 -6.60 1.85 2.77
C LEU B 9 -5.71 2.55 3.78
N GLU B 10 -6.00 3.82 4.02
CA GLU B 10 -5.23 4.59 4.98
C GLU B 10 -5.26 3.91 6.34
N ALA B 11 -6.41 3.34 6.69
CA ALA B 11 -6.53 2.62 7.94
C ALA B 11 -5.48 1.53 7.99
N ALA B 12 -5.13 1.02 6.80
CA ALA B 12 -4.12 0.00 6.69
C ALA B 12 -2.73 0.60 6.94
N ILE B 13 -2.61 1.89 6.65
CA ILE B 13 -1.36 2.61 6.86
C ILE B 13 -0.86 2.35 8.29
N GLU B 14 -1.82 2.10 9.19
CA GLU B 14 -1.53 1.84 10.59
C GLU B 14 -0.83 0.49 10.76
N THR B 15 -1.22 -0.51 9.98
CA THR B 15 -0.61 -1.82 10.06
C THR B 15 0.81 -1.77 9.49
N VAL B 16 0.92 -1.27 8.27
CA VAL B 16 2.18 -1.16 7.56
C VAL B 16 3.14 -0.21 8.27
N VAL B 17 2.60 0.82 8.92
CA VAL B 17 3.44 1.78 9.63
C VAL B 17 3.93 1.20 10.95
N SER B 18 3.09 0.38 11.58
CA SER B 18 3.42 -0.22 12.86
C SER B 18 4.30 -1.48 12.73
N THR B 19 4.28 -2.13 11.58
CA THR B 19 5.08 -3.34 11.39
C THR B 19 6.53 -3.07 11.00
N PHE B 20 6.76 -2.95 9.69
CA PHE B 20 8.09 -2.78 9.15
C PHE B 20 8.58 -1.34 9.25
N PHE B 21 7.64 -0.44 9.24
CA PHE B 21 7.95 0.96 9.32
C PHE B 21 8.35 1.39 10.71
N THR B 22 8.05 0.56 11.69
CA THR B 22 8.46 0.87 13.05
C THR B 22 9.96 0.71 13.18
N PHE B 23 10.54 -0.06 12.25
CA PHE B 23 11.98 -0.25 12.22
C PHE B 23 12.63 1.12 12.01
N ALA B 24 11.89 2.02 11.35
CA ALA B 24 12.36 3.38 11.12
C ALA B 24 13.06 3.93 12.35
N GLY B 25 12.38 3.80 13.49
CA GLY B 25 12.94 4.23 14.76
C GLY B 25 14.42 3.90 14.90
N ARG B 26 14.86 2.83 14.21
CA ARG B 26 16.26 2.41 14.25
C ARG B 26 17.19 3.60 14.07
N GLU B 27 16.76 4.53 13.24
CA GLU B 27 17.54 5.74 12.99
C GLU B 27 17.27 6.79 14.08
N GLY B 28 18.34 7.48 14.50
CA GLY B 28 18.23 8.48 15.54
C GLY B 28 17.03 9.40 15.38
N ARG B 29 17.28 10.59 14.84
CA ARG B 29 16.22 11.59 14.66
C ARG B 29 14.94 10.93 14.12
N LYS B 30 13.84 11.67 14.20
CA LYS B 30 12.57 11.17 13.71
C LYS B 30 12.31 11.69 12.31
N GLY B 31 13.26 11.40 11.42
CA GLY B 31 13.12 11.80 10.03
C GLY B 31 12.74 10.63 9.19
N SER B 32 13.62 9.66 9.05
CA SER B 32 13.27 8.51 8.26
C SER B 32 13.85 7.20 8.75
N LEU B 33 13.45 6.16 8.02
CA LEU B 33 13.89 4.81 8.24
C LEU B 33 15.01 4.54 7.29
N ASN B 34 15.91 3.63 7.62
CA ASN B 34 17.00 3.38 6.72
C ASN B 34 16.96 1.95 6.23
N ILE B 35 18.03 1.21 6.44
CA ILE B 35 18.07 -0.17 6.03
C ILE B 35 18.79 -1.03 7.04
N ASN B 36 18.62 -0.70 8.32
CA ASN B 36 19.22 -1.47 9.39
C ASN B 36 18.36 -2.67 9.66
N GLU B 37 17.15 -2.45 10.15
CA GLU B 37 16.28 -3.60 10.35
C GLU B 37 15.72 -4.06 9.02
N PHE B 38 15.79 -3.20 7.98
CA PHE B 38 15.35 -3.60 6.66
C PHE B 38 16.08 -4.89 6.29
N LYS B 39 17.28 -5.01 6.83
CA LYS B 39 18.09 -6.19 6.59
C LYS B 39 17.36 -7.45 7.01
N GLU B 40 16.35 -7.29 7.84
CA GLU B 40 15.54 -8.42 8.26
C GLU B 40 14.48 -8.72 7.20
N LEU B 41 14.42 -7.91 6.14
CA LEU B 41 13.43 -8.09 5.12
C LEU B 41 13.80 -9.24 4.24
N ALA B 42 14.56 -8.98 3.17
CA ALA B 42 14.95 -10.03 2.22
C ALA B 42 15.27 -11.32 2.94
N THR B 43 15.96 -11.15 4.06
CA THR B 43 16.34 -12.27 4.90
C THR B 43 15.14 -13.16 5.25
N GLN B 44 14.19 -12.60 5.99
CA GLN B 44 12.98 -13.31 6.37
C GLN B 44 12.01 -13.37 5.19
N GLN B 45 12.03 -12.30 4.43
CA GLN B 45 11.24 -12.16 3.24
C GLN B 45 11.55 -13.30 2.31
N LEU B 46 12.82 -13.74 2.33
CA LEU B 46 13.24 -14.87 1.50
C LEU B 46 12.19 -15.97 1.65
N PRO B 47 12.17 -16.77 2.74
CA PRO B 47 11.11 -17.74 2.86
C PRO B 47 9.85 -17.12 3.40
N HIS B 48 9.02 -16.70 2.49
CA HIS B 48 7.72 -16.18 2.78
C HIS B 48 6.71 -17.28 2.53
N LEU B 49 5.43 -17.03 2.74
CA LEU B 49 4.45 -18.02 2.39
C LEU B 49 4.47 -18.15 0.86
N LEU B 50 3.81 -17.21 0.18
CA LEU B 50 3.80 -17.17 -1.28
C LEU B 50 5.03 -16.43 -1.80
N LYS B 51 6.21 -16.81 -1.32
CA LYS B 51 7.46 -16.16 -1.68
C LYS B 51 7.54 -15.77 -3.15
N ASP B 52 8.36 -14.75 -3.38
CA ASP B 52 8.63 -14.22 -4.72
C ASP B 52 10.11 -14.44 -5.07
N VAL B 53 10.92 -14.76 -4.04
CA VAL B 53 12.34 -15.06 -4.18
C VAL B 53 13.09 -13.89 -4.76
N GLY B 54 13.17 -12.84 -3.95
CA GLY B 54 13.87 -11.66 -4.35
C GLY B 54 15.34 -11.93 -4.57
N SER B 55 16.05 -10.91 -4.96
CA SER B 55 17.47 -10.99 -5.24
C SER B 55 18.31 -10.93 -3.97
N LEU B 56 19.50 -11.52 -4.03
CA LEU B 56 20.41 -11.52 -2.89
C LEU B 56 21.17 -10.19 -2.81
N ASP B 57 22.07 -9.97 -3.74
CA ASP B 57 22.85 -8.73 -3.77
C ASP B 57 21.94 -7.54 -3.70
N GLU B 58 20.80 -7.68 -4.34
CA GLU B 58 19.79 -6.63 -4.37
C GLU B 58 19.52 -6.16 -2.96
N LYS B 59 19.76 -7.07 -2.01
CA LYS B 59 19.57 -6.76 -0.61
C LYS B 59 20.58 -5.74 -0.16
N MET B 60 21.79 -5.81 -0.71
CA MET B 60 22.85 -4.87 -0.36
C MET B 60 22.70 -3.56 -1.12
N LYS B 61 22.08 -3.66 -2.29
CA LYS B 61 21.84 -2.50 -3.12
C LYS B 61 20.60 -1.78 -2.64
N THR B 62 19.55 -2.55 -2.40
CA THR B 62 18.29 -2.02 -1.92
C THR B 62 18.52 -1.18 -0.66
N LEU B 63 19.63 -1.45 0.03
CA LEU B 63 19.98 -0.72 1.23
C LEU B 63 19.89 0.79 0.97
N ASP B 64 20.54 1.22 -0.09
CA ASP B 64 20.54 2.63 -0.47
C ASP B 64 19.25 2.99 -1.19
N VAL B 65 18.85 2.15 -2.14
CA VAL B 65 17.63 2.38 -2.91
C VAL B 65 16.43 2.53 -1.98
N ASN B 66 16.20 1.51 -1.16
CA ASN B 66 15.10 1.51 -0.21
C ASN B 66 15.43 2.28 1.07
N GLN B 67 16.49 3.08 1.04
CA GLN B 67 16.88 3.87 2.19
C GLN B 67 15.68 4.49 2.86
N ASP B 68 15.03 5.37 2.11
CA ASP B 68 13.87 6.09 2.58
C ASP B 68 12.60 5.24 2.44
N SER B 69 12.75 3.93 2.19
CA SER B 69 11.59 3.05 2.02
C SER B 69 10.55 3.38 3.07
N GLU B 70 11.04 3.80 4.22
CA GLU B 70 10.19 4.22 5.29
C GLU B 70 10.74 5.49 5.88
N LEU B 71 9.85 6.27 6.45
CA LEU B 71 10.23 7.49 7.04
C LEU B 71 9.35 7.92 8.18
N ARG B 72 9.83 8.95 8.83
CA ARG B 72 9.15 9.60 9.91
C ARG B 72 8.70 10.99 9.44
N PHE B 73 9.37 11.50 8.39
CA PHE B 73 9.09 12.81 7.86
C PHE B 73 8.30 12.82 6.56
N SER B 74 8.88 13.29 5.47
CA SER B 74 8.13 13.46 4.22
C SER B 74 8.47 12.47 3.16
N GLU B 75 9.36 11.56 3.47
CA GLU B 75 9.75 10.54 2.54
C GLU B 75 8.58 9.56 2.31
N TYR B 76 7.48 9.70 3.09
CA TYR B 76 6.33 8.78 3.03
C TYR B 76 6.00 8.30 1.62
N TRP B 77 6.35 9.08 0.62
CA TRP B 77 6.12 8.67 -0.76
C TRP B 77 6.89 7.39 -1.06
N ARG B 78 7.82 7.02 -0.18
CA ARG B 78 8.59 5.82 -0.34
C ARG B 78 7.72 4.59 -0.04
N LEU B 79 6.88 4.70 1.00
CA LEU B 79 5.98 3.60 1.33
C LEU B 79 5.07 3.34 0.15
N ILE B 80 4.82 4.41 -0.61
CA ILE B 80 3.95 4.35 -1.77
C ILE B 80 4.17 3.05 -2.57
N GLY B 81 5.41 2.78 -2.95
CA GLY B 81 5.72 1.56 -3.68
C GLY B 81 5.91 0.36 -2.77
N GLU B 82 5.99 0.59 -1.47
CA GLU B 82 6.20 -0.46 -0.49
C GLU B 82 4.92 -1.18 -0.16
N LEU B 83 3.91 -0.43 0.26
CA LEU B 83 2.62 -1.02 0.58
C LEU B 83 2.13 -1.85 -0.60
N ALA B 84 2.74 -1.60 -1.76
CA ALA B 84 2.42 -2.36 -2.93
C ALA B 84 3.16 -3.70 -2.94
N LYS B 85 4.40 -3.72 -2.41
CA LYS B 85 5.20 -4.96 -2.37
C LYS B 85 4.34 -6.13 -1.99
N GLU B 86 3.61 -5.94 -0.93
CA GLU B 86 2.71 -6.96 -0.44
C GLU B 86 1.70 -7.31 -1.52
N VAL B 87 1.14 -6.27 -2.13
CA VAL B 87 0.15 -6.45 -3.18
C VAL B 87 0.78 -6.73 -4.54
N ARG B 88 2.11 -6.85 -4.57
CA ARG B 88 2.81 -7.12 -5.82
C ARG B 88 2.75 -8.59 -6.17
N LYS B 89 3.40 -9.42 -5.36
CA LYS B 89 3.38 -10.87 -5.59
C LYS B 89 1.97 -11.38 -5.38
N GLU B 90 1.28 -10.76 -4.45
CA GLU B 90 -0.08 -11.10 -4.12
C GLU B 90 -0.99 -10.90 -5.33
N LYS B 91 -0.50 -10.15 -6.31
CA LYS B 91 -1.26 -9.90 -7.52
C LYS B 91 -1.72 -11.22 -8.13
N ALA B 92 -0.78 -12.14 -8.28
CA ALA B 92 -1.07 -13.45 -8.85
C ALA B 92 -1.66 -14.40 -7.82
N LEU B 93 -1.48 -14.12 -6.53
CA LEU B 93 -2.05 -14.97 -5.51
C LEU B 93 -3.51 -14.61 -5.29
N GLY B 94 -3.86 -13.36 -5.56
CA GLY B 94 -5.23 -12.91 -5.40
C GLY B 94 -6.22 -13.91 -5.95
N ILE B 95 -5.83 -14.56 -7.04
CA ILE B 95 -6.68 -15.54 -7.67
C ILE B 95 -6.83 -16.78 -6.81
N ARG B 96 -7.40 -16.61 -5.64
CA ARG B 96 -7.63 -17.73 -4.75
C ARG B 96 -8.65 -18.67 -5.38
N LYS B 97 -9.38 -18.15 -6.38
CA LYS B 97 -10.37 -18.95 -7.09
C LYS B 97 -9.70 -19.71 -8.22
N LYS B 98 -9.08 -20.85 -7.88
CA LYS B 98 -8.40 -21.66 -8.88
C LYS B 98 -9.12 -22.99 -9.08
N MET A 1 18.48 -5.08 3.15
CA MET A 1 18.01 -6.20 2.30
C MET A 1 17.02 -5.72 1.25
N ALA A 2 16.46 -6.66 0.49
CA ALA A 2 15.51 -6.34 -0.54
C ALA A 2 14.11 -6.83 -0.22
N ALA A 3 13.12 -6.24 -0.89
CA ALA A 3 11.74 -6.62 -0.70
C ALA A 3 11.47 -7.97 -1.34
N GLU A 4 11.52 -9.02 -0.54
CA GLU A 4 11.29 -10.36 -1.04
C GLU A 4 9.82 -10.50 -1.44
N THR A 5 9.14 -11.60 -1.06
CA THR A 5 7.74 -11.76 -1.44
C THR A 5 6.83 -10.74 -0.73
N LEU A 6 6.31 -11.12 0.45
CA LEU A 6 5.40 -10.27 1.18
C LEU A 6 6.06 -9.57 2.35
N THR A 7 6.40 -8.30 2.20
CA THR A 7 6.99 -7.59 3.29
C THR A 7 5.99 -7.48 4.40
N GLU A 8 6.47 -7.24 5.61
CA GLU A 8 5.58 -7.10 6.78
C GLU A 8 4.30 -6.34 6.44
N LEU A 9 4.41 -5.45 5.45
CA LEU A 9 3.28 -4.66 5.00
C LEU A 9 2.10 -5.55 4.62
N GLU A 10 2.39 -6.79 4.23
CA GLU A 10 1.35 -7.74 3.85
C GLU A 10 0.29 -7.82 4.94
N ALA A 11 0.73 -7.76 6.20
CA ALA A 11 -0.19 -7.77 7.32
C ALA A 11 -1.17 -6.64 7.17
N ALA A 12 -0.70 -5.55 6.55
CA ALA A 12 -1.52 -4.39 6.30
C ALA A 12 -2.52 -4.69 5.19
N ILE A 13 -2.18 -5.64 4.33
CA ILE A 13 -3.05 -6.03 3.23
C ILE A 13 -4.44 -6.35 3.78
N GLU A 14 -4.47 -6.85 5.01
CA GLU A 14 -5.70 -7.22 5.70
C GLU A 14 -6.55 -5.99 5.99
N THR A 15 -5.91 -4.89 6.38
CA THR A 15 -6.64 -3.67 6.68
C THR A 15 -7.20 -3.05 5.41
N VAL A 16 -6.31 -2.83 4.46
CA VAL A 16 -6.66 -2.25 3.17
C VAL A 16 -7.68 -3.12 2.43
N VAL A 17 -7.54 -4.44 2.58
CA VAL A 17 -8.45 -5.36 1.91
C VAL A 17 -9.77 -5.48 2.68
N SER A 18 -9.68 -5.44 4.00
CA SER A 18 -10.86 -5.54 4.85
C SER A 18 -11.57 -4.19 4.99
N THR A 19 -10.94 -3.13 4.50
CA THR A 19 -11.54 -1.79 4.56
C THR A 19 -12.46 -1.45 3.38
N PHE A 20 -11.87 -0.85 2.35
CA PHE A 20 -12.57 -0.39 1.14
C PHE A 20 -12.80 -1.52 0.18
N PHE A 21 -11.82 -2.39 0.11
CA PHE A 21 -11.92 -3.52 -0.77
C PHE A 21 -13.13 -4.36 -0.39
N THR A 22 -13.64 -4.15 0.81
CA THR A 22 -14.83 -4.88 1.20
C THR A 22 -15.98 -4.63 0.23
N PHE A 23 -15.85 -3.57 -0.59
CA PHE A 23 -16.89 -3.21 -1.54
C PHE A 23 -16.93 -4.15 -2.75
N ALA A 24 -15.82 -4.83 -3.04
CA ALA A 24 -15.81 -5.80 -4.14
C ALA A 24 -17.00 -6.72 -4.00
N GLY A 25 -17.34 -7.00 -2.74
CA GLY A 25 -18.50 -7.81 -2.42
C GLY A 25 -19.68 -7.46 -3.32
N ARG A 26 -19.71 -6.20 -3.76
CA ARG A 26 -20.75 -5.72 -4.65
C ARG A 26 -20.95 -6.68 -5.82
N GLU A 27 -19.84 -7.14 -6.40
CA GLU A 27 -19.90 -8.08 -7.50
C GLU A 27 -19.94 -9.50 -6.96
N GLY A 28 -21.03 -10.20 -7.27
CA GLY A 28 -21.22 -11.58 -6.80
C GLY A 28 -19.95 -12.40 -6.78
N ARG A 29 -19.50 -12.82 -7.96
CA ARG A 29 -18.30 -13.63 -8.08
C ARG A 29 -17.18 -13.10 -7.18
N LYS A 30 -16.16 -13.92 -6.98
CA LYS A 30 -15.02 -13.53 -6.16
C LYS A 30 -13.90 -13.05 -7.07
N GLY A 31 -14.23 -12.08 -7.90
CA GLY A 31 -13.25 -11.52 -8.81
C GLY A 31 -12.65 -10.27 -8.27
N SER A 32 -13.19 -9.13 -8.62
CA SER A 32 -12.64 -7.90 -8.12
C SER A 32 -13.72 -6.91 -7.78
N LEU A 33 -13.29 -5.78 -7.29
CA LEU A 33 -14.19 -4.71 -6.97
C LEU A 33 -14.25 -3.81 -8.17
N ASN A 34 -15.33 -3.09 -8.31
CA ASN A 34 -15.45 -2.25 -9.47
C ASN A 34 -15.44 -0.78 -9.06
N ILE A 35 -16.45 -0.01 -9.44
CA ILE A 35 -16.48 1.37 -9.08
C ILE A 35 -17.88 1.83 -8.72
N ASN A 36 -18.68 0.91 -8.23
CA ASN A 36 -20.04 1.23 -7.82
C ASN A 36 -19.99 1.79 -6.42
N GLU A 37 -19.55 0.98 -5.47
CA GLU A 37 -19.43 1.48 -4.11
C GLU A 37 -18.21 2.36 -4.02
N PHE A 38 -17.29 2.27 -5.01
CA PHE A 38 -16.16 3.16 -5.04
C PHE A 38 -16.70 4.58 -5.05
N LYS A 39 -17.93 4.71 -5.59
CA LYS A 39 -18.63 5.99 -5.64
C LYS A 39 -18.88 6.51 -4.24
N GLU A 40 -18.74 5.63 -3.29
CA GLU A 40 -18.86 5.97 -1.89
C GLU A 40 -17.56 6.56 -1.39
N LEU A 41 -16.49 6.42 -2.19
CA LEU A 41 -15.19 6.97 -1.83
C LEU A 41 -15.18 8.48 -1.90
N ALA A 42 -14.76 9.07 -3.04
CA ALA A 42 -14.69 10.52 -3.17
C ALA A 42 -15.85 11.21 -2.48
N THR A 43 -17.00 10.56 -2.43
CA THR A 43 -18.16 11.11 -1.80
C THR A 43 -17.92 11.37 -0.30
N GLN A 44 -17.62 10.31 0.44
CA GLN A 44 -17.31 10.43 1.86
C GLN A 44 -15.87 10.86 2.03
N GLN A 45 -15.06 10.47 1.07
CA GLN A 45 -13.66 10.82 1.03
C GLN A 45 -13.53 12.31 0.82
N LEU A 46 -14.49 12.86 0.06
CA LEU A 46 -14.55 14.29 -0.21
C LEU A 46 -14.25 15.03 1.07
N PRO A 47 -15.12 14.93 2.09
CA PRO A 47 -14.81 15.56 3.34
C PRO A 47 -13.88 14.67 4.15
N HIS A 48 -12.61 14.88 3.95
CA HIS A 48 -11.55 14.20 4.67
C HIS A 48 -11.07 15.06 5.83
N LEU A 49 -9.91 14.71 6.37
CA LEU A 49 -9.29 15.52 7.39
C LEU A 49 -8.58 16.63 6.63
N LEU A 50 -7.36 16.34 6.16
CA LEU A 50 -6.60 17.26 5.33
C LEU A 50 -7.01 17.05 3.87
N LYS A 51 -8.32 17.07 3.61
CA LYS A 51 -8.88 16.84 2.28
C LYS A 51 -8.06 17.47 1.17
N ASP A 52 -8.18 16.85 0.01
CA ASP A 52 -7.52 17.32 -1.22
C ASP A 52 -8.56 17.91 -2.17
N VAL A 53 -9.78 17.38 -2.10
CA VAL A 53 -10.91 17.80 -2.92
C VAL A 53 -11.14 16.88 -4.12
N GLY A 54 -11.80 15.77 -3.85
CA GLY A 54 -12.12 14.81 -4.91
C GLY A 54 -12.81 15.47 -6.08
N SER A 55 -12.04 15.89 -7.07
CA SER A 55 -12.58 16.55 -8.25
C SER A 55 -13.74 15.76 -8.84
N LEU A 56 -14.84 16.46 -9.13
CA LEU A 56 -16.03 15.83 -9.70
C LEU A 56 -15.69 14.85 -10.81
N ASP A 57 -15.26 15.39 -11.95
CA ASP A 57 -14.91 14.56 -13.11
C ASP A 57 -14.05 13.40 -12.71
N GLU A 58 -13.01 13.69 -11.93
CA GLU A 58 -12.07 12.68 -11.47
C GLU A 58 -12.85 11.50 -10.91
N LYS A 59 -13.88 11.82 -10.15
CA LYS A 59 -14.72 10.80 -9.56
C LYS A 59 -15.40 9.98 -10.65
N MET A 60 -15.69 10.63 -11.77
CA MET A 60 -16.34 9.98 -12.89
C MET A 60 -15.32 9.21 -13.74
N LYS A 61 -14.15 9.80 -13.95
CA LYS A 61 -13.10 9.16 -14.76
C LYS A 61 -12.39 8.10 -13.93
N THR A 62 -11.91 8.53 -12.76
CA THR A 62 -11.22 7.63 -11.86
C THR A 62 -12.00 6.34 -11.67
N LEU A 63 -13.32 6.43 -11.87
CA LEU A 63 -14.18 5.26 -11.77
C LEU A 63 -13.60 4.11 -12.57
N ASP A 64 -13.80 4.14 -13.88
CA ASP A 64 -13.28 3.09 -14.75
C ASP A 64 -11.79 2.89 -14.50
N VAL A 65 -11.08 3.98 -14.20
CA VAL A 65 -9.65 3.89 -13.94
C VAL A 65 -9.39 2.90 -12.80
N ASN A 66 -9.94 3.20 -11.63
CA ASN A 66 -9.79 2.33 -10.47
C ASN A 66 -10.80 1.18 -10.47
N GLN A 67 -11.08 0.62 -11.64
CA GLN A 67 -12.04 -0.46 -11.71
C GLN A 67 -11.54 -1.60 -10.86
N ASP A 68 -10.42 -2.11 -11.32
CA ASP A 68 -9.74 -3.23 -10.70
C ASP A 68 -8.93 -2.82 -9.48
N SER A 69 -9.11 -1.58 -8.98
CA SER A 69 -8.31 -1.10 -7.86
C SER A 69 -8.25 -2.15 -6.77
N GLU A 70 -9.32 -2.92 -6.69
CA GLU A 70 -9.36 -4.00 -5.72
C GLU A 70 -9.40 -5.31 -6.45
N LEU A 71 -9.00 -6.36 -5.76
CA LEU A 71 -9.02 -7.63 -6.34
C LEU A 71 -9.35 -8.77 -5.35
N ARG A 72 -10.11 -9.73 -5.86
CA ARG A 72 -10.43 -10.96 -5.17
C ARG A 72 -9.77 -12.12 -5.95
N PHE A 73 -9.62 -11.92 -7.27
CA PHE A 73 -8.97 -12.88 -8.17
C PHE A 73 -7.45 -12.56 -8.44
N SER A 74 -7.03 -12.05 -9.61
CA SER A 74 -5.59 -11.82 -9.86
C SER A 74 -5.20 -10.36 -10.02
N GLU A 75 -6.17 -9.52 -10.16
CA GLU A 75 -5.90 -8.09 -10.30
C GLU A 75 -5.32 -7.42 -9.02
N TYR A 76 -4.75 -8.21 -8.08
CA TYR A 76 -4.21 -7.66 -6.86
C TYR A 76 -3.14 -6.66 -7.17
N TRP A 77 -2.56 -6.79 -8.34
CA TRP A 77 -1.56 -5.83 -8.76
C TRP A 77 -2.19 -4.43 -8.77
N ARG A 78 -3.53 -4.36 -8.69
CA ARG A 78 -4.22 -3.10 -8.70
C ARG A 78 -4.14 -2.43 -7.33
N LEU A 79 -4.29 -3.23 -6.24
CA LEU A 79 -4.17 -2.64 -4.91
C LEU A 79 -2.82 -1.95 -4.80
N ILE A 80 -1.89 -2.34 -5.68
CA ILE A 80 -0.57 -1.78 -5.69
C ILE A 80 -0.60 -0.26 -5.60
N GLY A 81 -1.31 0.38 -6.52
CA GLY A 81 -1.43 1.82 -6.50
C GLY A 81 -2.52 2.28 -5.54
N GLU A 82 -3.21 1.32 -4.92
CA GLU A 82 -4.31 1.63 -4.02
C GLU A 82 -3.79 1.96 -2.63
N LEU A 83 -3.07 1.02 -2.03
CA LEU A 83 -2.50 1.23 -0.70
C LEU A 83 -1.66 2.51 -0.72
N ALA A 84 -1.36 3.00 -1.90
CA ALA A 84 -0.66 4.25 -2.01
C ALA A 84 -1.61 5.43 -1.85
N LYS A 85 -2.85 5.31 -2.37
CA LYS A 85 -3.84 6.40 -2.25
C LYS A 85 -3.81 6.99 -0.84
N GLU A 86 -3.57 6.13 0.11
CA GLU A 86 -3.48 6.52 1.51
C GLU A 86 -2.12 7.11 1.82
N VAL A 87 -1.09 6.52 1.23
CA VAL A 87 0.29 6.95 1.48
C VAL A 87 0.67 8.20 0.67
N ARG A 88 0.03 8.39 -0.47
CA ARG A 88 0.33 9.53 -1.33
C ARG A 88 0.21 10.84 -0.57
N LYS A 89 -1.02 11.22 -0.23
CA LYS A 89 -1.25 12.44 0.51
C LYS A 89 -0.40 12.44 1.78
N GLU A 90 -0.26 11.25 2.33
CA GLU A 90 0.52 11.04 3.53
C GLU A 90 1.95 11.53 3.35
N LYS A 91 2.40 11.62 2.09
CA LYS A 91 3.75 12.08 1.78
C LYS A 91 4.05 13.45 2.39
N ALA A 92 3.13 14.39 2.21
CA ALA A 92 3.32 15.75 2.71
C ALA A 92 2.98 15.91 4.19
N LEU A 93 1.99 15.19 4.68
CA LEU A 93 1.60 15.32 6.08
C LEU A 93 2.51 14.54 7.03
N GLY A 94 3.20 13.53 6.52
CA GLY A 94 4.09 12.75 7.38
C GLY A 94 4.92 13.61 8.28
N ILE A 95 5.44 14.70 7.71
CA ILE A 95 6.27 15.60 8.47
C ILE A 95 5.50 16.24 9.60
N ARG A 96 5.27 15.45 10.64
CA ARG A 96 4.57 15.93 11.82
C ARG A 96 5.47 16.90 12.58
N LYS A 97 6.77 16.83 12.28
CA LYS A 97 7.75 17.70 12.90
C LYS A 97 7.99 18.92 12.02
N LYS A 98 7.11 19.92 12.16
CA LYS A 98 7.22 21.14 11.39
C LYS A 98 7.63 22.33 12.28
N MET B 1 -16.44 6.65 -7.92
CA MET B 1 -15.80 7.92 -7.50
C MET B 1 -14.29 7.84 -7.64
N ALA B 2 -13.61 8.88 -7.18
CA ALA B 2 -12.15 8.92 -7.28
C ALA B 2 -11.48 8.84 -5.91
N ALA B 3 -10.21 8.46 -5.92
CA ALA B 3 -9.41 8.37 -4.71
C ALA B 3 -9.09 9.76 -4.20
N GLU B 4 -9.88 10.24 -3.26
CA GLU B 4 -9.68 11.57 -2.71
C GLU B 4 -8.39 11.60 -1.89
N THR B 5 -8.41 12.17 -0.68
CA THR B 5 -7.20 12.21 0.14
C THR B 5 -6.77 10.82 0.61
N LEU B 6 -7.27 10.39 1.76
CA LEU B 6 -6.91 9.09 2.33
C LEU B 6 -8.00 8.07 2.16
N THR B 7 -7.86 7.14 1.21
CA THR B 7 -8.86 6.11 1.03
C THR B 7 -8.84 5.21 2.24
N GLU B 8 -9.92 4.47 2.46
CA GLU B 8 -10.03 3.58 3.63
C GLU B 8 -8.72 2.85 3.91
N LEU B 9 -7.95 2.64 2.85
CA LEU B 9 -6.67 1.97 2.95
C LEU B 9 -5.76 2.66 3.98
N GLU B 10 -5.99 3.95 4.22
CA GLU B 10 -5.17 4.68 5.18
C GLU B 10 -5.18 3.97 6.52
N ALA B 11 -6.32 3.38 6.86
CA ALA B 11 -6.42 2.62 8.11
C ALA B 11 -5.37 1.53 8.09
N ALA B 12 -5.05 1.06 6.88
CA ALA B 12 -4.04 0.04 6.70
C ALA B 12 -2.65 0.63 6.92
N ILE B 13 -2.53 1.94 6.69
CA ILE B 13 -1.27 2.63 6.88
C ILE B 13 -0.70 2.30 8.26
N GLU B 14 -1.61 2.09 9.20
CA GLU B 14 -1.26 1.78 10.58
C GLU B 14 -0.58 0.42 10.67
N THR B 15 -1.03 -0.56 9.89
CA THR B 15 -0.45 -1.88 9.93
C THR B 15 0.93 -1.86 9.30
N VAL B 16 0.99 -1.36 8.07
CA VAL B 16 2.23 -1.25 7.31
C VAL B 16 3.24 -0.35 8.01
N VAL B 17 2.75 0.68 8.68
CA VAL B 17 3.61 1.61 9.39
C VAL B 17 4.03 1.01 10.73
N SER B 18 3.10 0.31 11.37
CA SER B 18 3.36 -0.32 12.65
C SER B 18 4.06 -1.67 12.48
N THR B 19 4.14 -2.16 11.25
CA THR B 19 4.81 -3.44 10.98
C THR B 19 6.32 -3.31 10.75
N PHE B 20 6.70 -3.16 9.48
CA PHE B 20 8.11 -3.08 9.09
C PHE B 20 8.68 -1.71 9.32
N PHE B 21 7.87 -0.71 9.08
CA PHE B 21 8.29 0.65 9.26
C PHE B 21 8.71 0.89 10.71
N THR B 22 8.34 0.00 11.61
CA THR B 22 8.76 0.15 12.99
C THR B 22 10.29 0.20 13.10
N PHE B 23 10.96 -0.23 12.03
CA PHE B 23 12.42 -0.26 11.99
C PHE B 23 13.04 1.13 11.85
N ALA B 24 12.28 2.09 11.30
CA ALA B 24 12.80 3.47 11.18
C ALA B 24 13.39 3.91 12.51
N GLY B 25 12.71 3.52 13.59
CA GLY B 25 13.20 3.82 14.93
C GLY B 25 14.71 3.65 15.03
N ARG B 26 15.27 2.77 14.19
CA ARG B 26 16.71 2.56 14.13
C ARG B 26 17.41 3.90 14.12
N GLU B 27 16.93 4.79 13.26
CA GLU B 27 17.47 6.14 13.18
C GLU B 27 16.81 7.04 14.24
N GLY B 28 17.64 7.55 15.16
CA GLY B 28 17.15 8.39 16.23
C GLY B 28 16.03 9.34 15.82
N ARG B 29 16.40 10.41 15.12
CA ARG B 29 15.43 11.41 14.67
C ARG B 29 14.16 10.74 14.14
N LYS B 30 13.10 11.54 14.01
CA LYS B 30 11.84 11.05 13.50
C LYS B 30 11.74 11.37 12.02
N GLY B 31 12.75 10.95 11.27
CA GLY B 31 12.77 11.17 9.85
C GLY B 31 12.27 9.98 9.13
N SER B 32 13.14 9.11 8.70
CA SER B 32 12.69 7.94 7.99
C SER B 32 13.48 6.71 8.37
N LEU B 33 13.09 5.61 7.78
CA LEU B 33 13.77 4.36 8.00
C LEU B 33 14.80 4.23 6.92
N ASN B 34 15.84 3.48 7.19
CA ASN B 34 16.87 3.34 6.20
C ASN B 34 16.89 1.92 5.67
N ILE B 35 18.02 1.28 5.71
CA ILE B 35 18.12 -0.07 5.22
C ILE B 35 19.00 -0.93 6.11
N ASN B 36 19.05 -0.58 7.38
CA ASN B 36 19.81 -1.35 8.34
C ASN B 36 18.97 -2.52 8.78
N GLU B 37 17.86 -2.23 9.45
CA GLU B 37 16.99 -3.33 9.84
C GLU B 37 16.25 -3.86 8.62
N PHE B 38 16.24 -3.08 7.52
CA PHE B 38 15.63 -3.55 6.30
C PHE B 38 16.33 -4.85 5.93
N LYS B 39 17.60 -4.93 6.34
CA LYS B 39 18.40 -6.12 6.10
C LYS B 39 17.75 -7.32 6.75
N GLU B 40 16.85 -7.05 7.69
CA GLU B 40 16.10 -8.07 8.37
C GLU B 40 14.94 -8.51 7.49
N LEU B 41 14.75 -7.86 6.34
CA LEU B 41 13.65 -8.21 5.46
C LEU B 41 14.00 -9.43 4.65
N ALA B 42 14.60 -9.23 3.47
CA ALA B 42 14.93 -10.35 2.58
C ALA B 42 15.48 -11.53 3.36
N THR B 43 16.12 -11.22 4.47
CA THR B 43 16.68 -12.25 5.33
C THR B 43 15.58 -13.20 5.82
N GLN B 44 14.61 -12.65 6.55
CA GLN B 44 13.47 -13.42 7.06
C GLN B 44 12.42 -13.56 5.96
N GLN B 45 12.35 -12.53 5.14
CA GLN B 45 11.46 -12.49 4.01
C GLN B 45 11.84 -13.60 3.04
N LEU B 46 13.16 -13.87 2.98
CA LEU B 46 13.70 -14.93 2.14
C LEU B 46 12.79 -16.13 2.26
N PRO B 47 12.75 -16.79 3.44
CA PRO B 47 11.83 -17.89 3.59
C PRO B 47 10.45 -17.36 3.94
N HIS B 48 9.71 -17.17 2.89
CA HIS B 48 8.35 -16.74 2.93
C HIS B 48 7.41 -17.92 2.79
N LEU B 49 6.16 -17.65 2.48
CA LEU B 49 5.23 -18.72 2.18
C LEU B 49 5.48 -19.08 0.72
N LEU B 50 4.85 -18.33 -0.18
CA LEU B 50 5.06 -18.49 -1.61
C LEU B 50 6.27 -17.65 -2.04
N LYS B 51 7.37 -17.81 -1.32
CA LYS B 51 8.59 -17.03 -1.54
C LYS B 51 8.89 -16.80 -3.02
N ASP B 52 9.63 -15.73 -3.26
CA ASP B 52 10.05 -15.36 -4.60
C ASP B 52 11.56 -15.58 -4.76
N VAL B 53 12.28 -15.46 -3.63
CA VAL B 53 13.73 -15.65 -3.55
C VAL B 53 14.50 -14.32 -3.58
N GLY B 54 14.50 -13.69 -2.42
CA GLY B 54 15.22 -12.43 -2.25
C GLY B 54 16.63 -12.52 -2.76
N SER B 55 16.82 -12.18 -4.03
CA SER B 55 18.12 -12.24 -4.66
C SER B 55 19.18 -11.53 -3.81
N LEU B 56 20.32 -12.17 -3.65
CA LEU B 56 21.41 -11.63 -2.84
C LEU B 56 21.70 -10.17 -3.19
N ASP B 57 22.25 -9.94 -4.36
CA ASP B 57 22.59 -8.59 -4.80
C ASP B 57 21.45 -7.62 -4.56
N GLU B 58 20.27 -8.06 -4.94
CA GLU B 58 19.07 -7.26 -4.78
C GLU B 58 18.99 -6.74 -3.37
N LYS B 59 19.32 -7.61 -2.44
CA LYS B 59 19.30 -7.25 -1.04
C LYS B 59 20.33 -6.16 -0.77
N MET B 60 21.41 -6.18 -1.54
CA MET B 60 22.47 -5.20 -1.39
C MET B 60 22.14 -3.89 -2.12
N LYS B 61 21.56 -4.01 -3.30
CA LYS B 61 21.19 -2.83 -4.10
C LYS B 61 19.89 -2.25 -3.59
N THR B 62 18.88 -3.10 -3.49
CA THR B 62 17.58 -2.68 -3.01
C THR B 62 17.73 -1.89 -1.72
N LEU B 63 18.82 -2.15 -1.00
CA LEU B 63 19.11 -1.43 0.23
C LEU B 63 18.98 0.08 0.00
N ASP B 64 20.00 0.67 -0.61
CA ASP B 64 19.99 2.09 -0.90
C ASP B 64 18.71 2.49 -1.64
N VAL B 65 18.22 1.59 -2.49
CA VAL B 65 17.00 1.83 -3.24
C VAL B 65 15.84 2.14 -2.29
N ASN B 66 15.53 1.17 -1.42
CA ASN B 66 14.43 1.33 -0.46
C ASN B 66 14.86 2.11 0.78
N GLN B 67 15.87 2.97 0.65
CA GLN B 67 16.32 3.76 1.79
C GLN B 67 15.15 4.40 2.49
N ASP B 68 14.52 5.31 1.76
CA ASP B 68 13.41 6.09 2.26
C ASP B 68 12.11 5.31 2.19
N SER B 69 12.16 4.01 1.87
CA SER B 69 10.94 3.21 1.72
C SER B 69 9.95 3.51 2.83
N GLU B 70 10.48 3.84 3.99
CA GLU B 70 9.63 4.21 5.11
C GLU B 70 9.84 5.65 5.41
N LEU B 71 8.86 6.24 6.05
CA LEU B 71 8.98 7.59 6.41
C LEU B 71 8.33 7.95 7.75
N ARG B 72 9.00 8.83 8.47
CA ARG B 72 8.48 9.41 9.71
C ARG B 72 8.26 10.91 9.45
N PHE B 73 9.08 11.47 8.52
CA PHE B 73 8.99 12.87 8.11
C PHE B 73 8.15 13.10 6.79
N SER B 74 8.75 13.30 5.60
CA SER B 74 7.94 13.60 4.39
C SER B 74 8.06 12.56 3.30
N GLU B 75 9.07 11.74 3.38
CA GLU B 75 9.28 10.67 2.39
C GLU B 75 8.16 9.60 2.38
N TYR B 76 6.97 9.91 2.91
CA TYR B 76 5.91 8.94 2.98
C TYR B 76 5.55 8.47 1.59
N TRP B 77 5.81 9.31 0.62
CA TRP B 77 5.59 8.93 -0.77
C TRP B 77 6.38 7.66 -1.08
N ARG B 78 7.33 7.33 -0.20
CA ARG B 78 8.11 6.14 -0.35
C ARG B 78 7.29 4.90 -0.02
N LEU B 79 6.45 4.95 1.03
CA LEU B 79 5.63 3.82 1.37
C LEU B 79 4.73 3.49 0.19
N ILE B 80 4.53 4.48 -0.68
CA ILE B 80 3.70 4.34 -1.85
C ILE B 80 4.01 3.00 -2.57
N GLY B 81 5.28 2.78 -2.88
CA GLY B 81 5.68 1.54 -3.52
C GLY B 81 5.93 0.42 -2.53
N GLU B 82 5.87 0.74 -1.23
CA GLU B 82 6.12 -0.24 -0.18
C GLU B 82 4.91 -1.10 0.09
N LEU B 83 3.79 -0.45 0.40
CA LEU B 83 2.55 -1.17 0.65
C LEU B 83 2.24 -2.04 -0.56
N ALA B 84 2.92 -1.77 -1.66
CA ALA B 84 2.76 -2.59 -2.83
C ALA B 84 3.60 -3.87 -2.73
N LYS B 85 4.79 -3.80 -2.12
CA LYS B 85 5.66 -5.00 -1.98
C LYS B 85 4.84 -6.20 -1.55
N GLU B 86 3.81 -5.93 -0.78
CA GLU B 86 2.92 -6.96 -0.28
C GLU B 86 1.87 -7.30 -1.33
N VAL B 87 1.39 -6.26 -2.02
CA VAL B 87 0.35 -6.42 -3.03
C VAL B 87 0.89 -6.94 -4.36
N ARG B 88 2.15 -6.67 -4.65
CA ARG B 88 2.74 -7.12 -5.89
C ARG B 88 2.61 -8.62 -6.06
N LYS B 89 3.33 -9.37 -5.24
CA LYS B 89 3.29 -10.82 -5.30
C LYS B 89 1.84 -11.30 -5.24
N GLU B 90 1.09 -10.59 -4.43
CA GLU B 90 -0.31 -10.88 -4.20
C GLU B 90 -1.08 -10.90 -5.51
N LYS B 91 -0.57 -10.20 -6.50
CA LYS B 91 -1.20 -10.12 -7.81
C LYS B 91 -1.51 -11.51 -8.37
N ALA B 92 -0.52 -12.39 -8.33
CA ALA B 92 -0.67 -13.73 -8.87
C ALA B 92 -1.37 -14.70 -7.92
N LEU B 93 -1.13 -14.59 -6.62
CA LEU B 93 -1.75 -15.51 -5.68
C LEU B 93 -3.19 -15.14 -5.36
N GLY B 94 -3.54 -13.87 -5.56
CA GLY B 94 -4.90 -13.43 -5.27
C GLY B 94 -5.94 -14.43 -5.74
N ILE B 95 -5.75 -14.91 -6.97
CA ILE B 95 -6.66 -15.87 -7.56
C ILE B 95 -6.71 -17.15 -6.75
N ARG B 96 -7.45 -17.11 -5.65
CA ARG B 96 -7.60 -18.27 -4.80
C ARG B 96 -8.52 -19.27 -5.48
N LYS B 97 -9.24 -18.80 -6.49
CA LYS B 97 -10.16 -19.63 -7.25
C LYS B 97 -9.48 -20.14 -8.52
N LYS B 98 -8.73 -21.22 -8.37
CA LYS B 98 -8.01 -21.81 -9.49
C LYS B 98 -8.62 -23.16 -9.88
N MET A 1 18.49 -5.18 3.61
CA MET A 1 17.91 -6.28 2.79
C MET A 1 17.04 -5.73 1.68
N ALA A 2 16.54 -6.62 0.85
CA ALA A 2 15.68 -6.25 -0.26
C ALA A 2 14.27 -6.78 -0.05
N ALA A 3 13.29 -5.94 -0.30
CA ALA A 3 11.94 -6.38 -0.16
C ALA A 3 11.65 -7.37 -1.29
N GLU A 4 12.09 -8.60 -1.09
CA GLU A 4 11.95 -9.65 -2.08
C GLU A 4 10.48 -10.04 -2.28
N THR A 5 9.89 -10.74 -1.32
CA THR A 5 8.51 -11.11 -1.43
C THR A 5 7.58 -10.05 -0.84
N LEU A 6 6.86 -10.37 0.25
CA LEU A 6 5.92 -9.45 0.86
C LEU A 6 6.48 -8.91 2.17
N THR A 7 6.84 -7.64 2.21
CA THR A 7 7.35 -7.08 3.44
C THR A 7 6.30 -7.10 4.51
N GLU A 8 6.71 -6.88 5.76
CA GLU A 8 5.77 -6.87 6.90
C GLU A 8 4.45 -6.20 6.54
N LEU A 9 4.53 -5.26 5.61
CA LEU A 9 3.36 -4.54 5.15
C LEU A 9 2.25 -5.49 4.74
N GLU A 10 2.62 -6.71 4.35
CA GLU A 10 1.63 -7.72 3.95
C GLU A 10 0.54 -7.79 5.00
N ALA A 11 0.95 -7.81 6.27
CA ALA A 11 0.00 -7.83 7.37
C ALA A 11 -0.98 -6.68 7.23
N ALA A 12 -0.49 -5.57 6.71
CA ALA A 12 -1.31 -4.40 6.49
C ALA A 12 -2.28 -4.68 5.35
N ILE A 13 -1.87 -5.56 4.44
CA ILE A 13 -2.71 -5.93 3.32
C ILE A 13 -4.08 -6.41 3.83
N GLU A 14 -4.09 -6.88 5.08
CA GLU A 14 -5.31 -7.38 5.71
C GLU A 14 -6.29 -6.24 6.01
N THR A 15 -5.76 -5.09 6.42
CA THR A 15 -6.62 -3.95 6.71
C THR A 15 -7.20 -3.39 5.43
N VAL A 16 -6.30 -2.95 4.56
CA VAL A 16 -6.65 -2.39 3.27
C VAL A 16 -7.61 -3.31 2.50
N VAL A 17 -7.38 -4.61 2.60
CA VAL A 17 -8.21 -5.57 1.90
C VAL A 17 -9.56 -5.76 2.59
N SER A 18 -9.56 -5.66 3.92
CA SER A 18 -10.77 -5.83 4.72
C SER A 18 -11.62 -4.56 4.78
N THR A 19 -11.04 -3.43 4.44
CA THR A 19 -11.77 -2.17 4.49
C THR A 19 -12.60 -1.87 3.23
N PHE A 20 -11.96 -1.22 2.27
CA PHE A 20 -12.58 -0.78 1.02
C PHE A 20 -12.63 -1.91 0.02
N PHE A 21 -11.64 -2.74 0.09
CA PHE A 21 -11.53 -3.88 -0.77
C PHE A 21 -12.61 -4.88 -0.49
N THR A 22 -13.24 -4.76 0.67
CA THR A 22 -14.33 -5.66 0.99
C THR A 22 -15.55 -5.25 0.18
N PHE A 23 -15.54 -4.02 -0.35
CA PHE A 23 -16.66 -3.57 -1.16
C PHE A 23 -16.73 -4.47 -2.40
N ALA A 24 -15.62 -5.18 -2.69
CA ALA A 24 -15.59 -6.13 -3.80
C ALA A 24 -16.82 -7.01 -3.73
N GLY A 25 -17.10 -7.41 -2.51
CA GLY A 25 -18.24 -8.25 -2.23
C GLY A 25 -19.48 -7.80 -2.95
N ARG A 26 -19.56 -6.50 -3.28
CA ARG A 26 -20.70 -5.95 -4.01
C ARG A 26 -21.05 -6.89 -5.16
N GLU A 27 -20.05 -7.14 -5.99
CA GLU A 27 -20.19 -8.06 -7.11
C GLU A 27 -18.83 -8.68 -7.38
N GLY A 28 -18.51 -9.73 -6.65
CA GLY A 28 -17.24 -10.38 -6.82
C GLY A 28 -17.26 -11.82 -6.38
N ARG A 29 -18.09 -12.65 -7.01
CA ARG A 29 -18.15 -14.06 -6.65
C ARG A 29 -16.73 -14.63 -6.57
N LYS A 30 -16.07 -14.63 -7.72
CA LYS A 30 -14.70 -15.09 -7.83
C LYS A 30 -13.95 -14.20 -8.81
N GLY A 31 -14.31 -12.92 -8.85
CA GLY A 31 -13.66 -12.01 -9.77
C GLY A 31 -13.05 -10.81 -9.11
N SER A 32 -13.70 -9.66 -9.23
CA SER A 32 -13.16 -8.45 -8.64
C SER A 32 -14.20 -7.50 -8.07
N LEU A 33 -13.65 -6.41 -7.55
CA LEU A 33 -14.38 -5.31 -6.99
C LEU A 33 -14.53 -4.30 -8.10
N ASN A 34 -15.56 -3.48 -8.06
CA ASN A 34 -15.75 -2.55 -9.15
C ASN A 34 -15.69 -1.10 -8.69
N ILE A 35 -16.68 -0.29 -9.03
CA ILE A 35 -16.70 1.10 -8.61
C ILE A 35 -18.09 1.53 -8.16
N ASN A 36 -18.85 0.57 -7.65
CA ASN A 36 -20.18 0.83 -7.13
C ASN A 36 -20.06 1.40 -5.75
N GLU A 37 -19.61 0.58 -4.82
CA GLU A 37 -19.42 1.07 -3.47
C GLU A 37 -18.21 1.99 -3.44
N PHE A 38 -17.38 1.94 -4.50
CA PHE A 38 -16.27 2.86 -4.59
C PHE A 38 -16.83 4.26 -4.51
N LYS A 39 -18.10 4.40 -4.93
CA LYS A 39 -18.80 5.67 -4.87
C LYS A 39 -18.91 6.17 -3.45
N GLU A 40 -18.68 5.27 -2.54
CA GLU A 40 -18.66 5.56 -1.11
C GLU A 40 -17.29 6.12 -0.72
N LEU A 41 -16.34 6.01 -1.66
CA LEU A 41 -14.97 6.47 -1.45
C LEU A 41 -14.90 8.00 -1.38
N ALA A 42 -14.62 8.67 -2.52
CA ALA A 42 -14.51 10.12 -2.56
C ALA A 42 -15.55 10.79 -1.68
N THR A 43 -16.73 10.19 -1.66
CA THR A 43 -17.85 10.70 -0.91
C THR A 43 -17.51 10.81 0.57
N GLN A 44 -17.15 9.68 1.16
CA GLN A 44 -16.82 9.62 2.56
C GLN A 44 -15.39 10.08 2.81
N GLN A 45 -14.49 9.78 1.88
CA GLN A 45 -13.11 10.18 2.04
C GLN A 45 -12.93 11.65 1.68
N LEU A 46 -13.96 12.24 1.05
CA LEU A 46 -13.96 13.65 0.69
C LEU A 46 -13.33 14.45 1.80
N PRO A 47 -13.99 14.60 2.97
CA PRO A 47 -13.36 15.35 4.04
C PRO A 47 -12.36 14.52 4.81
N HIS A 48 -11.13 14.59 4.35
CA HIS A 48 -10.00 13.98 5.00
C HIS A 48 -9.27 15.02 5.82
N LEU A 49 -8.01 14.75 6.16
CA LEU A 49 -7.19 15.74 6.82
C LEU A 49 -6.68 16.67 5.72
N LEU A 50 -5.57 16.30 5.09
CA LEU A 50 -5.02 17.06 3.97
C LEU A 50 -5.72 16.62 2.66
N LYS A 51 -7.04 16.62 2.68
CA LYS A 51 -7.85 16.20 1.53
C LYS A 51 -7.29 16.66 0.20
N ASP A 52 -7.66 15.89 -0.83
CA ASP A 52 -7.28 16.16 -2.21
C ASP A 52 -8.43 16.88 -2.90
N VAL A 53 -9.66 16.43 -2.61
CA VAL A 53 -10.89 17.01 -3.16
C VAL A 53 -11.40 16.24 -4.37
N GLY A 54 -12.18 15.22 -4.08
CA GLY A 54 -12.77 14.41 -5.12
C GLY A 54 -13.78 15.21 -5.92
N SER A 55 -13.35 15.75 -7.04
CA SER A 55 -14.23 16.53 -7.89
C SER A 55 -15.37 15.65 -8.40
N LEU A 56 -16.56 16.23 -8.50
CA LEU A 56 -17.74 15.50 -8.98
C LEU A 56 -17.39 14.68 -10.23
N ASP A 57 -16.74 15.32 -11.18
CA ASP A 57 -16.34 14.65 -12.42
C ASP A 57 -15.28 13.60 -12.13
N GLU A 58 -14.22 14.02 -11.46
CA GLU A 58 -13.11 13.14 -11.11
C GLU A 58 -13.65 11.86 -10.51
N LYS A 59 -14.56 12.03 -9.55
CA LYS A 59 -15.17 10.89 -8.89
C LYS A 59 -15.91 10.03 -9.91
N MET A 60 -16.35 10.66 -11.00
CA MET A 60 -17.05 9.95 -12.06
C MET A 60 -16.09 9.27 -13.03
N LYS A 61 -14.98 9.94 -13.35
CA LYS A 61 -14.00 9.40 -14.29
C LYS A 61 -13.20 8.29 -13.63
N THR A 62 -12.68 8.59 -12.46
CA THR A 62 -11.86 7.64 -11.72
C THR A 62 -12.51 6.28 -11.63
N LEU A 63 -13.84 6.21 -11.79
CA LEU A 63 -14.52 4.93 -11.75
C LEU A 63 -13.84 3.95 -12.69
N ASP A 64 -13.98 4.22 -13.99
CA ASP A 64 -13.37 3.38 -15.00
C ASP A 64 -11.88 3.21 -14.71
N VAL A 65 -11.26 4.26 -14.17
CA VAL A 65 -9.86 4.22 -13.81
C VAL A 65 -9.65 3.17 -12.72
N ASN A 66 -10.08 3.49 -11.51
CA ASN A 66 -9.98 2.56 -10.39
C ASN A 66 -11.14 1.58 -10.44
N GLN A 67 -11.26 0.89 -11.55
CA GLN A 67 -12.31 -0.06 -11.74
C GLN A 67 -12.07 -1.25 -10.84
N ASP A 68 -11.02 -1.95 -11.16
CA ASP A 68 -10.60 -3.12 -10.41
C ASP A 68 -9.70 -2.74 -9.26
N SER A 69 -9.89 -1.55 -8.66
CA SER A 69 -9.04 -1.11 -7.54
C SER A 69 -8.86 -2.25 -6.58
N GLU A 70 -9.88 -3.07 -6.52
CA GLU A 70 -9.88 -4.27 -5.73
C GLU A 70 -10.35 -5.42 -6.58
N LEU A 71 -9.91 -6.59 -6.18
CA LEU A 71 -10.29 -7.78 -6.87
C LEU A 71 -10.34 -9.00 -5.97
N ARG A 72 -10.88 -10.04 -6.51
CA ARG A 72 -10.97 -11.32 -5.86
C ARG A 72 -9.99 -12.29 -6.54
N PHE A 73 -9.58 -11.94 -7.77
CA PHE A 73 -8.68 -12.78 -8.57
C PHE A 73 -7.24 -12.25 -8.70
N SER A 74 -6.80 -11.89 -9.93
CA SER A 74 -5.41 -11.45 -10.14
C SER A 74 -5.30 -9.99 -10.46
N GLU A 75 -6.38 -9.27 -10.36
CA GLU A 75 -6.34 -7.85 -10.62
C GLU A 75 -5.57 -7.13 -9.49
N TYR A 76 -5.23 -7.87 -8.41
CA TYR A 76 -4.57 -7.32 -7.22
C TYR A 76 -3.56 -6.24 -7.54
N TRP A 77 -2.97 -6.31 -8.71
CA TRP A 77 -2.04 -5.28 -9.13
C TRP A 77 -2.72 -3.91 -9.09
N ARG A 78 -4.05 -3.90 -8.95
CA ARG A 78 -4.79 -2.67 -8.88
C ARG A 78 -4.56 -2.07 -7.51
N LEU A 79 -4.69 -2.91 -6.47
CA LEU A 79 -4.42 -2.46 -5.10
C LEU A 79 -3.11 -1.71 -5.05
N ILE A 80 -2.22 -2.11 -5.94
CA ILE A 80 -0.90 -1.53 -6.00
C ILE A 80 -0.94 0.01 -5.91
N GLY A 81 -1.72 0.63 -6.78
CA GLY A 81 -1.86 2.07 -6.74
C GLY A 81 -2.88 2.51 -5.69
N GLU A 82 -3.55 1.53 -5.08
CA GLU A 82 -4.58 1.81 -4.07
C GLU A 82 -3.95 2.06 -2.71
N LEU A 83 -3.27 1.06 -2.18
CA LEU A 83 -2.62 1.17 -0.88
C LEU A 83 -1.75 2.40 -0.86
N ALA A 84 -1.32 2.83 -2.05
CA ALA A 84 -0.52 4.02 -2.16
C ALA A 84 -1.40 5.25 -2.04
N LYS A 85 -2.65 5.11 -2.48
CA LYS A 85 -3.63 6.20 -2.38
C LYS A 85 -3.55 6.82 -1.03
N GLU A 86 -3.14 6.04 -0.05
CA GLU A 86 -3.00 6.52 1.29
C GLU A 86 -1.69 7.27 1.44
N VAL A 87 -0.61 6.62 1.03
CA VAL A 87 0.72 7.19 1.14
C VAL A 87 0.93 8.37 0.18
N ARG A 88 0.11 8.44 -0.87
CA ARG A 88 0.25 9.48 -1.86
C ARG A 88 0.20 10.89 -1.25
N LYS A 89 -0.97 11.33 -0.82
CA LYS A 89 -1.11 12.67 -0.24
C LYS A 89 -0.46 12.72 1.13
N GLU A 90 -0.44 11.58 1.81
CA GLU A 90 0.18 11.49 3.10
C GLU A 90 1.70 11.66 2.99
N LYS A 91 2.22 11.62 1.75
CA LYS A 91 3.64 11.78 1.52
C LYS A 91 4.13 13.13 2.03
N ALA A 92 3.44 14.17 1.63
CA ALA A 92 3.79 15.53 2.04
C ALA A 92 3.27 15.85 3.42
N LEU A 93 2.31 15.08 3.90
CA LEU A 93 1.78 15.30 5.24
C LEU A 93 2.62 14.62 6.30
N GLY A 94 3.27 13.51 5.93
CA GLY A 94 4.10 12.78 6.87
C GLY A 94 5.02 13.67 7.66
N ILE A 95 5.42 14.78 7.08
CA ILE A 95 6.33 15.70 7.74
C ILE A 95 5.73 16.34 8.98
N ARG A 96 5.39 15.51 9.96
CA ARG A 96 4.85 16.00 11.21
C ARG A 96 5.80 17.05 11.80
N LYS A 97 7.08 16.95 11.40
CA LYS A 97 8.09 17.89 11.84
C LYS A 97 8.10 19.11 10.92
N LYS A 98 7.19 20.04 11.16
CA LYS A 98 7.09 21.25 10.35
C LYS A 98 7.51 22.48 11.16
N MET B 1 -16.77 6.50 -7.62
CA MET B 1 -16.05 7.70 -7.11
C MET B 1 -14.58 7.63 -7.41
N ALA B 2 -13.87 8.69 -7.06
CA ALA B 2 -12.45 8.75 -7.28
C ALA B 2 -11.70 8.74 -5.97
N ALA B 3 -10.64 7.96 -5.90
CA ALA B 3 -9.83 7.94 -4.71
C ALA B 3 -9.11 9.28 -4.63
N GLU B 4 -9.87 10.29 -4.21
CA GLU B 4 -9.36 11.66 -4.13
C GLU B 4 -8.27 11.80 -3.06
N THR B 5 -8.62 11.73 -1.79
CA THR B 5 -7.63 11.83 -0.73
C THR B 5 -7.10 10.44 -0.33
N LEU B 6 -7.38 9.99 0.90
CA LEU B 6 -6.91 8.70 1.38
C LEU B 6 -8.07 7.71 1.43
N THR B 7 -8.03 6.68 0.60
CA THR B 7 -9.10 5.70 0.61
C THR B 7 -9.06 4.91 1.91
N GLU B 8 -10.13 4.17 2.20
CA GLU B 8 -10.21 3.38 3.43
C GLU B 8 -8.87 2.73 3.78
N LEU B 9 -8.11 2.44 2.74
CA LEU B 9 -6.80 1.83 2.89
C LEU B 9 -5.94 2.58 3.90
N GLU B 10 -6.22 3.88 4.07
CA GLU B 10 -5.47 4.69 5.03
C GLU B 10 -5.40 3.97 6.36
N ALA B 11 -6.53 3.41 6.77
CA ALA B 11 -6.60 2.67 8.03
C ALA B 11 -5.55 1.57 8.01
N ALA B 12 -5.31 1.04 6.83
CA ALA B 12 -4.31 0.01 6.64
C ALA B 12 -2.92 0.61 6.81
N ILE B 13 -2.81 1.90 6.48
CA ILE B 13 -1.55 2.59 6.62
C ILE B 13 -1.00 2.43 8.05
N GLU B 14 -1.93 2.17 8.98
CA GLU B 14 -1.58 1.98 10.38
C GLU B 14 -0.83 0.68 10.62
N THR B 15 -1.20 -0.38 9.90
CA THR B 15 -0.54 -1.65 10.06
C THR B 15 0.86 -1.58 9.46
N VAL B 16 0.89 -1.29 8.17
CA VAL B 16 2.13 -1.16 7.41
C VAL B 16 3.10 -0.20 8.09
N VAL B 17 2.57 0.87 8.65
CA VAL B 17 3.41 1.86 9.31
C VAL B 17 3.88 1.35 10.68
N SER B 18 3.01 0.57 11.34
CA SER B 18 3.31 0.02 12.65
C SER B 18 4.17 -1.25 12.58
N THR B 19 4.18 -1.90 11.42
CA THR B 19 4.95 -3.12 11.26
C THR B 19 6.43 -2.89 10.94
N PHE B 20 6.75 -2.84 9.64
CA PHE B 20 8.11 -2.68 9.18
C PHE B 20 8.57 -1.24 9.24
N PHE B 21 7.62 -0.36 9.19
CA PHE B 21 7.92 1.04 9.22
C PHE B 21 8.30 1.50 10.61
N THR B 22 7.99 0.69 11.60
CA THR B 22 8.36 1.03 12.96
C THR B 22 9.87 0.85 13.13
N PHE B 23 10.47 0.11 12.20
CA PHE B 23 11.91 -0.08 12.21
C PHE B 23 12.58 1.29 12.06
N ALA B 24 11.82 2.25 11.51
CA ALA B 24 12.32 3.63 11.37
C ALA B 24 12.97 4.07 12.67
N GLY B 25 12.29 3.72 13.76
CA GLY B 25 12.76 4.06 15.07
C GLY B 25 14.23 3.74 15.27
N ARG B 26 14.76 2.79 14.48
CA ARG B 26 16.18 2.45 14.55
C ARG B 26 16.99 3.74 14.65
N GLU B 27 16.80 4.57 13.63
CA GLU B 27 17.42 5.88 13.60
C GLU B 27 16.48 6.82 12.86
N GLY B 28 15.54 7.39 13.61
CA GLY B 28 14.58 8.31 13.02
C GLY B 28 13.99 9.28 14.01
N ARG B 29 14.81 10.11 14.63
CA ARG B 29 14.30 11.08 15.60
C ARG B 29 13.11 11.81 14.99
N LYS B 30 13.39 12.56 13.94
CA LYS B 30 12.37 13.30 13.21
C LYS B 30 12.68 13.25 11.72
N GLY B 31 13.23 12.12 11.28
CA GLY B 31 13.59 11.99 9.87
C GLY B 31 12.98 10.79 9.21
N SER B 32 13.78 9.76 9.00
CA SER B 32 13.28 8.56 8.34
C SER B 32 13.86 7.26 8.85
N LEU B 33 13.37 6.21 8.19
CA LEU B 33 13.77 4.84 8.42
C LEU B 33 14.84 4.54 7.40
N ASN B 34 15.74 3.61 7.69
CA ASN B 34 16.79 3.36 6.74
C ASN B 34 16.72 1.94 6.23
N ILE B 35 17.85 1.27 6.21
CA ILE B 35 17.90 -0.10 5.75
C ILE B 35 18.69 -1.00 6.69
N ASN B 36 18.70 -0.63 7.97
CA ASN B 36 19.38 -1.43 8.97
C ASN B 36 18.50 -2.57 9.37
N GLU B 37 17.39 -2.28 10.03
CA GLU B 37 16.48 -3.35 10.39
C GLU B 37 15.80 -3.87 9.13
N PHE B 38 15.90 -3.11 8.03
CA PHE B 38 15.36 -3.58 6.76
C PHE B 38 16.00 -4.93 6.47
N LYS B 39 17.24 -5.09 6.97
CA LYS B 39 17.97 -6.34 6.82
C LYS B 39 17.20 -7.48 7.47
N GLU B 40 16.21 -7.12 8.28
CA GLU B 40 15.33 -8.08 8.88
C GLU B 40 14.18 -8.42 7.92
N LEU B 41 14.19 -7.77 6.74
CA LEU B 41 13.12 -7.95 5.76
C LEU B 41 13.33 -9.22 4.96
N ALA B 42 14.10 -9.12 3.86
CA ALA B 42 14.34 -10.29 3.00
C ALA B 42 14.66 -11.49 3.85
N THR B 43 15.47 -11.25 4.86
CA THR B 43 15.87 -12.28 5.78
C THR B 43 14.67 -13.09 6.28
N GLN B 44 13.75 -12.37 6.90
CA GLN B 44 12.54 -12.97 7.47
C GLN B 44 11.47 -13.20 6.40
N GLN B 45 11.25 -12.21 5.56
CA GLN B 45 10.26 -12.32 4.51
C GLN B 45 10.72 -13.31 3.44
N LEU B 46 12.00 -13.72 3.50
CA LEU B 46 12.55 -14.70 2.56
C LEU B 46 11.52 -15.79 2.33
N PRO B 47 11.28 -16.69 3.31
CA PRO B 47 10.27 -17.71 3.09
C PRO B 47 8.88 -17.21 3.33
N HIS B 48 8.29 -16.78 2.25
CA HIS B 48 6.93 -16.36 2.19
C HIS B 48 6.10 -17.48 1.60
N LEU B 49 4.95 -17.14 1.06
CA LEU B 49 4.16 -18.13 0.36
C LEU B 49 4.75 -18.22 -1.06
N LEU B 50 4.29 -17.33 -1.94
CA LEU B 50 4.82 -17.27 -3.30
C LEU B 50 6.07 -16.38 -3.32
N LYS B 51 7.02 -16.66 -2.44
CA LYS B 51 8.24 -15.87 -2.31
C LYS B 51 8.81 -15.41 -3.64
N ASP B 52 9.66 -14.40 -3.55
CA ASP B 52 10.32 -13.83 -4.72
C ASP B 52 11.76 -14.32 -4.73
N VAL B 53 12.34 -14.41 -3.53
CA VAL B 53 13.71 -14.90 -3.32
C VAL B 53 14.73 -13.77 -3.22
N GLY B 54 14.73 -13.16 -2.05
CA GLY B 54 15.68 -12.10 -1.79
C GLY B 54 17.11 -12.57 -1.93
N SER B 55 17.69 -12.34 -3.10
CA SER B 55 19.05 -12.75 -3.37
C SER B 55 20.02 -12.01 -2.46
N LEU B 56 21.09 -12.67 -2.05
CA LEU B 56 22.09 -12.07 -1.17
C LEU B 56 22.48 -10.69 -1.67
N ASP B 57 22.79 -10.59 -2.95
CA ASP B 57 23.19 -9.31 -3.54
C ASP B 57 22.03 -8.34 -3.54
N GLU B 58 20.94 -8.81 -4.07
CA GLU B 58 19.71 -8.02 -4.16
C GLU B 58 19.41 -7.39 -2.81
N LYS B 59 19.47 -8.22 -1.78
CA LYS B 59 19.22 -7.74 -0.44
C LYS B 59 20.23 -6.66 -0.07
N MET B 60 21.40 -6.71 -0.70
CA MET B 60 22.44 -5.72 -0.45
C MET B 60 22.24 -4.44 -1.26
N LYS B 61 21.79 -4.59 -2.50
CA LYS B 61 21.57 -3.43 -3.38
C LYS B 61 20.30 -2.71 -3.01
N THR B 62 19.25 -3.47 -2.83
CA THR B 62 17.95 -2.89 -2.49
C THR B 62 18.06 -1.95 -1.30
N LEU B 63 19.11 -2.10 -0.48
CA LEU B 63 19.29 -1.20 0.66
C LEU B 63 19.22 0.24 0.18
N ASP B 64 20.24 0.63 -0.58
CA ASP B 64 20.30 1.99 -1.12
C ASP B 64 18.99 2.31 -1.85
N VAL B 65 18.42 1.30 -2.50
CA VAL B 65 17.15 1.47 -3.21
C VAL B 65 16.04 1.82 -2.22
N ASN B 66 15.63 0.83 -1.42
CA ASN B 66 14.61 1.05 -0.41
C ASN B 66 15.21 1.66 0.85
N GLN B 67 15.97 2.71 0.67
CA GLN B 67 16.61 3.40 1.75
C GLN B 67 15.58 4.01 2.68
N ASP B 68 14.88 5.00 2.16
CA ASP B 68 13.83 5.67 2.91
C ASP B 68 12.49 4.96 2.76
N SER B 69 12.49 3.64 2.52
CA SER B 69 11.24 2.89 2.35
C SER B 69 10.22 3.37 3.37
N GLU B 70 10.74 3.77 4.51
CA GLU B 70 9.95 4.33 5.58
C GLU B 70 10.59 5.62 6.03
N LEU B 71 9.76 6.48 6.55
CA LEU B 71 10.22 7.73 7.04
C LEU B 71 9.39 8.26 8.17
N ARG B 72 9.91 9.28 8.79
CA ARG B 72 9.26 9.98 9.86
C ARG B 72 8.78 11.35 9.33
N PHE B 73 9.35 11.77 8.18
CA PHE B 73 9.03 13.07 7.60
C PHE B 73 8.17 13.02 6.32
N SER B 74 8.76 13.37 5.18
CA SER B 74 8.03 13.48 3.91
C SER B 74 8.45 12.47 2.89
N GLU B 75 9.39 11.63 3.25
CA GLU B 75 9.85 10.60 2.37
C GLU B 75 8.71 9.58 2.13
N TYR B 76 7.60 9.72 2.88
CA TYR B 76 6.47 8.78 2.83
C TYR B 76 6.21 8.24 1.44
N TRP B 77 6.49 9.03 0.43
CA TRP B 77 6.33 8.58 -0.95
C TRP B 77 7.08 7.27 -1.16
N ARG B 78 8.01 6.98 -0.25
CA ARG B 78 8.76 5.76 -0.31
C ARG B 78 7.82 4.60 -0.04
N LEU B 79 6.96 4.75 0.99
CA LEU B 79 6.00 3.72 1.33
C LEU B 79 5.18 3.37 0.12
N ILE B 80 4.99 4.37 -0.74
CA ILE B 80 4.22 4.21 -1.95
C ILE B 80 4.54 2.87 -2.65
N GLY B 81 5.82 2.62 -2.86
CA GLY B 81 6.24 1.37 -3.48
C GLY B 81 6.36 0.22 -2.48
N GLU B 82 6.28 0.55 -1.19
CA GLU B 82 6.40 -0.45 -0.12
C GLU B 82 5.11 -1.19 0.09
N LEU B 83 4.05 -0.46 0.42
CA LEU B 83 2.75 -1.07 0.64
C LEU B 83 2.39 -1.91 -0.55
N ALA B 84 2.97 -1.55 -1.70
CA ALA B 84 2.73 -2.30 -2.90
C ALA B 84 3.54 -3.58 -2.89
N LYS B 85 4.69 -3.54 -2.23
CA LYS B 85 5.56 -4.70 -2.09
C LYS B 85 4.74 -5.91 -1.74
N GLU B 86 3.63 -5.68 -1.09
CA GLU B 86 2.73 -6.76 -0.72
C GLU B 86 1.86 -7.15 -1.90
N VAL B 87 1.23 -6.14 -2.49
CA VAL B 87 0.34 -6.34 -3.63
C VAL B 87 1.08 -6.77 -4.89
N ARG B 88 2.37 -6.49 -4.94
CA ARG B 88 3.18 -6.83 -6.12
C ARG B 88 3.10 -8.31 -6.49
N LYS B 89 3.75 -9.17 -5.70
CA LYS B 89 3.76 -10.60 -5.99
C LYS B 89 2.39 -11.21 -5.75
N GLU B 90 1.69 -10.66 -4.79
CA GLU B 90 0.37 -11.13 -4.45
C GLU B 90 -0.61 -10.85 -5.59
N LYS B 91 -0.18 -10.05 -6.56
CA LYS B 91 -1.02 -9.73 -7.71
C LYS B 91 -1.39 -11.01 -8.46
N ALA B 92 -0.39 -11.83 -8.75
CA ALA B 92 -0.60 -13.08 -9.45
C ALA B 92 -1.07 -14.18 -8.52
N LEU B 93 -0.86 -14.00 -7.22
CA LEU B 93 -1.30 -14.99 -6.25
C LEU B 93 -2.78 -14.78 -5.88
N GLY B 94 -3.22 -13.53 -5.94
CA GLY B 94 -4.58 -13.19 -5.60
C GLY B 94 -5.60 -14.12 -6.24
N ILE B 95 -5.26 -14.68 -7.39
CA ILE B 95 -6.16 -15.58 -8.09
C ILE B 95 -6.41 -16.87 -7.34
N ARG B 96 -7.03 -16.76 -6.17
CA ARG B 96 -7.36 -17.94 -5.38
C ARG B 96 -8.19 -18.89 -6.23
N LYS B 97 -8.85 -18.35 -7.26
CA LYS B 97 -9.64 -19.16 -8.17
C LYS B 97 -8.77 -19.68 -9.30
N LYS B 98 -8.06 -20.78 -9.04
CA LYS B 98 -7.19 -21.38 -10.04
C LYS B 98 -7.75 -22.72 -10.51
N MET A 1 18.46 -5.00 3.06
CA MET A 1 17.88 -6.06 2.20
C MET A 1 16.84 -5.48 1.26
N ALA A 2 16.26 -6.33 0.43
CA ALA A 2 15.24 -5.91 -0.53
C ALA A 2 13.89 -6.51 -0.20
N ALA A 3 12.86 -5.90 -0.76
CA ALA A 3 11.51 -6.38 -0.57
C ALA A 3 11.18 -7.39 -1.65
N GLU A 4 11.65 -8.61 -1.47
CA GLU A 4 11.39 -9.67 -2.44
C GLU A 4 9.91 -9.98 -2.46
N THR A 5 9.47 -10.87 -1.58
CA THR A 5 8.08 -11.20 -1.51
C THR A 5 7.26 -10.08 -0.85
N LEU A 6 6.28 -10.43 -0.01
CA LEU A 6 5.43 -9.46 0.65
C LEU A 6 6.06 -9.00 1.94
N THR A 7 6.44 -7.74 1.98
CA THR A 7 7.02 -7.21 3.20
C THR A 7 5.97 -7.30 4.28
N GLU A 8 6.37 -7.12 5.54
CA GLU A 8 5.42 -7.16 6.65
C GLU A 8 4.13 -6.43 6.29
N LEU A 9 4.25 -5.47 5.38
CA LEU A 9 3.13 -4.70 4.90
C LEU A 9 2.00 -5.61 4.46
N GLU A 10 2.35 -6.84 4.09
CA GLU A 10 1.34 -7.82 3.67
C GLU A 10 0.28 -7.93 4.75
N ALA A 11 0.74 -7.88 6.00
CA ALA A 11 -0.17 -7.93 7.14
C ALA A 11 -1.16 -6.78 7.05
N ALA A 12 -0.67 -5.64 6.54
CA ALA A 12 -1.50 -4.47 6.35
C ALA A 12 -2.50 -4.73 5.24
N ILE A 13 -2.16 -5.65 4.34
CA ILE A 13 -3.04 -6.00 3.24
C ILE A 13 -4.44 -6.32 3.77
N GLU A 14 -4.46 -6.87 4.99
CA GLU A 14 -5.71 -7.24 5.65
C GLU A 14 -6.55 -6.01 5.98
N THR A 15 -5.91 -4.94 6.43
CA THR A 15 -6.65 -3.72 6.77
C THR A 15 -7.21 -3.10 5.50
N VAL A 16 -6.31 -2.79 4.58
CA VAL A 16 -6.66 -2.20 3.30
C VAL A 16 -7.66 -3.05 2.53
N VAL A 17 -7.53 -4.37 2.64
CA VAL A 17 -8.43 -5.27 1.93
C VAL A 17 -9.76 -5.41 2.67
N SER A 18 -9.68 -5.55 3.99
CA SER A 18 -10.87 -5.68 4.81
C SER A 18 -11.55 -4.34 5.06
N THR A 19 -10.92 -3.25 4.62
CA THR A 19 -11.49 -1.92 4.78
C THR A 19 -12.43 -1.51 3.63
N PHE A 20 -11.84 -0.87 2.63
CA PHE A 20 -12.55 -0.33 1.46
C PHE A 20 -12.77 -1.40 0.41
N PHE A 21 -11.76 -2.20 0.21
CA PHE A 21 -11.79 -3.26 -0.75
C PHE A 21 -12.94 -4.21 -0.46
N THR A 22 -13.45 -4.16 0.76
CA THR A 22 -14.58 -5.01 1.11
C THR A 22 -15.75 -4.80 0.16
N PHE A 23 -15.79 -3.61 -0.45
CA PHE A 23 -16.88 -3.27 -1.34
C PHE A 23 -16.93 -4.19 -2.57
N ALA A 24 -15.87 -4.98 -2.77
CA ALA A 24 -15.83 -5.95 -3.88
C ALA A 24 -17.15 -6.69 -3.97
N GLY A 25 -17.65 -7.02 -2.80
CA GLY A 25 -18.89 -7.74 -2.66
C GLY A 25 -19.96 -7.34 -3.66
N ARG A 26 -19.93 -6.10 -4.13
CA ARG A 26 -20.94 -5.63 -5.09
C ARG A 26 -20.88 -6.42 -6.39
N GLU A 27 -19.72 -7.00 -6.69
CA GLU A 27 -19.57 -7.80 -7.89
C GLU A 27 -19.98 -9.23 -7.61
N GLY A 28 -20.94 -9.73 -8.40
CA GLY A 28 -21.44 -11.10 -8.23
C GLY A 28 -20.38 -12.09 -7.84
N ARG A 29 -19.80 -12.77 -8.82
CA ARG A 29 -18.77 -13.76 -8.58
C ARG A 29 -17.74 -13.26 -7.56
N LYS A 30 -16.90 -14.16 -7.09
CA LYS A 30 -15.86 -13.79 -6.14
C LYS A 30 -14.56 -13.54 -6.88
N GLY A 31 -14.65 -12.66 -7.87
CA GLY A 31 -13.50 -12.30 -8.67
C GLY A 31 -12.91 -11.02 -8.19
N SER A 32 -13.49 -9.91 -8.55
CA SER A 32 -12.92 -8.65 -8.11
C SER A 32 -13.95 -7.63 -7.72
N LEU A 33 -13.41 -6.51 -7.30
CA LEU A 33 -14.18 -5.35 -6.90
C LEU A 33 -14.22 -4.40 -8.07
N ASN A 34 -15.22 -3.53 -8.15
CA ASN A 34 -15.27 -2.66 -9.28
C ASN A 34 -15.24 -1.18 -8.86
N ILE A 35 -16.24 -0.39 -9.25
CA ILE A 35 -16.25 1.00 -8.87
C ILE A 35 -17.65 1.48 -8.56
N ASN A 36 -18.46 0.56 -8.05
CA ASN A 36 -19.83 0.87 -7.68
C ASN A 36 -19.81 1.52 -6.32
N GLU A 37 -19.36 0.79 -5.30
CA GLU A 37 -19.27 1.38 -3.99
C GLU A 37 -18.09 2.31 -3.95
N PHE A 38 -17.14 2.15 -4.89
CA PHE A 38 -16.02 3.07 -4.95
C PHE A 38 -16.57 4.49 -4.99
N LYS A 39 -17.78 4.61 -5.55
CA LYS A 39 -18.47 5.88 -5.64
C LYS A 39 -18.79 6.44 -4.26
N GLU A 40 -18.67 5.59 -3.29
CA GLU A 40 -18.84 6.01 -1.91
C GLU A 40 -17.51 6.60 -1.42
N LEU A 41 -16.45 6.52 -2.27
CA LEU A 41 -15.13 7.01 -1.90
C LEU A 41 -15.02 8.52 -2.01
N ALA A 42 -14.55 9.05 -3.15
CA ALA A 42 -14.36 10.49 -3.32
C ALA A 42 -15.46 11.29 -2.62
N THR A 43 -16.65 10.72 -2.62
CA THR A 43 -17.79 11.33 -2.01
C THR A 43 -17.56 11.55 -0.52
N GLN A 44 -17.41 10.46 0.23
CA GLN A 44 -17.17 10.53 1.65
C GLN A 44 -15.70 10.83 1.94
N GLN A 45 -14.85 10.42 1.01
CA GLN A 45 -13.42 10.65 1.14
C GLN A 45 -13.10 12.10 0.84
N LEU A 46 -14.00 12.76 0.10
CA LEU A 46 -13.84 14.17 -0.23
C LEU A 46 -13.27 14.91 0.97
N PRO A 47 -14.03 15.05 2.07
CA PRO A 47 -13.48 15.69 3.22
C PRO A 47 -12.64 14.74 4.07
N HIS A 48 -11.34 14.71 3.77
CA HIS A 48 -10.37 13.96 4.56
C HIS A 48 -9.66 14.93 5.50
N LEU A 49 -8.53 14.52 6.03
CA LEU A 49 -7.71 15.43 6.81
C LEU A 49 -6.97 16.32 5.81
N LEU A 50 -5.85 15.80 5.29
CA LEU A 50 -5.09 16.51 4.27
C LEU A 50 -5.69 16.24 2.89
N LYS A 51 -7.00 16.49 2.75
CA LYS A 51 -7.73 16.24 1.53
C LYS A 51 -6.95 16.56 0.26
N ASP A 52 -7.35 15.88 -0.82
CA ASP A 52 -6.77 16.06 -2.14
C ASP A 52 -7.79 16.72 -3.08
N VAL A 53 -9.08 16.56 -2.74
CA VAL A 53 -10.19 17.13 -3.50
C VAL A 53 -10.48 16.33 -4.76
N GLY A 54 -11.27 15.27 -4.59
CA GLY A 54 -11.65 14.42 -5.70
C GLY A 54 -12.50 15.17 -6.73
N SER A 55 -11.84 15.71 -7.73
CA SER A 55 -12.54 16.46 -8.78
C SER A 55 -13.62 15.60 -9.42
N LEU A 56 -14.70 16.24 -9.84
CA LEU A 56 -15.83 15.55 -10.47
C LEU A 56 -15.36 14.48 -11.45
N ASP A 57 -14.92 14.92 -12.63
CA ASP A 57 -14.46 14.00 -13.66
C ASP A 57 -13.43 13.04 -13.11
N GLU A 58 -12.52 13.57 -12.29
CA GLU A 58 -11.47 12.76 -11.70
C GLU A 58 -12.09 11.55 -11.03
N LYS A 59 -13.26 11.78 -10.43
CA LYS A 59 -13.98 10.72 -9.77
C LYS A 59 -14.70 9.82 -10.76
N MET A 60 -14.99 10.34 -11.95
CA MET A 60 -15.66 9.57 -12.97
C MET A 60 -14.69 8.67 -13.73
N LYS A 61 -13.55 9.23 -14.10
CA LYS A 61 -12.52 8.50 -14.82
C LYS A 61 -11.93 7.40 -13.95
N THR A 62 -11.52 7.77 -12.75
CA THR A 62 -10.91 6.84 -11.82
C THR A 62 -11.70 5.54 -11.73
N LEU A 63 -12.99 5.59 -12.04
CA LEU A 63 -13.81 4.39 -12.00
C LEU A 63 -13.20 3.31 -12.87
N ASP A 64 -13.43 3.41 -14.18
CA ASP A 64 -12.91 2.42 -15.11
C ASP A 64 -11.42 2.20 -14.89
N VAL A 65 -10.74 3.18 -14.31
CA VAL A 65 -9.33 3.06 -14.02
C VAL A 65 -9.14 2.15 -12.81
N ASN A 66 -9.46 2.67 -11.63
CA ASN A 66 -9.36 1.92 -10.40
C ASN A 66 -10.60 1.06 -10.21
N GLN A 67 -10.93 0.25 -11.21
CA GLN A 67 -12.11 -0.58 -11.09
C GLN A 67 -11.83 -1.79 -10.21
N ASP A 68 -10.80 -2.51 -10.56
CA ASP A 68 -10.42 -3.70 -9.82
C ASP A 68 -9.47 -3.38 -8.68
N SER A 69 -9.48 -2.10 -8.24
CA SER A 69 -8.60 -1.62 -7.16
C SER A 69 -8.53 -2.68 -6.09
N GLU A 70 -9.64 -3.35 -5.93
CA GLU A 70 -9.76 -4.45 -5.01
C GLU A 70 -9.90 -5.69 -5.85
N LEU A 71 -9.44 -6.79 -5.32
CA LEU A 71 -9.55 -8.00 -6.05
C LEU A 71 -9.77 -9.24 -5.18
N ARG A 72 -10.45 -10.21 -5.74
CA ARG A 72 -10.67 -11.48 -5.09
C ARG A 72 -9.93 -12.55 -5.90
N PHE A 73 -9.86 -12.34 -7.23
CA PHE A 73 -9.13 -13.23 -8.14
C PHE A 73 -7.68 -12.74 -8.45
N SER A 74 -7.36 -12.14 -9.61
CA SER A 74 -5.95 -11.77 -9.89
C SER A 74 -5.69 -10.28 -10.00
N GLU A 75 -6.73 -9.51 -10.10
CA GLU A 75 -6.60 -8.06 -10.20
C GLU A 75 -6.04 -7.36 -8.93
N TYR A 76 -5.40 -8.10 -8.01
CA TYR A 76 -4.88 -7.53 -6.79
C TYR A 76 -3.81 -6.52 -7.08
N TRP A 77 -3.17 -6.69 -8.22
CA TRP A 77 -2.17 -5.75 -8.64
C TRP A 77 -2.80 -4.36 -8.76
N ARG A 78 -4.15 -4.31 -8.74
CA ARG A 78 -4.84 -3.04 -8.84
C ARG A 78 -4.71 -2.31 -7.53
N LEU A 79 -4.65 -3.08 -6.44
CA LEU A 79 -4.46 -2.50 -5.12
C LEU A 79 -3.04 -1.95 -5.01
N ILE A 80 -2.18 -2.35 -5.95
CA ILE A 80 -0.79 -1.93 -5.91
C ILE A 80 -0.67 -0.42 -5.74
N GLY A 81 -1.27 0.35 -6.64
CA GLY A 81 -1.23 1.79 -6.52
C GLY A 81 -2.30 2.30 -5.56
N GLU A 82 -3.05 1.38 -4.96
CA GLU A 82 -4.14 1.75 -4.05
C GLU A 82 -3.63 2.06 -2.66
N LEU A 83 -2.92 1.11 -2.07
CA LEU A 83 -2.36 1.31 -0.74
C LEU A 83 -1.48 2.56 -0.76
N ALA A 84 -1.18 3.06 -1.95
CA ALA A 84 -0.42 4.29 -2.06
C ALA A 84 -1.34 5.49 -1.88
N LYS A 85 -2.59 5.40 -2.39
CA LYS A 85 -3.56 6.50 -2.27
C LYS A 85 -3.51 7.10 -0.87
N GLU A 86 -3.24 6.24 0.08
CA GLU A 86 -3.11 6.65 1.47
C GLU A 86 -1.73 7.25 1.74
N VAL A 87 -0.71 6.61 1.20
CA VAL A 87 0.67 7.05 1.40
C VAL A 87 1.06 8.20 0.47
N ARG A 88 0.19 8.56 -0.45
CA ARG A 88 0.50 9.64 -1.39
C ARG A 88 0.45 11.01 -0.72
N LYS A 89 -0.67 11.31 -0.09
CA LYS A 89 -0.83 12.59 0.58
C LYS A 89 -0.19 12.54 1.96
N GLU A 90 -0.14 11.34 2.51
CA GLU A 90 0.49 11.12 3.79
C GLU A 90 1.98 11.43 3.72
N LYS A 91 2.51 11.55 2.50
CA LYS A 91 3.91 11.86 2.32
C LYS A 91 4.24 13.22 2.92
N ALA A 92 3.39 14.19 2.62
CA ALA A 92 3.56 15.56 3.13
C ALA A 92 3.03 15.72 4.55
N LEU A 93 2.11 14.86 4.97
CA LEU A 93 1.59 14.93 6.33
C LEU A 93 2.52 14.24 7.31
N GLY A 94 3.27 13.26 6.82
CA GLY A 94 4.20 12.56 7.68
C GLY A 94 5.04 13.52 8.47
N ILE A 95 5.37 14.65 7.86
CA ILE A 95 6.21 15.65 8.50
C ILE A 95 5.45 16.37 9.60
N ARG A 96 4.96 15.59 10.55
CA ARG A 96 4.24 16.16 11.66
C ARG A 96 5.19 17.06 12.44
N LYS A 97 6.50 16.81 12.30
CA LYS A 97 7.51 17.64 12.94
C LYS A 97 7.81 18.81 12.00
N LYS A 98 6.96 19.82 12.06
CA LYS A 98 7.11 21.00 11.21
C LYS A 98 7.67 22.18 12.00
N MET B 1 -16.36 6.62 -7.86
CA MET B 1 -15.59 7.83 -7.46
C MET B 1 -14.10 7.59 -7.60
N ALA B 2 -13.32 8.62 -7.25
CA ALA B 2 -11.88 8.53 -7.30
C ALA B 2 -11.26 8.56 -5.92
N ALA B 3 -10.02 8.09 -5.85
CA ALA B 3 -9.29 8.09 -4.60
C ALA B 3 -8.55 9.41 -4.46
N GLU B 4 -9.29 10.44 -4.07
CA GLU B 4 -8.70 11.76 -3.90
C GLU B 4 -7.70 11.71 -2.76
N THR B 5 -8.16 11.93 -1.54
CA THR B 5 -7.27 11.88 -0.39
C THR B 5 -6.89 10.42 -0.07
N LEU B 6 -6.81 10.08 1.22
CA LEU B 6 -6.44 8.73 1.63
C LEU B 6 -7.64 7.82 1.64
N THR B 7 -7.63 6.81 0.81
CA THR B 7 -8.75 5.88 0.81
C THR B 7 -8.72 5.14 2.13
N GLU B 8 -9.80 4.41 2.45
CA GLU B 8 -9.85 3.67 3.72
C GLU B 8 -8.51 2.99 4.00
N LEU B 9 -7.82 2.67 2.93
CA LEU B 9 -6.50 2.04 3.01
C LEU B 9 -5.60 2.77 3.99
N GLU B 10 -5.88 4.06 4.21
CA GLU B 10 -5.10 4.85 5.15
C GLU B 10 -5.10 4.16 6.50
N ALA B 11 -6.23 3.57 6.86
CA ALA B 11 -6.35 2.83 8.09
C ALA B 11 -5.32 1.71 8.10
N ALA B 12 -5.08 1.16 6.92
CA ALA B 12 -4.11 0.09 6.76
C ALA B 12 -2.71 0.65 6.94
N ILE B 13 -2.55 1.96 6.69
CA ILE B 13 -1.27 2.62 6.85
C ILE B 13 -0.69 2.30 8.24
N GLU B 14 -1.60 2.12 9.19
CA GLU B 14 -1.23 1.81 10.57
C GLU B 14 -0.57 0.44 10.69
N THR B 15 -1.08 -0.55 9.96
CA THR B 15 -0.50 -1.87 10.01
C THR B 15 0.88 -1.87 9.38
N VAL B 16 0.91 -1.44 8.13
CA VAL B 16 2.14 -1.36 7.35
C VAL B 16 3.17 -0.45 8.03
N VAL B 17 2.71 0.61 8.67
CA VAL B 17 3.62 1.52 9.34
C VAL B 17 4.04 0.95 10.69
N SER B 18 3.09 0.39 11.41
CA SER B 18 3.37 -0.20 12.71
C SER B 18 3.97 -1.60 12.58
N THR B 19 4.01 -2.13 11.36
CA THR B 19 4.60 -3.44 11.14
C THR B 19 6.11 -3.39 10.89
N PHE B 20 6.50 -3.30 9.62
CA PHE B 20 7.90 -3.29 9.21
C PHE B 20 8.53 -1.92 9.38
N PHE B 21 7.79 -0.91 9.00
CA PHE B 21 8.27 0.45 9.08
C PHE B 21 8.68 0.83 10.49
N THR B 22 8.24 0.07 11.47
CA THR B 22 8.62 0.34 12.85
C THR B 22 10.13 0.39 13.01
N PHE B 23 10.82 -0.27 12.08
CA PHE B 23 12.27 -0.33 12.11
C PHE B 23 12.91 1.05 11.97
N ALA B 24 12.11 2.04 11.56
CA ALA B 24 12.60 3.42 11.42
C ALA B 24 13.49 3.83 12.60
N GLY B 25 13.00 3.54 13.79
CA GLY B 25 13.70 3.86 15.02
C GLY B 25 15.21 3.71 14.94
N ARG B 26 15.72 2.82 14.07
CA ARG B 26 17.17 2.66 13.96
C ARG B 26 17.83 3.98 13.64
N GLU B 27 17.09 4.83 12.94
CA GLU B 27 17.58 6.15 12.60
C GLU B 27 17.34 7.13 13.76
N GLY B 28 18.43 7.74 14.23
CA GLY B 28 18.37 8.68 15.35
C GLY B 28 17.12 9.52 15.38
N ARG B 29 17.20 10.73 14.82
CA ARG B 29 16.08 11.66 14.79
C ARG B 29 14.79 10.93 14.41
N LYS B 30 13.67 11.60 14.59
CA LYS B 30 12.37 11.03 14.24
C LYS B 30 12.00 11.51 12.85
N GLY B 31 12.91 11.29 11.91
CA GLY B 31 12.69 11.68 10.53
C GLY B 31 12.23 10.51 9.73
N SER B 32 13.13 9.64 9.36
CA SER B 32 12.72 8.50 8.56
C SER B 32 13.44 7.23 8.94
N LEU B 33 13.02 6.20 8.24
CA LEU B 33 13.57 4.86 8.38
C LEU B 33 14.59 4.67 7.30
N ASN B 34 15.56 3.78 7.47
CA ASN B 34 16.54 3.62 6.43
C ASN B 34 16.53 2.22 5.86
N ILE B 35 17.66 1.55 5.87
CA ILE B 35 17.73 0.19 5.37
C ILE B 35 18.62 -0.68 6.21
N ASN B 36 18.68 -0.35 7.49
CA ASN B 36 19.47 -1.12 8.44
C ASN B 36 18.67 -2.34 8.84
N GLU B 37 17.56 -2.14 9.54
CA GLU B 37 16.75 -3.31 9.87
C GLU B 37 16.09 -3.85 8.62
N PHE B 38 15.97 -3.02 7.57
CA PHE B 38 15.40 -3.48 6.32
C PHE B 38 16.14 -4.76 5.93
N LYS B 39 17.42 -4.81 6.31
CA LYS B 39 18.26 -5.96 6.03
C LYS B 39 17.68 -7.23 6.67
N GLU B 40 16.81 -7.03 7.63
CA GLU B 40 16.13 -8.14 8.25
C GLU B 40 14.96 -8.59 7.36
N LEU B 41 14.75 -7.89 6.24
CA LEU B 41 13.65 -8.20 5.35
C LEU B 41 13.95 -9.36 4.45
N ALA B 42 14.52 -9.09 3.27
CA ALA B 42 14.78 -10.14 2.30
C ALA B 42 15.27 -11.41 2.97
N THR B 43 16.02 -11.20 4.01
CA THR B 43 16.58 -12.26 4.81
C THR B 43 15.49 -13.18 5.35
N GLN B 44 14.62 -12.61 6.17
CA GLN B 44 13.51 -13.35 6.77
C GLN B 44 12.34 -13.44 5.79
N GLN B 45 12.17 -12.41 4.98
CA GLN B 45 11.14 -12.36 3.98
C GLN B 45 11.45 -13.34 2.88
N LEU B 46 12.75 -13.69 2.74
CA LEU B 46 13.18 -14.65 1.72
C LEU B 46 12.15 -15.77 1.64
N PRO B 47 12.04 -16.63 2.67
CA PRO B 47 11.02 -17.66 2.61
C PRO B 47 9.67 -17.17 3.05
N HIS B 48 8.92 -16.73 2.07
CA HIS B 48 7.56 -16.30 2.22
C HIS B 48 6.62 -17.40 1.75
N LEU B 49 5.39 -17.03 1.42
CA LEU B 49 4.47 -17.97 0.84
C LEU B 49 4.79 -18.03 -0.66
N LEU B 50 4.23 -17.09 -1.41
CA LEU B 50 4.50 -16.97 -2.85
C LEU B 50 5.77 -16.15 -3.06
N LYS B 51 6.85 -16.54 -2.38
CA LYS B 51 8.11 -15.82 -2.45
C LYS B 51 8.46 -15.29 -3.83
N ASP B 52 9.35 -14.31 -3.81
CA ASP B 52 9.85 -13.66 -5.02
C ASP B 52 11.34 -13.97 -5.20
N VAL B 53 12.00 -14.29 -4.10
CA VAL B 53 13.42 -14.65 -4.07
C VAL B 53 14.31 -13.42 -4.10
N GLY B 54 14.41 -12.77 -2.96
CA GLY B 54 15.26 -11.59 -2.83
C GLY B 54 16.70 -11.87 -3.20
N SER B 55 17.03 -11.63 -4.47
CA SER B 55 18.38 -11.86 -4.96
C SER B 55 19.40 -11.05 -4.16
N LEU B 56 20.62 -11.58 -4.05
CA LEU B 56 21.68 -10.93 -3.30
C LEU B 56 21.78 -9.45 -3.60
N ASP B 57 22.34 -9.11 -4.76
CA ASP B 57 22.49 -7.72 -5.16
C ASP B 57 21.19 -6.97 -5.05
N GLU B 58 20.14 -7.64 -5.43
CA GLU B 58 18.80 -7.07 -5.40
C GLU B 58 18.53 -6.56 -4.00
N LYS B 59 19.05 -7.29 -3.03
CA LYS B 59 18.88 -6.92 -1.64
C LYS B 59 19.84 -5.82 -1.24
N MET B 60 20.94 -5.68 -1.97
CA MET B 60 21.93 -4.65 -1.67
C MET B 60 21.53 -3.31 -2.27
N LYS B 61 21.07 -3.32 -3.51
CA LYS B 61 20.65 -2.10 -4.19
C LYS B 61 19.39 -1.53 -3.57
N THR B 62 18.41 -2.39 -3.36
CA THR B 62 17.14 -1.97 -2.78
C THR B 62 17.33 -1.12 -1.54
N LEU B 63 18.47 -1.28 -0.88
CA LEU B 63 18.77 -0.49 0.31
C LEU B 63 18.69 1.00 -0.02
N ASP B 64 19.75 1.51 -0.63
CA ASP B 64 19.81 2.93 -1.01
C ASP B 64 18.54 3.35 -1.73
N VAL B 65 17.88 2.39 -2.36
CA VAL B 65 16.64 2.67 -3.07
C VAL B 65 15.50 2.84 -2.08
N ASN B 66 15.08 1.73 -1.49
CA ASN B 66 14.02 1.75 -0.48
C ASN B 66 14.57 2.10 0.88
N GLN B 67 15.34 3.17 0.97
CA GLN B 67 15.93 3.55 2.23
C GLN B 67 14.89 4.15 3.16
N ASP B 68 14.21 5.17 2.67
CA ASP B 68 13.20 5.84 3.45
C ASP B 68 11.85 5.19 3.27
N SER B 69 11.84 3.91 2.81
CA SER B 69 10.59 3.16 2.59
C SER B 69 9.59 3.49 3.68
N GLU B 70 10.14 3.73 4.86
CA GLU B 70 9.35 4.13 5.99
C GLU B 70 9.73 5.56 6.28
N LEU B 71 8.80 6.30 6.82
CA LEU B 71 9.09 7.65 7.12
C LEU B 71 8.39 8.17 8.38
N ARG B 72 9.03 9.11 9.04
CA ARG B 72 8.48 9.78 10.18
C ARG B 72 8.23 11.25 9.80
N PHE B 73 9.09 11.76 8.91
CA PHE B 73 8.99 13.13 8.39
C PHE B 73 8.27 13.22 7.00
N SER B 74 8.97 13.29 5.87
CA SER B 74 8.26 13.50 4.58
C SER B 74 8.43 12.38 3.57
N GLU B 75 9.43 11.57 3.77
CA GLU B 75 9.72 10.44 2.89
C GLU B 75 8.65 9.34 2.88
N TYR B 76 7.42 9.65 3.33
CA TYR B 76 6.37 8.65 3.40
C TYR B 76 6.02 8.17 2.02
N TRP B 77 6.21 9.04 1.05
CA TRP B 77 5.97 8.69 -0.34
C TRP B 77 6.81 7.45 -0.67
N ARG B 78 7.85 7.21 0.15
CA ARG B 78 8.69 6.05 -0.04
C ARG B 78 7.88 4.79 0.23
N LEU B 79 6.85 4.89 1.08
CA LEU B 79 6.00 3.74 1.37
C LEU B 79 5.02 3.54 0.22
N ILE B 80 4.89 4.56 -0.62
CA ILE B 80 3.98 4.50 -1.75
C ILE B 80 4.13 3.17 -2.51
N GLY B 81 5.35 2.86 -2.94
CA GLY B 81 5.59 1.60 -3.63
C GLY B 81 5.83 0.44 -2.68
N GLU B 82 5.81 0.72 -1.37
CA GLU B 82 6.06 -0.31 -0.36
C GLU B 82 4.84 -1.14 -0.10
N LEU B 83 3.73 -0.48 0.23
CA LEU B 83 2.50 -1.19 0.47
C LEU B 83 2.14 -2.03 -0.74
N ALA B 84 2.82 -1.75 -1.86
CA ALA B 84 2.62 -2.54 -3.04
C ALA B 84 3.42 -3.84 -2.97
N LYS B 85 4.62 -3.80 -2.37
CA LYS B 85 5.46 -5.00 -2.23
C LYS B 85 4.63 -6.20 -1.82
N GLU B 86 3.59 -5.91 -1.07
CA GLU B 86 2.67 -6.95 -0.62
C GLU B 86 1.65 -7.25 -1.70
N VAL B 87 1.14 -6.20 -2.33
CA VAL B 87 0.13 -6.34 -3.37
C VAL B 87 0.70 -6.72 -4.74
N ARG B 88 2.02 -6.77 -4.85
CA ARG B 88 2.66 -7.11 -6.12
C ARG B 88 2.56 -8.59 -6.45
N LYS B 89 2.99 -9.43 -5.51
CA LYS B 89 2.95 -10.88 -5.72
C LYS B 89 1.58 -11.40 -5.43
N GLU B 90 0.95 -10.77 -4.47
CA GLU B 90 -0.38 -11.12 -4.06
C GLU B 90 -1.35 -10.99 -5.24
N LYS B 91 -0.91 -10.29 -6.28
CA LYS B 91 -1.73 -10.14 -7.48
C LYS B 91 -2.04 -11.51 -8.06
N ALA B 92 -1.01 -12.33 -8.17
CA ALA B 92 -1.16 -13.69 -8.71
C ALA B 92 -1.68 -14.67 -7.67
N LEU B 93 -1.46 -14.38 -6.39
CA LEU B 93 -1.96 -15.27 -5.34
C LEU B 93 -3.43 -15.01 -5.08
N GLY B 94 -3.86 -13.78 -5.33
CA GLY B 94 -5.25 -13.41 -5.13
C GLY B 94 -6.20 -14.45 -5.69
N ILE B 95 -5.84 -14.98 -6.85
CA ILE B 95 -6.65 -15.97 -7.52
C ILE B 95 -6.68 -17.29 -6.78
N ARG B 96 -7.15 -17.24 -5.55
CA ARG B 96 -7.26 -18.44 -4.77
C ARG B 96 -8.25 -19.38 -5.45
N LYS B 97 -9.10 -18.80 -6.32
CA LYS B 97 -10.05 -19.60 -7.07
C LYS B 97 -9.40 -20.01 -8.39
N LYS B 98 -8.60 -21.07 -8.32
CA LYS B 98 -7.90 -21.57 -9.50
C LYS B 98 -8.56 -22.83 -10.03
N MET A 1 18.02 -5.10 4.05
CA MET A 1 17.64 -6.27 3.23
C MET A 1 16.71 -5.87 2.09
N ALA A 2 16.38 -6.83 1.24
CA ALA A 2 15.50 -6.56 0.12
C ALA A 2 14.16 -7.25 0.25
N ALA A 3 13.09 -6.47 0.19
CA ALA A 3 11.76 -7.03 0.24
C ALA A 3 11.52 -7.78 -1.06
N GLU A 4 11.70 -9.10 -1.02
CA GLU A 4 11.52 -9.90 -2.22
C GLU A 4 10.08 -9.92 -2.66
N THR A 5 9.26 -10.68 -1.97
CA THR A 5 7.84 -10.77 -2.32
C THR A 5 6.95 -10.10 -1.27
N LEU A 6 6.25 -10.88 -0.45
CA LEU A 6 5.34 -10.32 0.53
C LEU A 6 6.06 -9.94 1.80
N THR A 7 6.44 -8.68 1.91
CA THR A 7 7.11 -8.18 3.09
C THR A 7 6.12 -8.00 4.22
N GLU A 8 6.60 -7.58 5.36
CA GLU A 8 5.73 -7.36 6.51
C GLU A 8 4.51 -6.53 6.11
N LEU A 9 4.67 -5.73 5.07
CA LEU A 9 3.62 -4.85 4.60
C LEU A 9 2.41 -5.60 4.02
N GLU A 10 2.61 -6.80 3.49
CA GLU A 10 1.49 -7.58 2.95
C GLU A 10 0.42 -7.72 4.03
N ALA A 11 0.87 -7.74 5.28
CA ALA A 11 -0.04 -7.82 6.40
C ALA A 11 -0.93 -6.58 6.40
N ALA A 12 -0.34 -5.48 5.96
CA ALA A 12 -1.07 -4.23 5.87
C ALA A 12 -2.09 -4.31 4.75
N ILE A 13 -1.72 -5.01 3.67
CA ILE A 13 -2.63 -5.19 2.55
C ILE A 13 -3.96 -5.78 3.08
N GLU A 14 -3.90 -6.44 4.24
CA GLU A 14 -5.07 -7.04 4.86
C GLU A 14 -6.05 -5.96 5.31
N THR A 15 -5.52 -4.85 5.83
CA THR A 15 -6.38 -3.76 6.29
C THR A 15 -7.10 -3.15 5.09
N VAL A 16 -6.31 -2.66 4.16
CA VAL A 16 -6.82 -2.04 2.95
C VAL A 16 -7.81 -2.96 2.24
N VAL A 17 -7.46 -4.22 2.09
CA VAL A 17 -8.31 -5.18 1.41
C VAL A 17 -9.54 -5.53 2.23
N SER A 18 -9.34 -5.72 3.53
CA SER A 18 -10.43 -6.08 4.42
C SER A 18 -11.26 -4.86 4.83
N THR A 19 -10.78 -3.67 4.51
CA THR A 19 -11.51 -2.45 4.82
C THR A 19 -12.49 -2.04 3.71
N PHE A 20 -11.96 -1.31 2.73
CA PHE A 20 -12.72 -0.77 1.61
C PHE A 20 -12.93 -1.78 0.50
N PHE A 21 -11.86 -2.47 0.14
CA PHE A 21 -11.94 -3.42 -0.93
C PHE A 21 -12.99 -4.47 -0.64
N THR A 22 -13.39 -4.58 0.62
CA THR A 22 -14.41 -5.55 0.98
C THR A 22 -15.64 -5.43 0.07
N PHE A 23 -15.83 -4.25 -0.51
CA PHE A 23 -16.98 -4.02 -1.36
C PHE A 23 -16.96 -4.90 -2.63
N ALA A 24 -15.86 -5.62 -2.84
CA ALA A 24 -15.77 -6.55 -3.96
C ALA A 24 -17.00 -7.44 -3.97
N GLY A 25 -17.40 -7.79 -2.77
CA GLY A 25 -18.57 -8.60 -2.56
C GLY A 25 -19.78 -8.00 -3.24
N ARG A 26 -19.72 -6.69 -3.49
CA ARG A 26 -20.80 -5.97 -4.17
C ARG A 26 -21.38 -6.81 -5.29
N GLU A 27 -20.52 -7.20 -6.22
CA GLU A 27 -20.93 -8.04 -7.33
C GLU A 27 -19.77 -8.90 -7.75
N GLY A 28 -19.63 -10.04 -7.08
CA GLY A 28 -18.56 -10.94 -7.40
C GLY A 28 -18.83 -12.37 -7.00
N ARG A 29 -17.86 -13.21 -7.27
CA ARG A 29 -17.90 -14.61 -6.93
C ARG A 29 -16.46 -15.05 -6.73
N LYS A 30 -15.76 -15.07 -7.85
CA LYS A 30 -14.35 -15.40 -7.89
C LYS A 30 -13.67 -14.50 -8.91
N GLY A 31 -14.19 -13.27 -9.01
CA GLY A 31 -13.64 -12.32 -9.98
C GLY A 31 -13.16 -11.04 -9.35
N SER A 32 -13.94 -9.96 -9.43
CA SER A 32 -13.46 -8.72 -8.87
C SER A 32 -14.49 -7.79 -8.24
N LEU A 33 -13.92 -6.71 -7.72
CA LEU A 33 -14.62 -5.59 -7.14
C LEU A 33 -14.74 -4.56 -8.22
N ASN A 34 -15.73 -3.70 -8.16
CA ASN A 34 -15.88 -2.73 -9.22
C ASN A 34 -15.77 -1.31 -8.69
N ILE A 35 -16.78 -0.48 -8.96
CA ILE A 35 -16.76 0.87 -8.46
C ILE A 35 -18.15 1.34 -8.05
N ASN A 36 -18.96 0.40 -7.59
CA ASN A 36 -20.29 0.72 -7.13
C ASN A 36 -20.21 1.26 -5.72
N GLU A 37 -19.72 0.43 -4.82
CA GLU A 37 -19.56 0.87 -3.46
C GLU A 37 -18.38 1.80 -3.37
N PHE A 38 -17.44 1.70 -4.33
CA PHE A 38 -16.34 2.63 -4.38
C PHE A 38 -16.94 4.03 -4.30
N LYS A 39 -18.15 4.15 -4.85
CA LYS A 39 -18.90 5.40 -4.86
C LYS A 39 -19.21 5.89 -3.46
N GLU A 40 -19.08 4.98 -2.54
CA GLU A 40 -19.28 5.29 -1.14
C GLU A 40 -17.98 5.90 -0.58
N LEU A 41 -16.93 5.93 -1.43
CA LEU A 41 -15.64 6.46 -1.04
C LEU A 41 -15.64 7.98 -1.01
N ALA A 42 -15.24 8.63 -2.14
CA ALA A 42 -15.18 10.09 -2.20
C ALA A 42 -16.32 10.73 -1.46
N THR A 43 -17.45 10.06 -1.49
CA THR A 43 -18.65 10.50 -0.84
C THR A 43 -18.43 10.63 0.66
N GLN A 44 -18.05 9.53 1.29
CA GLN A 44 -17.80 9.50 2.71
C GLN A 44 -16.41 10.03 3.04
N GLN A 45 -15.44 9.72 2.19
CA GLN A 45 -14.08 10.18 2.41
C GLN A 45 -13.90 11.62 1.94
N LEU A 46 -14.96 12.17 1.31
CA LEU A 46 -14.96 13.54 0.79
C LEU A 46 -14.18 14.44 1.73
N PRO A 47 -14.65 14.60 2.97
CA PRO A 47 -13.91 15.39 3.93
C PRO A 47 -12.94 14.51 4.72
N HIS A 48 -11.72 14.42 4.26
CA HIS A 48 -10.67 13.70 4.96
C HIS A 48 -9.83 14.69 5.75
N LEU A 49 -8.60 14.31 6.06
CA LEU A 49 -7.70 15.23 6.73
C LEU A 49 -7.13 16.16 5.66
N LEU A 50 -6.06 15.75 5.00
CA LEU A 50 -5.48 16.52 3.90
C LEU A 50 -6.21 16.17 2.60
N LYS A 51 -7.54 16.18 2.64
CA LYS A 51 -8.35 15.83 1.49
C LYS A 51 -8.47 16.97 0.49
N ASP A 52 -9.05 16.65 -0.65
CA ASP A 52 -9.26 17.61 -1.72
C ASP A 52 -10.74 17.69 -2.11
N VAL A 53 -11.61 17.08 -1.31
CA VAL A 53 -13.03 17.09 -1.58
C VAL A 53 -13.31 16.61 -3.01
N GLY A 54 -13.29 15.30 -3.18
CA GLY A 54 -13.54 14.71 -4.48
C GLY A 54 -14.70 15.31 -5.22
N SER A 55 -14.42 15.82 -6.41
CA SER A 55 -15.46 16.39 -7.25
C SER A 55 -16.17 15.25 -7.98
N LEU A 56 -17.50 15.30 -8.02
CA LEU A 56 -18.28 14.26 -8.67
C LEU A 56 -17.64 13.78 -9.96
N ASP A 57 -17.15 14.71 -10.77
CA ASP A 57 -16.51 14.35 -12.03
C ASP A 57 -15.35 13.41 -11.81
N GLU A 58 -14.40 13.83 -10.98
CA GLU A 58 -13.25 13.00 -10.68
C GLU A 58 -13.74 11.67 -10.17
N LYS A 59 -14.77 11.75 -9.33
CA LYS A 59 -15.39 10.58 -8.76
C LYS A 59 -16.08 9.76 -9.83
N MET A 60 -16.45 10.42 -10.93
CA MET A 60 -17.11 9.77 -12.05
C MET A 60 -16.13 9.00 -12.93
N LYS A 61 -14.94 9.56 -13.09
CA LYS A 61 -13.91 8.94 -13.93
C LYS A 61 -13.20 7.83 -13.18
N THR A 62 -12.70 8.16 -12.00
CA THR A 62 -11.96 7.21 -11.19
C THR A 62 -12.69 5.88 -11.08
N LEU A 63 -14.01 5.93 -11.25
CA LEU A 63 -14.82 4.72 -11.21
C LEU A 63 -14.23 3.68 -12.15
N ASP A 64 -14.60 3.72 -13.42
CA ASP A 64 -14.09 2.75 -14.37
C ASP A 64 -12.56 2.69 -14.31
N VAL A 65 -11.91 3.78 -13.90
CA VAL A 65 -10.47 3.78 -13.78
C VAL A 65 -10.04 2.61 -12.91
N ASN A 66 -10.08 2.80 -11.60
CA ASN A 66 -9.73 1.73 -10.67
C ASN A 66 -10.94 0.83 -10.44
N GLN A 67 -11.51 0.31 -11.50
CA GLN A 67 -12.69 -0.51 -11.39
C GLN A 67 -12.38 -1.74 -10.56
N ASP A 68 -11.36 -2.44 -10.96
CA ASP A 68 -10.92 -3.64 -10.28
C ASP A 68 -9.93 -3.32 -9.18
N SER A 69 -9.95 -2.08 -8.65
CA SER A 69 -9.04 -1.68 -7.57
C SER A 69 -8.92 -2.82 -6.58
N GLU A 70 -10.03 -3.52 -6.46
CA GLU A 70 -10.12 -4.70 -5.64
C GLU A 70 -10.60 -5.84 -6.50
N LEU A 71 -10.21 -7.01 -6.15
CA LEU A 71 -10.63 -8.16 -6.87
C LEU A 71 -10.67 -9.41 -6.03
N ARG A 72 -11.29 -10.41 -6.60
CA ARG A 72 -11.40 -11.72 -6.03
C ARG A 72 -10.40 -12.62 -6.74
N PHE A 73 -10.11 -12.28 -8.01
CA PHE A 73 -9.19 -13.05 -8.83
C PHE A 73 -7.77 -12.47 -8.89
N SER A 74 -7.30 -12.04 -10.07
CA SER A 74 -5.91 -11.58 -10.19
C SER A 74 -5.75 -10.11 -10.51
N GLU A 75 -6.81 -9.37 -10.44
CA GLU A 75 -6.72 -7.94 -10.70
C GLU A 75 -5.94 -7.22 -9.59
N TYR A 76 -5.58 -7.94 -8.50
CA TYR A 76 -4.90 -7.35 -7.32
C TYR A 76 -3.88 -6.29 -7.70
N TRP A 77 -3.35 -6.34 -8.88
CA TRP A 77 -2.41 -5.32 -9.32
C TRP A 77 -3.11 -3.95 -9.39
N ARG A 78 -4.45 -3.95 -9.26
CA ARG A 78 -5.23 -2.72 -9.33
C ARG A 78 -5.13 -2.01 -7.99
N LEU A 79 -4.88 -2.77 -6.94
CA LEU A 79 -4.68 -2.20 -5.62
C LEU A 79 -3.28 -1.57 -5.57
N ILE A 80 -2.42 -2.04 -6.47
CA ILE A 80 -1.04 -1.58 -6.51
C ILE A 80 -0.90 -0.07 -6.33
N GLY A 81 -1.57 0.71 -7.17
CA GLY A 81 -1.51 2.15 -7.04
C GLY A 81 -2.48 2.67 -5.99
N GLU A 82 -3.22 1.77 -5.36
CA GLU A 82 -4.21 2.17 -4.35
C GLU A 82 -3.57 2.42 -3.00
N LEU A 83 -3.12 1.34 -2.37
CA LEU A 83 -2.47 1.43 -1.06
C LEU A 83 -1.46 2.57 -1.04
N ALA A 84 -0.91 2.87 -2.20
CA ALA A 84 0.05 3.94 -2.32
C ALA A 84 -0.62 5.30 -2.37
N LYS A 85 -1.81 5.35 -2.98
CA LYS A 85 -2.55 6.60 -3.06
C LYS A 85 -2.66 7.23 -1.68
N GLU A 86 -2.55 6.40 -0.66
CA GLU A 86 -2.59 6.87 0.71
C GLU A 86 -1.23 7.42 1.09
N VAL A 87 -0.20 6.75 0.60
CA VAL A 87 1.16 7.16 0.88
C VAL A 87 1.63 8.28 -0.03
N ARG A 88 0.90 8.52 -1.11
CA ARG A 88 1.28 9.58 -2.03
C ARG A 88 1.15 10.95 -1.39
N LYS A 89 0.04 11.19 -0.69
CA LYS A 89 -0.17 12.47 -0.02
C LYS A 89 0.60 12.47 1.29
N GLU A 90 0.62 11.31 1.93
CA GLU A 90 1.29 11.16 3.19
C GLU A 90 2.77 11.50 3.05
N LYS A 91 3.28 11.46 1.82
CA LYS A 91 4.67 11.78 1.57
C LYS A 91 5.02 13.13 2.20
N ALA A 92 4.23 14.15 1.87
CA ALA A 92 4.44 15.49 2.40
C ALA A 92 3.78 15.68 3.78
N LEU A 93 2.82 14.82 4.10
CA LEU A 93 2.13 14.93 5.39
C LEU A 93 2.95 14.30 6.52
N GLY A 94 3.60 13.18 6.22
CA GLY A 94 4.41 12.51 7.23
C GLY A 94 5.29 13.47 8.01
N ILE A 95 5.83 14.44 7.29
CA ILE A 95 6.70 15.43 7.89
C ILE A 95 5.89 16.36 8.78
N ARG A 96 5.45 15.82 9.91
CA ARG A 96 4.68 16.60 10.86
C ARG A 96 5.52 17.78 11.35
N LYS A 97 6.84 17.67 11.18
CA LYS A 97 7.74 18.74 11.57
C LYS A 97 7.83 19.77 10.44
N LYS A 98 6.84 20.66 10.40
CA LYS A 98 6.79 21.69 9.37
C LYS A 98 7.01 23.08 9.97
N MET B 1 -16.72 6.09 -7.10
CA MET B 1 -16.16 7.40 -6.68
C MET B 1 -14.65 7.44 -6.89
N ALA B 2 -14.06 8.60 -6.63
CA ALA B 2 -12.62 8.75 -6.79
C ALA B 2 -11.89 8.93 -5.49
N ALA B 3 -10.91 8.08 -5.23
CA ALA B 3 -10.11 8.21 -4.04
C ALA B 3 -9.27 9.47 -4.19
N GLU B 4 -9.73 10.56 -3.62
CA GLU B 4 -9.02 11.82 -3.76
C GLU B 4 -7.67 11.77 -3.05
N THR B 5 -7.70 11.88 -1.72
CA THR B 5 -6.48 11.85 -0.94
C THR B 5 -6.37 10.56 -0.11
N LEU B 6 -6.58 10.65 1.20
CA LEU B 6 -6.45 9.49 2.06
C LEU B 6 -7.74 8.67 2.09
N THR B 7 -7.78 7.63 1.25
CA THR B 7 -8.94 6.75 1.17
C THR B 7 -8.93 5.79 2.35
N GLU B 8 -9.94 4.94 2.44
CA GLU B 8 -10.02 3.98 3.53
C GLU B 8 -8.69 3.24 3.72
N LEU B 9 -7.95 3.15 2.63
CA LEU B 9 -6.68 2.44 2.60
C LEU B 9 -5.60 3.09 3.47
N GLU B 10 -5.65 4.40 3.68
CA GLU B 10 -4.64 5.06 4.53
C GLU B 10 -4.64 4.38 5.89
N ALA B 11 -5.80 3.87 6.28
CA ALA B 11 -5.92 3.16 7.54
C ALA B 11 -5.01 1.94 7.48
N ALA B 12 -4.89 1.38 6.29
CA ALA B 12 -4.03 0.23 6.07
C ALA B 12 -2.58 0.65 6.18
N ILE B 13 -2.28 1.87 5.71
CA ILE B 13 -0.93 2.39 5.80
C ILE B 13 -0.45 2.32 7.26
N GLU B 14 -1.42 2.29 8.19
CA GLU B 14 -1.12 2.20 9.60
C GLU B 14 -0.48 0.85 9.95
N THR B 15 -0.95 -0.22 9.31
CA THR B 15 -0.40 -1.53 9.58
C THR B 15 1.04 -1.59 9.10
N VAL B 16 1.20 -1.33 7.82
CA VAL B 16 2.51 -1.33 7.18
C VAL B 16 3.48 -0.42 7.91
N VAL B 17 3.04 0.78 8.24
CA VAL B 17 3.89 1.74 8.93
C VAL B 17 4.14 1.34 10.37
N SER B 18 3.10 0.86 11.04
CA SER B 18 3.21 0.45 12.43
C SER B 18 3.81 -0.95 12.56
N THR B 19 3.91 -1.68 11.45
CA THR B 19 4.51 -3.00 11.46
C THR B 19 6.02 -2.98 11.28
N PHE B 20 6.44 -3.02 10.01
CA PHE B 20 7.86 -3.04 9.65
C PHE B 20 8.51 -1.67 9.74
N PHE B 21 7.87 -0.67 9.14
CA PHE B 21 8.44 0.66 9.13
C PHE B 21 8.79 1.14 10.53
N THR B 22 8.20 0.52 11.54
CA THR B 22 8.48 0.89 12.93
C THR B 22 9.98 1.00 13.19
N PHE B 23 10.77 0.28 12.39
CA PHE B 23 12.22 0.30 12.57
C PHE B 23 12.82 1.68 12.32
N ALA B 24 12.00 2.63 11.85
CA ALA B 24 12.46 4.00 11.65
C ALA B 24 13.17 4.50 12.89
N GLY B 25 12.60 4.14 14.03
CA GLY B 25 13.17 4.51 15.29
C GLY B 25 14.59 4.04 15.43
N ARG B 26 14.99 3.06 14.58
CA ARG B 26 16.36 2.54 14.57
C ARG B 26 17.33 3.68 14.76
N GLU B 27 17.29 4.61 13.83
CA GLU B 27 18.12 5.81 13.94
C GLU B 27 17.35 7.01 13.39
N GLY B 28 16.57 7.62 14.26
CA GLY B 28 15.79 8.78 13.85
C GLY B 28 15.41 9.69 14.98
N ARG B 29 14.71 10.75 14.61
CA ARG B 29 14.19 11.74 15.54
C ARG B 29 12.93 12.32 14.92
N LYS B 30 13.16 13.07 13.86
CA LYS B 30 12.11 13.69 13.08
C LYS B 30 12.50 13.63 11.62
N GLY B 31 13.15 12.53 11.25
CA GLY B 31 13.62 12.36 9.90
C GLY B 31 13.18 11.08 9.27
N SER B 32 14.03 10.06 9.19
CA SER B 32 13.59 8.84 8.55
C SER B 32 14.13 7.53 9.09
N LEU B 33 13.62 6.48 8.43
CA LEU B 33 13.98 5.10 8.65
C LEU B 33 15.00 4.78 7.60
N ASN B 34 15.89 3.83 7.85
CA ASN B 34 16.90 3.55 6.86
C ASN B 34 16.77 2.12 6.36
N ILE B 35 17.84 1.36 6.44
CA ILE B 35 17.80 -0.02 6.00
C ILE B 35 18.62 -0.92 6.91
N ASN B 36 18.70 -0.54 8.18
CA ASN B 36 19.43 -1.35 9.15
C ASN B 36 18.55 -2.49 9.59
N GLU B 37 17.44 -2.17 10.22
CA GLU B 37 16.52 -3.23 10.63
C GLU B 37 15.82 -3.78 9.42
N PHE B 38 15.76 -3.00 8.32
CA PHE B 38 15.19 -3.50 7.07
C PHE B 38 15.88 -4.84 6.79
N LYS B 39 17.15 -4.89 7.19
CA LYS B 39 17.97 -6.09 7.03
C LYS B 39 17.34 -7.29 7.71
N GLU B 40 16.45 -7.01 8.64
CA GLU B 40 15.74 -8.04 9.36
C GLU B 40 14.55 -8.52 8.51
N LEU B 41 14.40 -7.94 7.31
CA LEU B 41 13.32 -8.29 6.43
C LEU B 41 13.63 -9.56 5.67
N ALA B 42 14.25 -9.42 4.48
CA ALA B 42 14.56 -10.58 3.64
C ALA B 42 15.05 -11.72 4.49
N THR B 43 15.78 -11.35 5.52
CA THR B 43 16.31 -12.31 6.47
C THR B 43 15.18 -13.16 7.06
N GLN B 44 14.22 -12.49 7.69
CA GLN B 44 13.08 -13.17 8.30
C GLN B 44 12.00 -13.50 7.26
N GLN B 45 11.68 -12.53 6.41
CA GLN B 45 10.70 -12.74 5.36
C GLN B 45 11.23 -13.65 4.26
N LEU B 46 12.54 -14.01 4.36
CA LEU B 46 13.19 -14.88 3.36
C LEU B 46 12.21 -15.94 2.89
N PRO B 47 11.77 -16.85 3.78
CA PRO B 47 10.78 -17.81 3.39
C PRO B 47 9.38 -17.32 3.67
N HIS B 48 8.78 -16.75 2.67
CA HIS B 48 7.42 -16.31 2.75
C HIS B 48 6.51 -17.33 2.11
N LEU B 49 5.35 -16.89 1.63
CA LEU B 49 4.47 -17.79 0.91
C LEU B 49 4.97 -17.89 -0.52
N LEU B 50 4.55 -16.96 -1.38
CA LEU B 50 5.03 -16.91 -2.76
C LEU B 50 6.33 -16.11 -2.81
N LYS B 51 7.27 -16.43 -1.93
CA LYS B 51 8.52 -15.71 -1.84
C LYS B 51 9.51 -16.16 -2.89
N ASP B 52 10.63 -15.44 -2.94
CA ASP B 52 11.69 -15.74 -3.88
C ASP B 52 13.02 -15.93 -3.15
N VAL B 53 12.98 -16.00 -1.82
CA VAL B 53 14.20 -16.19 -1.04
C VAL B 53 15.23 -15.13 -1.39
N GLY B 54 15.03 -13.95 -0.82
CA GLY B 54 15.93 -12.84 -1.06
C GLY B 54 17.39 -13.19 -0.99
N SER B 55 18.08 -12.95 -2.09
CA SER B 55 19.50 -13.20 -2.18
C SER B 55 20.25 -12.03 -1.54
N LEU B 56 21.23 -12.33 -0.71
CA LEU B 56 22.01 -11.30 -0.02
C LEU B 56 22.31 -10.10 -0.91
N ASP B 57 22.71 -10.38 -2.15
CA ASP B 57 23.01 -9.31 -3.10
C ASP B 57 21.85 -8.35 -3.21
N GLU B 58 20.74 -8.91 -3.60
CA GLU B 58 19.51 -8.16 -3.76
C GLU B 58 19.23 -7.43 -2.47
N LYS B 59 19.42 -8.17 -1.39
CA LYS B 59 19.22 -7.64 -0.07
C LYS B 59 20.22 -6.54 0.24
N MET B 60 21.36 -6.57 -0.45
CA MET B 60 22.41 -5.56 -0.25
C MET B 60 22.12 -4.27 -1.00
N LYS B 61 21.50 -4.39 -2.17
CA LYS B 61 21.18 -3.22 -3.00
C LYS B 61 19.92 -2.56 -2.51
N THR B 62 18.87 -3.36 -2.38
CA THR B 62 17.59 -2.85 -1.94
C THR B 62 17.73 -1.97 -0.71
N LEU B 63 18.80 -2.19 0.06
CA LEU B 63 19.07 -1.38 1.23
C LEU B 63 19.06 0.10 0.84
N ASP B 64 20.19 0.58 0.36
CA ASP B 64 20.31 1.98 -0.04
C ASP B 64 19.13 2.39 -0.93
N VAL B 65 18.61 1.44 -1.70
CA VAL B 65 17.48 1.71 -2.57
C VAL B 65 16.34 2.34 -1.77
N ASN B 66 15.56 1.49 -1.11
CA ASN B 66 14.45 1.95 -0.28
C ASN B 66 14.92 2.36 1.10
N GLN B 67 16.00 3.11 1.18
CA GLN B 67 16.55 3.53 2.46
C GLN B 67 15.48 4.17 3.34
N ASP B 68 14.85 5.19 2.82
CA ASP B 68 13.83 5.92 3.51
C ASP B 68 12.47 5.29 3.28
N SER B 69 12.42 3.99 2.93
CA SER B 69 11.14 3.31 2.70
C SER B 69 10.14 3.77 3.74
N GLU B 70 10.70 4.04 4.92
CA GLU B 70 9.95 4.58 6.03
C GLU B 70 10.62 5.85 6.45
N LEU B 71 9.84 6.73 6.99
CA LEU B 71 10.37 7.95 7.48
C LEU B 71 9.55 8.54 8.60
N ARG B 72 10.16 9.52 9.22
CA ARG B 72 9.57 10.29 10.27
C ARG B 72 9.12 11.62 9.68
N PHE B 73 9.81 12.05 8.61
CA PHE B 73 9.54 13.31 7.96
C PHE B 73 8.68 13.20 6.69
N SER B 74 9.23 13.49 5.51
CA SER B 74 8.41 13.53 4.29
C SER B 74 8.79 12.49 3.25
N GLU B 75 9.74 11.67 3.56
CA GLU B 75 10.16 10.62 2.66
C GLU B 75 9.03 9.62 2.40
N TYR B 76 7.90 9.73 3.14
CA TYR B 76 6.79 8.78 3.04
C TYR B 76 6.53 8.27 1.62
N TRP B 77 6.86 9.06 0.63
CA TRP B 77 6.70 8.63 -0.77
C TRP B 77 7.54 7.38 -1.02
N ARG B 78 8.48 7.09 -0.12
CA ARG B 78 9.33 5.93 -0.24
C ARG B 78 8.53 4.67 0.06
N LEU B 79 7.42 4.82 0.80
CA LEU B 79 6.54 3.70 1.08
C LEU B 79 5.64 3.46 -0.12
N ILE B 80 5.48 4.51 -0.93
CA ILE B 80 4.64 4.47 -2.10
C ILE B 80 4.76 3.13 -2.85
N GLY B 81 5.98 2.76 -3.22
CA GLY B 81 6.20 1.51 -3.91
C GLY B 81 6.32 0.30 -2.98
N GLU B 82 6.28 0.54 -1.67
CA GLU B 82 6.41 -0.53 -0.68
C GLU B 82 5.11 -1.28 -0.49
N LEU B 83 4.12 -0.58 0.06
CA LEU B 83 2.82 -1.16 0.33
C LEU B 83 2.33 -1.89 -0.91
N ALA B 84 2.81 -1.43 -2.06
CA ALA B 84 2.41 -2.03 -3.31
C ALA B 84 3.21 -3.29 -3.60
N LYS B 85 4.47 -3.32 -3.18
CA LYS B 85 5.30 -4.49 -3.38
C LYS B 85 4.60 -5.73 -2.87
N GLU B 86 3.65 -5.53 -1.98
CA GLU B 86 2.87 -6.63 -1.47
C GLU B 86 1.76 -6.98 -2.44
N VAL B 87 1.20 -5.94 -3.04
CA VAL B 87 0.13 -6.08 -4.01
C VAL B 87 0.64 -6.46 -5.40
N ARG B 88 1.94 -6.28 -5.63
CA ARG B 88 2.52 -6.59 -6.93
C ARG B 88 2.51 -8.09 -7.18
N LYS B 89 2.90 -8.89 -6.18
CA LYS B 89 2.89 -10.34 -6.33
C LYS B 89 1.49 -10.87 -6.15
N GLU B 90 0.77 -10.23 -5.24
CA GLU B 90 -0.57 -10.63 -4.91
C GLU B 90 -1.47 -10.51 -6.13
N LYS B 91 -1.02 -9.75 -7.12
CA LYS B 91 -1.80 -9.58 -8.33
C LYS B 91 -2.15 -10.94 -8.92
N ALA B 92 -1.13 -11.78 -9.09
CA ALA B 92 -1.32 -13.13 -9.62
C ALA B 92 -1.71 -14.13 -8.53
N LEU B 93 -1.43 -13.79 -7.28
CA LEU B 93 -1.78 -14.69 -6.18
C LEU B 93 -3.24 -14.56 -5.79
N GLY B 94 -3.76 -13.33 -5.83
CA GLY B 94 -5.15 -13.09 -5.49
C GLY B 94 -6.08 -14.12 -6.12
N ILE B 95 -5.81 -14.43 -7.38
CA ILE B 95 -6.60 -15.39 -8.12
C ILE B 95 -6.42 -16.78 -7.55
N ARG B 96 -6.96 -17.00 -6.37
CA ARG B 96 -6.87 -18.30 -5.73
C ARG B 96 -7.51 -19.35 -6.63
N LYS B 97 -8.37 -18.90 -7.54
CA LYS B 97 -9.03 -19.81 -8.48
C LYS B 97 -8.13 -20.05 -9.68
N LYS B 98 -7.19 -20.97 -9.52
CA LYS B 98 -6.25 -21.32 -10.57
C LYS B 98 -6.50 -22.72 -11.10
N MET A 1 18.61 -4.94 2.19
CA MET A 1 17.58 -5.88 1.70
C MET A 1 16.68 -5.21 0.67
N ALA A 2 16.16 -6.00 -0.26
CA ALA A 2 15.27 -5.49 -1.30
C ALA A 2 13.85 -5.99 -1.11
N ALA A 3 12.91 -5.28 -1.75
CA ALA A 3 11.51 -5.64 -1.70
C ALA A 3 11.25 -6.92 -2.47
N GLU A 4 11.60 -8.05 -1.86
CA GLU A 4 11.40 -9.34 -2.50
C GLU A 4 9.90 -9.69 -2.53
N THR A 5 9.49 -10.80 -1.90
CA THR A 5 8.09 -11.17 -1.89
C THR A 5 7.25 -10.19 -1.05
N LEU A 6 6.32 -10.69 -0.21
CA LEU A 6 5.47 -9.81 0.58
C LEU A 6 6.05 -9.59 1.96
N THR A 7 6.42 -8.35 2.22
CA THR A 7 6.98 -8.00 3.50
C THR A 7 5.88 -7.88 4.54
N GLU A 8 6.29 -7.65 5.77
CA GLU A 8 5.34 -7.50 6.88
C GLU A 8 4.12 -6.68 6.47
N LEU A 9 4.32 -5.81 5.49
CA LEU A 9 3.26 -4.95 4.98
C LEU A 9 2.05 -5.74 4.52
N GLU A 10 2.27 -7.01 4.14
CA GLU A 10 1.15 -7.85 3.72
C GLU A 10 0.12 -7.90 4.84
N ALA A 11 0.62 -7.94 6.07
CA ALA A 11 -0.26 -7.94 7.24
C ALA A 11 -1.19 -6.74 7.17
N ALA A 12 -0.69 -5.67 6.58
CA ALA A 12 -1.48 -4.45 6.41
C ALA A 12 -2.50 -4.63 5.31
N ILE A 13 -2.21 -5.54 4.37
CA ILE A 13 -3.12 -5.80 3.28
C ILE A 13 -4.49 -6.18 3.84
N GLU A 14 -4.47 -6.79 5.02
CA GLU A 14 -5.68 -7.22 5.70
C GLU A 14 -6.57 -6.04 6.06
N THR A 15 -5.97 -4.94 6.52
CA THR A 15 -6.74 -3.76 6.88
C THR A 15 -7.35 -3.15 5.62
N VAL A 16 -6.48 -2.80 4.69
CA VAL A 16 -6.89 -2.21 3.43
C VAL A 16 -7.87 -3.10 2.67
N VAL A 17 -7.67 -4.42 2.75
CA VAL A 17 -8.55 -5.35 2.06
C VAL A 17 -9.85 -5.58 2.82
N SER A 18 -9.74 -5.67 4.15
CA SER A 18 -10.91 -5.91 4.99
C SER A 18 -11.71 -4.63 5.25
N THR A 19 -11.15 -3.49 4.90
CA THR A 19 -11.86 -2.23 5.09
C THR A 19 -12.78 -1.85 3.91
N PHE A 20 -12.19 -1.16 2.94
CA PHE A 20 -12.88 -0.64 1.77
C PHE A 20 -13.03 -1.69 0.68
N PHE A 21 -12.00 -2.48 0.51
CA PHE A 21 -12.00 -3.50 -0.50
C PHE A 21 -13.11 -4.50 -0.24
N THR A 22 -13.66 -4.49 0.96
CA THR A 22 -14.75 -5.40 1.26
C THR A 22 -15.94 -5.13 0.35
N PHE A 23 -15.95 -3.93 -0.27
CA PHE A 23 -17.06 -3.57 -1.13
C PHE A 23 -17.10 -4.47 -2.37
N ALA A 24 -16.03 -5.27 -2.57
CA ALA A 24 -15.98 -6.23 -3.68
C ALA A 24 -17.31 -6.93 -3.82
N GLY A 25 -17.86 -7.26 -2.66
CA GLY A 25 -19.15 -7.92 -2.58
C GLY A 25 -20.16 -7.36 -3.57
N ARG A 26 -20.01 -6.08 -3.92
CA ARG A 26 -20.89 -5.42 -4.87
C ARG A 26 -21.15 -6.32 -6.08
N GLU A 27 -20.09 -6.90 -6.62
CA GLU A 27 -20.19 -7.80 -7.75
C GLU A 27 -20.43 -9.22 -7.25
N GLY A 28 -21.53 -9.82 -7.70
CA GLY A 28 -21.88 -11.17 -7.28
C GLY A 28 -20.69 -12.11 -7.20
N ARG A 29 -20.18 -12.52 -8.37
CA ARG A 29 -19.06 -13.44 -8.43
C ARG A 29 -17.98 -13.12 -7.41
N LYS A 30 -17.13 -14.11 -7.11
CA LYS A 30 -16.05 -13.93 -6.15
C LYS A 30 -14.74 -13.65 -6.88
N GLY A 31 -14.80 -12.74 -7.83
CA GLY A 31 -13.62 -12.38 -8.59
C GLY A 31 -12.99 -11.15 -8.04
N SER A 32 -13.52 -10.00 -8.38
CA SER A 32 -12.94 -8.78 -7.88
C SER A 32 -13.98 -7.75 -7.52
N LEU A 33 -13.47 -6.66 -7.02
CA LEU A 33 -14.26 -5.51 -6.62
C LEU A 33 -14.30 -4.55 -7.78
N ASN A 34 -15.28 -3.67 -7.85
CA ASN A 34 -15.36 -2.78 -8.98
C ASN A 34 -15.27 -1.31 -8.55
N ILE A 35 -16.27 -0.51 -8.90
CA ILE A 35 -16.24 0.88 -8.50
C ILE A 35 -17.62 1.38 -8.12
N ASN A 36 -18.41 0.50 -7.55
CA ASN A 36 -19.74 0.84 -7.11
C ASN A 36 -19.63 1.52 -5.77
N GLU A 37 -19.13 0.81 -4.77
CA GLU A 37 -18.93 1.45 -3.50
C GLU A 37 -17.70 2.30 -3.56
N PHE A 38 -16.79 2.03 -4.52
CA PHE A 38 -15.64 2.88 -4.69
C PHE A 38 -16.16 4.32 -4.80
N LYS A 39 -17.40 4.42 -5.30
CA LYS A 39 -18.08 5.69 -5.44
C LYS A 39 -18.28 6.36 -4.09
N GLU A 40 -18.09 5.59 -3.05
CA GLU A 40 -18.14 6.09 -1.70
C GLU A 40 -16.76 6.66 -1.32
N LEU A 41 -15.77 6.53 -2.24
CA LEU A 41 -14.42 7.02 -2.01
C LEU A 41 -14.30 8.52 -2.23
N ALA A 42 -13.93 8.94 -3.46
CA ALA A 42 -13.76 10.34 -3.81
C ALA A 42 -14.80 11.22 -3.12
N THR A 43 -16.00 10.71 -3.03
CA THR A 43 -17.09 11.43 -2.42
C THR A 43 -16.73 11.90 -1.00
N GLN A 44 -16.47 10.95 -0.11
CA GLN A 44 -16.07 11.28 1.24
C GLN A 44 -14.60 11.63 1.28
N GLN A 45 -13.86 11.00 0.37
CA GLN A 45 -12.44 11.25 0.22
C GLN A 45 -12.23 12.72 -0.03
N LEU A 46 -13.20 13.32 -0.75
CA LEU A 46 -13.16 14.73 -1.05
C LEU A 46 -12.72 15.50 0.17
N PRO A 47 -13.58 15.67 1.19
CA PRO A 47 -13.12 16.40 2.35
C PRO A 47 -12.26 15.56 3.29
N HIS A 48 -10.97 15.64 3.02
CA HIS A 48 -9.93 15.07 3.87
C HIS A 48 -9.43 16.20 4.76
N LEU A 49 -8.50 15.95 5.65
CA LEU A 49 -7.91 17.04 6.38
C LEU A 49 -7.10 17.84 5.37
N LEU A 50 -5.92 17.32 5.00
CA LEU A 50 -5.07 17.95 3.98
C LEU A 50 -5.49 17.49 2.57
N LYS A 51 -6.79 17.57 2.30
CA LYS A 51 -7.34 17.14 1.01
C LYS A 51 -6.48 17.51 -0.19
N ASP A 52 -6.62 16.70 -1.22
CA ASP A 52 -5.93 16.90 -2.49
C ASP A 52 -6.90 17.51 -3.48
N VAL A 53 -8.16 17.07 -3.40
CA VAL A 53 -9.25 17.55 -4.25
C VAL A 53 -9.42 16.70 -5.50
N GLY A 54 -10.34 15.75 -5.41
CA GLY A 54 -10.61 14.88 -6.53
C GLY A 54 -11.49 15.54 -7.57
N SER A 55 -11.04 15.51 -8.81
CA SER A 55 -11.79 16.13 -9.90
C SER A 55 -12.96 15.23 -10.31
N LEU A 56 -14.15 15.81 -10.32
CA LEU A 56 -15.37 15.06 -10.67
C LEU A 56 -15.15 14.10 -11.83
N ASP A 57 -14.47 14.54 -12.87
CA ASP A 57 -14.21 13.67 -14.02
C ASP A 57 -13.28 12.53 -13.63
N GLU A 58 -12.18 12.88 -12.98
CA GLU A 58 -11.19 11.91 -12.53
C GLU A 58 -11.91 10.76 -11.83
N LYS A 59 -12.93 11.14 -11.10
CA LYS A 59 -13.74 10.20 -10.36
C LYS A 59 -14.48 9.27 -11.31
N MET A 60 -14.84 9.78 -12.47
CA MET A 60 -15.55 9.00 -13.46
C MET A 60 -14.59 8.13 -14.28
N LYS A 61 -13.37 8.63 -14.47
CA LYS A 61 -12.36 7.90 -15.24
C LYS A 61 -11.68 6.86 -14.38
N THR A 62 -10.98 7.31 -13.35
CA THR A 62 -10.30 6.41 -12.44
C THR A 62 -11.22 5.26 -12.07
N LEU A 63 -12.52 5.56 -12.08
CA LEU A 63 -13.55 4.58 -11.83
C LEU A 63 -13.33 3.37 -12.71
N ASP A 64 -13.17 3.63 -14.00
CA ASP A 64 -12.91 2.57 -14.97
C ASP A 64 -11.48 2.06 -14.82
N VAL A 65 -10.61 2.91 -14.28
CA VAL A 65 -9.22 2.54 -14.08
C VAL A 65 -9.07 1.53 -12.94
N ASN A 66 -9.19 2.01 -11.71
CA ASN A 66 -9.08 1.13 -10.54
C ASN A 66 -10.38 0.40 -10.24
N GLN A 67 -10.99 -0.18 -11.24
CA GLN A 67 -12.23 -0.90 -11.01
C GLN A 67 -11.97 -2.06 -10.06
N ASP A 68 -10.97 -2.83 -10.40
CA ASP A 68 -10.58 -3.98 -9.62
C ASP A 68 -9.60 -3.61 -8.52
N SER A 69 -9.62 -2.33 -8.08
CA SER A 69 -8.72 -1.83 -7.05
C SER A 69 -8.61 -2.87 -5.95
N GLU A 70 -9.73 -3.56 -5.78
CA GLU A 70 -9.80 -4.66 -4.84
C GLU A 70 -9.95 -5.90 -5.68
N LEU A 71 -9.49 -7.00 -5.16
CA LEU A 71 -9.60 -8.20 -5.89
C LEU A 71 -9.84 -9.45 -5.02
N ARG A 72 -10.56 -10.41 -5.55
CA ARG A 72 -10.77 -11.70 -4.90
C ARG A 72 -9.97 -12.74 -5.69
N PHE A 73 -9.89 -12.52 -7.02
CA PHE A 73 -9.16 -13.41 -7.92
C PHE A 73 -7.69 -12.91 -8.21
N SER A 74 -7.37 -12.29 -9.37
CA SER A 74 -5.96 -11.90 -9.64
C SER A 74 -5.72 -10.41 -9.72
N GLU A 75 -6.77 -9.66 -9.90
CA GLU A 75 -6.67 -8.20 -9.99
C GLU A 75 -6.11 -7.50 -8.71
N TYR A 76 -5.42 -8.22 -7.83
CA TYR A 76 -4.91 -7.63 -6.60
C TYR A 76 -3.86 -6.59 -6.91
N TRP A 77 -3.25 -6.73 -8.06
CA TRP A 77 -2.26 -5.75 -8.48
C TRP A 77 -2.93 -4.40 -8.61
N ARG A 78 -4.27 -4.37 -8.56
CA ARG A 78 -5.00 -3.12 -8.67
C ARG A 78 -4.92 -2.39 -7.36
N LEU A 79 -4.84 -3.15 -6.26
CA LEU A 79 -4.69 -2.54 -4.94
C LEU A 79 -3.33 -1.86 -4.89
N ILE A 80 -2.42 -2.29 -5.76
CA ILE A 80 -1.07 -1.77 -5.78
C ILE A 80 -1.03 -0.25 -5.65
N GLY A 81 -1.72 0.46 -6.53
CA GLY A 81 -1.74 1.91 -6.45
C GLY A 81 -2.74 2.41 -5.44
N GLU A 82 -3.47 1.50 -4.82
CA GLU A 82 -4.49 1.85 -3.83
C GLU A 82 -3.88 2.09 -2.46
N LEU A 83 -3.29 1.04 -1.90
CA LEU A 83 -2.64 1.13 -0.60
C LEU A 83 -1.69 2.31 -0.58
N ALA A 84 -1.27 2.75 -1.75
CA ALA A 84 -0.39 3.88 -1.87
C ALA A 84 -1.13 5.20 -1.65
N LYS A 85 -2.40 5.25 -2.04
CA LYS A 85 -3.20 6.47 -1.85
C LYS A 85 -2.93 7.06 -0.50
N GLU A 86 -3.35 6.36 0.52
CA GLU A 86 -3.16 6.77 1.88
C GLU A 86 -1.73 7.28 2.10
N VAL A 87 -0.76 6.61 1.49
CA VAL A 87 0.64 7.00 1.64
C VAL A 87 1.02 8.15 0.72
N ARG A 88 0.20 8.40 -0.28
CA ARG A 88 0.50 9.46 -1.24
C ARG A 88 0.45 10.85 -0.59
N LYS A 89 -0.75 11.30 -0.25
CA LYS A 89 -0.93 12.61 0.36
C LYS A 89 -0.29 12.65 1.74
N GLU A 90 -0.24 11.51 2.41
CA GLU A 90 0.35 11.42 3.73
C GLU A 90 1.87 11.62 3.66
N LYS A 91 2.42 11.65 2.45
CA LYS A 91 3.85 11.84 2.28
C LYS A 91 4.28 13.20 2.80
N ALA A 92 3.56 14.23 2.36
CA ALA A 92 3.84 15.60 2.76
C ALA A 92 3.26 15.93 4.12
N LEU A 93 2.24 15.19 4.54
CA LEU A 93 1.63 15.42 5.85
C LEU A 93 2.42 14.72 6.95
N GLY A 94 3.02 13.59 6.62
CA GLY A 94 3.80 12.84 7.59
C GLY A 94 4.66 13.70 8.47
N ILE A 95 5.17 14.78 7.90
CA ILE A 95 6.05 15.68 8.65
C ILE A 95 5.31 16.42 9.75
N ARG A 96 4.79 15.67 10.71
CA ARG A 96 4.09 16.29 11.82
C ARG A 96 5.04 17.26 12.53
N LYS A 97 6.34 16.98 12.39
CA LYS A 97 7.37 17.85 12.96
C LYS A 97 7.79 18.87 11.93
N LYS A 98 7.02 19.95 11.83
CA LYS A 98 7.30 21.01 10.87
C LYS A 98 8.03 22.17 11.53
N MET B 1 -15.88 7.09 -8.60
CA MET B 1 -15.03 7.86 -7.65
C MET B 1 -13.55 7.63 -7.95
N ALA B 2 -12.75 8.66 -7.72
CA ALA B 2 -11.31 8.57 -7.96
C ALA B 2 -10.51 8.57 -6.67
N ALA B 3 -9.28 8.10 -6.75
CA ALA B 3 -8.39 8.06 -5.62
C ALA B 3 -7.97 9.46 -5.21
N GLU B 4 -8.87 10.16 -4.53
CA GLU B 4 -8.61 11.52 -4.07
C GLU B 4 -7.60 11.51 -2.92
N THR B 5 -7.98 12.03 -1.74
CA THR B 5 -7.05 12.03 -0.61
C THR B 5 -6.80 10.59 -0.10
N LEU B 6 -6.79 10.38 1.23
CA LEU B 6 -6.51 9.06 1.76
C LEU B 6 -7.77 8.27 2.02
N THR B 7 -7.90 7.17 1.30
CA THR B 7 -9.06 6.31 1.43
C THR B 7 -8.93 5.44 2.65
N GLU B 8 -9.98 4.71 2.95
CA GLU B 8 -10.01 3.80 4.10
C GLU B 8 -8.68 3.08 4.27
N LEU B 9 -8.00 2.88 3.14
CA LEU B 9 -6.71 2.22 3.11
C LEU B 9 -5.71 2.86 4.08
N GLU B 10 -5.91 4.13 4.38
CA GLU B 10 -5.02 4.81 5.33
C GLU B 10 -5.05 4.06 6.65
N ALA B 11 -6.22 3.54 7.00
CA ALA B 11 -6.35 2.76 8.21
C ALA B 11 -5.38 1.60 8.17
N ALA B 12 -5.10 1.13 6.97
CA ALA B 12 -4.16 0.04 6.76
C ALA B 12 -2.74 0.54 6.93
N ILE B 13 -2.53 1.83 6.68
CA ILE B 13 -1.21 2.42 6.82
C ILE B 13 -0.68 2.15 8.23
N GLU B 14 -1.62 2.03 9.18
CA GLU B 14 -1.28 1.78 10.58
C GLU B 14 -0.62 0.41 10.75
N THR B 15 -1.10 -0.61 10.03
CA THR B 15 -0.53 -1.92 10.14
C THR B 15 0.88 -1.92 9.56
N VAL B 16 0.96 -1.52 8.30
CA VAL B 16 2.22 -1.47 7.58
C VAL B 16 3.22 -0.53 8.26
N VAL B 17 2.72 0.54 8.85
CA VAL B 17 3.59 1.49 9.53
C VAL B 17 3.97 0.99 10.91
N SER B 18 3.00 0.41 11.61
CA SER B 18 3.22 -0.10 12.95
C SER B 18 3.90 -1.47 12.95
N THR B 19 3.93 -2.12 11.80
CA THR B 19 4.59 -3.44 11.71
C THR B 19 6.09 -3.34 11.45
N PHE B 20 6.45 -3.31 10.17
CA PHE B 20 7.85 -3.28 9.75
C PHE B 20 8.47 -1.89 9.84
N PHE B 21 7.70 -0.90 9.46
CA PHE B 21 8.18 0.46 9.47
C PHE B 21 8.60 0.91 10.85
N THR B 22 8.19 0.19 11.88
CA THR B 22 8.57 0.54 13.23
C THR B 22 10.08 0.53 13.39
N PHE B 23 10.76 -0.14 12.45
CA PHE B 23 12.20 -0.24 12.48
C PHE B 23 12.84 1.15 12.32
N ALA B 24 12.04 2.14 11.92
CA ALA B 24 12.51 3.52 11.77
C ALA B 24 13.44 3.89 12.91
N GLY B 25 12.99 3.60 14.13
CA GLY B 25 13.78 3.86 15.32
C GLY B 25 15.27 3.59 15.13
N ARG B 26 15.61 2.68 14.21
CA ARG B 26 17.02 2.38 13.92
C ARG B 26 17.83 3.67 13.90
N GLU B 27 17.31 4.63 13.16
CA GLU B 27 17.92 5.95 13.08
C GLU B 27 17.43 6.82 14.24
N GLY B 28 18.38 7.32 15.03
CA GLY B 28 18.05 8.15 16.19
C GLY B 28 16.93 9.14 15.93
N ARG B 29 17.25 10.20 15.21
CA ARG B 29 16.28 11.26 14.91
C ARG B 29 14.90 10.68 14.58
N LYS B 30 13.87 11.53 14.71
CA LYS B 30 12.50 11.12 14.43
C LYS B 30 12.10 11.56 13.03
N GLY B 31 12.97 11.31 12.06
CA GLY B 31 12.69 11.68 10.69
C GLY B 31 12.16 10.51 9.94
N SER B 32 13.03 9.63 9.51
CA SER B 32 12.55 8.49 8.77
C SER B 32 13.29 7.22 9.13
N LEU B 33 12.84 6.18 8.50
CA LEU B 33 13.39 4.85 8.67
C LEU B 33 14.40 4.62 7.57
N ASN B 34 15.37 3.74 7.75
CA ASN B 34 16.35 3.57 6.72
C ASN B 34 16.31 2.17 6.12
N ILE B 35 17.42 1.47 6.14
CA ILE B 35 17.44 0.11 5.63
C ILE B 35 18.29 -0.79 6.49
N ASN B 36 18.30 -0.52 7.79
CA ASN B 36 19.05 -1.34 8.72
C ASN B 36 18.22 -2.56 9.03
N GLU B 37 17.07 -2.37 9.65
CA GLU B 37 16.23 -3.53 9.89
C GLU B 37 15.57 -3.96 8.59
N PHE B 38 15.49 -3.05 7.61
CA PHE B 38 14.95 -3.42 6.31
C PHE B 38 15.70 -4.66 5.84
N LYS B 39 16.95 -4.75 6.30
CA LYS B 39 17.82 -5.87 6.00
C LYS B 39 17.21 -7.17 6.51
N GLU B 40 16.21 -7.04 7.37
CA GLU B 40 15.47 -8.18 7.87
C GLU B 40 14.35 -8.55 6.88
N LEU B 41 14.21 -7.76 5.79
CA LEU B 41 13.16 -7.99 4.81
C LEU B 41 13.56 -9.08 3.83
N ALA B 42 14.24 -8.70 2.74
CA ALA B 42 14.65 -9.63 1.70
C ALA B 42 15.14 -10.94 2.30
N THR B 43 15.86 -10.83 3.39
CA THR B 43 16.40 -11.99 4.06
C THR B 43 15.32 -13.02 4.35
N GLN B 44 14.32 -12.64 5.12
CA GLN B 44 13.19 -13.50 5.46
C GLN B 44 12.19 -13.49 4.33
N GLN B 45 12.10 -12.34 3.68
CA GLN B 45 11.23 -12.15 2.55
C GLN B 45 11.58 -13.19 1.49
N LEU B 46 12.87 -13.53 1.44
CA LEU B 46 13.37 -14.53 0.51
C LEU B 46 12.43 -15.71 0.50
N PRO B 47 12.43 -16.58 1.53
CA PRO B 47 11.50 -17.69 1.48
C PRO B 47 10.11 -17.32 1.91
N HIS B 48 9.35 -17.00 0.89
CA HIS B 48 7.95 -16.75 0.96
C HIS B 48 7.24 -18.01 0.51
N LEU B 49 5.92 -18.01 0.46
CA LEU B 49 5.25 -19.15 -0.12
C LEU B 49 5.52 -19.09 -1.62
N LEU B 50 4.80 -18.21 -2.33
CA LEU B 50 5.00 -18.00 -3.76
C LEU B 50 6.12 -16.98 -4.01
N LYS B 51 7.25 -17.16 -3.34
CA LYS B 51 8.38 -16.24 -3.44
C LYS B 51 8.63 -15.74 -4.85
N ASP B 52 9.32 -14.60 -4.91
CA ASP B 52 9.68 -13.97 -6.18
C ASP B 52 11.17 -14.19 -6.42
N VAL B 53 11.93 -14.18 -5.32
CA VAL B 53 13.37 -14.41 -5.33
C VAL B 53 14.18 -13.12 -5.42
N GLY B 54 14.37 -12.53 -4.26
CA GLY B 54 15.16 -11.32 -4.14
C GLY B 54 16.62 -11.55 -4.50
N SER B 55 17.12 -10.77 -5.44
CA SER B 55 18.50 -10.87 -5.89
C SER B 55 19.42 -10.15 -4.91
N LEU B 56 20.44 -10.87 -4.43
CA LEU B 56 21.40 -10.33 -3.47
C LEU B 56 21.79 -8.88 -3.75
N ASP B 57 22.09 -8.57 -5.01
CA ASP B 57 22.47 -7.20 -5.34
C ASP B 57 21.32 -6.24 -5.14
N GLU B 58 20.18 -6.65 -5.66
CA GLU B 58 18.96 -5.86 -5.57
C GLU B 58 18.75 -5.43 -4.14
N LYS B 59 19.08 -6.35 -3.25
CA LYS B 59 18.97 -6.11 -1.83
C LYS B 59 19.92 -5.02 -1.39
N MET B 60 21.05 -4.92 -2.06
CA MET B 60 22.05 -3.91 -1.73
C MET B 60 21.71 -2.56 -2.36
N LYS B 61 21.07 -2.59 -3.52
CA LYS B 61 20.69 -1.37 -4.24
C LYS B 61 19.40 -0.81 -3.68
N THR B 62 18.32 -1.57 -3.83
CA THR B 62 17.02 -1.16 -3.32
C THR B 62 17.17 -0.60 -1.91
N LEU B 63 18.18 -1.12 -1.21
CA LEU B 63 18.52 -0.68 0.12
C LEU B 63 18.68 0.84 0.12
N ASP B 64 19.47 1.31 -0.83
CA ASP B 64 19.70 2.74 -0.98
C ASP B 64 18.49 3.42 -1.58
N VAL B 65 17.68 2.65 -2.29
CA VAL B 65 16.48 3.18 -2.94
C VAL B 65 15.39 3.45 -1.90
N ASN B 66 14.83 2.38 -1.35
CA ASN B 66 13.76 2.50 -0.35
C ASN B 66 14.32 2.72 1.05
N GLN B 67 15.35 3.54 1.19
CA GLN B 67 15.90 3.77 2.51
C GLN B 67 14.82 4.30 3.45
N ASP B 68 14.16 5.34 3.03
CA ASP B 68 13.11 5.96 3.81
C ASP B 68 11.77 5.28 3.57
N SER B 69 11.79 4.01 3.11
CA SER B 69 10.55 3.25 2.84
C SER B 69 9.52 3.57 3.90
N GLU B 70 10.04 3.79 5.10
CA GLU B 70 9.22 4.21 6.22
C GLU B 70 9.59 5.62 6.52
N LEU B 71 8.68 6.36 7.06
CA LEU B 71 8.97 7.71 7.36
C LEU B 71 8.28 8.23 8.64
N ARG B 72 8.94 9.15 9.32
CA ARG B 72 8.37 9.83 10.46
C ARG B 72 8.08 11.27 10.04
N PHE B 73 8.95 11.79 9.15
CA PHE B 73 8.81 13.15 8.62
C PHE B 73 8.07 13.22 7.24
N SER B 74 8.75 13.30 6.08
CA SER B 74 8.03 13.47 4.80
C SER B 74 8.24 12.35 3.80
N GLU B 75 9.28 11.58 4.00
CA GLU B 75 9.59 10.44 3.13
C GLU B 75 8.51 9.33 3.12
N TYR B 76 7.27 9.63 3.52
CA TYR B 76 6.24 8.63 3.57
C TYR B 76 5.92 8.11 2.19
N TRP B 77 6.14 8.98 1.21
CA TRP B 77 5.94 8.59 -0.19
C TRP B 77 6.80 7.37 -0.49
N ARG B 78 7.81 7.13 0.37
CA ARG B 78 8.66 5.99 0.19
C ARG B 78 7.90 4.70 0.49
N LEU B 79 6.86 4.80 1.32
CA LEU B 79 6.02 3.64 1.64
C LEU B 79 5.15 3.33 0.43
N ILE B 80 4.92 4.35 -0.40
CA ILE B 80 4.09 4.23 -1.57
C ILE B 80 4.33 2.90 -2.31
N GLY B 81 5.59 2.62 -2.64
CA GLY B 81 5.92 1.38 -3.31
C GLY B 81 6.06 0.20 -2.36
N GLU B 82 6.02 0.47 -1.06
CA GLU B 82 6.17 -0.57 -0.05
C GLU B 82 4.88 -1.32 0.16
N LEU B 83 3.85 -0.59 0.59
CA LEU B 83 2.55 -1.19 0.83
C LEU B 83 2.11 -1.95 -0.40
N ALA B 84 2.69 -1.60 -1.54
CA ALA B 84 2.38 -2.27 -2.77
C ALA B 84 3.04 -3.64 -2.86
N LYS B 85 4.23 -3.78 -2.25
CA LYS B 85 4.95 -5.06 -2.26
C LYS B 85 4.00 -6.20 -2.06
N GLU B 86 3.50 -6.24 -0.88
CA GLU B 86 2.55 -7.25 -0.46
C GLU B 86 1.48 -7.48 -1.51
N VAL B 87 1.02 -6.39 -2.12
CA VAL B 87 0.00 -6.46 -3.16
C VAL B 87 0.58 -6.85 -4.51
N ARG B 88 1.89 -6.75 -4.66
CA ARG B 88 2.53 -7.07 -5.92
C ARG B 88 2.46 -8.57 -6.25
N LYS B 89 3.18 -9.38 -5.49
CA LYS B 89 3.20 -10.83 -5.72
C LYS B 89 1.84 -11.44 -5.46
N GLU B 90 1.12 -10.85 -4.52
CA GLU B 90 -0.19 -11.33 -4.14
C GLU B 90 -1.20 -11.13 -5.27
N LYS B 91 -0.79 -10.38 -6.31
CA LYS B 91 -1.66 -10.14 -7.44
C LYS B 91 -1.99 -11.45 -8.15
N ALA B 92 -0.96 -12.22 -8.43
CA ALA B 92 -1.12 -13.51 -9.11
C ALA B 92 -1.53 -14.61 -8.14
N LEU B 93 -1.24 -14.43 -6.86
CA LEU B 93 -1.61 -15.43 -5.86
C LEU B 93 -3.06 -15.24 -5.43
N GLY B 94 -3.52 -13.99 -5.45
CA GLY B 94 -4.88 -13.68 -5.05
C GLY B 94 -5.90 -14.68 -5.54
N ILE B 95 -5.70 -15.15 -6.77
CA ILE B 95 -6.61 -16.11 -7.38
C ILE B 95 -6.63 -17.44 -6.65
N ARG B 96 -7.07 -17.43 -5.41
CA ARG B 96 -7.17 -18.67 -4.66
C ARG B 96 -8.09 -19.62 -5.41
N LYS B 97 -8.98 -19.05 -6.24
CA LYS B 97 -9.89 -19.83 -7.05
C LYS B 97 -9.29 -20.05 -8.43
N LYS B 98 -8.44 -21.06 -8.53
CA LYS B 98 -7.78 -21.38 -9.79
C LYS B 98 -8.49 -22.53 -10.50
N MET A 1 18.38 -4.84 3.02
CA MET A 1 17.64 -5.93 2.32
C MET A 1 16.63 -5.37 1.35
N ALA A 2 16.16 -6.23 0.45
CA ALA A 2 15.15 -5.85 -0.51
C ALA A 2 13.84 -6.55 -0.24
N ALA A 3 12.79 -5.77 -0.07
CA ALA A 3 11.48 -6.34 0.17
C ALA A 3 11.00 -7.02 -1.10
N GLU A 4 11.42 -8.27 -1.25
CA GLU A 4 11.11 -9.07 -2.43
C GLU A 4 9.63 -9.46 -2.48
N THR A 5 9.27 -10.48 -1.74
CA THR A 5 7.90 -10.98 -1.72
C THR A 5 7.02 -10.12 -0.80
N LEU A 6 6.02 -10.75 -0.17
CA LEU A 6 5.11 -10.05 0.73
C LEU A 6 5.83 -9.59 1.99
N THR A 7 6.36 -8.38 1.98
CA THR A 7 7.05 -7.88 3.14
C THR A 7 6.11 -7.81 4.32
N GLU A 8 6.63 -7.49 5.48
CA GLU A 8 5.82 -7.41 6.69
C GLU A 8 4.53 -6.63 6.43
N LEU A 9 4.59 -5.73 5.46
CA LEU A 9 3.45 -4.91 5.10
C LEU A 9 2.26 -5.73 4.64
N GLU A 10 2.49 -6.95 4.14
CA GLU A 10 1.37 -7.79 3.68
C GLU A 10 0.31 -7.88 4.78
N ALA A 11 0.77 -7.96 6.03
CA ALA A 11 -0.15 -8.01 7.17
C ALA A 11 -1.07 -6.80 7.11
N ALA A 12 -0.51 -5.70 6.62
CA ALA A 12 -1.29 -4.48 6.47
C ALA A 12 -2.29 -4.63 5.35
N ILE A 13 -1.96 -5.49 4.38
CA ILE A 13 -2.84 -5.73 3.26
C ILE A 13 -4.23 -6.15 3.77
N GLU A 14 -4.23 -6.79 4.94
CA GLU A 14 -5.46 -7.26 5.57
C GLU A 14 -6.41 -6.09 5.90
N THR A 15 -5.85 -4.99 6.40
CA THR A 15 -6.68 -3.84 6.74
C THR A 15 -7.26 -3.24 5.46
N VAL A 16 -6.37 -2.83 4.58
CA VAL A 16 -6.73 -2.24 3.31
C VAL A 16 -7.72 -3.13 2.55
N VAL A 17 -7.50 -4.43 2.62
CA VAL A 17 -8.36 -5.36 1.92
C VAL A 17 -9.66 -5.62 2.69
N SER A 18 -9.54 -5.74 4.01
CA SER A 18 -10.70 -5.99 4.85
C SER A 18 -11.50 -4.71 5.12
N THR A 19 -10.95 -3.57 4.74
CA THR A 19 -11.64 -2.30 4.93
C THR A 19 -12.59 -1.92 3.77
N PHE A 20 -12.04 -1.20 2.79
CA PHE A 20 -12.76 -0.69 1.63
C PHE A 20 -12.90 -1.73 0.56
N PHE A 21 -11.85 -2.49 0.35
CA PHE A 21 -11.85 -3.51 -0.65
C PHE A 21 -12.97 -4.50 -0.38
N THR A 22 -13.48 -4.49 0.84
CA THR A 22 -14.59 -5.38 1.16
C THR A 22 -15.78 -5.09 0.26
N PHE A 23 -15.81 -3.90 -0.33
CA PHE A 23 -16.91 -3.53 -1.19
C PHE A 23 -16.96 -4.44 -2.42
N ALA A 24 -15.89 -5.23 -2.63
CA ALA A 24 -15.84 -6.19 -3.73
C ALA A 24 -17.15 -6.94 -3.78
N GLY A 25 -17.59 -7.33 -2.60
CA GLY A 25 -18.84 -8.05 -2.43
C GLY A 25 -19.94 -7.52 -3.35
N ARG A 26 -19.87 -6.23 -3.67
CA ARG A 26 -20.85 -5.60 -4.55
C ARG A 26 -21.13 -6.47 -5.77
N GLU A 27 -20.07 -7.01 -6.36
CA GLU A 27 -20.20 -7.87 -7.53
C GLU A 27 -20.42 -9.31 -7.08
N GLY A 28 -21.55 -9.88 -7.50
CA GLY A 28 -21.89 -11.25 -7.12
C GLY A 28 -20.72 -12.20 -7.10
N ARG A 29 -20.24 -12.57 -8.28
CA ARG A 29 -19.12 -13.50 -8.40
C ARG A 29 -18.01 -13.15 -7.41
N LYS A 30 -17.14 -14.14 -7.15
CA LYS A 30 -16.02 -13.95 -6.23
C LYS A 30 -14.74 -13.66 -7.01
N GLY A 31 -14.84 -12.75 -7.97
CA GLY A 31 -13.68 -12.38 -8.76
C GLY A 31 -13.05 -11.15 -8.23
N SER A 32 -13.60 -10.01 -8.53
CA SER A 32 -13.01 -8.79 -8.01
C SER A 32 -14.02 -7.75 -7.65
N LEU A 33 -13.48 -6.65 -7.18
CA LEU A 33 -14.24 -5.49 -6.78
C LEU A 33 -14.28 -4.53 -7.93
N ASN A 34 -15.27 -3.65 -7.97
CA ASN A 34 -15.35 -2.75 -9.07
C ASN A 34 -15.25 -1.29 -8.62
N ILE A 35 -16.17 -0.44 -9.07
CA ILE A 35 -16.16 0.95 -8.67
C ILE A 35 -17.56 1.44 -8.38
N ASN A 36 -18.40 0.54 -7.91
CA ASN A 36 -19.76 0.88 -7.55
C ASN A 36 -19.75 1.48 -6.17
N GLU A 37 -19.34 0.70 -5.19
CA GLU A 37 -19.26 1.26 -3.86
C GLU A 37 -18.07 2.18 -3.81
N PHE A 38 -17.08 1.98 -4.70
CA PHE A 38 -15.95 2.89 -4.75
C PHE A 38 -16.53 4.30 -4.80
N LYS A 39 -17.71 4.40 -5.41
CA LYS A 39 -18.45 5.65 -5.55
C LYS A 39 -18.74 6.29 -4.22
N GLU A 40 -18.67 5.50 -3.19
CA GLU A 40 -18.88 5.96 -1.83
C GLU A 40 -17.56 6.52 -1.26
N LEU A 41 -16.47 6.41 -2.04
CA LEU A 41 -15.15 6.87 -1.61
C LEU A 41 -15.00 8.37 -1.77
N ALA A 42 -14.48 8.83 -2.94
CA ALA A 42 -14.26 10.24 -3.21
C ALA A 42 -15.34 11.11 -2.58
N THR A 43 -16.55 10.58 -2.59
CA THR A 43 -17.68 11.26 -2.05
C THR A 43 -17.43 11.65 -0.60
N GLN A 44 -17.26 10.65 0.25
CA GLN A 44 -16.99 10.86 1.66
C GLN A 44 -15.52 11.16 1.91
N GLN A 45 -14.63 10.55 1.13
CA GLN A 45 -13.22 10.78 1.33
C GLN A 45 -12.85 12.16 0.82
N LEU A 46 -13.73 12.76 -0.01
CA LEU A 46 -13.51 14.11 -0.50
C LEU A 46 -13.03 14.97 0.67
N PRO A 47 -13.90 15.46 1.59
CA PRO A 47 -13.31 16.28 2.65
C PRO A 47 -12.41 15.45 3.55
N HIS A 48 -11.14 15.40 3.17
CA HIS A 48 -10.09 14.75 3.94
C HIS A 48 -9.28 15.81 4.68
N LEU A 49 -8.03 15.49 4.97
CA LEU A 49 -7.14 16.45 5.58
C LEU A 49 -6.58 17.35 4.47
N LEU A 50 -5.50 16.89 3.82
CA LEU A 50 -4.88 17.62 2.70
C LEU A 50 -5.55 17.28 1.36
N LYS A 51 -6.80 16.84 1.40
CA LYS A 51 -7.54 16.46 0.20
C LYS A 51 -7.29 17.38 -0.99
N ASP A 52 -7.35 16.79 -2.18
CA ASP A 52 -7.14 17.50 -3.43
C ASP A 52 -8.47 17.90 -4.10
N VAL A 53 -9.60 17.32 -3.66
CA VAL A 53 -10.91 17.63 -4.21
C VAL A 53 -11.09 16.97 -5.57
N GLY A 54 -11.28 15.65 -5.53
CA GLY A 54 -11.46 14.88 -6.74
C GLY A 54 -12.51 15.48 -7.65
N SER A 55 -12.07 16.00 -8.79
CA SER A 55 -13.00 16.57 -9.75
C SER A 55 -14.03 15.53 -10.14
N LEU A 56 -15.29 15.95 -10.22
CA LEU A 56 -16.39 15.04 -10.58
C LEU A 56 -15.98 14.07 -11.69
N ASP A 57 -15.08 14.53 -12.56
CA ASP A 57 -14.61 13.69 -13.65
C ASP A 57 -13.54 12.73 -13.16
N GLU A 58 -12.61 13.26 -12.37
CA GLU A 58 -11.52 12.46 -11.82
C GLU A 58 -12.12 11.23 -11.17
N LYS A 59 -13.30 11.42 -10.59
CA LYS A 59 -14.02 10.36 -9.95
C LYS A 59 -14.67 9.44 -10.96
N MET A 60 -15.08 10.00 -12.10
CA MET A 60 -15.69 9.20 -13.15
C MET A 60 -14.63 8.52 -14.01
N LYS A 61 -13.44 9.12 -14.04
CA LYS A 61 -12.33 8.59 -14.82
C LYS A 61 -11.65 7.47 -14.05
N THR A 62 -11.06 7.80 -12.91
CA THR A 62 -10.41 6.80 -12.08
C THR A 62 -11.33 5.61 -11.88
N LEU A 63 -12.64 5.88 -11.98
CA LEU A 63 -13.66 4.86 -11.86
C LEU A 63 -13.29 3.63 -12.68
N ASP A 64 -13.20 3.80 -13.99
CA ASP A 64 -12.84 2.71 -14.88
C ASP A 64 -11.37 2.33 -14.70
N VAL A 65 -10.59 3.21 -14.07
CA VAL A 65 -9.18 2.93 -13.83
C VAL A 65 -9.02 2.02 -12.62
N ASN A 66 -9.32 2.56 -11.44
CA ASN A 66 -9.26 1.78 -10.20
C ASN A 66 -10.54 0.97 -10.00
N GLN A 67 -10.97 0.26 -11.04
CA GLN A 67 -12.18 -0.52 -10.93
C GLN A 67 -11.93 -1.77 -10.10
N ASP A 68 -10.91 -2.50 -10.47
CA ASP A 68 -10.56 -3.71 -9.77
C ASP A 68 -9.60 -3.44 -8.62
N SER A 69 -9.57 -2.17 -8.14
CA SER A 69 -8.68 -1.74 -7.05
C SER A 69 -8.58 -2.84 -6.02
N GLU A 70 -9.70 -3.52 -5.86
CA GLU A 70 -9.79 -4.65 -4.97
C GLU A 70 -9.94 -5.88 -5.82
N LEU A 71 -9.45 -6.99 -5.33
CA LEU A 71 -9.56 -8.19 -6.08
C LEU A 71 -9.77 -9.47 -5.24
N ARG A 72 -10.51 -10.41 -5.80
CA ARG A 72 -10.72 -11.71 -5.20
C ARG A 72 -10.02 -12.78 -6.07
N PHE A 73 -9.95 -12.49 -7.39
CA PHE A 73 -9.28 -13.38 -8.35
C PHE A 73 -7.81 -12.92 -8.66
N SER A 74 -7.51 -12.19 -9.76
CA SER A 74 -6.09 -11.82 -10.03
C SER A 74 -5.83 -10.33 -10.06
N GLU A 75 -6.87 -9.55 -10.20
CA GLU A 75 -6.75 -8.09 -10.24
C GLU A 75 -6.17 -7.42 -8.95
N TYR A 76 -5.47 -8.16 -8.10
CA TYR A 76 -4.95 -7.57 -6.87
C TYR A 76 -3.91 -6.53 -7.19
N TRP A 77 -3.30 -6.68 -8.35
CA TRP A 77 -2.32 -5.69 -8.77
C TRP A 77 -2.99 -4.32 -8.85
N ARG A 78 -4.33 -4.29 -8.79
CA ARG A 78 -5.04 -3.03 -8.86
C ARG A 78 -4.91 -2.31 -7.54
N LEU A 79 -4.87 -3.08 -6.46
CA LEU A 79 -4.67 -2.50 -5.13
C LEU A 79 -3.30 -1.86 -5.08
N ILE A 80 -2.41 -2.30 -5.96
CA ILE A 80 -1.05 -1.81 -5.98
C ILE A 80 -0.97 -0.29 -5.85
N GLY A 81 -1.63 0.42 -6.75
CA GLY A 81 -1.63 1.87 -6.67
C GLY A 81 -2.64 2.41 -5.67
N GLU A 82 -3.37 1.49 -5.02
CA GLU A 82 -4.39 1.88 -4.06
C GLU A 82 -3.80 2.18 -2.69
N LEU A 83 -3.17 1.16 -2.12
CA LEU A 83 -2.55 1.30 -0.81
C LEU A 83 -1.68 2.55 -0.74
N ALA A 84 -1.21 2.98 -1.90
CA ALA A 84 -0.39 4.17 -1.99
C ALA A 84 -1.24 5.43 -1.87
N LYS A 85 -2.48 5.35 -2.35
CA LYS A 85 -3.43 6.46 -2.27
C LYS A 85 -3.42 7.05 -0.88
N GLU A 86 -3.03 6.24 0.09
CA GLU A 86 -2.93 6.69 1.46
C GLU A 86 -1.58 7.33 1.70
N VAL A 87 -0.55 6.64 1.23
CA VAL A 87 0.82 7.10 1.40
C VAL A 87 1.17 8.25 0.44
N ARG A 88 0.28 8.56 -0.48
CA ARG A 88 0.55 9.62 -1.43
C ARG A 88 0.58 10.99 -0.76
N LYS A 89 -0.58 11.47 -0.32
CA LYS A 89 -0.64 12.77 0.35
C LYS A 89 0.03 12.68 1.70
N GLU A 90 0.07 11.48 2.26
CA GLU A 90 0.70 11.25 3.54
C GLU A 90 2.22 11.46 3.46
N LYS A 91 2.74 11.60 2.25
CA LYS A 91 4.18 11.81 2.08
C LYS A 91 4.59 13.17 2.62
N ALA A 92 3.87 14.19 2.22
CA ALA A 92 4.15 15.55 2.65
C ALA A 92 3.59 15.84 4.04
N LEU A 93 2.47 15.20 4.37
CA LEU A 93 1.87 15.40 5.69
C LEU A 93 2.56 14.54 6.73
N GLY A 94 3.24 13.49 6.29
CA GLY A 94 3.95 12.63 7.20
C GLY A 94 4.84 13.42 8.14
N ILE A 95 5.21 14.62 7.71
CA ILE A 95 6.09 15.47 8.48
C ILE A 95 5.46 15.94 9.78
N ARG A 96 5.15 15.00 10.66
CA ARG A 96 4.59 15.32 11.96
C ARG A 96 5.49 16.36 12.64
N LYS A 97 6.77 16.37 12.23
CA LYS A 97 7.74 17.33 12.76
C LYS A 97 7.65 18.62 11.97
N LYS A 98 6.69 19.48 12.34
CA LYS A 98 6.51 20.74 11.65
C LYS A 98 6.93 21.91 12.54
N MET B 1 -16.23 6.57 -8.09
CA MET B 1 -15.49 7.62 -7.35
C MET B 1 -13.99 7.45 -7.50
N ALA B 2 -13.26 8.51 -7.22
CA ALA B 2 -11.81 8.47 -7.28
C ALA B 2 -11.21 8.60 -5.89
N ALA B 3 -10.42 7.62 -5.50
CA ALA B 3 -9.76 7.66 -4.22
C ALA B 3 -8.72 8.77 -4.23
N GLU B 4 -9.20 9.97 -3.98
CA GLU B 4 -8.38 11.17 -4.01
C GLU B 4 -7.37 11.21 -2.86
N THR B 5 -7.82 11.64 -1.70
CA THR B 5 -6.97 11.74 -0.54
C THR B 5 -6.75 10.37 0.11
N LEU B 6 -6.59 10.34 1.43
CA LEU B 6 -6.37 9.08 2.14
C LEU B 6 -7.62 8.22 2.11
N THR B 7 -7.68 7.28 1.17
CA THR B 7 -8.84 6.41 1.07
C THR B 7 -8.91 5.52 2.30
N GLU B 8 -10.01 4.81 2.45
CA GLU B 8 -10.22 3.93 3.60
C GLU B 8 -8.94 3.15 3.92
N LEU B 9 -8.15 2.90 2.89
CA LEU B 9 -6.90 2.18 3.01
C LEU B 9 -5.93 2.83 3.98
N GLU B 10 -6.05 4.14 4.19
CA GLU B 10 -5.13 4.83 5.12
C GLU B 10 -5.14 4.12 6.46
N ALA B 11 -6.30 3.63 6.87
CA ALA B 11 -6.40 2.89 8.12
C ALA B 11 -5.44 1.72 8.08
N ALA B 12 -5.26 1.19 6.87
CA ALA B 12 -4.34 0.08 6.66
C ALA B 12 -2.91 0.57 6.79
N ILE B 13 -2.69 1.84 6.48
CA ILE B 13 -1.36 2.42 6.58
C ILE B 13 -0.81 2.20 8.00
N GLU B 14 -1.72 2.11 8.97
CA GLU B 14 -1.36 1.91 10.36
C GLU B 14 -0.65 0.57 10.57
N THR B 15 -1.12 -0.48 9.90
CA THR B 15 -0.50 -1.78 10.05
C THR B 15 0.89 -1.76 9.45
N VAL B 16 0.95 -1.43 8.17
CA VAL B 16 2.19 -1.34 7.42
C VAL B 16 3.18 -0.42 8.10
N VAL B 17 2.68 0.67 8.67
CA VAL B 17 3.55 1.62 9.33
C VAL B 17 3.91 1.14 10.74
N SER B 18 2.94 0.57 11.43
CA SER B 18 3.15 0.08 12.78
C SER B 18 3.81 -1.29 12.77
N THR B 19 3.90 -1.93 11.61
CA THR B 19 4.54 -3.24 11.51
C THR B 19 6.05 -3.16 11.29
N PHE B 20 6.45 -3.14 10.01
CA PHE B 20 7.86 -3.12 9.63
C PHE B 20 8.46 -1.74 9.71
N PHE B 21 7.70 -0.76 9.28
CA PHE B 21 8.17 0.59 9.29
C PHE B 21 8.58 1.03 10.70
N THR B 22 8.14 0.30 11.71
CA THR B 22 8.51 0.62 13.07
C THR B 22 10.02 0.60 13.23
N PHE B 23 10.69 -0.08 12.31
CA PHE B 23 12.14 -0.19 12.34
C PHE B 23 12.78 1.19 12.18
N ALA B 24 11.98 2.18 11.76
CA ALA B 24 12.46 3.56 11.62
C ALA B 24 13.30 3.94 12.83
N GLY B 25 12.74 3.69 14.01
CA GLY B 25 13.43 3.96 15.26
C GLY B 25 14.92 3.66 15.20
N ARG B 26 15.33 2.72 14.34
CA ARG B 26 16.75 2.38 14.18
C ARG B 26 17.58 3.66 14.14
N GLU B 27 17.11 4.61 13.36
CA GLU B 27 17.77 5.92 13.26
C GLU B 27 17.29 6.83 14.40
N GLY B 28 18.24 7.28 15.21
CA GLY B 28 17.93 8.13 16.34
C GLY B 28 16.86 9.16 16.06
N ARG B 29 17.22 10.20 15.32
CA ARG B 29 16.27 11.27 15.00
C ARG B 29 14.91 10.72 14.62
N LYS B 30 13.89 11.57 14.70
CA LYS B 30 12.53 11.18 14.36
C LYS B 30 12.18 11.65 12.96
N GLY B 31 13.08 11.38 12.02
CA GLY B 31 12.85 11.75 10.64
C GLY B 31 12.31 10.61 9.88
N SER B 32 13.15 9.70 9.48
CA SER B 32 12.67 8.57 8.72
C SER B 32 13.39 7.29 9.07
N LEU B 33 12.95 6.25 8.41
CA LEU B 33 13.49 4.93 8.54
C LEU B 33 14.51 4.69 7.45
N ASN B 34 15.44 3.79 7.65
CA ASN B 34 16.44 3.57 6.64
C ASN B 34 16.33 2.17 6.07
N ILE B 35 17.46 1.52 5.94
CA ILE B 35 17.51 0.16 5.44
C ILE B 35 18.43 -0.71 6.27
N ASN B 36 18.54 -0.39 7.55
CA ASN B 36 19.35 -1.17 8.45
C ASN B 36 18.56 -2.36 8.91
N GLU B 37 17.47 -2.12 9.63
CA GLU B 37 16.65 -3.25 10.00
C GLU B 37 15.97 -3.80 8.78
N PHE B 38 15.81 -2.98 7.72
CA PHE B 38 15.22 -3.46 6.48
C PHE B 38 15.97 -4.73 6.11
N LYS B 39 17.27 -4.72 6.42
CA LYS B 39 18.17 -5.84 6.18
C LYS B 39 17.60 -7.13 6.76
N GLU B 40 16.71 -7.00 7.72
CA GLU B 40 16.07 -8.14 8.34
C GLU B 40 14.86 -8.62 7.51
N LEU B 41 14.57 -7.91 6.41
CA LEU B 41 13.43 -8.23 5.57
C LEU B 41 13.75 -9.36 4.61
N ALA B 42 14.29 -9.01 3.42
CA ALA B 42 14.62 -9.99 2.40
C ALA B 42 15.18 -11.25 3.01
N THR B 43 15.97 -11.05 4.05
CA THR B 43 16.58 -12.14 4.76
C THR B 43 15.52 -13.17 5.16
N GLN B 44 14.57 -12.73 5.99
CA GLN B 44 13.49 -13.58 6.46
C GLN B 44 12.36 -13.67 5.43
N GLN B 45 11.99 -12.54 4.84
CA GLN B 45 10.94 -12.53 3.85
C GLN B 45 11.36 -13.31 2.62
N LEU B 46 12.66 -13.59 2.48
CA LEU B 46 13.14 -14.40 1.38
C LEU B 46 12.23 -15.60 1.26
N PRO B 47 12.35 -16.68 2.07
CA PRO B 47 11.42 -17.78 1.84
C PRO B 47 10.01 -17.39 2.22
N HIS B 48 9.34 -16.89 1.21
CA HIS B 48 7.96 -16.52 1.27
C HIS B 48 7.10 -17.57 0.58
N LEU B 49 5.97 -17.15 0.05
CA LEU B 49 5.13 -18.05 -0.73
C LEU B 49 5.67 -18.09 -2.16
N LEU B 50 5.21 -17.14 -3.00
CA LEU B 50 5.66 -17.03 -4.40
C LEU B 50 6.95 -16.20 -4.51
N LYS B 51 7.72 -16.09 -3.43
CA LYS B 51 8.94 -15.31 -3.41
C LYS B 51 9.75 -15.41 -4.70
N ASP B 52 10.48 -14.34 -5.00
CA ASP B 52 11.31 -14.26 -6.20
C ASP B 52 12.79 -14.55 -5.91
N VAL B 53 13.18 -14.57 -4.62
CA VAL B 53 14.54 -14.85 -4.21
C VAL B 53 15.44 -13.64 -4.45
N GLY B 54 15.18 -12.61 -3.67
CA GLY B 54 15.96 -11.39 -3.73
C GLY B 54 17.44 -11.65 -3.85
N SER B 55 17.98 -11.36 -5.02
CA SER B 55 19.39 -11.55 -5.26
C SER B 55 20.18 -10.70 -4.27
N LEU B 56 21.25 -11.27 -3.71
CA LEU B 56 22.06 -10.56 -2.73
C LEU B 56 22.30 -9.11 -3.12
N ASP B 57 22.33 -8.83 -4.42
CA ASP B 57 22.53 -7.47 -4.89
C ASP B 57 21.24 -6.69 -4.82
N GLU B 58 20.18 -7.35 -5.23
CA GLU B 58 18.85 -6.76 -5.23
C GLU B 58 18.57 -6.20 -3.86
N LYS B 59 19.09 -6.90 -2.87
CA LYS B 59 18.94 -6.51 -1.49
C LYS B 59 19.88 -5.36 -1.15
N MET B 60 21.03 -5.33 -1.81
CA MET B 60 22.00 -4.27 -1.57
C MET B 60 21.65 -3.02 -2.37
N LYS B 61 20.97 -3.21 -3.49
CA LYS B 61 20.57 -2.12 -4.36
C LYS B 61 19.32 -1.44 -3.83
N THR B 62 18.22 -2.20 -3.77
CA THR B 62 16.96 -1.67 -3.26
C THR B 62 17.21 -0.99 -1.91
N LEU B 63 18.27 -1.45 -1.24
CA LEU B 63 18.68 -0.88 0.04
C LEU B 63 18.70 0.65 -0.04
N ASP B 64 19.56 1.16 -0.90
CA ASP B 64 19.68 2.60 -1.08
C ASP B 64 18.44 3.18 -1.75
N VAL B 65 17.63 2.30 -2.36
CA VAL B 65 16.39 2.72 -3.01
C VAL B 65 15.30 2.90 -1.98
N ASN B 66 14.86 1.79 -1.40
CA ASN B 66 13.83 1.78 -0.37
C ASN B 66 14.42 2.10 1.00
N GLN B 67 15.30 3.08 1.08
CA GLN B 67 15.90 3.43 2.35
C GLN B 67 14.90 4.07 3.27
N ASP B 68 14.24 5.10 2.79
CA ASP B 68 13.25 5.81 3.57
C ASP B 68 11.88 5.19 3.41
N SER B 69 11.83 3.91 2.98
CA SER B 69 10.57 3.20 2.77
C SER B 69 9.58 3.57 3.85
N GLU B 70 10.11 3.83 5.04
CA GLU B 70 9.31 4.27 6.14
C GLU B 70 9.69 5.70 6.43
N LEU B 71 8.77 6.46 6.95
CA LEU B 71 9.08 7.81 7.24
C LEU B 71 8.38 8.39 8.47
N ARG B 72 9.06 9.31 9.14
CA ARG B 72 8.52 10.02 10.28
C ARG B 72 8.35 11.49 9.88
N PHE B 73 9.22 11.96 8.98
CA PHE B 73 9.19 13.32 8.45
C PHE B 73 8.45 13.44 7.06
N SER B 74 9.14 13.40 5.91
CA SER B 74 8.42 13.59 4.62
C SER B 74 8.57 12.43 3.64
N GLU B 75 9.57 11.62 3.84
CA GLU B 75 9.84 10.46 2.99
C GLU B 75 8.73 9.38 2.98
N TYR B 76 7.50 9.72 3.38
CA TYR B 76 6.47 8.72 3.43
C TYR B 76 6.15 8.20 2.04
N TRP B 77 6.38 9.06 1.06
CA TRP B 77 6.17 8.66 -0.33
C TRP B 77 7.02 7.43 -0.62
N ARG B 78 8.02 7.18 0.23
CA ARG B 78 8.84 6.01 0.07
C ARG B 78 8.03 4.74 0.33
N LEU B 79 7.02 4.85 1.20
CA LEU B 79 6.16 3.71 1.50
C LEU B 79 5.27 3.43 0.30
N ILE B 80 5.06 4.47 -0.51
CA ILE B 80 4.21 4.37 -1.68
C ILE B 80 4.44 3.05 -2.44
N GLY B 81 5.69 2.76 -2.79
CA GLY B 81 5.99 1.53 -3.51
C GLY B 81 6.16 0.33 -2.57
N GLU B 82 6.09 0.58 -1.27
CA GLU B 82 6.27 -0.49 -0.27
C GLU B 82 5.00 -1.27 -0.08
N LEU B 83 3.95 -0.56 0.33
CA LEU B 83 2.66 -1.17 0.56
C LEU B 83 2.27 -2.02 -0.63
N ALA B 84 2.82 -1.67 -1.78
CA ALA B 84 2.53 -2.42 -2.98
C ALA B 84 3.33 -3.73 -3.01
N LYS B 85 4.52 -3.70 -2.41
CA LYS B 85 5.37 -4.88 -2.34
C LYS B 85 4.57 -6.09 -1.91
N GLU B 86 3.49 -5.85 -1.21
CA GLU B 86 2.62 -6.92 -0.77
C GLU B 86 1.63 -7.27 -1.88
N VAL B 87 1.05 -6.22 -2.45
CA VAL B 87 0.06 -6.36 -3.50
C VAL B 87 0.68 -6.74 -4.85
N ARG B 88 2.00 -6.76 -4.92
CA ARG B 88 2.68 -7.10 -6.16
C ARG B 88 2.52 -8.57 -6.52
N LYS B 89 3.14 -9.46 -5.75
CA LYS B 89 3.05 -10.89 -6.01
C LYS B 89 1.63 -11.38 -5.73
N GLU B 90 0.99 -10.70 -4.80
CA GLU B 90 -0.36 -11.04 -4.41
C GLU B 90 -1.35 -10.82 -5.55
N LYS B 91 -0.90 -10.18 -6.62
CA LYS B 91 -1.76 -9.94 -7.77
C LYS B 91 -2.11 -11.26 -8.45
N ALA B 92 -1.07 -12.06 -8.70
CA ALA B 92 -1.26 -13.34 -9.36
C ALA B 92 -1.70 -14.41 -8.37
N LEU B 93 -1.26 -14.30 -7.12
CA LEU B 93 -1.65 -15.26 -6.11
C LEU B 93 -3.05 -14.94 -5.59
N GLY B 94 -3.46 -13.68 -5.75
CA GLY B 94 -4.78 -13.26 -5.31
C GLY B 94 -5.86 -14.23 -5.73
N ILE B 95 -5.59 -14.92 -6.83
CA ILE B 95 -6.55 -15.86 -7.40
C ILE B 95 -6.84 -17.03 -6.50
N ARG B 96 -7.43 -16.77 -5.35
CA ARG B 96 -7.82 -17.84 -4.45
C ARG B 96 -8.68 -18.84 -5.21
N LYS B 97 -9.29 -18.37 -6.30
CA LYS B 97 -10.12 -19.20 -7.16
C LYS B 97 -9.24 -19.89 -8.20
N LYS B 98 -8.62 -21.00 -7.80
CA LYS B 98 -7.75 -21.74 -8.71
C LYS B 98 -8.38 -23.08 -9.10
N MET A 1 18.19 -4.93 3.67
CA MET A 1 17.75 -5.96 2.69
C MET A 1 16.85 -5.34 1.63
N ALA A 2 16.29 -6.19 0.77
CA ALA A 2 15.40 -5.71 -0.29
C ALA A 2 13.97 -6.15 -0.09
N ALA A 3 13.04 -5.35 -0.62
CA ALA A 3 11.62 -5.69 -0.53
C ALA A 3 11.32 -6.84 -1.46
N GLU A 4 11.62 -8.04 -0.99
CA GLU A 4 11.42 -9.26 -1.77
C GLU A 4 9.93 -9.56 -1.93
N THR A 5 9.45 -10.73 -1.53
CA THR A 5 8.05 -11.05 -1.70
C THR A 5 7.12 -10.20 -0.78
N LEU A 6 6.28 -10.84 0.04
CA LEU A 6 5.34 -10.11 0.88
C LEU A 6 6.00 -9.53 2.12
N THR A 7 6.49 -8.31 2.02
CA THR A 7 7.12 -7.68 3.17
C THR A 7 6.11 -7.52 4.28
N GLU A 8 6.58 -7.19 5.47
CA GLU A 8 5.69 -7.02 6.64
C GLU A 8 4.40 -6.29 6.27
N LEU A 9 4.47 -5.45 5.25
CA LEU A 9 3.32 -4.68 4.80
C LEU A 9 2.17 -5.57 4.36
N GLU A 10 2.46 -6.78 3.92
CA GLU A 10 1.41 -7.70 3.49
C GLU A 10 0.37 -7.83 4.59
N ALA A 11 0.85 -7.78 5.84
CA ALA A 11 -0.04 -7.84 6.99
C ALA A 11 -1.03 -6.70 6.91
N ALA A 12 -0.53 -5.56 6.45
CA ALA A 12 -1.37 -4.39 6.27
C ALA A 12 -2.42 -4.67 5.21
N ILE A 13 -2.10 -5.60 4.31
CA ILE A 13 -3.04 -5.97 3.26
C ILE A 13 -4.38 -6.37 3.89
N GLU A 14 -4.29 -6.87 5.13
CA GLU A 14 -5.48 -7.31 5.87
C GLU A 14 -6.38 -6.12 6.19
N THR A 15 -5.80 -4.97 6.47
CA THR A 15 -6.60 -3.79 6.78
C THR A 15 -7.21 -3.23 5.50
N VAL A 16 -6.35 -2.86 4.57
CA VAL A 16 -6.76 -2.32 3.29
C VAL A 16 -7.71 -3.26 2.56
N VAL A 17 -7.56 -4.57 2.78
CA VAL A 17 -8.42 -5.53 2.12
C VAL A 17 -9.77 -5.64 2.84
N SER A 18 -9.74 -5.49 4.16
CA SER A 18 -10.94 -5.57 4.99
C SER A 18 -11.75 -4.27 5.01
N THR A 19 -11.13 -3.16 4.65
CA THR A 19 -11.84 -1.88 4.67
C THR A 19 -12.63 -1.58 3.39
N PHE A 20 -11.95 -1.00 2.42
CA PHE A 20 -12.53 -0.57 1.16
C PHE A 20 -12.64 -1.72 0.19
N PHE A 21 -11.68 -2.58 0.26
CA PHE A 21 -11.62 -3.74 -0.59
C PHE A 21 -12.78 -4.67 -0.31
N THR A 22 -13.33 -4.57 0.88
CA THR A 22 -14.48 -5.41 1.20
C THR A 22 -15.67 -4.98 0.39
N PHE A 23 -15.64 -3.75 -0.13
CA PHE A 23 -16.72 -3.28 -0.96
C PHE A 23 -16.81 -4.18 -2.19
N ALA A 24 -15.68 -4.83 -2.54
CA ALA A 24 -15.63 -5.77 -3.67
C ALA A 24 -16.89 -6.61 -3.68
N GLY A 25 -17.29 -6.96 -2.47
CA GLY A 25 -18.50 -7.74 -2.26
C GLY A 25 -19.63 -7.29 -3.18
N ARG A 26 -19.63 -6.01 -3.51
CA ARG A 26 -20.63 -5.43 -4.39
C ARG A 26 -20.80 -6.27 -5.66
N GLU A 27 -19.70 -6.88 -6.11
CA GLU A 27 -19.73 -7.71 -7.31
C GLU A 27 -20.10 -9.15 -6.94
N GLY A 28 -20.89 -9.79 -7.80
CA GLY A 28 -21.32 -11.15 -7.56
C GLY A 28 -20.18 -12.07 -7.19
N ARG A 29 -19.67 -12.80 -8.19
CA ARG A 29 -18.59 -13.74 -7.99
C ARG A 29 -17.50 -13.16 -7.08
N LYS A 30 -16.59 -14.03 -6.64
CA LYS A 30 -15.50 -13.60 -5.78
C LYS A 30 -14.25 -13.36 -6.61
N GLY A 31 -14.40 -12.54 -7.65
CA GLY A 31 -13.29 -12.20 -8.51
C GLY A 31 -12.71 -10.89 -8.13
N SER A 32 -13.33 -9.81 -8.52
CA SER A 32 -12.76 -8.52 -8.19
C SER A 32 -13.81 -7.52 -7.75
N LEU A 33 -13.30 -6.37 -7.37
CA LEU A 33 -14.10 -5.27 -6.92
C LEU A 33 -14.32 -4.32 -8.07
N ASN A 34 -15.40 -3.55 -8.04
CA ASN A 34 -15.66 -2.67 -9.14
C ASN A 34 -15.69 -1.20 -8.69
N ILE A 35 -16.81 -0.50 -8.89
CA ILE A 35 -16.90 0.87 -8.46
C ILE A 35 -18.29 1.22 -7.95
N ASN A 36 -18.92 0.25 -7.30
CA ASN A 36 -20.24 0.45 -6.75
C ASN A 36 -20.10 1.18 -5.44
N GLU A 37 -19.48 0.53 -4.46
CA GLU A 37 -19.26 1.21 -3.20
C GLU A 37 -18.05 2.12 -3.31
N PHE A 38 -17.22 1.95 -4.35
CA PHE A 38 -16.08 2.83 -4.55
C PHE A 38 -16.61 4.26 -4.54
N LYS A 39 -17.85 4.40 -5.01
CA LYS A 39 -18.51 5.69 -5.04
C LYS A 39 -18.67 6.29 -3.67
N GLU A 40 -18.46 5.47 -2.68
CA GLU A 40 -18.50 5.91 -1.30
C GLU A 40 -17.15 6.50 -0.93
N LEU A 41 -16.16 6.29 -1.81
CA LEU A 41 -14.81 6.80 -1.60
C LEU A 41 -14.74 8.31 -1.76
N ALA A 42 -14.37 8.81 -2.95
CA ALA A 42 -14.24 10.25 -3.19
C ALA A 42 -15.32 11.04 -2.47
N THR A 43 -16.48 10.45 -2.32
CA THR A 43 -17.57 11.10 -1.66
C THR A 43 -17.16 11.47 -0.23
N GLN A 44 -16.75 10.46 0.53
CA GLN A 44 -16.27 10.67 1.88
C GLN A 44 -14.81 11.12 1.87
N GLN A 45 -14.05 10.58 0.92
CA GLN A 45 -12.66 10.94 0.78
C GLN A 45 -12.57 12.40 0.41
N LEU A 46 -13.66 12.93 -0.17
CA LEU A 46 -13.72 14.34 -0.54
C LEU A 46 -13.29 15.16 0.66
N PRO A 47 -14.12 15.24 1.73
CA PRO A 47 -13.69 15.98 2.89
C PRO A 47 -12.77 15.14 3.77
N HIS A 48 -11.49 15.24 3.49
CA HIS A 48 -10.46 14.59 4.26
C HIS A 48 -9.82 15.58 5.23
N LEU A 49 -8.67 15.22 5.74
CA LEU A 49 -7.90 16.13 6.57
C LEU A 49 -7.15 17.02 5.60
N LEU A 50 -6.04 16.52 5.07
CA LEU A 50 -5.26 17.22 4.06
C LEU A 50 -5.83 16.91 2.67
N LYS A 51 -7.15 17.04 2.52
CA LYS A 51 -7.83 16.72 1.28
C LYS A 51 -7.06 17.13 0.03
N ASP A 52 -7.34 16.41 -1.05
CA ASP A 52 -6.74 16.65 -2.35
C ASP A 52 -7.75 17.32 -3.28
N VAL A 53 -9.04 17.01 -3.06
CA VAL A 53 -10.18 17.55 -3.79
C VAL A 53 -10.65 16.59 -4.89
N GLY A 54 -11.34 15.55 -4.47
CA GLY A 54 -11.85 14.58 -5.41
C GLY A 54 -12.80 15.20 -6.42
N SER A 55 -12.27 15.55 -7.59
CA SER A 55 -13.08 16.16 -8.64
C SER A 55 -14.27 15.28 -8.99
N LEU A 56 -15.38 15.90 -9.35
CA LEU A 56 -16.61 15.17 -9.70
C LEU A 56 -16.35 14.18 -10.83
N ASP A 57 -15.90 14.69 -11.98
CA ASP A 57 -15.64 13.85 -13.13
C ASP A 57 -14.59 12.79 -12.84
N GLU A 58 -13.50 13.22 -12.22
CA GLU A 58 -12.41 12.31 -11.88
C GLU A 58 -12.96 11.10 -11.16
N LYS A 59 -14.04 11.34 -10.43
CA LYS A 59 -14.71 10.29 -9.71
C LYS A 59 -15.54 9.42 -10.66
N MET A 60 -16.05 10.05 -11.71
CA MET A 60 -16.83 9.34 -12.72
C MET A 60 -15.92 8.63 -13.70
N LYS A 61 -14.74 9.21 -13.91
CA LYS A 61 -13.75 8.63 -14.82
C LYS A 61 -13.00 7.51 -14.13
N THR A 62 -12.51 7.82 -12.94
CA THR A 62 -11.79 6.84 -12.15
C THR A 62 -12.65 5.59 -11.97
N LEU A 63 -13.96 5.75 -12.11
CA LEU A 63 -14.89 4.63 -11.99
C LEU A 63 -14.42 3.47 -12.85
N ASP A 64 -14.04 3.75 -14.09
CA ASP A 64 -13.56 2.71 -14.98
C ASP A 64 -12.08 2.41 -14.71
N VAL A 65 -11.30 3.46 -14.49
CA VAL A 65 -9.87 3.31 -14.22
C VAL A 65 -9.65 2.45 -12.97
N ASN A 66 -10.22 2.88 -11.84
CA ASN A 66 -10.10 2.15 -10.59
C ASN A 66 -11.10 1.00 -10.49
N GLN A 67 -11.51 0.45 -11.63
CA GLN A 67 -12.47 -0.64 -11.65
C GLN A 67 -11.99 -1.74 -10.74
N ASP A 68 -10.86 -2.26 -11.15
CA ASP A 68 -10.18 -3.34 -10.46
C ASP A 68 -9.38 -2.85 -9.25
N SER A 69 -9.65 -1.62 -8.78
CA SER A 69 -8.93 -1.03 -7.65
C SER A 69 -8.76 -2.06 -6.56
N GLU A 70 -9.76 -2.91 -6.45
CA GLU A 70 -9.72 -4.00 -5.50
C GLU A 70 -9.92 -5.30 -6.23
N LEU A 71 -9.37 -6.34 -5.66
CA LEU A 71 -9.47 -7.62 -6.26
C LEU A 71 -9.66 -8.77 -5.27
N ARG A 72 -10.22 -9.86 -5.77
CA ARG A 72 -10.39 -11.10 -5.03
C ARG A 72 -9.63 -12.21 -5.78
N PHE A 73 -9.60 -12.10 -7.12
CA PHE A 73 -8.88 -13.05 -7.98
C PHE A 73 -7.43 -12.56 -8.37
N SER A 74 -7.16 -11.99 -9.56
CA SER A 74 -5.77 -11.64 -9.91
C SER A 74 -5.51 -10.16 -10.07
N GLU A 75 -6.55 -9.40 -10.16
CA GLU A 75 -6.44 -7.95 -10.31
C GLU A 75 -5.79 -7.23 -9.09
N TYR A 76 -5.21 -7.96 -8.13
CA TYR A 76 -4.62 -7.34 -6.95
C TYR A 76 -3.55 -6.36 -7.34
N TRP A 77 -3.07 -6.48 -8.55
CA TRP A 77 -2.07 -5.54 -9.01
C TRP A 77 -2.65 -4.13 -8.96
N ARG A 78 -3.99 -4.02 -8.80
CA ARG A 78 -4.60 -2.71 -8.72
C ARG A 78 -4.37 -2.11 -7.35
N LEU A 79 -4.57 -2.90 -6.28
CA LEU A 79 -4.32 -2.38 -4.93
C LEU A 79 -2.96 -1.73 -4.89
N ILE A 80 -2.09 -2.19 -5.78
CA ILE A 80 -0.75 -1.69 -5.87
C ILE A 80 -0.69 -0.16 -5.78
N GLY A 81 -1.39 0.51 -6.68
CA GLY A 81 -1.43 1.96 -6.65
C GLY A 81 -2.44 2.48 -5.65
N GLU A 82 -3.20 1.57 -5.04
CA GLU A 82 -4.25 1.94 -4.08
C GLU A 82 -3.66 2.17 -2.71
N LEU A 83 -3.10 1.12 -2.13
CA LEU A 83 -2.49 1.20 -0.81
C LEU A 83 -1.53 2.37 -0.76
N ALA A 84 -1.09 2.81 -1.94
CA ALA A 84 -0.21 3.96 -2.02
C ALA A 84 -1.00 5.25 -1.91
N LYS A 85 -2.22 5.29 -2.47
CA LYS A 85 -3.06 6.50 -2.41
C LYS A 85 -2.98 7.13 -1.04
N GLU A 86 -3.30 6.34 -0.05
CA GLU A 86 -3.26 6.76 1.33
C GLU A 86 -1.88 7.32 1.67
N VAL A 87 -0.86 6.69 1.10
CA VAL A 87 0.52 7.08 1.36
C VAL A 87 0.92 8.28 0.51
N ARG A 88 0.24 8.46 -0.61
CA ARG A 88 0.54 9.54 -1.55
C ARG A 88 0.46 10.91 -0.87
N LYS A 89 -0.63 11.18 -0.17
CA LYS A 89 -0.78 12.46 0.50
C LYS A 89 0.03 12.46 1.78
N GLU A 90 0.07 11.28 2.40
CA GLU A 90 0.81 11.11 3.63
C GLU A 90 2.28 11.49 3.44
N LYS A 91 2.73 11.54 2.18
CA LYS A 91 4.11 11.92 1.89
C LYS A 91 4.39 13.30 2.48
N ALA A 92 3.50 14.24 2.19
CA ALA A 92 3.63 15.61 2.68
C ALA A 92 3.11 15.77 4.10
N LEU A 93 2.17 14.93 4.51
CA LEU A 93 1.64 15.02 5.87
C LEU A 93 2.53 14.32 6.88
N GLY A 94 3.21 13.26 6.45
CA GLY A 94 4.09 12.55 7.35
C GLY A 94 4.92 13.47 8.20
N ILE A 95 5.32 14.58 7.59
CA ILE A 95 6.14 15.56 8.29
C ILE A 95 5.33 16.27 9.34
N ARG A 96 4.86 15.52 10.32
CA ARG A 96 4.11 16.09 11.41
C ARG A 96 5.05 16.92 12.29
N LYS A 97 6.36 16.70 12.11
CA LYS A 97 7.37 17.46 12.83
C LYS A 97 7.92 18.55 11.93
N LYS A 98 7.20 19.67 11.87
CA LYS A 98 7.59 20.79 11.03
C LYS A 98 8.09 21.96 11.88
N MET B 1 -16.56 6.17 -7.44
CA MET B 1 -15.83 7.44 -7.16
C MET B 1 -14.35 7.29 -7.46
N ALA B 2 -13.57 8.31 -7.14
CA ALA B 2 -12.12 8.27 -7.39
C ALA B 2 -11.31 8.22 -6.10
N ALA B 3 -10.13 7.60 -6.17
CA ALA B 3 -9.25 7.52 -5.01
C ALA B 3 -8.66 8.89 -4.74
N GLU B 4 -9.46 9.72 -4.07
CA GLU B 4 -9.06 11.08 -3.77
C GLU B 4 -7.94 11.10 -2.71
N THR B 5 -8.14 11.77 -1.57
CA THR B 5 -7.09 11.81 -0.57
C THR B 5 -6.85 10.44 0.09
N LEU B 6 -6.90 10.36 1.43
CA LEU B 6 -6.63 9.10 2.13
C LEU B 6 -7.81 8.13 2.06
N THR B 7 -7.80 7.23 1.08
CA THR B 7 -8.88 6.27 0.95
C THR B 7 -8.84 5.32 2.14
N GLU B 8 -9.91 4.55 2.32
CA GLU B 8 -10.00 3.62 3.46
C GLU B 8 -8.67 2.93 3.75
N LEU B 9 -7.87 2.75 2.70
CA LEU B 9 -6.57 2.10 2.83
C LEU B 9 -5.65 2.82 3.82
N GLU B 10 -5.83 4.12 4.00
CA GLU B 10 -4.99 4.86 4.94
C GLU B 10 -5.03 4.18 6.29
N ALA B 11 -6.19 3.61 6.62
CA ALA B 11 -6.32 2.87 7.87
C ALA B 11 -5.31 1.75 7.89
N ALA B 12 -5.09 1.16 6.72
CA ALA B 12 -4.13 0.09 6.58
C ALA B 12 -2.73 0.63 6.83
N ILE B 13 -2.56 1.94 6.61
CA ILE B 13 -1.28 2.58 6.84
C ILE B 13 -0.83 2.29 8.28
N GLU B 14 -1.82 2.08 9.15
CA GLU B 14 -1.56 1.80 10.56
C GLU B 14 -0.85 0.46 10.74
N THR B 15 -1.19 -0.52 9.92
CA THR B 15 -0.57 -1.82 10.01
C THR B 15 0.84 -1.76 9.44
N VAL B 16 0.93 -1.39 8.18
CA VAL B 16 2.19 -1.27 7.46
C VAL B 16 3.14 -0.31 8.17
N VAL B 17 2.59 0.68 8.86
CA VAL B 17 3.42 1.64 9.58
C VAL B 17 3.89 1.05 10.92
N SER B 18 3.03 0.24 11.52
CA SER B 18 3.33 -0.39 12.80
C SER B 18 4.18 -1.66 12.66
N THR B 19 4.19 -2.26 11.49
CA THR B 19 4.96 -3.49 11.28
C THR B 19 6.43 -3.24 10.93
N PHE B 20 6.70 -3.11 9.65
CA PHE B 20 8.06 -2.93 9.15
C PHE B 20 8.54 -1.50 9.29
N PHE B 21 7.60 -0.59 9.23
CA PHE B 21 7.92 0.79 9.33
C PHE B 21 8.36 1.17 10.73
N THR B 22 7.99 0.37 11.70
CA THR B 22 8.39 0.63 13.06
C THR B 22 9.89 0.46 13.19
N PHE B 23 10.48 -0.26 12.25
CA PHE B 23 11.91 -0.46 12.23
C PHE B 23 12.58 0.90 12.08
N ALA B 24 11.87 1.85 11.47
CA ALA B 24 12.37 3.22 11.30
C ALA B 24 13.11 3.67 12.55
N GLY B 25 12.52 3.37 13.69
CA GLY B 25 13.14 3.68 14.97
C GLY B 25 14.63 3.45 14.97
N ARG B 26 15.09 2.50 14.15
CA ARG B 26 16.52 2.19 14.03
C ARG B 26 17.30 3.49 13.87
N GLU B 27 16.69 4.45 13.20
CA GLU B 27 17.31 5.76 13.00
C GLU B 27 17.00 6.69 14.18
N GLY B 28 17.98 7.50 14.56
CA GLY B 28 17.82 8.40 15.68
C GLY B 28 16.56 9.24 15.61
N ARG B 29 16.69 10.47 15.10
CA ARG B 29 15.55 11.38 14.99
C ARG B 29 14.31 10.66 14.47
N LYS B 30 13.17 11.34 14.57
CA LYS B 30 11.92 10.77 14.10
C LYS B 30 11.63 11.30 12.69
N GLY B 31 12.60 11.12 11.81
CA GLY B 31 12.45 11.55 10.44
C GLY B 31 12.08 10.41 9.56
N SER B 32 13.02 9.58 9.20
CA SER B 32 12.68 8.47 8.34
C SER B 32 13.37 7.20 8.76
N LEU B 33 13.01 6.16 8.05
CA LEU B 33 13.53 4.83 8.25
C LEU B 33 14.67 4.58 7.28
N ASN B 34 15.60 3.70 7.63
CA ASN B 34 16.72 3.47 6.75
C ASN B 34 16.73 2.03 6.25
N ILE B 35 17.82 1.32 6.49
CA ILE B 35 17.91 -0.07 6.08
C ILE B 35 18.64 -0.92 7.10
N ASN B 36 18.44 -0.59 8.37
CA ASN B 36 19.06 -1.34 9.44
C ASN B 36 18.23 -2.57 9.70
N GLU B 37 17.01 -2.40 10.18
CA GLU B 37 16.18 -3.57 10.36
C GLU B 37 15.58 -4.01 9.03
N PHE B 38 15.65 -3.16 8.00
CA PHE B 38 15.17 -3.53 6.68
C PHE B 38 15.84 -4.84 6.30
N LYS B 39 17.08 -4.98 6.76
CA LYS B 39 17.88 -6.17 6.51
C LYS B 39 17.19 -7.40 7.04
N GLU B 40 16.23 -7.18 7.92
CA GLU B 40 15.44 -8.26 8.47
C GLU B 40 14.33 -8.63 7.49
N LEU B 41 14.23 -7.88 6.39
CA LEU B 41 13.20 -8.10 5.41
C LEU B 41 13.55 -9.25 4.49
N ALA B 42 14.21 -8.95 3.37
CA ALA B 42 14.57 -9.98 2.40
C ALA B 42 15.05 -11.24 3.07
N THR B 43 15.67 -11.06 4.22
CA THR B 43 16.16 -12.18 4.99
C THR B 43 15.01 -13.14 5.28
N GLN B 44 13.98 -12.61 5.93
CA GLN B 44 12.78 -13.39 6.25
C GLN B 44 11.85 -13.42 5.06
N GLN B 45 11.78 -12.32 4.33
CA GLN B 45 10.94 -12.22 3.17
C GLN B 45 11.44 -13.24 2.15
N LEU B 46 12.73 -13.60 2.25
CA LEU B 46 13.33 -14.59 1.36
C LEU B 46 12.41 -15.79 1.32
N PRO B 47 12.33 -16.62 2.40
CA PRO B 47 11.41 -17.73 2.37
C PRO B 47 10.01 -17.29 2.73
N HIS B 48 9.29 -16.97 1.69
CA HIS B 48 7.91 -16.61 1.75
C HIS B 48 7.03 -17.77 1.33
N LEU B 49 5.79 -17.46 1.02
CA LEU B 49 4.90 -18.47 0.48
C LEU B 49 5.22 -18.54 -1.01
N LEU B 50 4.66 -17.61 -1.78
CA LEU B 50 4.93 -17.50 -3.20
C LEU B 50 6.18 -16.64 -3.42
N LYS B 51 7.25 -16.96 -2.70
CA LYS B 51 8.49 -16.20 -2.75
C LYS B 51 8.85 -15.71 -4.15
N ASP B 52 9.63 -14.64 -4.18
CA ASP B 52 10.10 -14.03 -5.42
C ASP B 52 11.59 -14.34 -5.62
N VAL B 53 12.29 -14.49 -4.48
CA VAL B 53 13.72 -14.81 -4.42
C VAL B 53 14.57 -13.57 -4.19
N GLY B 54 14.54 -13.07 -2.97
CA GLY B 54 15.32 -11.91 -2.60
C GLY B 54 16.80 -12.11 -2.84
N SER B 55 17.26 -11.68 -4.02
CA SER B 55 18.65 -11.82 -4.38
C SER B 55 19.55 -11.15 -3.34
N LEU B 56 20.74 -11.71 -3.14
CA LEU B 56 21.69 -11.18 -2.16
C LEU B 56 22.05 -9.73 -2.45
N ASP B 57 22.57 -9.46 -3.63
CA ASP B 57 22.97 -8.11 -4.00
C ASP B 57 21.81 -7.15 -3.98
N GLU B 58 20.72 -7.60 -4.54
CA GLU B 58 19.50 -6.80 -4.62
C GLU B 58 19.16 -6.29 -3.24
N LYS B 59 19.49 -7.10 -2.25
CA LYS B 59 19.27 -6.74 -0.87
C LYS B 59 20.29 -5.72 -0.41
N MET B 60 21.49 -5.80 -0.98
CA MET B 60 22.55 -4.86 -0.64
C MET B 60 22.39 -3.56 -1.41
N LYS B 61 21.81 -3.67 -2.59
CA LYS B 61 21.58 -2.50 -3.44
C LYS B 61 20.32 -1.78 -2.99
N THR B 62 19.25 -2.54 -2.83
CA THR B 62 18.00 -1.98 -2.37
C THR B 62 18.20 -1.23 -1.06
N LEU B 63 19.28 -1.59 -0.35
CA LEU B 63 19.62 -0.93 0.90
C LEU B 63 19.61 0.58 0.73
N ASP B 64 20.22 1.05 -0.36
CA ASP B 64 20.26 2.47 -0.66
C ASP B 64 18.96 2.93 -1.31
N VAL B 65 18.45 2.11 -2.24
CA VAL B 65 17.21 2.43 -2.94
C VAL B 65 16.03 2.55 -1.98
N ASN B 66 15.82 1.50 -1.19
CA ASN B 66 14.72 1.47 -0.23
C ASN B 66 15.05 2.22 1.06
N GLN B 67 16.13 3.00 1.05
CA GLN B 67 16.55 3.78 2.21
C GLN B 67 15.36 4.38 2.93
N ASP B 68 14.67 5.26 2.23
CA ASP B 68 13.51 5.95 2.75
C ASP B 68 12.24 5.10 2.64
N SER B 69 12.40 3.80 2.35
CA SER B 69 11.24 2.90 2.20
C SER B 69 10.18 3.22 3.23
N GLU B 70 10.63 3.60 4.41
CA GLU B 70 9.73 4.01 5.47
C GLU B 70 10.06 5.43 5.87
N LEU B 71 9.05 6.12 6.36
CA LEU B 71 9.24 7.46 6.75
C LEU B 71 8.46 7.87 8.02
N ARG B 72 8.97 8.89 8.69
CA ARG B 72 8.33 9.50 9.84
C ARG B 72 8.01 10.96 9.50
N PHE B 73 8.89 11.56 8.68
CA PHE B 73 8.73 12.94 8.21
C PHE B 73 8.07 13.06 6.79
N SER B 74 8.82 13.21 5.69
CA SER B 74 8.15 13.45 4.38
C SER B 74 8.37 12.37 3.36
N GLU B 75 9.37 11.56 3.57
CA GLU B 75 9.69 10.46 2.68
C GLU B 75 8.58 9.38 2.57
N TYR B 76 7.37 9.65 3.08
CA TYR B 76 6.32 8.65 3.05
C TYR B 76 6.00 8.23 1.63
N TRP B 77 6.37 9.07 0.68
CA TRP B 77 6.17 8.72 -0.72
C TRP B 77 6.89 7.42 -1.02
N ARG B 78 7.80 7.02 -0.14
CA ARG B 78 8.49 5.78 -0.32
C ARG B 78 7.57 4.60 -0.05
N LEU B 79 6.75 4.67 1.02
CA LEU B 79 5.82 3.59 1.32
C LEU B 79 4.96 3.33 0.11
N ILE B 80 4.77 4.37 -0.68
CA ILE B 80 3.97 4.30 -1.88
C ILE B 80 4.23 2.99 -2.64
N GLY B 81 5.50 2.73 -2.95
CA GLY B 81 5.86 1.51 -3.65
C GLY B 81 6.03 0.31 -2.71
N GLU B 82 6.02 0.56 -1.40
CA GLU B 82 6.19 -0.47 -0.39
C GLU B 82 4.91 -1.24 -0.14
N LEU B 83 3.89 -0.52 0.30
CA LEU B 83 2.60 -1.12 0.57
C LEU B 83 2.13 -1.89 -0.65
N ALA B 84 2.71 -1.54 -1.79
CA ALA B 84 2.39 -2.24 -3.02
C ALA B 84 3.15 -3.55 -3.12
N LYS B 85 4.39 -3.58 -2.62
CA LYS B 85 5.21 -4.81 -2.67
C LYS B 85 4.39 -6.01 -2.32
N GLU B 86 3.79 -5.91 -1.18
CA GLU B 86 2.93 -6.97 -0.66
C GLU B 86 1.83 -7.30 -1.66
N VAL B 87 1.34 -6.26 -2.32
CA VAL B 87 0.28 -6.41 -3.30
C VAL B 87 0.82 -6.88 -4.66
N ARG B 88 2.09 -6.61 -4.89
CA ARG B 88 2.73 -6.97 -6.16
C ARG B 88 2.66 -8.47 -6.44
N LYS B 89 3.02 -9.29 -5.47
CA LYS B 89 2.97 -10.73 -5.65
C LYS B 89 1.55 -11.23 -5.52
N GLU B 90 0.83 -10.57 -4.64
CA GLU B 90 -0.54 -10.91 -4.36
C GLU B 90 -1.38 -10.79 -5.63
N LYS B 91 -0.87 -10.07 -6.63
CA LYS B 91 -1.56 -9.94 -7.89
C LYS B 91 -1.84 -11.32 -8.48
N ALA B 92 -0.79 -12.14 -8.51
CA ALA B 92 -0.89 -13.50 -9.04
C ALA B 92 -1.42 -14.48 -8.00
N LEU B 93 -1.19 -14.22 -6.72
CA LEU B 93 -1.68 -15.12 -5.69
C LEU B 93 -3.13 -14.87 -5.36
N GLY B 94 -3.56 -13.61 -5.50
CA GLY B 94 -4.95 -13.26 -5.22
C GLY B 94 -5.92 -14.30 -5.72
N ILE B 95 -5.60 -14.81 -6.91
CA ILE B 95 -6.44 -15.81 -7.54
C ILE B 95 -6.41 -17.11 -6.80
N ARG B 96 -6.91 -17.10 -5.58
CA ARG B 96 -6.98 -18.32 -4.80
C ARG B 96 -8.03 -19.24 -5.40
N LYS B 97 -8.88 -18.67 -6.26
CA LYS B 97 -9.91 -19.44 -6.95
C LYS B 97 -9.46 -19.75 -8.36
N LYS B 98 -8.67 -20.80 -8.50
CA LYS B 98 -8.15 -21.22 -9.79
C LYS B 98 -8.80 -22.53 -10.25
N MET A 1 18.12 -4.72 3.04
CA MET A 1 17.51 -5.70 2.10
C MET A 1 16.59 -5.00 1.12
N ALA A 2 16.07 -5.76 0.16
CA ALA A 2 15.19 -5.20 -0.85
C ALA A 2 13.76 -5.69 -0.66
N ALA A 3 12.82 -4.98 -1.26
CA ALA A 3 11.42 -5.37 -1.17
C ALA A 3 11.20 -6.66 -1.90
N GLU A 4 11.61 -7.75 -1.27
CA GLU A 4 11.46 -9.07 -1.87
C GLU A 4 9.98 -9.45 -1.92
N THR A 5 9.59 -10.63 -1.43
CA THR A 5 8.19 -11.01 -1.47
C THR A 5 7.34 -10.16 -0.51
N LEU A 6 6.23 -10.71 0.01
CA LEU A 6 5.35 -9.99 0.90
C LEU A 6 5.99 -9.71 2.25
N THR A 7 6.52 -8.51 2.42
CA THR A 7 7.14 -8.15 3.69
C THR A 7 6.08 -7.97 4.76
N GLU A 8 6.50 -7.70 5.98
CA GLU A 8 5.56 -7.53 7.09
C GLU A 8 4.36 -6.67 6.69
N LEU A 9 4.58 -5.81 5.70
CA LEU A 9 3.55 -4.92 5.21
C LEU A 9 2.33 -5.66 4.66
N GLU A 10 2.52 -6.90 4.18
CA GLU A 10 1.38 -7.67 3.67
C GLU A 10 0.31 -7.74 4.74
N ALA A 11 0.75 -7.79 6.00
CA ALA A 11 -0.19 -7.81 7.11
C ALA A 11 -1.12 -6.62 6.98
N ALA A 12 -0.59 -5.56 6.38
CA ALA A 12 -1.36 -4.36 6.14
C ALA A 12 -2.41 -4.61 5.07
N ILE A 13 -2.11 -5.52 4.13
CA ILE A 13 -3.06 -5.85 3.08
C ILE A 13 -4.40 -6.24 3.72
N GLU A 14 -4.32 -6.80 4.94
CA GLU A 14 -5.49 -7.23 5.69
C GLU A 14 -6.40 -6.06 6.03
N THR A 15 -5.83 -4.94 6.47
CA THR A 15 -6.63 -3.78 6.82
C THR A 15 -7.28 -3.21 5.57
N VAL A 16 -6.44 -2.90 4.60
CA VAL A 16 -6.88 -2.33 3.33
C VAL A 16 -7.84 -3.28 2.62
N VAL A 17 -7.57 -4.57 2.68
CA VAL A 17 -8.42 -5.55 2.02
C VAL A 17 -9.72 -5.77 2.79
N SER A 18 -9.60 -5.81 4.11
CA SER A 18 -10.75 -6.03 4.98
C SER A 18 -11.55 -4.74 5.20
N THR A 19 -10.98 -3.61 4.81
CA THR A 19 -11.66 -2.33 4.97
C THR A 19 -12.60 -1.98 3.79
N PHE A 20 -12.06 -1.28 2.80
CA PHE A 20 -12.80 -0.81 1.64
C PHE A 20 -12.93 -1.89 0.59
N PHE A 21 -11.87 -2.65 0.43
CA PHE A 21 -11.86 -3.70 -0.55
C PHE A 21 -12.99 -4.66 -0.27
N THR A 22 -13.52 -4.61 0.94
CA THR A 22 -14.65 -5.46 1.27
C THR A 22 -15.84 -5.12 0.37
N PHE A 23 -15.79 -3.93 -0.23
CA PHE A 23 -16.89 -3.51 -1.11
C PHE A 23 -16.94 -4.43 -2.33
N ALA A 24 -15.89 -5.25 -2.52
CA ALA A 24 -15.86 -6.23 -3.61
C ALA A 24 -17.19 -6.94 -3.65
N GLY A 25 -17.72 -7.18 -2.46
CA GLY A 25 -19.00 -7.82 -2.30
C GLY A 25 -20.02 -7.34 -3.31
N ARG A 26 -19.87 -6.09 -3.75
CA ARG A 26 -20.76 -5.50 -4.75
C ARG A 26 -21.05 -6.50 -5.86
N GLU A 27 -19.99 -7.11 -6.37
CA GLU A 27 -20.11 -8.11 -7.43
C GLU A 27 -20.31 -9.49 -6.81
N GLY A 28 -21.38 -10.16 -7.21
CA GLY A 28 -21.71 -11.47 -6.66
C GLY A 28 -20.50 -12.37 -6.46
N ARG A 29 -20.14 -13.11 -7.51
CA ARG A 29 -19.02 -14.04 -7.45
C ARG A 29 -17.82 -13.46 -6.70
N LYS A 30 -16.86 -14.33 -6.38
CA LYS A 30 -15.67 -13.91 -5.67
C LYS A 30 -14.56 -13.67 -6.67
N GLY A 31 -14.79 -12.71 -7.56
CA GLY A 31 -13.81 -12.38 -8.58
C GLY A 31 -13.08 -11.11 -8.26
N SER A 32 -13.69 -9.98 -8.51
CA SER A 32 -13.04 -8.74 -8.16
C SER A 32 -14.03 -7.70 -7.71
N LEU A 33 -13.46 -6.62 -7.23
CA LEU A 33 -14.19 -5.47 -6.79
C LEU A 33 -14.19 -4.48 -7.92
N ASN A 34 -15.14 -3.55 -7.96
CA ASN A 34 -15.18 -2.64 -9.08
C ASN A 34 -15.13 -1.17 -8.66
N ILE A 35 -16.12 -0.37 -9.05
CA ILE A 35 -16.16 1.02 -8.67
C ILE A 35 -17.57 1.47 -8.34
N ASN A 36 -18.38 0.56 -7.87
CA ASN A 36 -19.75 0.86 -7.50
C ASN A 36 -19.74 1.50 -6.12
N GLU A 37 -19.26 0.75 -5.16
CA GLU A 37 -19.15 1.30 -3.81
C GLU A 37 -17.91 2.16 -3.71
N PHE A 38 -16.96 1.97 -4.63
CA PHE A 38 -15.77 2.81 -4.66
C PHE A 38 -16.24 4.25 -4.73
N LYS A 39 -17.44 4.44 -5.28
CA LYS A 39 -18.01 5.75 -5.41
C LYS A 39 -18.21 6.43 -4.07
N GLU A 40 -18.13 5.64 -3.04
CA GLU A 40 -18.23 6.12 -1.68
C GLU A 40 -16.88 6.68 -1.25
N LEU A 41 -15.86 6.38 -2.07
CA LEU A 41 -14.50 6.84 -1.80
C LEU A 41 -14.36 8.34 -1.97
N ALA A 42 -13.92 8.80 -3.16
CA ALA A 42 -13.68 10.22 -3.42
C ALA A 42 -14.68 11.10 -2.70
N THR A 43 -15.89 10.61 -2.61
CA THR A 43 -16.95 11.33 -1.98
C THR A 43 -16.58 11.69 -0.54
N GLN A 44 -16.25 10.69 0.27
CA GLN A 44 -15.84 10.92 1.64
C GLN A 44 -14.37 11.28 1.74
N GLN A 45 -13.53 10.65 0.92
CA GLN A 45 -12.11 10.97 0.98
C GLN A 45 -11.90 12.37 0.44
N LEU A 46 -12.93 12.90 -0.26
CA LEU A 46 -12.88 14.26 -0.76
C LEU A 46 -12.45 15.17 0.37
N PRO A 47 -13.31 15.45 1.37
CA PRO A 47 -12.86 16.30 2.44
C PRO A 47 -12.02 15.56 3.46
N HIS A 48 -10.73 15.54 3.20
CA HIS A 48 -9.72 15.00 4.11
C HIS A 48 -9.06 16.11 4.90
N LEU A 49 -7.95 15.77 5.54
CA LEU A 49 -7.15 16.77 6.21
C LEU A 49 -6.30 17.40 5.11
N LEU A 50 -5.33 16.63 4.61
CA LEU A 50 -4.48 17.05 3.49
C LEU A 50 -5.15 16.69 2.16
N LYS A 51 -6.45 16.95 2.06
CA LYS A 51 -7.23 16.63 0.87
C LYS A 51 -6.49 16.89 -0.43
N ASP A 52 -6.75 16.03 -1.41
CA ASP A 52 -6.13 16.14 -2.73
C ASP A 52 -7.11 16.71 -3.76
N VAL A 53 -8.37 16.88 -3.35
CA VAL A 53 -9.41 17.46 -4.19
C VAL A 53 -9.60 16.67 -5.47
N GLY A 54 -10.30 15.55 -5.34
CA GLY A 54 -10.57 14.71 -6.48
C GLY A 54 -11.62 15.32 -7.38
N SER A 55 -11.21 15.69 -8.59
CA SER A 55 -12.12 16.30 -9.54
C SER A 55 -13.23 15.33 -9.92
N LEU A 56 -14.46 15.85 -10.01
CA LEU A 56 -15.63 15.03 -10.35
C LEU A 56 -15.32 14.08 -11.49
N ASP A 57 -14.86 14.62 -12.61
CA ASP A 57 -14.54 13.79 -13.77
C ASP A 57 -13.55 12.70 -13.41
N GLU A 58 -12.46 13.11 -12.77
CA GLU A 58 -11.40 12.18 -12.37
C GLU A 58 -12.01 11.00 -11.65
N LYS A 59 -13.08 11.28 -10.93
CA LYS A 59 -13.78 10.26 -10.20
C LYS A 59 -14.58 9.38 -11.15
N MET A 60 -14.99 9.95 -12.26
CA MET A 60 -15.74 9.22 -13.27
C MET A 60 -14.81 8.42 -14.19
N LYS A 61 -13.59 8.95 -14.41
CA LYS A 61 -12.62 8.29 -15.29
C LYS A 61 -11.96 7.14 -14.55
N THR A 62 -11.26 7.49 -13.48
CA THR A 62 -10.58 6.50 -12.67
C THR A 62 -11.55 5.39 -12.29
N LEU A 63 -12.84 5.74 -12.29
CA LEU A 63 -13.92 4.80 -12.00
C LEU A 63 -13.69 3.47 -12.73
N ASP A 64 -13.84 3.50 -14.05
CA ASP A 64 -13.66 2.30 -14.86
C ASP A 64 -12.22 1.77 -14.73
N VAL A 65 -11.31 2.63 -14.28
CA VAL A 65 -9.91 2.25 -14.13
C VAL A 65 -9.67 1.47 -12.84
N ASN A 66 -9.88 2.12 -11.70
CA ASN A 66 -9.67 1.49 -10.39
C ASN A 66 -10.84 0.62 -9.96
N GLN A 67 -11.42 -0.14 -10.88
CA GLN A 67 -12.53 -1.00 -10.49
C GLN A 67 -12.02 -2.12 -9.65
N ASP A 68 -10.98 -2.75 -10.15
CA ASP A 68 -10.40 -3.89 -9.51
C ASP A 68 -9.44 -3.49 -8.40
N SER A 69 -9.51 -2.22 -7.94
CA SER A 69 -8.66 -1.71 -6.87
C SER A 69 -8.56 -2.78 -5.79
N GLU A 70 -9.66 -3.50 -5.67
CA GLU A 70 -9.77 -4.66 -4.81
C GLU A 70 -9.92 -5.85 -5.72
N LEU A 71 -9.49 -6.98 -5.27
CA LEU A 71 -9.60 -8.14 -6.08
C LEU A 71 -9.86 -9.45 -5.30
N ARG A 72 -10.58 -10.38 -5.92
CA ARG A 72 -10.81 -11.70 -5.37
C ARG A 72 -10.00 -12.72 -6.21
N PHE A 73 -9.85 -12.44 -7.53
CA PHE A 73 -9.04 -13.28 -8.42
C PHE A 73 -7.59 -12.75 -8.59
N SER A 74 -7.20 -12.24 -9.77
CA SER A 74 -5.78 -11.83 -9.97
C SER A 74 -5.57 -10.34 -10.16
N GLU A 75 -6.62 -9.60 -10.15
CA GLU A 75 -6.52 -8.14 -10.30
C GLU A 75 -5.98 -7.42 -9.04
N TYR A 76 -5.36 -8.16 -8.11
CA TYR A 76 -4.87 -7.58 -6.87
C TYR A 76 -3.80 -6.56 -7.14
N TRP A 77 -3.19 -6.66 -8.28
CA TRP A 77 -2.19 -5.68 -8.68
C TRP A 77 -2.84 -4.29 -8.72
N ARG A 78 -4.18 -4.26 -8.67
CA ARG A 78 -4.90 -3.01 -8.72
C ARG A 78 -4.81 -2.33 -7.36
N LEU A 79 -4.76 -3.14 -6.30
CA LEU A 79 -4.60 -2.59 -4.96
C LEU A 79 -3.23 -1.94 -4.87
N ILE A 80 -2.33 -2.33 -5.78
CA ILE A 80 -0.98 -1.83 -5.78
C ILE A 80 -0.92 -0.31 -5.61
N GLY A 81 -1.58 0.42 -6.50
CA GLY A 81 -1.60 1.87 -6.39
C GLY A 81 -2.65 2.36 -5.41
N GLU A 82 -3.34 1.42 -4.76
CA GLU A 82 -4.38 1.79 -3.82
C GLU A 82 -3.78 2.11 -2.46
N LEU A 83 -3.22 1.10 -1.81
CA LEU A 83 -2.60 1.29 -0.50
C LEU A 83 -1.74 2.54 -0.49
N ALA A 84 -1.22 2.88 -1.65
CA ALA A 84 -0.38 4.06 -1.79
C ALA A 84 -1.20 5.35 -1.80
N LYS A 85 -2.41 5.30 -2.38
CA LYS A 85 -3.28 6.47 -2.41
C LYS A 85 -3.31 7.15 -1.04
N GLU A 86 -3.13 6.34 -0.03
CA GLU A 86 -3.11 6.81 1.34
C GLU A 86 -1.74 7.39 1.66
N VAL A 87 -0.72 6.70 1.19
CA VAL A 87 0.65 7.12 1.42
C VAL A 87 1.07 8.24 0.46
N ARG A 88 0.25 8.53 -0.53
CA ARG A 88 0.57 9.55 -1.51
C ARG A 88 0.54 10.94 -0.89
N LYS A 89 -0.56 11.31 -0.25
CA LYS A 89 -0.65 12.62 0.37
C LYS A 89 0.03 12.59 1.71
N GLU A 90 0.01 11.44 2.34
CA GLU A 90 0.65 11.25 3.62
C GLU A 90 2.15 11.54 3.52
N LYS A 91 2.67 11.54 2.29
CA LYS A 91 4.07 11.83 2.06
C LYS A 91 4.42 13.19 2.63
N ALA A 92 3.60 14.17 2.29
CA ALA A 92 3.80 15.54 2.76
C ALA A 92 3.25 15.75 4.16
N LEU A 93 2.33 14.89 4.60
CA LEU A 93 1.77 15.01 5.94
C LEU A 93 2.68 14.37 6.99
N GLY A 94 3.37 13.30 6.59
CA GLY A 94 4.27 12.60 7.52
C GLY A 94 5.07 13.55 8.37
N ILE A 95 5.46 14.67 7.77
CA ILE A 95 6.27 15.65 8.47
C ILE A 95 5.51 16.29 9.62
N ARG A 96 5.21 15.47 10.62
CA ARG A 96 4.53 15.95 11.80
C ARG A 96 5.42 16.98 12.48
N LYS A 97 6.71 16.93 12.17
CA LYS A 97 7.67 17.87 12.70
C LYS A 97 7.64 19.13 11.84
N LYS A 98 6.67 19.99 12.10
CA LYS A 98 6.52 21.23 11.34
C LYS A 98 6.86 22.44 12.19
N MET B 1 -16.06 6.36 -7.90
CA MET B 1 -15.22 7.52 -7.50
C MET B 1 -13.76 7.25 -7.79
N ALA B 2 -12.92 8.25 -7.58
CA ALA B 2 -11.49 8.11 -7.82
C ALA B 2 -10.71 8.09 -6.53
N ALA B 3 -9.48 7.60 -6.59
CA ALA B 3 -8.63 7.54 -5.41
C ALA B 3 -8.26 8.96 -5.00
N GLU B 4 -9.21 9.62 -4.36
CA GLU B 4 -9.01 10.99 -3.91
C GLU B 4 -7.99 11.01 -2.77
N THR B 5 -8.30 11.65 -1.64
CA THR B 5 -7.35 11.68 -0.54
C THR B 5 -7.18 10.29 0.11
N LEU B 6 -6.86 10.25 1.40
CA LEU B 6 -6.64 8.99 2.10
C LEU B 6 -7.93 8.19 2.27
N THR B 7 -8.14 7.22 1.40
CA THR B 7 -9.33 6.39 1.49
C THR B 7 -9.24 5.46 2.69
N GLU B 8 -10.31 4.72 2.95
CA GLU B 8 -10.32 3.78 4.08
C GLU B 8 -9.01 3.03 4.22
N LEU B 9 -8.33 2.86 3.08
CA LEU B 9 -7.07 2.16 3.02
C LEU B 9 -5.99 2.78 3.92
N GLU B 10 -6.09 4.09 4.19
CA GLU B 10 -5.10 4.75 5.05
C GLU B 10 -5.06 4.02 6.38
N ALA B 11 -6.22 3.51 6.79
CA ALA B 11 -6.30 2.75 8.03
C ALA B 11 -5.28 1.62 7.95
N ALA B 12 -5.02 1.18 6.72
CA ALA B 12 -4.04 0.13 6.48
C ALA B 12 -2.63 0.66 6.73
N ILE B 13 -2.43 1.96 6.50
CA ILE B 13 -1.12 2.56 6.72
C ILE B 13 -0.67 2.25 8.15
N GLU B 14 -1.67 2.11 9.05
CA GLU B 14 -1.42 1.83 10.46
C GLU B 14 -0.72 0.48 10.65
N THR B 15 -1.18 -0.55 9.94
CA THR B 15 -0.57 -1.85 10.05
C THR B 15 0.84 -1.83 9.51
N VAL B 16 0.94 -1.40 8.27
CA VAL B 16 2.22 -1.30 7.58
C VAL B 16 3.18 -0.37 8.30
N VAL B 17 2.65 0.74 8.82
CA VAL B 17 3.48 1.70 9.53
C VAL B 17 3.86 1.19 10.91
N SER B 18 2.88 0.56 11.57
CA SER B 18 3.10 0.03 12.91
C SER B 18 3.80 -1.33 12.87
N THR B 19 3.86 -1.95 11.70
CA THR B 19 4.52 -3.25 11.57
C THR B 19 6.03 -3.12 11.35
N PHE B 20 6.45 -3.14 10.09
CA PHE B 20 7.85 -3.06 9.72
C PHE B 20 8.41 -1.66 9.83
N PHE B 21 7.62 -0.70 9.41
CA PHE B 21 8.06 0.67 9.44
C PHE B 21 8.49 1.09 10.84
N THR B 22 8.06 0.33 11.85
CA THR B 22 8.47 0.63 13.20
C THR B 22 9.99 0.57 13.33
N PHE B 23 10.62 -0.10 12.35
CA PHE B 23 12.07 -0.22 12.34
C PHE B 23 12.71 1.16 12.19
N ALA B 24 11.90 2.16 11.83
CA ALA B 24 12.39 3.55 11.72
C ALA B 24 13.24 3.88 12.93
N GLY B 25 12.75 3.44 14.09
CA GLY B 25 13.47 3.62 15.34
C GLY B 25 14.96 3.44 15.20
N ARG B 26 15.39 2.62 14.22
CA ARG B 26 16.82 2.40 13.97
C ARG B 26 17.56 3.73 14.06
N GLU B 27 17.03 4.71 13.34
CA GLU B 27 17.56 6.06 13.37
C GLU B 27 16.97 6.84 14.55
N GLY B 28 17.86 7.40 15.38
CA GLY B 28 17.43 8.14 16.56
C GLY B 28 16.23 9.04 16.34
N ARG B 29 16.49 10.27 15.92
CA ARG B 29 15.43 11.26 15.69
C ARG B 29 14.21 10.64 15.01
N LYS B 30 13.11 11.39 15.01
CA LYS B 30 11.89 10.95 14.38
C LYS B 30 11.81 11.53 12.99
N GLY B 31 12.79 11.16 12.17
CA GLY B 31 12.83 11.63 10.80
C GLY B 31 12.37 10.58 9.85
N SER B 32 13.22 9.64 9.54
CA SER B 32 12.81 8.56 8.68
C SER B 32 13.46 7.26 9.02
N LEU B 33 12.98 6.25 8.35
CA LEU B 33 13.48 4.91 8.49
C LEU B 33 14.44 4.68 7.35
N ASN B 34 15.40 3.76 7.48
CA ASN B 34 16.33 3.57 6.41
C ASN B 34 16.32 2.14 5.88
N ILE B 35 17.45 1.48 5.87
CA ILE B 35 17.53 0.11 5.40
C ILE B 35 18.42 -0.73 6.28
N ASN B 36 18.50 -0.38 7.55
CA ASN B 36 19.30 -1.13 8.49
C ASN B 36 18.51 -2.34 8.92
N GLU B 37 17.38 -2.12 9.56
CA GLU B 37 16.55 -3.25 9.93
C GLU B 37 15.79 -3.76 8.72
N PHE B 38 15.69 -2.94 7.66
CA PHE B 38 15.05 -3.36 6.43
C PHE B 38 15.73 -4.64 5.96
N LYS B 39 17.00 -4.75 6.31
CA LYS B 39 17.80 -5.91 5.95
C LYS B 39 17.15 -7.20 6.48
N GLU B 40 16.26 -7.04 7.42
CA GLU B 40 15.53 -8.15 7.98
C GLU B 40 14.36 -8.52 7.05
N LEU B 41 14.19 -7.76 5.96
CA LEU B 41 13.10 -8.00 5.04
C LEU B 41 13.43 -9.11 4.08
N ALA B 42 14.03 -8.77 2.94
CA ALA B 42 14.33 -9.75 1.89
C ALA B 42 14.77 -11.06 2.49
N THR B 43 15.51 -10.95 3.57
CA THR B 43 16.01 -12.10 4.26
C THR B 43 14.87 -13.07 4.60
N GLN B 44 13.86 -12.56 5.31
CA GLN B 44 12.69 -13.36 5.69
C GLN B 44 11.66 -13.41 4.57
N GLN B 45 11.34 -12.26 3.98
CA GLN B 45 10.39 -12.25 2.89
C GLN B 45 10.95 -13.09 1.74
N LEU B 46 12.26 -13.38 1.77
CA LEU B 46 12.88 -14.23 0.76
C LEU B 46 12.03 -15.48 0.61
N PRO B 47 12.07 -16.43 1.58
CA PRO B 47 11.22 -17.60 1.43
C PRO B 47 9.79 -17.34 1.87
N HIS B 48 9.03 -16.95 0.89
CA HIS B 48 7.61 -16.74 0.99
C HIS B 48 6.85 -17.90 0.40
N LEU B 49 5.57 -17.67 0.15
CA LEU B 49 4.76 -18.64 -0.55
C LEU B 49 5.02 -18.40 -2.03
N LEU B 50 4.48 -17.29 -2.55
CA LEU B 50 4.72 -16.88 -3.94
C LEU B 50 6.00 -16.04 -4.04
N LYS B 51 7.06 -16.46 -3.35
CA LYS B 51 8.31 -15.73 -3.31
C LYS B 51 8.69 -15.13 -4.66
N ASP B 52 9.39 -14.00 -4.59
CA ASP B 52 9.82 -13.28 -5.78
C ASP B 52 11.32 -13.45 -6.02
N VAL B 53 11.99 -14.10 -5.05
CA VAL B 53 13.41 -14.38 -5.12
C VAL B 53 14.23 -13.13 -5.26
N GLY B 54 14.32 -12.43 -4.13
CA GLY B 54 15.09 -11.21 -4.07
C GLY B 54 16.57 -11.47 -4.19
N SER B 55 17.14 -11.05 -5.31
CA SER B 55 18.56 -11.25 -5.56
C SER B 55 19.41 -10.48 -4.56
N LEU B 56 20.46 -11.13 -4.08
CA LEU B 56 21.35 -10.53 -3.09
C LEU B 56 21.69 -9.08 -3.43
N ASP B 57 22.21 -8.85 -4.62
CA ASP B 57 22.56 -7.50 -5.04
C ASP B 57 21.39 -6.56 -4.93
N GLU B 58 20.29 -6.99 -5.49
CA GLU B 58 19.05 -6.21 -5.48
C GLU B 58 18.76 -5.73 -4.09
N LYS B 59 19.11 -6.57 -3.12
CA LYS B 59 18.90 -6.24 -1.74
C LYS B 59 19.91 -5.19 -1.29
N MET B 60 21.07 -5.19 -1.93
CA MET B 60 22.11 -4.22 -1.61
C MET B 60 21.88 -2.89 -2.32
N LYS B 61 21.26 -2.93 -3.51
CA LYS B 61 20.99 -1.72 -4.28
C LYS B 61 19.79 -1.01 -3.74
N THR B 62 18.64 -1.70 -3.80
CA THR B 62 17.40 -1.15 -3.29
C THR B 62 17.60 -0.65 -1.87
N LEU B 63 18.61 -1.21 -1.21
CA LEU B 63 18.96 -0.82 0.15
C LEU B 63 18.99 0.70 0.29
N ASP B 64 19.99 1.33 -0.34
CA ASP B 64 20.13 2.77 -0.28
C ASP B 64 18.91 3.48 -0.89
N VAL B 65 18.15 2.74 -1.69
CA VAL B 65 16.97 3.29 -2.34
C VAL B 65 15.76 3.32 -1.40
N ASN B 66 15.32 2.14 -0.98
CA ASN B 66 14.16 2.02 -0.10
C ASN B 66 14.49 2.27 1.37
N GLN B 67 15.39 3.20 1.68
CA GLN B 67 15.69 3.44 3.07
C GLN B 67 14.52 4.08 3.76
N ASP B 68 13.99 5.10 3.14
CA ASP B 68 12.90 5.85 3.68
C ASP B 68 11.58 5.15 3.45
N SER B 69 11.60 3.86 3.06
CA SER B 69 10.38 3.09 2.83
C SER B 69 9.37 3.44 3.92
N GLU B 70 9.93 3.72 5.09
CA GLU B 70 9.17 4.19 6.23
C GLU B 70 9.60 5.60 6.44
N LEU B 71 8.74 6.39 7.00
CA LEU B 71 9.10 7.73 7.23
C LEU B 71 8.47 8.37 8.49
N ARG B 72 9.20 9.29 9.11
CA ARG B 72 8.70 10.05 10.24
C ARG B 72 8.44 11.48 9.78
N PHE B 73 9.26 11.97 8.81
CA PHE B 73 9.07 13.30 8.24
C PHE B 73 8.27 13.29 6.91
N SER B 74 8.90 13.55 5.78
CA SER B 74 8.15 13.66 4.49
C SER B 74 8.42 12.57 3.47
N GLU B 75 9.36 11.71 3.77
CA GLU B 75 9.70 10.60 2.86
C GLU B 75 8.63 9.49 2.84
N TYR B 76 7.41 9.76 3.32
CA TYR B 76 6.38 8.75 3.39
C TYR B 76 6.03 8.22 2.01
N TRP B 77 6.26 9.05 1.01
CA TRP B 77 6.02 8.63 -0.37
C TRP B 77 6.83 7.37 -0.64
N ARG B 78 7.83 7.11 0.20
CA ARG B 78 8.64 5.92 0.05
C ARG B 78 7.83 4.68 0.37
N LEU B 79 6.82 4.83 1.25
CA LEU B 79 5.96 3.70 1.60
C LEU B 79 5.05 3.42 0.41
N ILE B 80 4.88 4.43 -0.44
CA ILE B 80 4.01 4.31 -1.60
C ILE B 80 4.23 2.98 -2.33
N GLY B 81 5.47 2.68 -2.70
CA GLY B 81 5.77 1.43 -3.38
C GLY B 81 5.95 0.26 -2.42
N GLU B 82 5.88 0.51 -1.12
CA GLU B 82 6.07 -0.53 -0.11
C GLU B 82 4.82 -1.35 0.08
N LEU B 83 3.75 -0.69 0.54
CA LEU B 83 2.49 -1.37 0.77
C LEU B 83 2.13 -2.21 -0.44
N ALA B 84 2.64 -1.78 -1.58
CA ALA B 84 2.37 -2.49 -2.81
C ALA B 84 3.24 -3.74 -2.94
N LYS B 85 4.48 -3.69 -2.42
CA LYS B 85 5.37 -4.84 -2.46
C LYS B 85 4.64 -6.11 -2.06
N GLU B 86 3.63 -5.93 -1.24
CA GLU B 86 2.82 -7.02 -0.77
C GLU B 86 1.75 -7.35 -1.79
N VAL B 87 1.18 -6.29 -2.36
CA VAL B 87 0.13 -6.44 -3.36
C VAL B 87 0.71 -6.77 -4.75
N ARG B 88 2.04 -6.71 -4.89
CA ARG B 88 2.68 -6.98 -6.17
C ARG B 88 2.60 -8.45 -6.54
N LYS B 89 3.05 -9.32 -5.66
CA LYS B 89 3.01 -10.76 -5.94
C LYS B 89 1.62 -11.29 -5.68
N GLU B 90 0.98 -10.70 -4.70
CA GLU B 90 -0.35 -11.08 -4.33
C GLU B 90 -1.30 -10.93 -5.50
N LYS B 91 -0.88 -10.15 -6.51
CA LYS B 91 -1.67 -9.97 -7.70
C LYS B 91 -1.99 -11.32 -8.33
N ALA B 92 -0.95 -12.14 -8.46
CA ALA B 92 -1.08 -13.47 -9.05
C ALA B 92 -1.58 -14.49 -8.02
N LEU B 93 -1.38 -14.22 -6.74
CA LEU B 93 -1.83 -15.15 -5.70
C LEU B 93 -3.30 -14.93 -5.40
N GLY B 94 -3.75 -13.68 -5.52
CA GLY B 94 -5.15 -13.36 -5.26
C GLY B 94 -6.10 -14.39 -5.78
N ILE B 95 -5.80 -14.93 -6.95
CA ILE B 95 -6.63 -15.93 -7.58
C ILE B 95 -6.70 -17.20 -6.78
N ARG B 96 -7.36 -17.11 -5.63
CA ARG B 96 -7.54 -18.27 -4.78
C ARG B 96 -8.38 -19.29 -5.53
N LYS B 97 -9.08 -18.82 -6.57
CA LYS B 97 -9.91 -19.68 -7.39
C LYS B 97 -9.06 -20.28 -8.49
N LYS B 98 -8.35 -21.34 -8.16
CA LYS B 98 -7.46 -22.00 -9.11
C LYS B 98 -8.00 -23.38 -9.50
N MET A 1 18.52 -4.41 3.15
CA MET A 1 17.89 -5.39 2.22
C MET A 1 17.00 -4.71 1.21
N ALA A 2 16.48 -5.51 0.30
CA ALA A 2 15.57 -5.03 -0.73
C ALA A 2 14.20 -5.64 -0.54
N ALA A 3 13.19 -5.02 -1.12
CA ALA A 3 11.85 -5.56 -1.02
C ALA A 3 11.76 -6.84 -1.81
N GLU A 4 12.00 -7.95 -1.13
CA GLU A 4 11.94 -9.25 -1.78
C GLU A 4 10.50 -9.56 -2.19
N THR A 5 9.81 -10.43 -1.47
CA THR A 5 8.45 -10.75 -1.83
C THR A 5 7.45 -9.76 -1.22
N LEU A 6 6.90 -10.10 -0.05
CA LEU A 6 5.92 -9.26 0.59
C LEU A 6 6.49 -8.56 1.80
N THR A 7 6.81 -7.30 1.66
CA THR A 7 7.36 -6.56 2.78
C THR A 7 6.42 -6.63 3.96
N GLU A 8 6.92 -6.29 5.13
CA GLU A 8 6.11 -6.30 6.35
C GLU A 8 4.75 -5.64 6.11
N LEU A 9 4.67 -4.78 5.11
CA LEU A 9 3.45 -4.07 4.81
C LEU A 9 2.34 -5.01 4.37
N GLU A 10 2.70 -6.19 3.86
CA GLU A 10 1.69 -7.17 3.46
C GLU A 10 0.78 -7.46 4.63
N ALA A 11 1.31 -7.32 5.84
CA ALA A 11 0.52 -7.51 7.04
C ALA A 11 -0.57 -6.45 7.08
N ALA A 12 -0.24 -5.30 6.52
CA ALA A 12 -1.19 -4.20 6.45
C ALA A 12 -2.25 -4.50 5.42
N ILE A 13 -1.90 -5.33 4.43
CA ILE A 13 -2.85 -5.71 3.40
C ILE A 13 -4.06 -6.42 4.05
N GLU A 14 -3.88 -6.88 5.29
CA GLU A 14 -4.95 -7.54 6.04
C GLU A 14 -6.04 -6.54 6.42
N THR A 15 -5.63 -5.30 6.69
CA THR A 15 -6.60 -4.26 7.04
C THR A 15 -7.34 -3.76 5.81
N VAL A 16 -6.56 -3.37 4.81
CA VAL A 16 -7.08 -2.84 3.56
C VAL A 16 -8.06 -3.81 2.87
N VAL A 17 -7.77 -5.10 2.93
CA VAL A 17 -8.61 -6.10 2.29
C VAL A 17 -10.05 -6.06 2.79
N SER A 18 -10.22 -5.81 4.08
CA SER A 18 -11.56 -5.77 4.66
C SER A 18 -12.26 -4.43 4.41
N THR A 19 -11.48 -3.40 4.10
CA THR A 19 -12.04 -2.08 3.86
C THR A 19 -12.56 -1.86 2.44
N PHE A 20 -11.64 -1.53 1.54
CA PHE A 20 -11.97 -1.23 0.15
C PHE A 20 -12.08 -2.45 -0.71
N PHE A 21 -11.34 -3.48 -0.39
CA PHE A 21 -11.39 -4.68 -1.19
C PHE A 21 -12.61 -5.48 -0.87
N THR A 22 -13.35 -5.03 0.13
CA THR A 22 -14.61 -5.66 0.44
C THR A 22 -15.66 -5.10 -0.51
N PHE A 23 -15.27 -4.18 -1.40
CA PHE A 23 -16.23 -3.60 -2.32
C PHE A 23 -16.78 -4.69 -3.23
N ALA A 24 -15.94 -5.65 -3.58
CA ALA A 24 -16.36 -6.79 -4.41
C ALA A 24 -17.65 -7.37 -3.85
N GLY A 25 -17.82 -7.21 -2.53
CA GLY A 25 -19.01 -7.69 -1.87
C GLY A 25 -20.28 -7.34 -2.62
N ARG A 26 -20.34 -6.10 -3.14
CA ARG A 26 -21.52 -5.66 -3.88
C ARG A 26 -21.83 -6.63 -5.01
N GLU A 27 -20.78 -7.17 -5.63
CA GLU A 27 -20.96 -8.13 -6.72
C GLU A 27 -21.05 -9.54 -6.17
N GLY A 28 -22.07 -10.27 -6.61
CA GLY A 28 -22.29 -11.63 -6.16
C GLY A 28 -21.02 -12.46 -6.09
N ARG A 29 -20.50 -12.84 -7.26
CA ARG A 29 -19.31 -13.67 -7.33
C ARG A 29 -18.24 -13.21 -6.32
N LYS A 30 -17.25 -14.07 -6.09
CA LYS A 30 -16.18 -13.76 -5.17
C LYS A 30 -14.95 -13.27 -5.92
N GLY A 31 -15.18 -12.38 -6.88
CA GLY A 31 -14.11 -11.82 -7.66
C GLY A 31 -13.69 -10.48 -7.18
N SER A 32 -14.20 -9.46 -7.81
CA SER A 32 -13.87 -8.11 -7.42
C SER A 32 -15.02 -7.17 -7.67
N LEU A 33 -15.00 -6.05 -7.01
CA LEU A 33 -15.99 -5.03 -7.30
C LEU A 33 -15.31 -4.07 -8.23
N ASN A 34 -16.08 -3.36 -8.99
CA ASN A 34 -15.55 -2.46 -9.94
C ASN A 34 -15.53 -1.03 -9.39
N ILE A 35 -16.54 -0.25 -9.68
CA ILE A 35 -16.55 1.12 -9.19
C ILE A 35 -17.93 1.57 -8.75
N ASN A 36 -18.74 0.63 -8.32
CA ASN A 36 -20.07 0.95 -7.84
C ASN A 36 -19.94 1.46 -6.43
N GLU A 37 -19.43 0.58 -5.57
CA GLU A 37 -19.18 0.96 -4.20
C GLU A 37 -18.04 1.93 -4.19
N PHE A 38 -17.08 1.74 -5.11
CA PHE A 38 -15.95 2.64 -5.20
C PHE A 38 -16.45 4.08 -5.18
N LYS A 39 -17.68 4.26 -5.67
CA LYS A 39 -18.30 5.58 -5.68
C LYS A 39 -18.39 6.18 -4.29
N GLU A 40 -18.26 5.33 -3.31
CA GLU A 40 -18.25 5.73 -1.92
C GLU A 40 -16.84 6.24 -1.54
N LEU A 41 -15.88 5.97 -2.42
CA LEU A 41 -14.50 6.38 -2.22
C LEU A 41 -14.35 7.90 -2.25
N ALA A 42 -13.97 8.46 -3.41
CA ALA A 42 -13.78 9.89 -3.53
C ALA A 42 -14.89 10.68 -2.83
N THR A 43 -16.07 10.10 -2.73
CA THR A 43 -17.18 10.76 -2.10
C THR A 43 -16.89 11.04 -0.62
N GLN A 44 -16.58 9.99 0.14
CA GLN A 44 -16.23 10.14 1.54
C GLN A 44 -14.77 10.54 1.66
N GLN A 45 -13.98 10.06 0.70
CA GLN A 45 -12.57 10.38 0.65
C GLN A 45 -12.42 11.86 0.35
N LEU A 46 -13.41 12.43 -0.33
CA LEU A 46 -13.44 13.85 -0.62
C LEU A 46 -13.05 14.60 0.64
N PRO A 47 -13.92 14.62 1.69
CA PRO A 47 -13.52 15.31 2.90
C PRO A 47 -12.62 14.44 3.76
N HIS A 48 -11.34 14.59 3.52
CA HIS A 48 -10.29 13.95 4.30
C HIS A 48 -9.71 14.92 5.31
N LEU A 49 -8.56 14.56 5.86
CA LEU A 49 -7.83 15.46 6.73
C LEU A 49 -7.08 16.43 5.82
N LEU A 50 -5.94 15.98 5.30
CA LEU A 50 -5.15 16.75 4.35
C LEU A 50 -5.66 16.50 2.92
N LYS A 51 -6.98 16.55 2.75
CA LYS A 51 -7.61 16.28 1.46
C LYS A 51 -6.85 16.87 0.28
N ASP A 52 -7.05 16.25 -0.87
CA ASP A 52 -6.44 16.69 -2.12
C ASP A 52 -7.47 17.43 -2.97
N VAL A 53 -8.73 16.96 -2.90
CA VAL A 53 -9.86 17.54 -3.64
C VAL A 53 -10.15 16.75 -4.91
N GLY A 54 -11.00 15.76 -4.75
CA GLY A 54 -11.38 14.91 -5.86
C GLY A 54 -12.44 15.53 -6.75
N SER A 55 -12.01 16.07 -7.89
CA SER A 55 -12.94 16.68 -8.83
C SER A 55 -13.88 15.61 -9.37
N LEU A 56 -15.19 15.87 -9.25
CA LEU A 56 -16.22 14.91 -9.67
C LEU A 56 -15.85 14.18 -10.96
N ASP A 57 -15.44 14.92 -11.99
CA ASP A 57 -15.07 14.31 -13.25
C ASP A 57 -14.05 13.20 -13.05
N GLU A 58 -12.95 13.54 -12.38
CA GLU A 58 -11.88 12.59 -12.11
C GLU A 58 -12.46 11.31 -11.54
N LYS A 59 -13.51 11.48 -10.74
CA LYS A 59 -14.18 10.36 -10.13
C LYS A 59 -15.05 9.62 -11.14
N MET A 60 -15.47 10.33 -12.18
CA MET A 60 -16.28 9.75 -13.23
C MET A 60 -15.41 9.01 -14.26
N LYS A 61 -14.18 9.49 -14.44
CA LYS A 61 -13.24 8.91 -15.41
C LYS A 61 -12.56 7.68 -14.84
N THR A 62 -11.70 7.91 -13.86
CA THR A 62 -10.96 6.83 -13.23
C THR A 62 -11.91 5.69 -12.86
N LEU A 63 -13.18 6.04 -12.68
CA LEU A 63 -14.22 5.08 -12.36
C LEU A 63 -14.04 3.78 -13.15
N ASP A 64 -14.09 3.89 -14.47
CA ASP A 64 -13.91 2.73 -15.34
C ASP A 64 -12.50 2.16 -15.21
N VAL A 65 -11.57 3.00 -14.74
CA VAL A 65 -10.19 2.57 -14.57
C VAL A 65 -9.98 1.77 -13.28
N ASN A 66 -10.17 2.42 -12.13
CA ASN A 66 -9.98 1.75 -10.84
C ASN A 66 -11.19 0.91 -10.45
N GLN A 67 -11.65 0.05 -11.33
CA GLN A 67 -12.77 -0.79 -10.99
C GLN A 67 -12.31 -1.92 -10.09
N ASP A 68 -11.28 -2.60 -10.52
CA ASP A 68 -10.77 -3.72 -9.80
C ASP A 68 -9.83 -3.28 -8.68
N SER A 69 -9.75 -1.96 -8.45
CA SER A 69 -8.92 -1.42 -7.38
C SER A 69 -9.33 -2.10 -6.07
N GLU A 70 -10.54 -2.66 -6.08
CA GLU A 70 -11.07 -3.49 -5.01
C GLU A 70 -11.09 -4.91 -5.53
N LEU A 71 -10.40 -5.84 -4.91
CA LEU A 71 -10.37 -7.16 -5.47
C LEU A 71 -10.41 -8.31 -4.46
N ARG A 72 -11.06 -9.39 -4.88
CA ARG A 72 -11.08 -10.61 -4.09
C ARG A 72 -10.36 -11.72 -4.87
N PHE A 73 -10.38 -11.62 -6.20
CA PHE A 73 -9.75 -12.63 -7.05
C PHE A 73 -8.30 -12.25 -7.49
N SER A 74 -8.00 -11.95 -8.76
CA SER A 74 -6.60 -11.70 -9.16
C SER A 74 -6.32 -10.29 -9.60
N GLU A 75 -7.30 -9.44 -9.56
CA GLU A 75 -7.07 -8.07 -9.98
C GLU A 75 -6.43 -7.21 -8.89
N TYR A 76 -5.88 -7.88 -7.86
CA TYR A 76 -5.25 -7.20 -6.73
C TYR A 76 -4.15 -6.29 -7.19
N TRP A 77 -3.61 -6.56 -8.35
CA TRP A 77 -2.60 -5.68 -8.89
C TRP A 77 -3.21 -4.29 -9.08
N ARG A 78 -4.55 -4.18 -8.97
CA ARG A 78 -5.24 -2.92 -9.12
C ARG A 78 -5.08 -2.10 -7.85
N LEU A 79 -5.13 -2.78 -6.71
CA LEU A 79 -4.91 -2.09 -5.45
C LEU A 79 -3.47 -1.60 -5.37
N ILE A 80 -2.62 -2.16 -6.22
CA ILE A 80 -1.20 -1.82 -6.24
C ILE A 80 -0.97 -0.31 -6.11
N GLY A 81 -1.57 0.48 -7.00
CA GLY A 81 -1.42 1.92 -6.93
C GLY A 81 -2.33 2.54 -5.89
N GLU A 82 -3.19 1.72 -5.29
CA GLU A 82 -4.14 2.20 -4.30
C GLU A 82 -3.52 2.37 -2.93
N LEU A 83 -3.09 1.24 -2.36
CA LEU A 83 -2.48 1.25 -1.04
C LEU A 83 -1.44 2.35 -0.93
N ALA A 84 -0.87 2.73 -2.07
CA ALA A 84 0.11 3.78 -2.10
C ALA A 84 -0.54 5.16 -2.09
N LYS A 85 -1.71 5.27 -2.72
CA LYS A 85 -2.43 6.54 -2.75
C LYS A 85 -2.72 7.03 -1.33
N GLU A 86 -2.57 6.14 -0.36
CA GLU A 86 -2.75 6.51 1.03
C GLU A 86 -1.47 7.13 1.54
N VAL A 87 -0.37 6.43 1.30
CA VAL A 87 0.95 6.88 1.72
C VAL A 87 1.47 8.01 0.85
N ARG A 88 0.75 8.33 -0.22
CA ARG A 88 1.17 9.40 -1.12
C ARG A 88 1.06 10.77 -0.45
N LYS A 89 -0.16 11.24 -0.22
CA LYS A 89 -0.36 12.52 0.43
C LYS A 89 0.21 12.45 1.83
N GLU A 90 0.09 11.27 2.42
CA GLU A 90 0.59 11.01 3.75
C GLU A 90 2.10 11.22 3.80
N LYS A 91 2.75 11.27 2.62
CA LYS A 91 4.18 11.49 2.56
C LYS A 91 4.54 12.74 3.35
N ALA A 92 3.80 13.81 3.08
CA ALA A 92 4.00 15.08 3.76
C ALA A 92 3.30 15.11 5.12
N LEU A 93 2.33 14.22 5.32
CA LEU A 93 1.65 14.15 6.61
C LEU A 93 2.46 13.34 7.60
N GLY A 94 3.27 12.43 7.09
CA GLY A 94 4.09 11.62 7.96
C GLY A 94 4.84 12.47 8.96
N ILE A 95 5.27 13.65 8.50
CA ILE A 95 5.99 14.57 9.36
C ILE A 95 5.08 15.21 10.38
N ARG A 96 4.45 14.39 11.20
CA ARG A 96 3.59 14.90 12.23
C ARG A 96 4.41 15.81 13.15
N LYS A 97 5.73 15.60 13.12
CA LYS A 97 6.68 16.41 13.88
C LYS A 97 7.00 17.67 13.08
N LYS A 98 6.13 18.66 13.19
CA LYS A 98 6.30 19.91 12.46
C LYS A 98 6.64 21.06 13.41
N MET B 1 -16.32 6.13 -8.31
CA MET B 1 -15.48 7.27 -7.86
C MET B 1 -14.01 7.02 -8.18
N ALA B 2 -13.21 8.05 -7.94
CA ALA B 2 -11.77 7.97 -8.15
C ALA B 2 -11.05 8.06 -6.80
N ALA B 3 -9.81 7.62 -6.76
CA ALA B 3 -9.04 7.71 -5.53
C ALA B 3 -8.73 9.16 -5.24
N GLU B 4 -9.60 9.79 -4.47
CA GLU B 4 -9.43 11.19 -4.13
C GLU B 4 -8.20 11.35 -3.24
N THR B 5 -8.39 11.60 -1.94
CA THR B 5 -7.24 11.74 -1.06
C THR B 5 -6.71 10.38 -0.59
N LEU B 6 -7.14 9.95 0.59
CA LEU B 6 -6.69 8.69 1.15
C LEU B 6 -7.77 7.63 1.02
N THR B 7 -7.56 6.65 0.16
CA THR B 7 -8.56 5.61 0.00
C THR B 7 -8.67 4.82 1.29
N GLU B 8 -9.73 4.05 1.44
CA GLU B 8 -9.95 3.26 2.65
C GLU B 8 -8.66 2.57 3.11
N LEU B 9 -7.78 2.32 2.15
CA LEU B 9 -6.52 1.65 2.41
C LEU B 9 -5.65 2.42 3.40
N GLU B 10 -5.85 3.73 3.50
CA GLU B 10 -5.08 4.53 4.46
C GLU B 10 -5.26 3.95 5.85
N ALA B 11 -6.42 3.32 6.07
CA ALA B 11 -6.69 2.69 7.34
C ALA B 11 -5.70 1.56 7.53
N ALA B 12 -5.29 0.96 6.42
CA ALA B 12 -4.33 -0.11 6.44
C ALA B 12 -2.95 0.44 6.73
N ILE B 13 -2.73 1.72 6.40
CA ILE B 13 -1.46 2.35 6.67
C ILE B 13 -1.18 2.32 8.17
N GLU B 14 -2.23 2.10 8.97
CA GLU B 14 -2.10 2.04 10.42
C GLU B 14 -1.35 0.77 10.83
N THR B 15 -1.54 -0.31 10.09
CA THR B 15 -0.87 -1.56 10.38
C THR B 15 0.59 -1.50 9.95
N VAL B 16 0.79 -1.15 8.69
CA VAL B 16 2.11 -1.04 8.08
C VAL B 16 3.04 -0.11 8.85
N VAL B 17 2.50 1.00 9.35
CA VAL B 17 3.31 1.97 10.08
C VAL B 17 4.01 1.37 11.27
N SER B 18 3.35 0.45 11.95
CA SER B 18 3.93 -0.18 13.13
C SER B 18 4.89 -1.32 12.75
N THR B 19 4.75 -1.83 11.54
CA THR B 19 5.60 -2.94 11.09
C THR B 19 6.96 -2.48 10.55
N PHE B 20 6.98 -2.12 9.27
CA PHE B 20 8.20 -1.72 8.59
C PHE B 20 8.59 -0.28 8.84
N PHE B 21 7.62 0.56 9.05
CA PHE B 21 7.91 1.95 9.26
C PHE B 21 8.42 2.19 10.66
N THR B 22 8.39 1.16 11.49
CA THR B 22 8.96 1.27 12.82
C THR B 22 10.47 1.07 12.75
N PHE B 23 10.98 0.84 11.52
CA PHE B 23 12.41 0.65 11.31
C PHE B 23 13.17 1.88 11.74
N ALA B 24 12.57 3.05 11.49
CA ALA B 24 13.19 4.31 11.91
C ALA B 24 13.58 4.21 13.37
N GLY B 25 12.87 3.35 14.10
CA GLY B 25 13.17 3.13 15.50
C GLY B 25 14.66 2.93 15.75
N ARG B 26 15.32 2.17 14.87
CA ARG B 26 16.75 1.93 15.01
C ARG B 26 17.50 3.25 15.12
N GLU B 27 17.07 4.21 14.30
CA GLU B 27 17.69 5.54 14.33
C GLU B 27 17.06 6.41 15.42
N GLY B 28 17.91 7.03 16.23
CA GLY B 28 17.45 7.87 17.32
C GLY B 28 16.32 8.80 16.96
N ARG B 29 16.63 9.85 16.19
CA ARG B 29 15.63 10.83 15.78
C ARG B 29 14.32 10.17 15.38
N LYS B 30 13.26 10.98 15.28
CA LYS B 30 11.94 10.47 14.90
C LYS B 30 11.69 10.72 13.43
N GLY B 31 12.69 10.45 12.61
CA GLY B 31 12.57 10.63 11.19
C GLY B 31 12.27 9.35 10.51
N SER B 32 13.28 8.72 9.98
CA SER B 32 13.08 7.47 9.30
C SER B 32 14.28 6.59 9.42
N LEU B 33 14.08 5.30 9.21
CA LEU B 33 15.21 4.41 9.17
C LEU B 33 15.54 4.24 7.72
N ASN B 34 16.75 3.87 7.44
CA ASN B 34 17.19 3.74 6.11
C ASN B 34 17.12 2.28 5.67
N ILE B 35 18.21 1.58 5.75
CA ILE B 35 18.19 0.19 5.34
C ILE B 35 19.00 -0.71 6.26
N ASN B 36 19.10 -0.33 7.52
CA ASN B 36 19.79 -1.12 8.50
C ASN B 36 18.85 -2.23 8.90
N GLU B 37 17.78 -1.84 9.56
CA GLU B 37 16.78 -2.82 9.90
C GLU B 37 16.17 -3.37 8.63
N PHE B 38 16.04 -2.54 7.60
CA PHE B 38 15.48 -3.00 6.34
C PHE B 38 16.13 -4.31 5.94
N LYS B 39 17.39 -4.48 6.35
CA LYS B 39 18.13 -5.70 6.06
C LYS B 39 17.35 -6.92 6.57
N GLU B 40 16.47 -6.68 7.52
CA GLU B 40 15.61 -7.70 8.09
C GLU B 40 14.41 -7.96 7.16
N LEU B 41 14.36 -7.22 6.04
CA LEU B 41 13.28 -7.35 5.08
C LEU B 41 13.51 -8.56 4.19
N ALA B 42 14.16 -8.34 3.06
CA ALA B 42 14.40 -9.41 2.11
C ALA B 42 14.91 -10.67 2.80
N THR B 43 15.58 -10.48 3.93
CA THR B 43 16.11 -11.60 4.68
C THR B 43 14.98 -12.53 5.11
N GLN B 44 14.02 -11.98 5.83
CA GLN B 44 12.86 -12.73 6.30
C GLN B 44 11.83 -12.80 5.19
N GLN B 45 11.77 -11.74 4.40
CA GLN B 45 10.86 -11.67 3.30
C GLN B 45 11.26 -12.71 2.27
N LEU B 46 12.56 -13.05 2.25
CA LEU B 46 13.09 -14.08 1.37
C LEU B 46 12.13 -15.27 1.42
N PRO B 47 12.07 -16.03 2.54
CA PRO B 47 11.13 -17.12 2.61
C PRO B 47 9.75 -16.66 2.98
N HIS B 48 9.00 -16.38 1.94
CA HIS B 48 7.62 -16.02 2.02
C HIS B 48 6.75 -17.21 1.66
N LEU B 49 5.49 -16.93 1.34
CA LEU B 49 4.61 -17.97 0.86
C LEU B 49 4.90 -18.14 -0.63
N LEU B 50 4.34 -17.23 -1.44
CA LEU B 50 4.58 -17.22 -2.88
C LEU B 50 5.83 -16.39 -3.18
N LYS B 51 6.90 -16.63 -2.43
CA LYS B 51 8.15 -15.87 -2.56
C LYS B 51 8.49 -15.56 -4.02
N ASP B 52 9.32 -14.54 -4.19
CA ASP B 52 9.77 -14.13 -5.51
C ASP B 52 11.23 -14.53 -5.69
N VAL B 53 11.99 -14.49 -4.59
CA VAL B 53 13.40 -14.85 -4.54
C VAL B 53 14.29 -13.61 -4.62
N GLY B 54 14.46 -13.01 -3.47
CA GLY B 54 15.28 -11.83 -3.35
C GLY B 54 16.76 -12.12 -3.44
N SER B 55 17.34 -11.88 -4.62
CA SER B 55 18.77 -12.10 -4.83
C SER B 55 19.58 -11.14 -3.97
N LEU B 56 20.50 -11.70 -3.17
CA LEU B 56 21.31 -10.91 -2.25
C LEU B 56 21.75 -9.56 -2.84
N ASP B 57 22.28 -9.57 -4.04
CA ASP B 57 22.73 -8.33 -4.67
C ASP B 57 21.64 -7.28 -4.66
N GLU B 58 20.51 -7.67 -5.18
CA GLU B 58 19.34 -6.79 -5.26
C GLU B 58 19.08 -6.16 -3.92
N LYS B 59 19.38 -6.92 -2.88
CA LYS B 59 19.20 -6.44 -1.53
C LYS B 59 20.32 -5.51 -1.12
N MET B 60 21.47 -5.65 -1.76
CA MET B 60 22.61 -4.80 -1.49
C MET B 60 22.50 -3.48 -2.25
N LYS B 61 21.85 -3.51 -3.41
CA LYS B 61 21.69 -2.32 -4.26
C LYS B 61 20.55 -1.45 -3.77
N THR B 62 19.33 -1.95 -3.95
CA THR B 62 18.14 -1.23 -3.53
C THR B 62 18.30 -0.67 -2.11
N LEU B 63 19.17 -1.34 -1.34
CA LEU B 63 19.48 -0.94 0.02
C LEU B 63 19.60 0.58 0.13
N ASP B 64 20.53 1.16 -0.61
CA ASP B 64 20.74 2.60 -0.60
C ASP B 64 19.51 3.32 -1.16
N VAL B 65 18.72 2.60 -1.96
CA VAL B 65 17.52 3.17 -2.56
C VAL B 65 16.35 3.22 -1.59
N ASN B 66 15.87 2.05 -1.17
CA ASN B 66 14.74 1.95 -0.27
C ASN B 66 15.12 2.18 1.19
N GLN B 67 15.91 3.21 1.47
CA GLN B 67 16.26 3.47 2.85
C GLN B 67 15.08 4.06 3.60
N ASP B 68 14.50 5.09 3.03
CA ASP B 68 13.41 5.76 3.67
C ASP B 68 12.10 5.02 3.42
N SER B 69 12.18 3.83 2.81
CA SER B 69 10.98 3.04 2.56
C SER B 69 10.23 2.86 3.88
N GLU B 70 10.97 3.06 4.98
CA GLU B 70 10.44 3.08 6.33
C GLU B 70 10.49 4.53 6.77
N LEU B 71 9.39 5.12 7.14
CA LEU B 71 9.45 6.50 7.50
C LEU B 71 8.58 6.91 8.68
N ARG B 72 9.07 7.86 9.45
CA ARG B 72 8.31 8.44 10.54
C ARG B 72 8.05 9.91 10.23
N PHE B 73 8.97 10.53 9.47
CA PHE B 73 8.84 11.93 9.11
C PHE B 73 8.19 12.20 7.72
N SER B 74 8.93 12.56 6.65
CA SER B 74 8.26 12.93 5.38
C SER B 74 8.61 12.06 4.21
N GLU B 75 9.50 11.13 4.40
CA GLU B 75 9.92 10.26 3.33
C GLU B 75 8.91 9.12 3.10
N TYR B 76 7.69 9.29 3.63
CA TYR B 76 6.66 8.28 3.53
C TYR B 76 6.36 7.98 2.07
N TRP B 77 6.63 8.92 1.20
CA TRP B 77 6.45 8.68 -0.22
C TRP B 77 7.33 7.48 -0.62
N ARG B 78 8.29 7.12 0.25
CA ARG B 78 9.15 5.99 0.01
C ARG B 78 8.38 4.68 0.17
N LEU B 79 7.42 4.66 1.10
CA LEU B 79 6.60 3.47 1.28
C LEU B 79 5.63 3.34 0.13
N ILE B 80 5.42 4.45 -0.58
CA ILE B 80 4.50 4.49 -1.70
C ILE B 80 4.58 3.21 -2.56
N GLY B 81 5.79 2.87 -3.00
CA GLY B 81 5.97 1.68 -3.81
C GLY B 81 6.09 0.41 -2.98
N GLU B 82 6.17 0.56 -1.65
CA GLU B 82 6.32 -0.58 -0.75
C GLU B 82 5.00 -1.26 -0.48
N LEU B 83 4.07 -0.50 0.09
CA LEU B 83 2.76 -1.03 0.41
C LEU B 83 2.19 -1.75 -0.79
N ALA B 84 2.65 -1.33 -1.97
CA ALA B 84 2.19 -1.95 -3.19
C ALA B 84 2.94 -3.25 -3.46
N LYS B 85 4.21 -3.31 -3.07
CA LYS B 85 5.01 -4.52 -3.27
C LYS B 85 4.38 -5.71 -2.57
N GLU B 86 3.43 -5.45 -1.69
CA GLU B 86 2.72 -6.51 -1.03
C GLU B 86 1.61 -7.01 -1.94
N VAL B 87 0.81 -6.06 -2.41
CA VAL B 87 -0.31 -6.35 -3.29
C VAL B 87 0.14 -6.73 -4.71
N ARG B 88 1.43 -6.62 -4.98
CA ARG B 88 1.96 -6.94 -6.30
C ARG B 88 1.90 -8.45 -6.56
N LYS B 89 2.73 -9.21 -5.86
CA LYS B 89 2.74 -10.66 -6.01
C LYS B 89 1.40 -11.21 -5.62
N GLU B 90 0.83 -10.56 -4.62
CA GLU B 90 -0.45 -10.93 -4.09
C GLU B 90 -1.54 -10.78 -5.15
N LYS B 91 -1.20 -10.08 -6.24
CA LYS B 91 -2.15 -9.92 -7.33
C LYS B 91 -2.64 -11.28 -7.79
N ALA B 92 -1.69 -12.18 -7.99
CA ALA B 92 -1.98 -13.55 -8.41
C ALA B 92 -2.37 -14.42 -7.23
N LEU B 93 -2.01 -14.01 -6.03
CA LEU B 93 -2.37 -14.79 -4.85
C LEU B 93 -3.79 -14.46 -4.43
N GLY B 94 -4.23 -13.24 -4.75
CA GLY B 94 -5.58 -12.83 -4.41
C GLY B 94 -6.59 -13.89 -4.78
N ILE B 95 -6.35 -14.54 -5.91
CA ILE B 95 -7.24 -15.59 -6.38
C ILE B 95 -7.14 -16.84 -5.54
N ARG B 96 -7.45 -16.71 -4.27
CA ARG B 96 -7.42 -17.85 -3.40
C ARG B 96 -8.42 -18.88 -3.92
N LYS B 97 -9.36 -18.41 -4.75
CA LYS B 97 -10.34 -19.28 -5.37
C LYS B 97 -9.77 -19.83 -6.68
N LYS B 98 -8.98 -20.90 -6.56
CA LYS B 98 -8.36 -21.51 -7.72
C LYS B 98 -8.98 -22.89 -8.00
N MET A 1 17.62 -4.44 2.12
CA MET A 1 17.11 -5.61 1.37
C MET A 1 15.93 -5.23 0.47
N ALA A 2 15.51 -6.16 -0.36
CA ALA A 2 14.40 -5.94 -1.26
C ALA A 2 13.21 -6.83 -0.93
N ALA A 3 12.15 -6.21 -0.44
CA ALA A 3 10.96 -6.97 -0.08
C ALA A 3 10.31 -7.54 -1.35
N GLU A 4 10.67 -8.76 -1.69
CA GLU A 4 10.13 -9.41 -2.88
C GLU A 4 8.66 -9.74 -2.67
N THR A 5 8.37 -10.81 -1.95
CA THR A 5 6.99 -11.17 -1.68
C THR A 5 6.37 -10.12 -0.73
N LEU A 6 5.45 -10.54 0.13
CA LEU A 6 4.82 -9.61 1.06
C LEU A 6 5.71 -9.36 2.28
N THR A 7 6.09 -8.11 2.48
CA THR A 7 6.90 -7.74 3.65
C THR A 7 5.98 -7.58 4.85
N GLU A 8 6.55 -7.30 6.02
CA GLU A 8 5.75 -7.16 7.25
C GLU A 8 4.43 -6.43 6.99
N LEU A 9 4.46 -5.53 6.03
CA LEU A 9 3.29 -4.75 5.66
C LEU A 9 2.10 -5.64 5.27
N GLU A 10 2.36 -6.88 4.85
CA GLU A 10 1.27 -7.78 4.47
C GLU A 10 0.22 -7.81 5.57
N ALA A 11 0.69 -7.85 6.82
CA ALA A 11 -0.21 -7.85 7.97
C ALA A 11 -1.19 -6.70 7.85
N ALA A 12 -0.72 -5.64 7.18
CA ALA A 12 -1.56 -4.47 6.95
C ALA A 12 -2.60 -4.79 5.89
N ILE A 13 -2.22 -5.67 4.95
CA ILE A 13 -3.12 -6.07 3.89
C ILE A 13 -4.45 -6.56 4.47
N GLU A 14 -4.37 -7.06 5.72
CA GLU A 14 -5.53 -7.57 6.43
C GLU A 14 -6.56 -6.47 6.65
N THR A 15 -6.07 -5.24 6.86
CA THR A 15 -6.97 -4.11 7.07
C THR A 15 -7.51 -3.61 5.74
N VAL A 16 -6.61 -3.08 4.93
CA VAL A 16 -6.93 -2.54 3.63
C VAL A 16 -7.81 -3.47 2.80
N VAL A 17 -7.73 -4.77 3.08
CA VAL A 17 -8.51 -5.76 2.36
C VAL A 17 -9.95 -5.83 2.88
N SER A 18 -10.09 -5.79 4.20
CA SER A 18 -11.39 -5.88 4.83
C SER A 18 -12.12 -4.53 4.82
N THR A 19 -11.39 -3.45 4.57
CA THR A 19 -11.99 -2.13 4.54
C THR A 19 -12.58 -1.78 3.17
N PHE A 20 -11.72 -1.31 2.29
CA PHE A 20 -12.07 -0.86 0.96
C PHE A 20 -12.17 -2.01 -0.02
N PHE A 21 -11.42 -3.06 0.22
CA PHE A 21 -11.46 -4.18 -0.68
C PHE A 21 -12.63 -5.08 -0.40
N THR A 22 -13.48 -4.67 0.51
CA THR A 22 -14.73 -5.36 0.71
C THR A 22 -15.78 -4.79 -0.25
N PHE A 23 -15.36 -3.85 -1.11
CA PHE A 23 -16.29 -3.20 -2.06
C PHE A 23 -16.90 -4.16 -3.08
N ALA A 24 -16.37 -5.36 -3.18
CA ALA A 24 -16.85 -6.33 -4.15
C ALA A 24 -18.32 -6.68 -3.92
N GLY A 25 -18.84 -6.29 -2.75
CA GLY A 25 -20.23 -6.55 -2.43
C GLY A 25 -21.17 -6.31 -3.61
N ARG A 26 -20.76 -5.41 -4.51
CA ARG A 26 -21.56 -5.09 -5.69
C ARG A 26 -21.74 -6.31 -6.57
N GLU A 27 -20.61 -6.88 -7.01
CA GLU A 27 -20.64 -8.04 -7.87
C GLU A 27 -19.98 -9.25 -7.21
N GLY A 28 -20.80 -10.23 -6.85
CA GLY A 28 -20.28 -11.43 -6.22
C GLY A 28 -20.03 -12.53 -7.22
N ARG A 29 -18.78 -12.73 -7.57
CA ARG A 29 -18.41 -13.75 -8.54
C ARG A 29 -17.02 -14.32 -8.25
N LYS A 30 -16.51 -15.12 -9.18
CA LYS A 30 -15.18 -15.69 -9.04
C LYS A 30 -14.19 -14.88 -9.86
N GLY A 31 -14.33 -13.56 -9.77
CA GLY A 31 -13.44 -12.67 -10.50
C GLY A 31 -13.09 -11.47 -9.68
N SER A 32 -13.57 -10.30 -10.08
CA SER A 32 -13.25 -9.10 -9.34
C SER A 32 -14.36 -8.06 -9.29
N LEU A 33 -14.03 -7.00 -8.56
CA LEU A 33 -14.91 -5.88 -8.36
C LEU A 33 -14.53 -4.74 -9.29
N ASN A 34 -15.50 -3.86 -9.52
CA ASN A 34 -15.33 -2.72 -10.37
C ASN A 34 -15.13 -1.47 -9.51
N ILE A 35 -15.43 -0.29 -10.02
CA ILE A 35 -15.30 0.91 -9.22
C ILE A 35 -16.64 1.42 -8.72
N ASN A 36 -17.67 0.58 -8.83
CA ASN A 36 -19.01 0.97 -8.38
C ASN A 36 -18.94 1.50 -6.97
N GLU A 37 -18.56 0.64 -6.04
CA GLU A 37 -18.40 1.06 -4.67
C GLU A 37 -17.30 2.10 -4.61
N PHE A 38 -16.26 1.93 -5.43
CA PHE A 38 -15.16 2.87 -5.46
C PHE A 38 -15.71 4.30 -5.50
N LYS A 39 -16.88 4.46 -6.12
CA LYS A 39 -17.51 5.76 -6.23
C LYS A 39 -17.94 6.31 -4.88
N GLU A 40 -17.92 5.47 -3.91
CA GLU A 40 -18.23 5.88 -2.56
C GLU A 40 -16.95 6.43 -1.91
N LEU A 41 -15.81 6.27 -2.60
CA LEU A 41 -14.52 6.72 -2.11
C LEU A 41 -14.39 8.23 -2.16
N ALA A 42 -13.80 8.77 -3.24
CA ALA A 42 -13.61 10.20 -3.40
C ALA A 42 -14.79 10.99 -2.85
N THR A 43 -15.96 10.40 -2.93
CA THR A 43 -17.17 11.02 -2.43
C THR A 43 -17.07 11.23 -0.90
N GLN A 44 -16.81 10.16 -0.17
CA GLN A 44 -16.64 10.23 1.27
C GLN A 44 -15.22 10.65 1.59
N GLN A 45 -14.30 10.23 0.75
CA GLN A 45 -12.91 10.60 0.90
C GLN A 45 -12.78 12.08 0.63
N LEU A 46 -13.73 12.62 -0.15
CA LEU A 46 -13.76 14.04 -0.46
C LEU A 46 -13.53 14.79 0.83
N PRO A 47 -14.53 14.82 1.76
CA PRO A 47 -14.29 15.53 2.99
C PRO A 47 -13.52 14.67 3.98
N HIS A 48 -12.22 14.81 3.90
CA HIS A 48 -11.29 14.17 4.82
C HIS A 48 -10.87 15.18 5.87
N LEU A 49 -9.77 14.89 6.54
CA LEU A 49 -9.20 15.85 7.46
C LEU A 49 -8.38 16.80 6.58
N LEU A 50 -7.15 16.42 6.28
CA LEU A 50 -6.30 17.18 5.38
C LEU A 50 -6.58 16.72 3.93
N LYS A 51 -7.85 16.77 3.54
CA LYS A 51 -8.28 16.32 2.22
C LYS A 51 -7.30 16.70 1.11
N ASP A 52 -7.40 15.95 0.02
CA ASP A 52 -6.57 16.16 -1.15
C ASP A 52 -7.35 16.93 -2.22
N VAL A 53 -8.67 16.63 -2.30
CA VAL A 53 -9.63 17.26 -3.22
C VAL A 53 -10.20 16.25 -4.23
N GLY A 54 -11.23 15.54 -3.82
CA GLY A 54 -11.88 14.57 -4.69
C GLY A 54 -12.58 15.23 -5.86
N SER A 55 -11.81 15.92 -6.70
CA SER A 55 -12.38 16.60 -7.87
C SER A 55 -13.17 15.63 -8.73
N LEU A 56 -14.40 16.01 -9.09
CA LEU A 56 -15.27 15.18 -9.90
C LEU A 56 -14.52 14.46 -11.01
N ASP A 57 -13.83 15.21 -11.86
CA ASP A 57 -13.08 14.60 -12.95
C ASP A 57 -12.21 13.47 -12.41
N GLU A 58 -11.38 13.81 -11.44
CA GLU A 58 -10.50 12.83 -10.81
C GLU A 58 -11.29 11.61 -10.41
N LYS A 59 -12.47 11.84 -9.86
CA LYS A 59 -13.33 10.75 -9.47
C LYS A 59 -13.91 10.04 -10.68
N MET A 60 -13.97 10.75 -11.81
CA MET A 60 -14.48 10.19 -13.04
C MET A 60 -13.41 9.38 -13.81
N LYS A 61 -12.15 9.77 -13.65
CA LYS A 61 -11.05 9.12 -14.36
C LYS A 61 -10.63 7.81 -13.70
N THR A 62 -9.95 7.94 -12.56
CA THR A 62 -9.45 6.77 -11.83
C THR A 62 -10.53 5.69 -11.78
N LEU A 63 -11.78 6.14 -11.81
CA LEU A 63 -12.93 5.26 -11.80
C LEU A 63 -12.79 4.18 -12.85
N ASP A 64 -13.00 4.54 -14.11
CA ASP A 64 -12.89 3.58 -15.20
C ASP A 64 -11.51 2.92 -15.20
N VAL A 65 -10.54 3.57 -14.55
CA VAL A 65 -9.19 3.04 -14.48
C VAL A 65 -9.06 1.91 -13.46
N ASN A 66 -9.03 2.26 -12.17
CA ASN A 66 -8.87 1.26 -11.12
C ASN A 66 -10.19 0.55 -10.76
N GLN A 67 -10.90 0.03 -11.75
CA GLN A 67 -12.14 -0.68 -11.47
C GLN A 67 -11.84 -2.00 -10.80
N ASP A 68 -10.73 -2.58 -11.20
CA ASP A 68 -10.30 -3.83 -10.65
C ASP A 68 -9.54 -3.60 -9.35
N SER A 69 -9.51 -2.33 -8.89
CA SER A 69 -8.87 -1.94 -7.63
C SER A 69 -9.14 -3.00 -6.60
N GLU A 70 -10.33 -3.55 -6.73
CA GLU A 70 -10.76 -4.64 -5.89
C GLU A 70 -11.06 -5.84 -6.76
N LEU A 71 -10.67 -6.99 -6.26
CA LEU A 71 -10.89 -8.21 -6.96
C LEU A 71 -11.12 -9.39 -6.03
N ARG A 72 -11.62 -10.44 -6.62
CA ARG A 72 -11.85 -11.69 -5.93
C ARG A 72 -10.82 -12.71 -6.44
N PHE A 73 -9.99 -12.28 -7.42
CA PHE A 73 -9.02 -13.15 -8.03
C PHE A 73 -7.60 -12.52 -7.97
N SER A 74 -6.85 -12.53 -9.09
CA SER A 74 -5.48 -12.01 -9.08
C SER A 74 -5.36 -10.60 -9.60
N GLU A 75 -6.44 -9.85 -9.56
CA GLU A 75 -6.39 -8.47 -9.96
C GLU A 75 -5.76 -7.60 -8.87
N TYR A 76 -5.43 -8.24 -7.72
CA TYR A 76 -4.86 -7.54 -6.57
C TYR A 76 -3.89 -6.46 -6.93
N TRP A 77 -3.22 -6.58 -8.05
CA TRP A 77 -2.27 -5.55 -8.46
C TRP A 77 -3.00 -4.21 -8.63
N ARG A 78 -4.35 -4.24 -8.65
CA ARG A 78 -5.10 -3.01 -8.83
C ARG A 78 -5.22 -2.30 -7.49
N LEU A 79 -5.07 -3.06 -6.41
CA LEU A 79 -5.05 -2.47 -5.09
C LEU A 79 -3.71 -1.76 -4.89
N ILE A 80 -2.72 -2.16 -5.70
CA ILE A 80 -1.39 -1.64 -5.60
C ILE A 80 -1.38 -0.11 -5.45
N GLY A 81 -2.08 0.58 -6.32
CA GLY A 81 -2.14 2.02 -6.24
C GLY A 81 -3.10 2.49 -5.16
N GLU A 82 -3.83 1.55 -4.57
CA GLU A 82 -4.81 1.88 -3.52
C GLU A 82 -4.12 2.03 -2.19
N LEU A 83 -3.55 0.93 -1.71
CA LEU A 83 -2.82 0.91 -0.45
C LEU A 83 -1.85 2.08 -0.37
N ALA A 84 -1.54 2.65 -1.53
CA ALA A 84 -0.68 3.80 -1.56
C ALA A 84 -1.44 5.07 -1.22
N LYS A 85 -2.69 5.19 -1.68
CA LYS A 85 -3.49 6.40 -1.41
C LYS A 85 -3.33 6.86 0.03
N GLU A 86 -3.13 5.91 0.93
CA GLU A 86 -2.94 6.24 2.34
C GLU A 86 -1.57 6.84 2.54
N VAL A 87 -0.56 6.19 1.95
CA VAL A 87 0.82 6.65 2.06
C VAL A 87 1.13 7.78 1.09
N ARG A 88 0.28 7.95 0.09
CA ARG A 88 0.51 8.98 -0.92
C ARG A 88 0.23 10.37 -0.34
N LYS A 89 -1.02 10.63 0.01
CA LYS A 89 -1.39 11.91 0.58
C LYS A 89 -0.64 12.11 1.89
N GLU A 90 -0.40 11.01 2.59
CA GLU A 90 0.31 11.03 3.85
C GLU A 90 1.78 11.36 3.65
N LYS A 91 2.25 11.33 2.40
CA LYS A 91 3.64 11.64 2.11
C LYS A 91 4.04 12.97 2.70
N ALA A 92 3.22 13.98 2.43
CA ALA A 92 3.45 15.34 2.92
C ALA A 92 2.99 15.51 4.36
N LEU A 93 2.06 14.67 4.81
CA LEU A 93 1.57 14.78 6.18
C LEU A 93 2.54 14.14 7.15
N GLY A 94 3.30 13.16 6.66
CA GLY A 94 4.26 12.48 7.52
C GLY A 94 5.13 13.45 8.27
N ILE A 95 5.61 14.46 7.56
CA ILE A 95 6.44 15.47 8.18
C ILE A 95 5.61 16.28 9.15
N ARG A 96 5.12 15.62 10.19
CA ARG A 96 4.30 16.29 11.18
C ARG A 96 5.09 17.45 11.75
N LYS A 97 6.41 17.28 11.77
CA LYS A 97 7.32 18.29 12.26
C LYS A 97 7.60 19.29 11.14
N LYS A 98 6.71 20.26 10.99
CA LYS A 98 6.85 21.28 9.96
C LYS A 98 7.23 22.62 10.57
N MET B 1 -15.02 6.44 -8.17
CA MET B 1 -14.42 7.69 -7.64
C MET B 1 -12.92 7.58 -7.56
N ALA B 2 -12.26 8.70 -7.26
CA ALA B 2 -10.81 8.73 -7.13
C ALA B 2 -10.37 9.02 -5.70
N ALA B 3 -9.80 8.01 -5.05
CA ALA B 3 -9.34 8.17 -3.68
C ALA B 3 -8.17 9.15 -3.67
N GLU B 4 -8.48 10.43 -3.49
CA GLU B 4 -7.46 11.46 -3.47
C GLU B 4 -6.59 11.33 -2.22
N THR B 5 -7.10 11.79 -1.08
CA THR B 5 -6.36 11.66 0.16
C THR B 5 -6.30 10.18 0.57
N LEU B 6 -6.29 9.89 1.86
CA LEU B 6 -6.27 8.51 2.32
C LEU B 6 -7.64 7.86 2.25
N THR B 7 -7.76 6.78 1.50
CA THR B 7 -9.03 6.07 1.40
C THR B 7 -9.14 5.11 2.57
N GLU B 8 -10.27 4.40 2.70
CA GLU B 8 -10.46 3.47 3.82
C GLU B 8 -9.19 2.71 4.17
N LEU B 9 -8.36 2.48 3.16
CA LEU B 9 -7.10 1.76 3.33
C LEU B 9 -6.20 2.42 4.37
N GLU B 10 -6.37 3.72 4.62
CA GLU B 10 -5.54 4.40 5.61
C GLU B 10 -5.55 3.64 6.92
N ALA B 11 -6.73 3.13 7.29
CA ALA B 11 -6.85 2.35 8.52
C ALA B 11 -5.82 1.24 8.51
N ALA B 12 -5.46 0.82 7.29
CA ALA B 12 -4.45 -0.21 7.11
C ALA B 12 -3.07 0.37 7.38
N ILE B 13 -2.92 1.66 7.06
CA ILE B 13 -1.65 2.34 7.29
C ILE B 13 -1.21 2.15 8.74
N GLU B 14 -2.20 1.93 9.61
CA GLU B 14 -1.95 1.74 11.04
C GLU B 14 -1.12 0.48 11.28
N THR B 15 -1.33 -0.54 10.45
CA THR B 15 -0.58 -1.77 10.58
C THR B 15 0.80 -1.63 9.95
N VAL B 16 0.79 -1.44 8.64
CA VAL B 16 2.01 -1.29 7.86
C VAL B 16 2.98 -0.28 8.48
N VAL B 17 2.45 0.67 9.24
CA VAL B 17 3.27 1.69 9.87
C VAL B 17 3.94 1.16 11.14
N SER B 18 3.18 0.42 11.94
CA SER B 18 3.69 -0.14 13.18
C SER B 18 4.51 -1.41 12.94
N THR B 19 4.36 -2.01 11.78
CA THR B 19 5.11 -3.22 11.47
C THR B 19 6.51 -2.94 10.92
N PHE B 20 6.58 -2.73 9.61
CA PHE B 20 7.83 -2.48 8.92
C PHE B 20 8.29 -1.05 9.06
N PHE B 21 7.37 -0.14 9.22
CA PHE B 21 7.75 1.25 9.33
C PHE B 21 8.22 1.62 10.74
N THR B 22 8.33 0.62 11.59
CA THR B 22 8.93 0.82 12.89
C THR B 22 10.46 0.62 12.79
N PHE B 23 10.94 0.38 11.57
CA PHE B 23 12.36 0.12 11.30
C PHE B 23 13.26 1.31 11.61
N ALA B 24 12.68 2.46 11.83
CA ALA B 24 13.46 3.66 12.12
C ALA B 24 14.26 3.50 13.41
N GLY B 25 13.97 2.45 14.17
CA GLY B 25 14.68 2.22 15.42
C GLY B 25 16.19 2.42 15.26
N ARG B 26 16.69 2.19 14.04
CA ARG B 26 18.10 2.37 13.75
C ARG B 26 18.53 3.80 14.03
N GLU B 27 17.92 4.72 13.30
CA GLU B 27 18.24 6.14 13.46
C GLU B 27 17.06 6.93 14.01
N GLY B 28 17.20 7.41 15.24
CA GLY B 28 16.15 8.20 15.87
C GLY B 28 16.39 9.68 15.73
N ARG B 29 15.66 10.32 14.83
CA ARG B 29 15.82 11.74 14.59
C ARG B 29 14.51 12.36 14.12
N LYS B 30 14.58 13.61 13.68
CA LYS B 30 13.39 14.31 13.17
C LYS B 30 13.40 14.28 11.65
N GLY B 31 13.73 13.12 11.10
CA GLY B 31 13.78 12.95 9.67
C GLY B 31 13.25 11.61 9.26
N SER B 32 14.13 10.74 8.75
CA SER B 32 13.69 9.42 8.33
C SER B 32 14.69 8.30 8.56
N LEU B 33 14.22 7.12 8.20
CA LEU B 33 14.97 5.89 8.29
C LEU B 33 15.56 5.51 6.94
N ASN B 34 16.60 4.68 6.97
CA ASN B 34 17.26 4.23 5.80
C ASN B 34 16.78 2.81 5.52
N ILE B 35 17.61 2.02 4.88
CA ILE B 35 17.25 0.64 4.61
C ILE B 35 17.98 -0.32 5.53
N ASN B 36 18.65 0.20 6.55
CA ASN B 36 19.39 -0.64 7.49
C ASN B 36 18.52 -1.79 7.93
N GLU B 37 17.46 -1.48 8.63
CA GLU B 37 16.54 -2.52 9.03
C GLU B 37 15.95 -3.16 7.80
N PHE B 38 15.69 -2.36 6.76
CA PHE B 38 15.13 -2.89 5.53
C PHE B 38 15.86 -4.17 5.13
N LYS B 39 17.14 -4.23 5.45
CA LYS B 39 17.94 -5.40 5.13
C LYS B 39 17.44 -6.65 5.85
N GLU B 40 16.66 -6.42 6.89
CA GLU B 40 16.06 -7.50 7.64
C GLU B 40 14.80 -7.98 6.91
N LEU B 41 14.47 -7.33 5.79
CA LEU B 41 13.30 -7.67 5.04
C LEU B 41 13.54 -8.86 4.14
N ALA B 42 13.96 -8.60 2.91
CA ALA B 42 14.22 -9.67 1.93
C ALA B 42 14.88 -10.86 2.59
N THR B 43 15.66 -10.58 3.60
CA THR B 43 16.34 -11.61 4.36
C THR B 43 15.33 -12.56 5.00
N GLN B 44 14.40 -11.99 5.77
CA GLN B 44 13.34 -12.77 6.41
C GLN B 44 12.21 -12.98 5.44
N GLN B 45 11.99 -11.99 4.58
CA GLN B 45 10.97 -12.08 3.58
C GLN B 45 11.37 -13.16 2.59
N LEU B 46 12.70 -13.40 2.49
CA LEU B 46 13.23 -14.44 1.62
C LEU B 46 12.37 -15.67 1.79
N PRO B 47 12.50 -16.42 2.91
CA PRO B 47 11.66 -17.58 3.08
C PRO B 47 10.29 -17.22 3.59
N HIS B 48 9.43 -17.01 2.63
CA HIS B 48 8.04 -16.77 2.86
C HIS B 48 7.27 -18.03 2.62
N LEU B 49 5.97 -17.88 2.37
CA LEU B 49 5.16 -18.99 1.98
C LEU B 49 5.39 -19.15 0.48
N LEU B 50 4.62 -18.40 -0.31
CA LEU B 50 4.78 -18.36 -1.76
C LEU B 50 5.82 -17.30 -2.12
N LYS B 51 7.01 -17.41 -1.52
CA LYS B 51 8.09 -16.44 -1.73
C LYS B 51 8.17 -15.96 -3.17
N ASP B 52 8.87 -14.84 -3.33
CA ASP B 52 9.08 -14.22 -4.63
C ASP B 52 10.50 -14.48 -5.11
N VAL B 53 11.43 -14.50 -4.13
CA VAL B 53 12.86 -14.76 -4.32
C VAL B 53 13.70 -13.53 -3.98
N GLY B 54 13.96 -13.36 -2.69
CA GLY B 54 14.79 -12.25 -2.23
C GLY B 54 16.23 -12.38 -2.72
N SER B 55 16.41 -12.32 -4.04
CA SER B 55 17.74 -12.43 -4.63
C SER B 55 18.67 -11.35 -4.08
N LEU B 56 19.88 -11.76 -3.70
CA LEU B 56 20.87 -10.85 -3.13
C LEU B 56 20.89 -9.51 -3.87
N ASP B 57 21.13 -9.54 -5.17
CA ASP B 57 21.16 -8.31 -5.96
C ASP B 57 19.97 -7.44 -5.65
N GLU B 58 18.82 -8.04 -5.82
CA GLU B 58 17.56 -7.37 -5.57
C GLU B 58 17.59 -6.73 -4.19
N LYS B 59 18.13 -7.47 -3.24
CA LYS B 59 18.25 -6.96 -1.88
C LYS B 59 19.30 -5.86 -1.82
N MET B 60 20.23 -5.89 -2.76
CA MET B 60 21.30 -4.89 -2.82
C MET B 60 20.86 -3.60 -3.52
N LYS B 61 19.91 -3.73 -4.46
CA LYS B 61 19.45 -2.58 -5.25
C LYS B 61 18.42 -1.75 -4.49
N THR B 62 17.20 -2.28 -4.39
CA THR B 62 16.12 -1.59 -3.72
C THR B 62 16.60 -0.97 -2.41
N LEU B 63 17.61 -1.60 -1.83
CA LEU B 63 18.22 -1.12 -0.60
C LEU B 63 18.59 0.35 -0.71
N ASP B 64 19.66 0.65 -1.45
CA ASP B 64 20.10 2.03 -1.62
C ASP B 64 18.98 2.90 -2.19
N VAL B 65 17.99 2.25 -2.81
CA VAL B 65 16.88 2.95 -3.41
C VAL B 65 15.85 3.40 -2.37
N ASN B 66 15.07 2.45 -1.86
CA ASN B 66 14.03 2.76 -0.88
C ASN B 66 14.57 2.89 0.54
N GLN B 67 15.64 3.64 0.75
CA GLN B 67 16.13 3.78 2.11
C GLN B 67 15.19 4.62 2.93
N ASP B 68 14.54 5.55 2.28
CA ASP B 68 13.60 6.40 2.95
C ASP B 68 12.25 5.70 3.05
N SER B 69 12.20 4.42 2.61
CA SER B 69 10.99 3.60 2.68
C SER B 69 10.28 3.90 3.97
N GLU B 70 11.09 4.15 4.98
CA GLU B 70 10.58 4.53 6.28
C GLU B 70 11.12 5.90 6.63
N LEU B 71 10.25 6.68 7.22
CA LEU B 71 10.62 8.00 7.62
C LEU B 71 9.90 8.45 8.88
N ARG B 72 10.42 9.50 9.44
CA ARG B 72 9.84 10.12 10.60
C ARG B 72 9.22 11.44 10.17
N PHE B 73 9.37 11.78 8.87
CA PHE B 73 8.89 13.02 8.36
C PHE B 73 7.93 12.82 7.15
N SER B 74 8.20 13.42 5.99
CA SER B 74 7.27 13.34 4.86
C SER B 74 7.79 12.48 3.74
N GLU B 75 8.78 11.68 4.04
CA GLU B 75 9.33 10.75 3.09
C GLU B 75 8.33 9.61 2.84
N TYR B 76 7.22 9.61 3.61
CA TYR B 76 6.22 8.56 3.53
C TYR B 76 5.98 8.03 2.13
N TRP B 77 6.17 8.85 1.12
CA TRP B 77 5.99 8.41 -0.26
C TRP B 77 6.92 7.24 -0.56
N ARG B 78 7.93 7.02 0.29
CA ARG B 78 8.85 5.92 0.09
C ARG B 78 8.20 4.61 0.55
N LEU B 79 7.15 4.73 1.36
CA LEU B 79 6.40 3.55 1.78
C LEU B 79 5.46 3.17 0.65
N ILE B 80 5.17 4.15 -0.22
CA ILE B 80 4.27 3.97 -1.35
C ILE B 80 4.51 2.61 -2.04
N GLY B 81 5.77 2.31 -2.34
CA GLY B 81 6.10 1.05 -2.99
C GLY B 81 6.17 -0.12 -2.01
N GLU B 82 6.14 0.18 -0.71
CA GLU B 82 6.20 -0.85 0.32
C GLU B 82 4.86 -1.49 0.53
N LEU B 83 3.89 -0.66 0.93
CA LEU B 83 2.54 -1.13 1.16
C LEU B 83 2.05 -1.91 -0.05
N ALA B 84 2.71 -1.71 -1.18
CA ALA B 84 2.37 -2.44 -2.36
C ALA B 84 2.96 -3.84 -2.33
N LYS B 85 4.17 -3.98 -1.80
CA LYS B 85 4.84 -5.28 -1.74
C LYS B 85 3.90 -6.38 -1.30
N GLU B 86 2.90 -6.02 -0.52
CA GLU B 86 1.93 -6.99 -0.06
C GLU B 86 0.93 -7.28 -1.16
N VAL B 87 0.47 -6.22 -1.81
CA VAL B 87 -0.49 -6.32 -2.89
C VAL B 87 0.18 -6.69 -4.23
N ARG B 88 1.48 -6.52 -4.31
CA ARG B 88 2.21 -6.83 -5.55
C ARG B 88 2.31 -8.32 -5.76
N LYS B 89 3.01 -9.01 -4.87
CA LYS B 89 3.19 -10.45 -4.98
C LYS B 89 1.83 -11.13 -4.92
N GLU B 90 0.97 -10.58 -4.06
CA GLU B 90 -0.35 -11.10 -3.86
C GLU B 90 -1.21 -10.94 -5.11
N LYS B 91 -0.72 -10.14 -6.07
CA LYS B 91 -1.45 -9.92 -7.30
C LYS B 91 -1.82 -11.26 -7.93
N ALA B 92 -0.81 -12.13 -8.04
CA ALA B 92 -1.00 -13.46 -8.62
C ALA B 92 -1.59 -14.44 -7.62
N LEU B 93 -1.41 -14.18 -6.33
CA LEU B 93 -1.94 -15.07 -5.31
C LEU B 93 -3.43 -14.80 -5.10
N GLY B 94 -3.84 -13.56 -5.35
CA GLY B 94 -5.24 -13.20 -5.19
C GLY B 94 -6.16 -14.20 -5.86
N ILE B 95 -5.80 -14.61 -7.07
CA ILE B 95 -6.58 -15.59 -7.80
C ILE B 95 -6.47 -16.95 -7.13
N ARG B 96 -6.98 -17.03 -5.90
CA ARG B 96 -6.92 -18.28 -5.16
C ARG B 96 -7.60 -19.37 -5.96
N LYS B 97 -8.59 -18.95 -6.75
CA LYS B 97 -9.33 -19.86 -7.60
C LYS B 97 -8.58 -20.05 -8.93
N LYS B 98 -7.61 -20.95 -8.91
CA LYS B 98 -6.82 -21.22 -10.10
C LYS B 98 -7.18 -22.58 -10.71
N MET A 1 18.63 -5.46 3.50
CA MET A 1 18.09 -6.54 2.66
C MET A 1 17.23 -5.96 1.55
N ALA A 2 16.64 -6.83 0.76
CA ALA A 2 15.80 -6.42 -0.34
C ALA A 2 14.34 -6.76 -0.11
N ALA A 3 13.48 -6.07 -0.85
CA ALA A 3 12.05 -6.31 -0.75
C ALA A 3 11.64 -7.38 -1.75
N GLU A 4 11.95 -8.62 -1.40
CA GLU A 4 11.63 -9.75 -2.26
C GLU A 4 10.14 -9.99 -2.34
N THR A 5 9.59 -10.82 -1.46
CA THR A 5 8.17 -11.10 -1.50
C THR A 5 7.30 -10.11 -0.70
N LEU A 6 6.47 -10.62 0.23
CA LEU A 6 5.54 -9.77 0.98
C LEU A 6 6.19 -9.19 2.21
N THR A 7 6.64 -7.96 2.12
CA THR A 7 7.27 -7.35 3.29
C THR A 7 6.26 -7.21 4.39
N GLU A 8 6.75 -6.93 5.59
CA GLU A 8 5.88 -6.79 6.76
C GLU A 8 4.61 -6.00 6.43
N LEU A 9 4.69 -5.14 5.42
CA LEU A 9 3.55 -4.33 5.05
C LEU A 9 2.36 -5.20 4.63
N GLU A 10 2.64 -6.42 4.16
CA GLU A 10 1.57 -7.33 3.74
C GLU A 10 0.58 -7.49 4.88
N ALA A 11 1.12 -7.55 6.10
CA ALA A 11 0.29 -7.67 7.28
C ALA A 11 -0.75 -6.57 7.30
N ALA A 12 -0.42 -5.45 6.66
CA ALA A 12 -1.34 -4.33 6.57
C ALA A 12 -2.36 -4.59 5.48
N ILE A 13 -1.96 -5.37 4.47
CA ILE A 13 -2.85 -5.72 3.38
C ILE A 13 -4.18 -6.24 3.92
N GLU A 14 -4.10 -6.80 5.13
CA GLU A 14 -5.27 -7.36 5.81
C GLU A 14 -6.30 -6.27 6.10
N THR A 15 -5.82 -5.15 6.63
CA THR A 15 -6.69 -4.04 6.96
C THR A 15 -7.34 -3.49 5.71
N VAL A 16 -6.50 -3.03 4.80
CA VAL A 16 -6.94 -2.46 3.54
C VAL A 16 -7.92 -3.36 2.82
N VAL A 17 -7.60 -4.64 2.73
CA VAL A 17 -8.46 -5.57 2.03
C VAL A 17 -9.82 -5.67 2.73
N SER A 18 -9.79 -5.57 4.06
CA SER A 18 -11.01 -5.65 4.85
C SER A 18 -11.78 -4.33 4.88
N THR A 19 -11.13 -3.25 4.49
CA THR A 19 -11.80 -1.94 4.49
C THR A 19 -12.61 -1.68 3.22
N PHE A 20 -11.94 -1.12 2.22
CA PHE A 20 -12.54 -0.74 0.95
C PHE A 20 -12.64 -1.90 0.00
N PHE A 21 -11.68 -2.79 0.06
CA PHE A 21 -11.71 -3.94 -0.79
C PHE A 21 -12.84 -4.85 -0.37
N THR A 22 -13.48 -4.57 0.75
CA THR A 22 -14.62 -5.39 1.11
C THR A 22 -15.85 -4.95 0.33
N PHE A 23 -15.69 -3.92 -0.53
CA PHE A 23 -16.80 -3.43 -1.32
C PHE A 23 -16.97 -4.33 -2.55
N ALA A 24 -15.90 -5.05 -2.91
CA ALA A 24 -15.98 -5.99 -4.03
C ALA A 24 -17.17 -6.89 -3.85
N GLY A 25 -17.46 -7.18 -2.58
CA GLY A 25 -18.62 -7.99 -2.24
C GLY A 25 -19.83 -7.65 -3.10
N ARG A 26 -19.88 -6.39 -3.52
CA ARG A 26 -20.95 -5.88 -4.37
C ARG A 26 -21.04 -6.64 -5.68
N GLU A 27 -19.92 -6.82 -6.32
CA GLU A 27 -19.88 -7.51 -7.59
C GLU A 27 -19.73 -9.02 -7.38
N GLY A 28 -19.44 -9.72 -8.47
CA GLY A 28 -19.27 -11.16 -8.46
C GLY A 28 -18.79 -11.73 -7.14
N ARG A 29 -19.21 -12.97 -6.87
CA ARG A 29 -18.87 -13.65 -5.63
C ARG A 29 -17.40 -13.46 -5.23
N LYS A 30 -16.47 -13.80 -6.10
CA LYS A 30 -15.06 -13.68 -5.77
C LYS A 30 -14.20 -13.21 -6.94
N GLY A 31 -14.60 -12.14 -7.60
CA GLY A 31 -13.83 -11.60 -8.70
C GLY A 31 -13.11 -10.35 -8.27
N SER A 32 -13.64 -9.21 -8.58
CA SER A 32 -13.00 -8.00 -8.18
C SER A 32 -14.03 -6.99 -7.76
N LEU A 33 -13.56 -5.89 -7.24
CA LEU A 33 -14.47 -4.84 -6.85
C LEU A 33 -14.59 -3.91 -8.03
N ASN A 34 -15.71 -3.24 -8.12
CA ASN A 34 -15.89 -2.38 -9.26
C ASN A 34 -15.78 -0.93 -8.84
N ILE A 35 -16.78 -0.11 -9.14
CA ILE A 35 -16.74 1.26 -8.74
C ILE A 35 -18.12 1.75 -8.31
N ASN A 36 -18.92 0.80 -7.80
CA ASN A 36 -20.26 1.11 -7.31
C ASN A 36 -20.16 1.65 -5.90
N GLU A 37 -19.63 0.84 -4.99
CA GLU A 37 -19.46 1.35 -3.64
C GLU A 37 -18.28 2.29 -3.62
N PHE A 38 -17.38 2.15 -4.61
CA PHE A 38 -16.26 3.06 -4.72
C PHE A 38 -16.81 4.48 -4.68
N LYS A 39 -18.04 4.61 -5.13
CA LYS A 39 -18.71 5.89 -5.14
C LYS A 39 -18.90 6.44 -3.74
N GLU A 40 -18.68 5.59 -2.78
CA GLU A 40 -18.72 5.97 -1.39
C GLU A 40 -17.35 6.60 -1.01
N LEU A 41 -16.36 6.44 -1.92
CA LEU A 41 -15.01 6.93 -1.69
C LEU A 41 -14.94 8.45 -1.72
N ALA A 42 -14.62 9.05 -2.89
CA ALA A 42 -14.51 10.50 -3.01
C ALA A 42 -15.56 11.23 -2.20
N THR A 43 -16.74 10.62 -2.09
CA THR A 43 -17.84 11.20 -1.37
C THR A 43 -17.46 11.51 0.08
N GLN A 44 -17.12 10.48 0.84
CA GLN A 44 -16.68 10.66 2.21
C GLN A 44 -15.23 11.06 2.21
N GLN A 45 -14.50 10.54 1.24
CA GLN A 45 -13.11 10.87 1.08
C GLN A 45 -12.96 12.36 0.92
N LEU A 46 -14.01 12.99 0.38
CA LEU A 46 -14.03 14.44 0.20
C LEU A 46 -13.49 15.09 1.46
N PRO A 47 -14.26 15.17 2.57
CA PRO A 47 -13.69 15.76 3.75
C PRO A 47 -12.76 14.80 4.47
N HIS A 48 -11.50 14.88 4.08
CA HIS A 48 -10.41 14.16 4.70
C HIS A 48 -9.70 15.09 5.67
N LEU A 49 -8.48 14.73 6.04
CA LEU A 49 -7.67 15.62 6.84
C LEU A 49 -7.08 16.64 5.85
N LEU A 50 -5.96 16.29 5.25
CA LEU A 50 -5.34 17.12 4.22
C LEU A 50 -5.98 16.77 2.86
N LYS A 51 -7.31 16.85 2.79
CA LYS A 51 -8.04 16.49 1.58
C LYS A 51 -7.35 16.94 0.29
N ASP A 52 -7.62 16.18 -0.76
CA ASP A 52 -7.08 16.44 -2.09
C ASP A 52 -8.13 17.16 -2.94
N VAL A 53 -9.40 16.80 -2.71
CA VAL A 53 -10.58 17.37 -3.36
C VAL A 53 -11.09 16.48 -4.50
N GLY A 54 -11.77 15.41 -4.14
CA GLY A 54 -12.34 14.53 -5.15
C GLY A 54 -13.29 15.28 -6.06
N SER A 55 -12.82 15.65 -7.25
CA SER A 55 -13.62 16.39 -8.21
C SER A 55 -14.66 15.48 -8.86
N LEU A 56 -15.89 15.99 -9.00
CA LEU A 56 -16.98 15.23 -9.62
C LEU A 56 -16.51 14.47 -10.84
N ASP A 57 -16.02 15.19 -11.85
CA ASP A 57 -15.54 14.57 -13.07
C ASP A 57 -14.56 13.45 -12.75
N GLU A 58 -13.55 13.78 -11.96
CA GLU A 58 -12.54 12.80 -11.57
C GLU A 58 -13.23 11.60 -10.97
N LYS A 59 -14.25 11.86 -10.17
CA LYS A 59 -15.02 10.81 -9.54
C LYS A 59 -15.85 10.05 -10.58
N MET A 60 -16.11 10.70 -11.71
CA MET A 60 -16.87 10.11 -12.80
C MET A 60 -16.00 9.19 -13.66
N LYS A 61 -14.76 9.61 -13.90
CA LYS A 61 -13.83 8.83 -14.71
C LYS A 61 -13.22 7.71 -13.90
N THR A 62 -12.74 8.07 -12.73
CA THR A 62 -12.11 7.10 -11.84
C THR A 62 -12.93 5.82 -11.73
N LEU A 63 -14.24 5.93 -11.96
CA LEU A 63 -15.11 4.77 -11.91
C LEU A 63 -14.61 3.71 -12.89
N ASP A 64 -14.51 4.11 -14.16
CA ASP A 64 -14.04 3.21 -15.20
C ASP A 64 -12.55 2.96 -15.07
N VAL A 65 -11.81 4.00 -14.68
CA VAL A 65 -10.36 3.88 -14.52
C VAL A 65 -10.01 2.84 -13.47
N ASN A 66 -10.37 3.09 -12.21
CA ASN A 66 -10.06 2.15 -11.13
C ASN A 66 -11.10 1.02 -11.05
N GLN A 67 -11.49 0.47 -12.19
CA GLN A 67 -12.45 -0.62 -12.22
C GLN A 67 -11.93 -1.71 -11.31
N ASP A 68 -10.73 -2.12 -11.66
CA ASP A 68 -9.99 -3.13 -10.93
C ASP A 68 -9.34 -2.55 -9.68
N SER A 69 -9.96 -1.54 -9.06
CA SER A 69 -9.38 -0.95 -7.86
C SER A 69 -9.15 -2.03 -6.81
N GLU A 70 -9.81 -3.17 -6.99
CA GLU A 70 -9.65 -4.32 -6.10
C GLU A 70 -9.70 -5.62 -6.88
N LEU A 71 -9.21 -6.65 -6.25
CA LEU A 71 -9.21 -7.95 -6.80
C LEU A 71 -9.49 -9.03 -5.74
N ARG A 72 -10.25 -10.04 -6.14
CA ARG A 72 -10.52 -11.20 -5.31
C ARG A 72 -9.76 -12.41 -5.90
N PHE A 73 -9.55 -12.34 -7.23
CA PHE A 73 -8.81 -13.35 -7.99
C PHE A 73 -7.32 -12.93 -8.21
N SER A 74 -6.92 -12.48 -9.41
CA SER A 74 -5.50 -12.14 -9.65
C SER A 74 -5.23 -10.68 -9.95
N GLU A 75 -6.25 -9.94 -10.31
CA GLU A 75 -6.09 -8.51 -10.58
C GLU A 75 -5.63 -7.66 -9.35
N TYR A 76 -5.05 -8.28 -8.30
CA TYR A 76 -4.62 -7.55 -7.12
C TYR A 76 -3.53 -6.58 -7.50
N TRP A 77 -2.93 -6.82 -8.65
CA TRP A 77 -1.88 -5.93 -9.13
C TRP A 77 -2.44 -4.54 -9.35
N ARG A 78 -3.78 -4.40 -9.33
CA ARG A 78 -4.39 -3.10 -9.52
C ARG A 78 -4.39 -2.37 -8.20
N LEU A 79 -4.36 -3.16 -7.13
CA LEU A 79 -4.33 -2.67 -5.78
C LEU A 79 -2.93 -2.28 -5.36
N ILE A 80 -1.96 -2.61 -6.19
CA ILE A 80 -0.60 -2.29 -5.89
C ILE A 80 -0.46 -0.76 -5.74
N GLY A 81 -0.97 -0.03 -6.72
CA GLY A 81 -0.94 1.42 -6.65
C GLY A 81 -2.08 1.97 -5.83
N GLU A 82 -2.89 1.09 -5.25
CA GLU A 82 -4.03 1.53 -4.44
C GLU A 82 -3.60 1.91 -3.04
N LEU A 83 -3.05 0.95 -2.30
CA LEU A 83 -2.57 1.22 -0.94
C LEU A 83 -1.76 2.49 -0.92
N ALA A 84 -1.17 2.82 -2.07
CA ALA A 84 -0.39 4.02 -2.20
C ALA A 84 -1.25 5.28 -2.05
N LYS A 85 -2.48 5.21 -2.55
CA LYS A 85 -3.42 6.34 -2.46
C LYS A 85 -3.42 6.93 -1.07
N GLU A 86 -3.06 6.11 -0.10
CA GLU A 86 -2.98 6.55 1.29
C GLU A 86 -1.65 7.20 1.58
N VAL A 87 -0.57 6.53 1.19
CA VAL A 87 0.77 7.04 1.45
C VAL A 87 1.17 8.13 0.45
N ARG A 88 0.24 8.52 -0.42
CA ARG A 88 0.52 9.56 -1.41
C ARG A 88 0.40 10.96 -0.80
N LYS A 89 -0.73 11.24 -0.17
CA LYS A 89 -0.95 12.54 0.47
C LYS A 89 -0.26 12.53 1.81
N GLU A 90 -0.25 11.35 2.42
CA GLU A 90 0.40 11.16 3.69
C GLU A 90 1.89 11.45 3.55
N LYS A 91 2.38 11.50 2.31
CA LYS A 91 3.77 11.82 2.05
C LYS A 91 4.14 13.13 2.71
N ALA A 92 3.40 14.18 2.40
CA ALA A 92 3.63 15.50 2.97
C ALA A 92 3.02 15.63 4.36
N LEU A 93 1.98 14.84 4.64
CA LEU A 93 1.33 14.91 5.94
C LEU A 93 2.13 14.14 6.99
N GLY A 94 2.83 13.10 6.57
CA GLY A 94 3.63 12.31 7.50
C GLY A 94 4.42 13.15 8.46
N ILE A 95 4.81 14.32 7.98
CA ILE A 95 5.59 15.23 8.79
C ILE A 95 4.76 15.77 9.93
N ARG A 96 4.33 14.88 10.82
CA ARG A 96 3.55 15.28 11.97
C ARG A 96 4.40 16.18 12.84
N LYS A 97 5.71 15.98 12.74
CA LYS A 97 6.67 16.78 13.47
C LYS A 97 7.11 17.95 12.60
N LYS A 98 6.30 19.01 12.60
CA LYS A 98 6.58 20.19 11.80
C LYS A 98 7.12 21.32 12.68
N MET B 1 -16.86 6.76 -7.58
CA MET B 1 -16.16 7.99 -7.16
C MET B 1 -14.68 7.90 -7.49
N ALA B 2 -13.94 8.91 -7.07
CA ALA B 2 -12.51 8.95 -7.34
C ALA B 2 -11.70 8.80 -6.05
N ALA B 3 -10.46 8.33 -6.22
CA ALA B 3 -9.55 8.15 -5.10
C ALA B 3 -8.84 9.48 -4.83
N GLU B 4 -9.57 10.41 -4.23
CA GLU B 4 -9.03 11.72 -3.95
C GLU B 4 -7.95 11.66 -2.87
N THR B 5 -8.33 11.82 -1.61
CA THR B 5 -7.35 11.79 -0.54
C THR B 5 -7.01 10.37 -0.05
N LEU B 6 -7.12 10.10 1.27
CA LEU B 6 -6.77 8.81 1.84
C LEU B 6 -7.92 7.84 1.77
N THR B 7 -7.88 6.92 0.81
CA THR B 7 -8.95 5.96 0.68
C THR B 7 -8.94 5.04 1.88
N GLU B 8 -10.03 4.34 2.10
CA GLU B 8 -10.16 3.43 3.24
C GLU B 8 -8.86 2.67 3.52
N LEU B 9 -8.08 2.45 2.46
CA LEU B 9 -6.81 1.75 2.59
C LEU B 9 -5.88 2.43 3.60
N GLU B 10 -6.06 3.73 3.81
CA GLU B 10 -5.21 4.46 4.76
C GLU B 10 -5.31 3.80 6.12
N ALA B 11 -6.51 3.33 6.44
CA ALA B 11 -6.73 2.64 7.71
C ALA B 11 -5.74 1.49 7.84
N ALA B 12 -5.30 0.98 6.69
CA ALA B 12 -4.34 -0.10 6.68
C ALA B 12 -2.94 0.44 6.88
N ILE B 13 -2.73 1.70 6.47
CA ILE B 13 -1.43 2.34 6.63
C ILE B 13 -0.97 2.21 8.08
N GLU B 14 -1.94 2.07 8.99
CA GLU B 14 -1.68 1.92 10.41
C GLU B 14 -0.90 0.64 10.70
N THR B 15 -1.33 -0.46 10.08
CA THR B 15 -0.67 -1.73 10.29
C THR B 15 0.75 -1.69 9.75
N VAL B 16 0.84 -1.40 8.47
CA VAL B 16 2.11 -1.33 7.77
C VAL B 16 3.09 -0.42 8.48
N VAL B 17 2.63 0.76 8.88
CA VAL B 17 3.49 1.71 9.56
C VAL B 17 3.98 1.13 10.88
N SER B 18 3.12 0.37 11.53
CA SER B 18 3.45 -0.25 12.81
C SER B 18 4.27 -1.53 12.64
N THR B 19 4.26 -2.09 11.44
CA THR B 19 5.02 -3.32 11.20
C THR B 19 6.49 -3.07 10.88
N PHE B 20 6.79 -2.88 9.59
CA PHE B 20 8.15 -2.68 9.12
C PHE B 20 8.60 -1.25 9.30
N PHE B 21 7.68 -0.32 9.19
CA PHE B 21 8.05 1.04 9.35
C PHE B 21 8.38 1.36 10.80
N THR B 22 8.19 0.41 11.69
CA THR B 22 8.57 0.65 13.07
C THR B 22 10.07 0.44 13.25
N PHE B 23 10.74 0.08 12.14
CA PHE B 23 12.17 -0.14 12.17
C PHE B 23 12.91 1.20 12.05
N ALA B 24 12.21 2.22 11.54
CA ALA B 24 12.80 3.56 11.45
C ALA B 24 13.37 3.97 12.79
N GLY B 25 12.66 3.60 13.85
CA GLY B 25 13.14 3.88 15.20
C GLY B 25 14.65 3.70 15.32
N ARG B 26 15.19 2.80 14.51
CA ARG B 26 16.64 2.53 14.49
C ARG B 26 17.40 3.81 14.25
N GLU B 27 16.99 4.51 13.22
CA GLU B 27 17.62 5.76 12.87
C GLU B 27 17.02 6.93 13.65
N GLY B 28 17.38 8.14 13.23
CA GLY B 28 16.92 9.37 13.87
C GLY B 28 15.58 9.27 14.56
N ARG B 29 15.43 10.06 15.62
CA ARG B 29 14.23 10.05 16.42
C ARG B 29 12.96 9.98 15.58
N LYS B 30 12.78 10.91 14.66
CA LYS B 30 11.57 10.93 13.84
C LYS B 30 11.85 11.35 12.41
N GLY B 31 12.81 10.72 11.75
CA GLY B 31 13.08 11.04 10.36
C GLY B 31 12.55 9.96 9.47
N SER B 32 13.39 9.06 9.08
CA SER B 32 12.94 7.98 8.25
C SER B 32 13.63 6.71 8.63
N LEU B 33 13.20 5.63 8.04
CA LEU B 33 13.85 4.37 8.30
C LEU B 33 14.91 4.19 7.26
N ASN B 34 15.93 3.44 7.60
CA ASN B 34 17.00 3.26 6.67
C ASN B 34 16.93 1.88 6.09
N ILE B 35 18.03 1.18 6.10
CA ILE B 35 18.06 -0.16 5.61
C ILE B 35 18.85 -1.09 6.52
N ASN B 36 18.89 -0.74 7.81
CA ASN B 36 19.59 -1.55 8.81
C ASN B 36 18.70 -2.70 9.23
N GLU B 37 17.57 -2.40 9.85
CA GLU B 37 16.67 -3.48 10.20
C GLU B 37 16.01 -4.01 8.93
N PHE B 38 16.02 -3.20 7.86
CA PHE B 38 15.48 -3.64 6.60
C PHE B 38 16.14 -4.97 6.23
N LYS B 39 17.37 -5.12 6.71
CA LYS B 39 18.14 -6.32 6.48
C LYS B 39 17.46 -7.53 7.09
N GLU B 40 16.49 -7.26 7.94
CA GLU B 40 15.69 -8.31 8.52
C GLU B 40 14.58 -8.70 7.54
N LEU B 41 14.47 -7.96 6.42
CA LEU B 41 13.42 -8.20 5.46
C LEU B 41 13.70 -9.40 4.60
N ALA B 42 14.40 -9.21 3.47
CA ALA B 42 14.70 -10.31 2.56
C ALA B 42 15.09 -11.56 3.32
N THR B 43 15.77 -11.35 4.43
CA THR B 43 16.21 -12.45 5.28
C THR B 43 15.05 -13.38 5.63
N GLN B 44 14.06 -12.84 6.33
CA GLN B 44 12.86 -13.59 6.70
C GLN B 44 11.92 -13.63 5.53
N GLN B 45 11.87 -12.51 4.81
CA GLN B 45 11.06 -12.40 3.63
C GLN B 45 11.38 -13.54 2.69
N LEU B 46 12.65 -14.02 2.77
CA LEU B 46 13.10 -15.14 1.95
C LEU B 46 12.02 -16.19 1.94
N PRO B 47 11.87 -17.02 3.00
CA PRO B 47 10.80 -17.99 2.97
C PRO B 47 9.47 -17.39 3.29
N HIS B 48 8.83 -17.00 2.21
CA HIS B 48 7.49 -16.48 2.21
C HIS B 48 6.55 -17.58 1.77
N LEU B 49 5.38 -17.19 1.31
CA LEU B 49 4.46 -18.16 0.73
C LEU B 49 4.94 -18.37 -0.70
N LEU B 50 4.45 -17.51 -1.60
CA LEU B 50 4.89 -17.53 -3.00
C LEU B 50 6.14 -16.68 -3.14
N LYS B 51 7.17 -16.99 -2.34
CA LYS B 51 8.41 -16.22 -2.33
C LYS B 51 8.85 -15.75 -3.71
N ASP B 52 9.63 -14.67 -3.71
CA ASP B 52 10.16 -14.08 -4.94
C ASP B 52 11.63 -14.47 -5.09
N VAL B 53 12.30 -14.59 -3.93
CA VAL B 53 13.70 -14.97 -3.81
C VAL B 53 14.62 -13.77 -3.61
N GLY B 54 14.59 -13.21 -2.42
CA GLY B 54 15.46 -12.09 -2.10
C GLY B 54 16.91 -12.44 -2.36
N SER B 55 17.43 -12.04 -3.52
CA SER B 55 18.81 -12.31 -3.88
C SER B 55 19.78 -11.45 -3.08
N LEU B 56 20.89 -12.06 -2.66
CA LEU B 56 21.90 -11.34 -1.88
C LEU B 56 22.21 -9.98 -2.48
N ASP B 57 22.69 -9.97 -3.72
CA ASP B 57 23.03 -8.72 -4.39
C ASP B 57 21.89 -7.73 -4.29
N GLU B 58 20.72 -8.19 -4.67
CA GLU B 58 19.52 -7.38 -4.62
C GLU B 58 19.35 -6.84 -3.22
N LYS B 59 19.62 -7.71 -2.26
CA LYS B 59 19.53 -7.34 -0.86
C LYS B 59 20.62 -6.34 -0.50
N MET B 60 21.70 -6.34 -1.28
CA MET B 60 22.83 -5.45 -1.06
C MET B 60 22.57 -4.05 -1.61
N LYS B 61 21.94 -3.99 -2.78
CA LYS B 61 21.63 -2.71 -3.42
C LYS B 61 20.39 -2.08 -2.82
N THR B 62 19.36 -2.90 -2.67
CA THR B 62 18.10 -2.44 -2.13
C THR B 62 18.31 -1.63 -0.86
N LEU B 63 19.44 -1.88 -0.18
CA LEU B 63 19.76 -1.12 1.03
C LEU B 63 19.81 0.37 0.71
N ASP B 64 20.66 0.70 -0.25
CA ASP B 64 20.81 2.09 -0.66
C ASP B 64 19.59 2.57 -1.45
N VAL B 65 19.05 1.69 -2.28
CA VAL B 65 17.90 2.01 -3.10
C VAL B 65 16.71 2.42 -2.24
N ASN B 66 16.22 1.49 -1.42
CA ASN B 66 15.08 1.75 -0.55
C ASN B 66 15.45 2.48 0.73
N GLN B 67 16.50 3.29 0.70
CA GLN B 67 16.91 4.08 1.86
C GLN B 67 15.70 4.68 2.55
N ASP B 68 14.94 5.44 1.78
CA ASP B 68 13.73 6.08 2.25
C ASP B 68 12.54 5.10 2.21
N SER B 69 12.79 3.81 2.41
CA SER B 69 11.70 2.84 2.38
C SER B 69 10.61 3.23 3.36
N GLU B 70 10.95 4.10 4.31
CA GLU B 70 9.99 4.60 5.27
C GLU B 70 10.25 6.06 5.56
N LEU B 71 9.25 6.68 6.12
CA LEU B 71 9.34 8.04 6.50
C LEU B 71 8.60 8.33 7.80
N ARG B 72 9.17 9.22 8.59
CA ARG B 72 8.56 9.70 9.83
C ARG B 72 8.14 11.16 9.60
N PHE B 73 8.88 11.83 8.71
CA PHE B 73 8.62 13.22 8.31
C PHE B 73 7.79 13.31 7.00
N SER B 74 8.41 13.62 5.85
CA SER B 74 7.64 13.80 4.60
C SER B 74 7.97 12.81 3.49
N GLU B 75 9.10 12.16 3.58
CA GLU B 75 9.49 11.15 2.60
C GLU B 75 8.54 9.93 2.53
N TYR B 76 7.29 10.03 3.01
CA TYR B 76 6.39 8.90 3.00
C TYR B 76 6.09 8.49 1.59
N TRP B 77 6.22 9.45 0.67
CA TRP B 77 6.00 9.17 -0.75
C TRP B 77 6.87 8.01 -1.21
N ARG B 78 7.89 7.68 -0.42
CA ARG B 78 8.75 6.58 -0.74
C ARG B 78 8.06 5.27 -0.37
N LEU B 79 7.13 5.39 0.57
CA LEU B 79 6.34 4.27 1.05
C LEU B 79 5.15 4.03 0.14
N ILE B 80 4.92 4.96 -0.77
CA ILE B 80 3.81 4.83 -1.70
C ILE B 80 3.95 3.51 -2.46
N GLY B 81 5.12 3.26 -3.03
CA GLY B 81 5.36 2.03 -3.75
C GLY B 81 5.75 0.88 -2.83
N GLU B 82 5.80 1.14 -1.51
CA GLU B 82 6.18 0.11 -0.56
C GLU B 82 5.04 -0.82 -0.25
N LEU B 83 3.93 -0.27 0.24
CA LEU B 83 2.76 -1.08 0.55
C LEU B 83 2.43 -1.94 -0.65
N ALA B 84 2.87 -1.49 -1.81
CA ALA B 84 2.64 -2.24 -3.02
C ALA B 84 3.45 -3.54 -3.02
N LYS B 85 4.64 -3.51 -2.42
CA LYS B 85 5.50 -4.71 -2.35
C LYS B 85 4.71 -5.92 -1.90
N GLU B 86 3.62 -5.66 -1.21
CA GLU B 86 2.75 -6.73 -0.76
C GLU B 86 1.75 -7.13 -1.84
N VAL B 87 1.08 -6.13 -2.41
CA VAL B 87 0.07 -6.37 -3.44
C VAL B 87 0.68 -6.67 -4.81
N ARG B 88 2.01 -6.78 -4.87
CA ARG B 88 2.71 -7.08 -6.12
C ARG B 88 2.70 -8.58 -6.42
N LYS B 89 3.14 -9.37 -5.46
CA LYS B 89 3.16 -10.83 -5.60
C LYS B 89 1.79 -11.38 -5.36
N GLU B 90 1.11 -10.72 -4.43
CA GLU B 90 -0.23 -11.08 -4.06
C GLU B 90 -1.15 -10.92 -5.25
N LYS B 91 -0.68 -10.23 -6.29
CA LYS B 91 -1.46 -10.05 -7.50
C LYS B 91 -1.83 -11.41 -8.06
N ALA B 92 -0.84 -12.27 -8.24
CA ALA B 92 -1.08 -13.60 -8.78
C ALA B 92 -1.54 -14.57 -7.70
N LEU B 93 -1.14 -14.32 -6.46
CA LEU B 93 -1.52 -15.17 -5.36
C LEU B 93 -2.96 -14.89 -4.93
N GLY B 94 -3.38 -13.65 -5.13
CA GLY B 94 -4.74 -13.24 -4.77
C GLY B 94 -5.76 -14.27 -5.16
N ILE B 95 -5.50 -14.93 -6.28
CA ILE B 95 -6.40 -15.94 -6.81
C ILE B 95 -6.48 -17.15 -5.89
N ARG B 96 -6.96 -16.94 -4.67
CA ARG B 96 -7.09 -18.03 -3.74
C ARG B 96 -8.06 -19.05 -4.29
N LYS B 97 -8.98 -18.55 -5.12
CA LYS B 97 -9.97 -19.40 -5.76
C LYS B 97 -9.45 -19.83 -7.13
N LYS B 98 -8.61 -20.87 -7.14
CA LYS B 98 -8.04 -21.36 -8.38
C LYS B 98 -8.75 -22.63 -8.84
N MET A 1 18.51 -4.70 2.90
CA MET A 1 17.82 -5.76 2.10
C MET A 1 16.97 -5.16 1.00
N ALA A 2 16.46 -6.01 0.14
CA ALA A 2 15.62 -5.59 -0.97
C ALA A 2 14.17 -6.02 -0.77
N ALA A 3 13.27 -5.37 -1.48
CA ALA A 3 11.87 -5.70 -1.41
C ALA A 3 11.63 -7.05 -2.05
N GLU A 4 12.00 -8.10 -1.35
CA GLU A 4 11.85 -9.46 -1.85
C GLU A 4 10.35 -9.81 -1.93
N THR A 5 9.88 -10.78 -1.14
CA THR A 5 8.47 -11.11 -1.19
C THR A 5 7.64 -10.18 -0.29
N LEU A 6 6.53 -10.68 0.27
CA LEU A 6 5.66 -9.90 1.11
C LEU A 6 6.32 -9.57 2.45
N THR A 7 6.71 -8.32 2.62
CA THR A 7 7.32 -7.93 3.89
C THR A 7 6.23 -7.81 4.94
N GLU A 8 6.62 -7.55 6.17
CA GLU A 8 5.67 -7.43 7.28
C GLU A 8 4.44 -6.61 6.86
N LEU A 9 4.62 -5.72 5.89
CA LEU A 9 3.55 -4.88 5.41
C LEU A 9 2.36 -5.68 4.89
N GLU A 10 2.59 -6.91 4.43
CA GLU A 10 1.49 -7.74 3.92
C GLU A 10 0.40 -7.83 4.97
N ALA A 11 0.83 -7.79 6.24
CA ALA A 11 -0.11 -7.82 7.35
C ALA A 11 -1.05 -6.64 7.22
N ALA A 12 -0.51 -5.55 6.70
CA ALA A 12 -1.29 -4.33 6.48
C ALA A 12 -2.27 -4.54 5.34
N ILE A 13 -1.84 -5.31 4.33
CA ILE A 13 -2.71 -5.61 3.20
C ILE A 13 -4.03 -6.19 3.71
N GLU A 14 -3.99 -6.76 4.92
CA GLU A 14 -5.17 -7.36 5.52
C GLU A 14 -6.19 -6.29 5.92
N THR A 15 -5.70 -5.12 6.36
CA THR A 15 -6.59 -4.04 6.75
C THR A 15 -7.25 -3.45 5.51
N VAL A 16 -6.41 -2.91 4.64
CA VAL A 16 -6.87 -2.30 3.40
C VAL A 16 -7.93 -3.14 2.71
N VAL A 17 -7.67 -4.44 2.60
CA VAL A 17 -8.62 -5.35 1.98
C VAL A 17 -9.89 -5.42 2.83
N SER A 18 -9.70 -5.33 4.14
CA SER A 18 -10.80 -5.37 5.10
C SER A 18 -11.48 -4.02 5.28
N THR A 19 -10.89 -2.97 4.72
CA THR A 19 -11.48 -1.63 4.83
C THR A 19 -12.51 -1.30 3.72
N PHE A 20 -12.04 -0.61 2.67
CA PHE A 20 -12.89 -0.20 1.55
C PHE A 20 -13.05 -1.32 0.57
N PHE A 21 -12.04 -2.15 0.51
CA PHE A 21 -12.07 -3.30 -0.33
C PHE A 21 -13.24 -4.19 0.10
N THR A 22 -13.74 -3.97 1.30
CA THR A 22 -14.89 -4.75 1.73
C THR A 22 -16.05 -4.55 0.77
N PHE A 23 -16.00 -3.44 0.02
CA PHE A 23 -17.05 -3.12 -0.93
C PHE A 23 -17.07 -4.13 -2.07
N ALA A 24 -15.94 -4.80 -2.29
CA ALA A 24 -15.86 -5.84 -3.33
C ALA A 24 -17.06 -6.75 -3.24
N GLY A 25 -17.46 -7.00 -2.00
CA GLY A 25 -18.62 -7.83 -1.75
C GLY A 25 -19.79 -7.43 -2.61
N ARG A 26 -19.80 -6.15 -3.00
CA ARG A 26 -20.84 -5.59 -3.88
C ARG A 26 -21.13 -6.58 -5.00
N GLU A 27 -20.09 -6.88 -5.76
CA GLU A 27 -20.17 -7.85 -6.84
C GLU A 27 -18.81 -8.49 -7.00
N GLY A 28 -18.58 -9.54 -6.22
CA GLY A 28 -17.31 -10.24 -6.29
C GLY A 28 -17.40 -11.67 -5.83
N ARG A 29 -18.31 -12.44 -6.40
CA ARG A 29 -18.46 -13.84 -6.01
C ARG A 29 -17.08 -14.50 -5.95
N LYS A 30 -16.41 -14.54 -7.09
CA LYS A 30 -15.08 -15.10 -7.19
C LYS A 30 -14.24 -14.26 -8.14
N GLY A 31 -14.40 -12.94 -8.05
CA GLY A 31 -13.65 -12.06 -8.94
C GLY A 31 -13.08 -10.87 -8.25
N SER A 32 -13.65 -9.70 -8.48
CA SER A 32 -13.10 -8.49 -7.90
C SER A 32 -14.12 -7.45 -7.49
N LEU A 33 -13.59 -6.33 -7.01
CA LEU A 33 -14.37 -5.18 -6.59
C LEU A 33 -14.50 -4.28 -7.81
N ASN A 34 -15.54 -3.47 -7.86
CA ASN A 34 -15.72 -2.66 -9.04
C ASN A 34 -15.73 -1.17 -8.71
N ILE A 35 -16.70 -0.41 -9.23
CA ILE A 35 -16.77 1.01 -8.95
C ILE A 35 -18.18 1.44 -8.58
N ASN A 36 -18.92 0.53 -7.97
CA ASN A 36 -20.27 0.81 -7.53
C ASN A 36 -20.19 1.54 -6.21
N GLU A 37 -19.67 0.86 -5.20
CA GLU A 37 -19.49 1.50 -3.92
C GLU A 37 -18.25 2.33 -3.92
N PHE A 38 -17.33 2.10 -4.87
CA PHE A 38 -16.15 2.91 -4.94
C PHE A 38 -16.59 4.37 -4.93
N LYS A 39 -17.81 4.59 -5.44
CA LYS A 39 -18.39 5.91 -5.49
C LYS A 39 -18.59 6.49 -4.10
N GLU A 40 -18.48 5.65 -3.12
CA GLU A 40 -18.55 6.05 -1.73
C GLU A 40 -17.16 6.53 -1.29
N LEU A 41 -16.16 6.35 -2.18
CA LEU A 41 -14.78 6.75 -1.90
C LEU A 41 -14.61 8.27 -2.06
N ALA A 42 -14.18 8.73 -3.25
CA ALA A 42 -13.95 10.15 -3.48
C ALA A 42 -15.02 11.01 -2.82
N THR A 43 -16.23 10.46 -2.73
CA THR A 43 -17.34 11.15 -2.14
C THR A 43 -17.02 11.53 -0.69
N GLN A 44 -16.67 10.54 0.11
CA GLN A 44 -16.29 10.76 1.49
C GLN A 44 -14.84 11.20 1.55
N GLN A 45 -14.03 10.68 0.63
CA GLN A 45 -12.63 11.07 0.60
C GLN A 45 -12.57 12.56 0.34
N LEU A 46 -13.59 13.09 -0.36
CA LEU A 46 -13.67 14.51 -0.65
C LEU A 46 -13.27 15.30 0.59
N PRO A 47 -14.17 15.53 1.57
CA PRO A 47 -13.71 16.26 2.72
C PRO A 47 -12.86 15.37 3.62
N HIS A 48 -11.58 15.38 3.32
CA HIS A 48 -10.57 14.67 4.08
C HIS A 48 -9.83 15.61 5.00
N LEU A 49 -8.68 15.15 5.50
CA LEU A 49 -7.82 15.98 6.31
C LEU A 49 -6.99 16.82 5.33
N LEU A 50 -5.96 16.19 4.76
CA LEU A 50 -5.12 16.83 3.75
C LEU A 50 -5.73 16.66 2.34
N LYS A 51 -7.06 16.76 2.25
CA LYS A 51 -7.77 16.57 0.99
C LYS A 51 -7.05 17.21 -0.18
N ASP A 52 -7.28 16.63 -1.35
CA ASP A 52 -6.69 17.10 -2.59
C ASP A 52 -7.77 17.70 -3.48
N VAL A 53 -9.01 17.21 -3.31
CA VAL A 53 -10.17 17.67 -4.06
C VAL A 53 -10.43 16.80 -5.29
N GLY A 54 -11.26 15.79 -5.09
CA GLY A 54 -11.61 14.88 -6.16
C GLY A 54 -12.69 15.45 -7.03
N SER A 55 -12.30 16.14 -8.10
CA SER A 55 -13.25 16.75 -9.02
C SER A 55 -14.29 15.72 -9.44
N LEU A 56 -15.56 16.13 -9.40
CA LEU A 56 -16.67 15.26 -9.78
C LEU A 56 -16.35 14.42 -11.01
N ASP A 57 -15.80 15.05 -12.03
CA ASP A 57 -15.44 14.33 -13.26
C ASP A 57 -14.40 13.27 -12.96
N GLU A 58 -13.34 13.68 -12.27
CA GLU A 58 -12.26 12.79 -11.91
C GLU A 58 -12.83 11.51 -11.34
N LYS A 59 -13.80 11.68 -10.46
CA LYS A 59 -14.47 10.57 -9.83
C LYS A 59 -15.15 9.70 -10.89
N MET A 60 -15.61 10.34 -11.96
CA MET A 60 -16.29 9.64 -13.03
C MET A 60 -15.31 8.96 -13.98
N LYS A 61 -14.15 9.58 -14.18
CA LYS A 61 -13.12 9.04 -15.07
C LYS A 61 -12.36 7.93 -14.38
N THR A 62 -11.73 8.27 -13.26
CA THR A 62 -10.98 7.29 -12.49
C THR A 62 -11.87 6.09 -12.21
N LEU A 63 -13.18 6.33 -12.22
CA LEU A 63 -14.18 5.30 -12.01
C LEU A 63 -13.79 4.05 -12.80
N ASP A 64 -13.31 4.26 -14.01
CA ASP A 64 -12.85 3.18 -14.87
C ASP A 64 -11.43 2.78 -14.49
N VAL A 65 -10.61 3.80 -14.18
CA VAL A 65 -9.23 3.58 -13.78
C VAL A 65 -9.16 2.62 -12.59
N ASN A 66 -9.82 3.00 -11.50
CA ASN A 66 -9.85 2.16 -10.30
C ASN A 66 -10.90 1.06 -10.39
N GLN A 67 -11.14 0.55 -11.59
CA GLN A 67 -12.14 -0.48 -11.76
C GLN A 67 -11.81 -1.65 -10.87
N ASP A 68 -10.68 -2.25 -11.20
CA ASP A 68 -10.18 -3.40 -10.46
C ASP A 68 -9.32 -2.97 -9.27
N SER A 69 -9.48 -1.72 -8.80
CA SER A 69 -8.67 -1.22 -7.68
C SER A 69 -8.59 -2.28 -6.61
N GLU A 70 -9.66 -3.05 -6.53
CA GLU A 70 -9.72 -4.18 -5.63
C GLU A 70 -10.19 -5.39 -6.37
N LEU A 71 -9.76 -6.51 -5.87
CA LEU A 71 -10.14 -7.75 -6.42
C LEU A 71 -10.16 -8.88 -5.41
N ARG A 72 -10.75 -9.95 -5.85
CA ARG A 72 -10.83 -11.19 -5.11
C ARG A 72 -10.05 -12.27 -5.88
N PHE A 73 -9.54 -11.90 -7.07
CA PHE A 73 -8.85 -12.84 -7.92
C PHE A 73 -7.38 -12.41 -8.16
N SER A 74 -6.92 -12.23 -9.41
CA SER A 74 -5.52 -11.87 -9.64
C SER A 74 -5.30 -10.42 -9.97
N GLU A 75 -6.33 -9.62 -9.84
CA GLU A 75 -6.17 -8.21 -10.12
C GLU A 75 -5.39 -7.51 -9.00
N TYR A 76 -5.05 -8.26 -7.91
CA TYR A 76 -4.36 -7.70 -6.72
C TYR A 76 -3.31 -6.68 -7.06
N TRP A 77 -2.77 -6.75 -8.25
CA TRP A 77 -1.80 -5.75 -8.67
C TRP A 77 -2.45 -4.37 -8.67
N ARG A 78 -3.77 -4.31 -8.51
CA ARG A 78 -4.51 -3.07 -8.50
C ARG A 78 -4.39 -2.42 -7.14
N LEU A 79 -4.58 -3.20 -6.06
CA LEU A 79 -4.41 -2.64 -4.72
C LEU A 79 -3.07 -1.94 -4.65
N ILE A 80 -2.14 -2.38 -5.49
CA ILE A 80 -0.82 -1.82 -5.53
C ILE A 80 -0.85 -0.29 -5.48
N GLY A 81 -1.57 0.33 -6.41
CA GLY A 81 -1.70 1.78 -6.41
C GLY A 81 -2.77 2.25 -5.45
N GLU A 82 -3.43 1.30 -4.79
CA GLU A 82 -4.51 1.62 -3.85
C GLU A 82 -3.96 1.99 -2.49
N LEU A 83 -3.33 1.01 -1.83
CA LEU A 83 -2.74 1.24 -0.51
C LEU A 83 -1.96 2.52 -0.51
N ALA A 84 -1.46 2.90 -1.68
CA ALA A 84 -0.70 4.11 -1.83
C ALA A 84 -1.60 5.36 -1.81
N LYS A 85 -2.82 5.23 -2.35
CA LYS A 85 -3.77 6.36 -2.37
C LYS A 85 -3.75 7.08 -1.03
N GLU A 86 -3.50 6.29 0.00
CA GLU A 86 -3.43 6.79 1.36
C GLU A 86 -2.07 7.39 1.62
N VAL A 87 -1.05 6.66 1.18
CA VAL A 87 0.31 7.10 1.39
C VAL A 87 0.77 8.13 0.37
N ARG A 88 -0.12 8.54 -0.52
CA ARG A 88 0.24 9.52 -1.53
C ARG A 88 0.19 10.93 -0.97
N LYS A 89 -0.91 11.28 -0.32
CA LYS A 89 -1.04 12.60 0.27
C LYS A 89 -0.31 12.62 1.60
N GLU A 90 -0.29 11.45 2.23
CA GLU A 90 0.38 11.29 3.50
C GLU A 90 1.87 11.62 3.36
N LYS A 91 2.38 11.63 2.12
CA LYS A 91 3.78 11.94 1.88
C LYS A 91 4.12 13.29 2.50
N ALA A 92 3.28 14.27 2.23
CA ALA A 92 3.47 15.62 2.77
C ALA A 92 2.93 15.76 4.19
N LEU A 93 2.00 14.88 4.57
CA LEU A 93 1.44 14.91 5.91
C LEU A 93 2.35 14.26 6.92
N GLY A 94 3.08 13.23 6.49
CA GLY A 94 3.99 12.53 7.39
C GLY A 94 4.79 13.46 8.25
N ILE A 95 5.19 14.59 7.66
CA ILE A 95 5.97 15.56 8.38
C ILE A 95 5.14 16.22 9.46
N ARG A 96 4.70 15.42 10.43
CA ARG A 96 3.92 15.95 11.53
C ARG A 96 4.75 17.01 12.24
N LYS A 97 6.08 16.89 12.10
CA LYS A 97 7.00 17.86 12.66
C LYS A 97 7.14 19.03 11.70
N LYS A 98 6.20 19.95 11.78
CA LYS A 98 6.21 21.12 10.91
C LYS A 98 6.58 22.38 11.68
N MET B 1 -16.19 6.50 -8.34
CA MET B 1 -15.40 7.60 -7.72
C MET B 1 -13.92 7.48 -8.07
N ALA B 2 -13.17 8.51 -7.73
CA ALA B 2 -11.75 8.54 -7.99
C ALA B 2 -10.95 8.49 -6.70
N ALA B 3 -9.69 8.12 -6.82
CA ALA B 3 -8.82 8.06 -5.67
C ALA B 3 -8.53 9.47 -5.19
N GLU B 4 -9.51 10.06 -4.52
CA GLU B 4 -9.36 11.41 -4.02
C GLU B 4 -8.33 11.42 -2.88
N THR B 5 -8.73 11.71 -1.63
CA THR B 5 -7.77 11.70 -0.55
C THR B 5 -7.55 10.28 0.01
N LEU B 6 -7.22 10.17 1.30
CA LEU B 6 -6.97 8.89 1.93
C LEU B 6 -8.24 8.06 2.07
N THR B 7 -8.36 7.02 1.26
CA THR B 7 -9.53 6.15 1.34
C THR B 7 -9.42 5.27 2.57
N GLU B 8 -10.47 4.52 2.86
CA GLU B 8 -10.49 3.63 4.02
C GLU B 8 -9.15 2.91 4.20
N LEU B 9 -8.46 2.69 3.09
CA LEU B 9 -7.17 2.02 3.09
C LEU B 9 -6.15 2.70 4.01
N GLU B 10 -6.30 4.00 4.24
CA GLU B 10 -5.35 4.71 5.11
C GLU B 10 -5.30 4.01 6.46
N ALA B 11 -6.42 3.41 6.84
CA ALA B 11 -6.49 2.66 8.08
C ALA B 11 -5.48 1.54 8.01
N ALA B 12 -5.28 1.03 6.80
CA ALA B 12 -4.31 -0.03 6.57
C ALA B 12 -2.90 0.51 6.70
N ILE B 13 -2.70 1.76 6.27
CA ILE B 13 -1.39 2.39 6.38
C ILE B 13 -0.92 2.33 7.83
N GLU B 14 -1.87 2.18 8.75
CA GLU B 14 -1.56 2.09 10.18
C GLU B 14 -0.85 0.78 10.52
N THR B 15 -1.23 -0.31 9.84
CA THR B 15 -0.61 -1.58 10.09
C THR B 15 0.81 -1.59 9.55
N VAL B 16 0.93 -1.40 8.25
CA VAL B 16 2.22 -1.37 7.56
C VAL B 16 3.23 -0.52 8.33
N VAL B 17 2.82 0.66 8.76
CA VAL B 17 3.70 1.52 9.51
C VAL B 17 4.04 0.86 10.85
N SER B 18 3.05 0.15 11.38
CA SER B 18 3.19 -0.56 12.66
C SER B 18 3.85 -1.93 12.49
N THR B 19 4.00 -2.39 11.25
CA THR B 19 4.63 -3.68 11.00
C THR B 19 6.16 -3.61 10.89
N PHE B 20 6.66 -3.54 9.64
CA PHE B 20 8.11 -3.51 9.40
C PHE B 20 8.64 -2.11 9.58
N PHE B 21 7.80 -1.15 9.30
CA PHE B 21 8.15 0.22 9.48
C PHE B 21 8.52 0.47 10.94
N THR B 22 8.12 -0.41 11.83
CA THR B 22 8.48 -0.26 13.22
C THR B 22 10.00 -0.17 13.38
N PHE B 23 10.71 -0.70 12.38
CA PHE B 23 12.16 -0.70 12.37
C PHE B 23 12.68 0.73 12.29
N ALA B 24 11.87 1.65 11.77
CA ALA B 24 12.27 3.06 11.67
C ALA B 24 12.89 3.52 12.98
N GLY B 25 12.30 3.05 14.07
CA GLY B 25 12.81 3.41 15.38
C GLY B 25 14.31 3.21 15.47
N ARG B 26 14.84 2.31 14.61
CA ARG B 26 16.28 2.05 14.54
C ARG B 26 17.01 3.38 14.62
N GLU B 27 16.73 4.22 13.65
CA GLU B 27 17.28 5.57 13.61
C GLU B 27 16.26 6.49 12.95
N GLY B 28 15.34 7.01 13.78
CA GLY B 28 14.31 7.88 13.27
C GLY B 28 13.75 8.82 14.32
N ARG B 29 14.62 9.57 15.00
CA ARG B 29 14.15 10.50 16.02
C ARG B 29 12.97 11.32 15.48
N LYS B 30 13.24 12.09 14.44
CA LYS B 30 12.22 12.90 13.80
C LYS B 30 12.45 12.89 12.29
N GLY B 31 12.74 11.71 11.75
CA GLY B 31 13.01 11.61 10.33
C GLY B 31 12.41 10.39 9.71
N SER B 32 13.24 9.43 9.36
CA SER B 32 12.75 8.23 8.69
C SER B 32 13.45 6.93 9.07
N LEU B 33 12.99 5.88 8.40
CA LEU B 33 13.54 4.53 8.56
C LEU B 33 14.63 4.38 7.53
N ASN B 34 15.61 3.52 7.78
CA ASN B 34 16.70 3.41 6.85
C ASN B 34 16.77 2.01 6.26
N ILE B 35 17.96 1.46 6.19
CA ILE B 35 18.16 0.12 5.65
C ILE B 35 19.01 -0.74 6.57
N ASN B 36 18.95 -0.45 7.87
CA ASN B 36 19.69 -1.22 8.85
C ASN B 36 18.92 -2.48 9.14
N GLU B 37 17.76 -2.34 9.76
CA GLU B 37 16.92 -3.49 10.03
C GLU B 37 16.20 -3.93 8.77
N PHE B 38 16.13 -3.05 7.75
CA PHE B 38 15.49 -3.43 6.49
C PHE B 38 16.12 -4.73 6.03
N LYS B 39 17.39 -4.89 6.39
CA LYS B 39 18.13 -6.09 6.06
C LYS B 39 17.45 -7.34 6.62
N GLU B 40 16.53 -7.12 7.56
CA GLU B 40 15.76 -8.20 8.13
C GLU B 40 14.56 -8.50 7.21
N LEU B 41 14.40 -7.71 6.13
CA LEU B 41 13.31 -7.88 5.21
C LEU B 41 13.60 -9.01 4.23
N ALA B 42 14.24 -8.68 3.10
CA ALA B 42 14.54 -9.68 2.09
C ALA B 42 15.09 -10.93 2.72
N THR B 43 15.77 -10.76 3.85
CA THR B 43 16.35 -11.87 4.56
C THR B 43 15.26 -12.89 4.92
N GLN B 44 14.24 -12.42 5.62
CA GLN B 44 13.11 -13.24 6.01
C GLN B 44 12.11 -13.34 4.87
N GLN B 45 12.00 -12.26 4.10
CA GLN B 45 11.11 -12.25 2.97
C GLN B 45 11.54 -13.35 2.02
N LEU B 46 12.87 -13.63 2.03
CA LEU B 46 13.44 -14.68 1.18
C LEU B 46 12.50 -15.88 1.19
N PRO B 47 12.57 -16.79 2.19
CA PRO B 47 11.64 -17.89 2.14
C PRO B 47 10.26 -17.45 2.55
N HIS B 48 9.53 -17.05 1.54
CA HIS B 48 8.16 -16.64 1.65
C HIS B 48 7.22 -17.73 1.17
N LEU B 49 5.99 -17.33 0.91
CA LEU B 49 5.00 -18.22 0.34
C LEU B 49 5.25 -18.23 -1.17
N LEU B 50 4.76 -17.18 -1.84
CA LEU B 50 4.96 -16.99 -3.27
C LEU B 50 6.28 -16.25 -3.53
N LYS B 51 7.32 -16.56 -2.75
CA LYS B 51 8.62 -15.91 -2.86
C LYS B 51 9.02 -15.66 -4.30
N ASP B 52 9.86 -14.65 -4.47
CA ASP B 52 10.35 -14.27 -5.79
C ASP B 52 11.84 -14.55 -5.88
N VAL B 53 12.51 -14.55 -4.72
CA VAL B 53 13.94 -14.81 -4.63
C VAL B 53 14.75 -13.52 -4.67
N GLY B 54 14.88 -12.96 -3.48
CA GLY B 54 15.65 -11.74 -3.30
C GLY B 54 17.15 -11.99 -3.37
N SER B 55 17.70 -11.90 -4.57
CA SER B 55 19.13 -12.13 -4.78
C SER B 55 19.96 -11.28 -3.81
N LEU B 56 20.93 -11.91 -3.17
CA LEU B 56 21.79 -11.23 -2.20
C LEU B 56 22.19 -9.84 -2.66
N ASP B 57 22.62 -9.70 -3.91
CA ASP B 57 23.03 -8.41 -4.43
C ASP B 57 21.87 -7.44 -4.41
N GLU B 58 20.76 -7.92 -4.92
CA GLU B 58 19.53 -7.13 -4.98
C GLU B 58 19.28 -6.48 -3.65
N LYS B 59 19.44 -7.29 -2.61
CA LYS B 59 19.27 -6.83 -1.25
C LYS B 59 20.27 -5.74 -0.92
N MET B 60 21.43 -5.81 -1.55
CA MET B 60 22.48 -4.82 -1.32
C MET B 60 22.24 -3.54 -2.13
N LYS B 61 21.67 -3.70 -3.31
CA LYS B 61 21.41 -2.56 -4.19
C LYS B 61 20.15 -1.84 -3.76
N THR B 62 19.04 -2.58 -3.77
CA THR B 62 17.77 -2.00 -3.34
C THR B 62 17.94 -1.35 -1.97
N LEU B 63 18.94 -1.83 -1.24
CA LEU B 63 19.28 -1.29 0.08
C LEU B 63 19.24 0.23 0.03
N ASP B 64 19.75 0.78 -1.07
CA ASP B 64 19.74 2.22 -1.27
C ASP B 64 18.38 2.66 -1.80
N VAL B 65 17.82 1.87 -2.70
CA VAL B 65 16.52 2.15 -3.30
C VAL B 65 15.45 2.32 -2.23
N ASN B 66 15.32 1.33 -1.35
CA ASN B 66 14.34 1.37 -0.27
C ASN B 66 14.84 2.15 0.93
N GLN B 67 15.85 2.97 0.74
CA GLN B 67 16.41 3.77 1.81
C GLN B 67 15.31 4.37 2.67
N ASP B 68 14.59 5.31 2.08
CA ASP B 68 13.51 5.99 2.75
C ASP B 68 12.20 5.23 2.62
N SER B 69 12.26 3.92 2.30
CA SER B 69 11.04 3.12 2.14
C SER B 69 10.04 3.46 3.22
N GLU B 70 10.58 3.81 4.38
CA GLU B 70 9.78 4.25 5.49
C GLU B 70 10.35 5.51 6.03
N LEU B 71 9.46 6.28 6.58
CA LEU B 71 9.82 7.50 7.18
C LEU B 71 8.92 7.90 8.32
N ARG B 72 9.38 8.89 9.03
CA ARG B 72 8.67 9.50 10.13
C ARG B 72 8.41 10.97 9.75
N PHE B 73 8.87 11.39 8.55
CA PHE B 73 8.74 12.75 8.14
C PHE B 73 7.92 12.91 6.82
N SER B 74 8.51 13.28 5.68
CA SER B 74 7.71 13.53 4.46
C SER B 74 8.05 12.55 3.37
N GLU B 75 8.94 11.63 3.66
CA GLU B 75 9.32 10.64 2.70
C GLU B 75 8.16 9.66 2.49
N TYR B 76 7.05 9.80 3.26
CA TYR B 76 5.91 8.87 3.20
C TYR B 76 5.59 8.38 1.80
N TRP B 77 5.93 9.18 0.80
CA TRP B 77 5.73 8.76 -0.60
C TRP B 77 6.51 7.49 -0.89
N ARG B 78 7.42 7.14 0.02
CA ARG B 78 8.21 5.95 -0.11
C ARG B 78 7.36 4.72 0.21
N LEU B 79 6.56 4.78 1.29
CA LEU B 79 5.70 3.67 1.62
C LEU B 79 4.81 3.35 0.43
N ILE B 80 4.61 4.37 -0.41
CA ILE B 80 3.80 4.23 -1.60
C ILE B 80 4.11 2.91 -2.33
N GLY B 81 5.39 2.70 -2.63
CA GLY B 81 5.80 1.48 -3.30
C GLY B 81 6.04 0.32 -2.32
N GLU B 82 5.95 0.61 -1.02
CA GLU B 82 6.17 -0.38 0.01
C GLU B 82 4.96 -1.24 0.23
N LEU B 83 3.86 -0.62 0.64
CA LEU B 83 2.61 -1.34 0.88
C LEU B 83 2.32 -2.23 -0.31
N ALA B 84 2.84 -1.80 -1.46
CA ALA B 84 2.66 -2.57 -2.67
C ALA B 84 3.55 -3.81 -2.70
N LYS B 85 4.76 -3.72 -2.12
CA LYS B 85 5.69 -4.86 -2.08
C LYS B 85 4.95 -6.13 -1.76
N GLU B 86 3.91 -5.97 -0.96
CA GLU B 86 3.08 -7.07 -0.55
C GLU B 86 2.06 -7.40 -1.63
N VAL B 87 1.45 -6.35 -2.15
CA VAL B 87 0.42 -6.49 -3.17
C VAL B 87 1.00 -6.72 -4.57
N ARG B 88 2.32 -6.80 -4.68
CA ARG B 88 2.96 -7.02 -5.98
C ARG B 88 2.93 -8.49 -6.37
N LYS B 89 3.36 -9.35 -5.47
CA LYS B 89 3.36 -10.78 -5.73
C LYS B 89 1.96 -11.32 -5.54
N GLU B 90 1.28 -10.73 -4.59
CA GLU B 90 -0.07 -11.11 -4.27
C GLU B 90 -0.98 -10.96 -5.48
N LYS B 91 -0.52 -10.20 -6.49
CA LYS B 91 -1.31 -10.03 -7.70
C LYS B 91 -1.65 -11.39 -8.29
N ALA B 92 -0.63 -12.24 -8.37
CA ALA B 92 -0.82 -13.59 -8.89
C ALA B 92 -1.35 -14.55 -7.83
N LEU B 93 -1.12 -14.22 -6.56
CA LEU B 93 -1.59 -15.07 -5.49
C LEU B 93 -3.06 -14.83 -5.19
N GLY B 94 -3.51 -13.60 -5.38
CA GLY B 94 -4.91 -13.26 -5.13
C GLY B 94 -5.86 -14.30 -5.66
N ILE B 95 -5.51 -14.87 -6.81
CA ILE B 95 -6.34 -15.89 -7.42
C ILE B 95 -6.33 -17.16 -6.61
N ARG B 96 -6.86 -17.08 -5.39
CA ARG B 96 -6.92 -18.26 -4.55
C ARG B 96 -7.74 -19.33 -5.27
N LYS B 97 -8.61 -18.88 -6.18
CA LYS B 97 -9.41 -19.79 -6.99
C LYS B 97 -8.62 -20.22 -8.22
N LYS B 98 -7.78 -21.23 -8.04
CA LYS B 98 -6.96 -21.74 -9.12
C LYS B 98 -7.47 -23.10 -9.59
N MET A 1 18.36 -5.39 3.33
CA MET A 1 17.73 -6.46 2.51
C MET A 1 16.77 -5.86 1.49
N ALA A 2 16.22 -6.72 0.63
CA ALA A 2 15.26 -6.27 -0.36
C ALA A 2 13.89 -6.85 -0.12
N ALA A 3 12.87 -6.12 -0.55
CA ALA A 3 11.50 -6.59 -0.43
C ALA A 3 11.23 -7.58 -1.53
N GLU A 4 11.57 -8.83 -1.28
CA GLU A 4 11.40 -9.89 -2.27
C GLU A 4 9.94 -10.19 -2.51
N THR A 5 9.32 -10.97 -1.62
CA THR A 5 7.91 -11.29 -1.77
C THR A 5 7.03 -10.55 -0.74
N LEU A 6 6.15 -11.26 -0.01
CA LEU A 6 5.29 -10.60 0.97
C LEU A 6 6.11 -10.10 2.14
N THR A 7 6.43 -8.81 2.12
CA THR A 7 7.20 -8.24 3.20
C THR A 7 6.36 -8.26 4.46
N GLU A 8 6.69 -7.42 5.43
CA GLU A 8 5.88 -7.36 6.65
C GLU A 8 4.63 -6.50 6.43
N LEU A 9 4.69 -5.62 5.42
CA LEU A 9 3.58 -4.73 5.13
C LEU A 9 2.35 -5.50 4.64
N GLU A 10 2.59 -6.67 4.05
CA GLU A 10 1.49 -7.49 3.54
C GLU A 10 0.46 -7.68 4.64
N ALA A 11 0.94 -7.89 5.86
CA ALA A 11 0.05 -8.02 7.00
C ALA A 11 -0.91 -6.84 7.03
N ALA A 12 -0.42 -5.69 6.56
CA ALA A 12 -1.24 -4.49 6.48
C ALA A 12 -2.32 -4.68 5.43
N ILE A 13 -2.00 -5.49 4.42
CA ILE A 13 -2.94 -5.78 3.35
C ILE A 13 -4.27 -6.25 3.96
N GLU A 14 -4.17 -6.87 5.13
CA GLU A 14 -5.34 -7.37 5.84
C GLU A 14 -6.32 -6.25 6.12
N THR A 15 -5.81 -5.04 6.35
CA THR A 15 -6.68 -3.90 6.62
C THR A 15 -7.26 -3.36 5.31
N VAL A 16 -6.38 -2.79 4.49
CA VAL A 16 -6.77 -2.23 3.20
C VAL A 16 -7.70 -3.16 2.42
N VAL A 17 -7.53 -4.46 2.62
CA VAL A 17 -8.35 -5.46 1.95
C VAL A 17 -9.70 -5.62 2.66
N SER A 18 -9.63 -5.70 3.98
CA SER A 18 -10.81 -5.85 4.81
C SER A 18 -11.52 -4.52 5.08
N THR A 19 -10.94 -3.42 4.60
CA THR A 19 -11.57 -2.11 4.75
C THR A 19 -12.53 -1.74 3.61
N PHE A 20 -11.96 -1.11 2.58
CA PHE A 20 -12.69 -0.63 1.41
C PHE A 20 -12.89 -1.73 0.41
N PHE A 21 -11.90 -2.60 0.36
CA PHE A 21 -11.94 -3.73 -0.53
C PHE A 21 -12.97 -4.75 -0.06
N THR A 22 -13.66 -4.42 1.00
CA THR A 22 -14.75 -5.25 1.42
C THR A 22 -15.92 -5.07 0.45
N PHE A 23 -15.83 -4.06 -0.45
CA PHE A 23 -16.93 -3.78 -1.35
C PHE A 23 -16.96 -4.69 -2.57
N ALA A 24 -15.89 -5.45 -2.80
CA ALA A 24 -15.89 -6.40 -3.91
C ALA A 24 -17.09 -7.30 -3.80
N GLY A 25 -17.47 -7.56 -2.55
CA GLY A 25 -18.63 -8.37 -2.27
C GLY A 25 -19.79 -7.99 -3.17
N ARG A 26 -19.81 -6.73 -3.59
CA ARG A 26 -20.83 -6.21 -4.48
C ARG A 26 -20.90 -7.02 -5.76
N GLU A 27 -19.74 -7.39 -6.28
CA GLU A 27 -19.67 -8.19 -7.49
C GLU A 27 -19.77 -9.67 -7.14
N GLY A 28 -20.80 -10.32 -7.69
CA GLY A 28 -21.05 -11.74 -7.43
C GLY A 28 -19.80 -12.58 -7.24
N ARG A 29 -19.30 -13.11 -8.34
CA ARG A 29 -18.11 -13.96 -8.31
C ARG A 29 -17.04 -13.41 -7.38
N LYS A 30 -16.05 -14.23 -7.07
CA LYS A 30 -14.96 -13.81 -6.19
C LYS A 30 -13.78 -13.36 -7.03
N GLY A 31 -14.05 -12.36 -7.87
CA GLY A 31 -13.03 -11.82 -8.73
C GLY A 31 -12.44 -10.59 -8.13
N SER A 32 -13.03 -9.46 -8.41
CA SER A 32 -12.51 -8.22 -7.86
C SER A 32 -13.62 -7.26 -7.49
N LEU A 33 -13.23 -6.13 -6.94
CA LEU A 33 -14.16 -5.09 -6.59
C LEU A 33 -14.21 -4.14 -7.75
N ASN A 34 -15.30 -3.41 -7.90
CA ASN A 34 -15.38 -2.53 -9.06
C ASN A 34 -15.36 -1.06 -8.66
N ILE A 35 -16.40 -0.31 -8.98
CA ILE A 35 -16.44 1.09 -8.62
C ILE A 35 -17.82 1.52 -8.18
N ASN A 36 -18.56 0.56 -7.62
CA ASN A 36 -19.89 0.84 -7.11
C ASN A 36 -19.78 1.46 -5.74
N GLU A 37 -19.25 0.71 -4.79
CA GLU A 37 -19.06 1.29 -3.48
C GLU A 37 -17.83 2.17 -3.49
N PHE A 38 -16.99 2.05 -4.54
CA PHE A 38 -15.85 2.94 -4.65
C PHE A 38 -16.39 4.36 -4.63
N LYS A 39 -17.64 4.49 -5.08
CA LYS A 39 -18.32 5.76 -5.07
C LYS A 39 -18.48 6.28 -3.66
N GLU A 40 -18.28 5.40 -2.73
CA GLU A 40 -18.31 5.72 -1.32
C GLU A 40 -16.95 6.33 -0.91
N LEU A 41 -15.96 6.22 -1.82
CA LEU A 41 -14.62 6.74 -1.56
C LEU A 41 -14.60 8.25 -1.51
N ALA A 42 -14.37 8.90 -2.67
CA ALA A 42 -14.34 10.35 -2.74
C ALA A 42 -15.40 10.98 -1.84
N THR A 43 -16.55 10.36 -1.83
CA THR A 43 -17.68 10.84 -1.08
C THR A 43 -17.38 10.93 0.41
N GLN A 44 -17.04 9.79 1.02
CA GLN A 44 -16.73 9.73 2.42
C GLN A 44 -15.32 10.19 2.71
N GLN A 45 -14.40 9.91 1.79
CA GLN A 45 -13.03 10.33 1.99
C GLN A 45 -12.89 11.80 1.66
N LEU A 46 -13.89 12.36 0.96
CA LEU A 46 -13.91 13.77 0.63
C LEU A 46 -13.50 14.55 1.86
N PRO A 47 -14.33 14.75 2.91
CA PRO A 47 -13.83 15.56 4.01
C PRO A 47 -12.68 14.85 4.74
N HIS A 48 -11.48 15.12 4.25
CA HIS A 48 -10.25 14.66 4.86
C HIS A 48 -9.63 15.81 5.66
N LEU A 49 -8.55 15.56 6.37
CA LEU A 49 -7.86 16.64 7.04
C LEU A 49 -7.17 17.46 5.95
N LEU A 50 -6.00 17.00 5.50
CA LEU A 50 -5.27 17.66 4.40
C LEU A 50 -5.82 17.14 3.06
N LYS A 51 -7.13 17.28 2.90
CA LYS A 51 -7.82 16.79 1.71
C LYS A 51 -7.41 17.50 0.41
N ASP A 52 -7.64 16.78 -0.69
CA ASP A 52 -7.38 17.27 -2.03
C ASP A 52 -8.67 17.74 -2.70
N VAL A 53 -9.84 17.30 -2.18
CA VAL A 53 -11.13 17.68 -2.73
C VAL A 53 -11.35 17.08 -4.10
N GLY A 54 -11.69 15.80 -4.12
CA GLY A 54 -11.95 15.10 -5.37
C GLY A 54 -12.80 15.89 -6.33
N SER A 55 -12.37 15.92 -7.58
CA SER A 55 -13.10 16.64 -8.62
C SER A 55 -14.26 15.78 -9.12
N LEU A 56 -15.44 16.37 -9.25
CA LEU A 56 -16.63 15.65 -9.70
C LEU A 56 -16.31 14.70 -10.85
N ASP A 57 -15.62 15.18 -11.87
CA ASP A 57 -15.26 14.35 -13.01
C ASP A 57 -14.21 13.33 -12.61
N GLU A 58 -13.20 13.81 -11.88
CA GLU A 58 -12.11 12.94 -11.42
C GLU A 58 -12.69 11.72 -10.76
N LYS A 59 -13.79 11.93 -10.05
CA LYS A 59 -14.47 10.87 -9.37
C LYS A 59 -15.14 9.93 -10.35
N MET A 60 -15.50 10.46 -11.51
CA MET A 60 -16.14 9.67 -12.56
C MET A 60 -15.11 8.90 -13.39
N LYS A 61 -13.97 9.54 -13.65
CA LYS A 61 -12.91 8.92 -14.45
C LYS A 61 -12.24 7.82 -13.65
N THR A 62 -11.84 8.18 -12.44
CA THR A 62 -11.15 7.25 -11.57
C THR A 62 -11.82 5.90 -11.51
N LEU A 63 -13.12 5.85 -11.80
CA LEU A 63 -13.85 4.57 -11.78
C LEU A 63 -13.10 3.55 -12.61
N ASP A 64 -13.20 3.70 -13.93
CA ASP A 64 -12.52 2.78 -14.84
C ASP A 64 -11.05 2.69 -14.48
N VAL A 65 -10.48 3.82 -14.03
CA VAL A 65 -9.08 3.85 -13.63
C VAL A 65 -8.84 2.81 -12.54
N ASN A 66 -9.28 3.11 -11.32
CA ASN A 66 -9.17 2.15 -10.22
C ASN A 66 -10.33 1.17 -10.23
N GLN A 67 -10.72 0.70 -11.41
CA GLN A 67 -11.82 -0.23 -11.54
C GLN A 67 -11.54 -1.43 -10.67
N ASP A 68 -10.40 -2.03 -10.92
CA ASP A 68 -9.93 -3.15 -10.13
C ASP A 68 -9.16 -2.67 -8.90
N SER A 69 -9.59 -1.55 -8.29
CA SER A 69 -8.90 -1.01 -7.12
C SER A 69 -8.68 -2.09 -6.09
N GLU A 70 -9.51 -3.12 -6.17
CA GLU A 70 -9.40 -4.26 -5.30
C GLU A 70 -9.38 -5.51 -6.14
N LEU A 71 -8.89 -6.57 -5.55
CA LEU A 71 -8.85 -7.80 -6.23
C LEU A 71 -9.07 -9.01 -5.33
N ARG A 72 -9.86 -9.95 -5.81
CA ARG A 72 -10.06 -11.23 -5.16
C ARG A 72 -9.36 -12.29 -6.03
N PHE A 73 -9.30 -12.03 -7.35
CA PHE A 73 -8.65 -12.91 -8.33
C PHE A 73 -7.17 -12.48 -8.67
N SER A 74 -6.87 -11.88 -9.84
CA SER A 74 -5.46 -11.56 -10.16
C SER A 74 -5.17 -10.08 -10.26
N GLU A 75 -6.19 -9.28 -10.34
CA GLU A 75 -6.02 -7.83 -10.42
C GLU A 75 -5.46 -7.17 -9.13
N TYR A 76 -4.74 -7.94 -8.27
CA TYR A 76 -4.21 -7.38 -7.03
C TYR A 76 -3.16 -6.36 -7.35
N TRP A 77 -2.66 -6.42 -8.57
CA TRP A 77 -1.66 -5.47 -9.02
C TRP A 77 -2.26 -4.06 -9.06
N ARG A 78 -3.60 -3.95 -8.92
CA ARG A 78 -4.25 -2.65 -8.96
C ARG A 78 -4.15 -2.02 -7.60
N LEU A 79 -4.42 -2.84 -6.59
CA LEU A 79 -4.30 -2.45 -5.22
C LEU A 79 -2.91 -1.87 -4.96
N ILE A 80 -1.97 -2.27 -5.82
CA ILE A 80 -0.61 -1.81 -5.74
C ILE A 80 -0.56 -0.28 -5.63
N GLY A 81 -1.17 0.42 -6.57
CA GLY A 81 -1.22 1.87 -6.52
C GLY A 81 -2.30 2.38 -5.60
N GLU A 82 -3.08 1.44 -5.03
CA GLU A 82 -4.17 1.81 -4.13
C GLU A 82 -3.65 2.06 -2.72
N LEU A 83 -3.11 1.02 -2.11
CA LEU A 83 -2.55 1.13 -0.77
C LEU A 83 -1.60 2.31 -0.71
N ALA A 84 -1.05 2.67 -1.87
CA ALA A 84 -0.13 3.77 -1.96
C ALA A 84 -0.83 5.12 -1.84
N LYS A 85 -2.01 5.25 -2.48
CA LYS A 85 -2.81 6.49 -2.42
C LYS A 85 -2.72 7.08 -1.04
N GLU A 86 -3.04 6.25 -0.09
CA GLU A 86 -3.00 6.63 1.31
C GLU A 86 -1.67 7.26 1.67
N VAL A 87 -0.60 6.52 1.43
CA VAL A 87 0.73 6.99 1.76
C VAL A 87 1.27 7.97 0.72
N ARG A 88 0.45 8.31 -0.27
CA ARG A 88 0.86 9.26 -1.29
C ARG A 88 0.72 10.69 -0.78
N LYS A 89 -0.52 11.14 -0.60
CA LYS A 89 -0.77 12.48 -0.09
C LYS A 89 -0.05 12.65 1.24
N GLU A 90 0.08 11.54 1.96
CA GLU A 90 0.73 11.51 3.24
C GLU A 90 2.23 11.82 3.10
N LYS A 91 2.72 11.84 1.86
CA LYS A 91 4.14 12.14 1.61
C LYS A 91 4.46 13.56 2.06
N ALA A 92 3.56 14.48 1.75
CA ALA A 92 3.74 15.89 2.12
C ALA A 92 3.31 16.15 3.56
N LEU A 93 2.27 15.46 4.01
CA LEU A 93 1.78 15.66 5.38
C LEU A 93 2.58 14.86 6.39
N GLY A 94 3.25 13.80 5.96
CA GLY A 94 4.05 13.00 6.88
C GLY A 94 4.91 13.88 7.75
N ILE A 95 5.43 14.94 7.17
CA ILE A 95 6.28 15.86 7.88
C ILE A 95 5.48 16.65 8.90
N ARG A 96 4.89 15.93 9.84
CA ARG A 96 4.14 16.57 10.89
C ARG A 96 5.06 17.47 11.70
N LYS A 97 6.37 17.22 11.57
CA LYS A 97 7.38 18.02 12.24
C LYS A 97 7.86 19.11 11.28
N LYS A 98 7.11 20.20 11.21
CA LYS A 98 7.43 21.30 10.32
C LYS A 98 8.00 22.48 11.10
N MET B 1 -16.56 6.78 -7.54
CA MET B 1 -15.79 7.95 -7.04
C MET B 1 -14.30 7.76 -7.26
N ALA B 2 -13.52 8.79 -6.93
CA ALA B 2 -12.08 8.73 -7.07
C ALA B 2 -11.38 8.77 -5.72
N ALA B 3 -10.22 8.12 -5.65
CA ALA B 3 -9.42 8.14 -4.44
C ALA B 3 -8.72 9.50 -4.34
N GLU B 4 -9.42 10.48 -3.80
CA GLU B 4 -8.88 11.84 -3.72
C GLU B 4 -7.73 11.92 -2.73
N THR B 5 -8.04 11.94 -1.44
CA THR B 5 -7.01 12.01 -0.43
C THR B 5 -6.89 10.67 0.33
N LEU B 6 -6.90 10.70 1.68
CA LEU B 6 -6.79 9.46 2.44
C LEU B 6 -8.05 8.63 2.27
N THR B 7 -7.96 7.62 1.43
CA THR B 7 -9.10 6.74 1.19
C THR B 7 -9.33 5.92 2.45
N GLU B 8 -9.98 4.78 2.33
CA GLU B 8 -10.20 3.95 3.50
C GLU B 8 -8.95 3.13 3.81
N LEU B 9 -8.21 2.83 2.75
CA LEU B 9 -6.99 2.04 2.86
C LEU B 9 -5.96 2.68 3.78
N GLU B 10 -6.01 4.00 3.93
CA GLU B 10 -5.05 4.68 4.80
C GLU B 10 -5.11 4.06 6.19
N ALA B 11 -6.30 3.67 6.62
CA ALA B 11 -6.45 3.00 7.90
C ALA B 11 -5.52 1.80 7.94
N ALA B 12 -5.29 1.22 6.77
CA ALA B 12 -4.39 0.09 6.63
C ALA B 12 -2.96 0.55 6.87
N ILE B 13 -2.70 1.81 6.53
CA ILE B 13 -1.39 2.41 6.73
C ILE B 13 -0.93 2.18 8.16
N GLU B 14 -1.91 2.11 9.06
CA GLU B 14 -1.66 1.90 10.48
C GLU B 14 -0.89 0.60 10.71
N THR B 15 -1.13 -0.40 9.88
CA THR B 15 -0.44 -1.66 10.02
C THR B 15 0.96 -1.57 9.41
N VAL B 16 1.00 -1.41 8.11
CA VAL B 16 2.26 -1.30 7.36
C VAL B 16 3.22 -0.32 8.03
N VAL B 17 2.67 0.68 8.69
CA VAL B 17 3.50 1.67 9.38
C VAL B 17 3.96 1.14 10.74
N SER B 18 3.01 0.53 11.45
CA SER B 18 3.29 -0.02 12.77
C SER B 18 3.91 -1.42 12.69
N THR B 19 4.03 -1.97 11.48
CA THR B 19 4.65 -3.28 11.29
C THR B 19 6.17 -3.21 11.10
N PHE B 20 6.57 -3.09 9.84
CA PHE B 20 7.98 -3.04 9.45
C PHE B 20 8.55 -1.66 9.65
N PHE B 21 7.73 -0.68 9.37
CA PHE B 21 8.11 0.70 9.52
C PHE B 21 8.32 1.08 10.98
N THR B 22 8.20 0.12 11.88
CA THR B 22 8.52 0.37 13.26
C THR B 22 10.04 0.46 13.43
N PHE B 23 10.79 0.11 12.37
CA PHE B 23 12.25 0.10 12.44
C PHE B 23 12.86 1.49 12.25
N ALA B 24 12.07 2.46 11.81
CA ALA B 24 12.57 3.83 11.66
C ALA B 24 13.20 4.28 12.96
N GLY B 25 12.56 3.89 14.05
CA GLY B 25 13.07 4.18 15.38
C GLY B 25 14.58 4.01 15.45
N ARG B 26 15.11 3.10 14.61
CA ARG B 26 16.54 2.86 14.53
C ARG B 26 17.26 4.18 14.30
N GLU B 27 16.70 4.97 13.40
CA GLU B 27 17.27 6.29 13.10
C GLU B 27 16.76 7.32 14.11
N GLY B 28 17.70 7.92 14.83
CA GLY B 28 17.38 8.91 15.87
C GLY B 28 16.17 9.77 15.57
N ARG B 29 16.40 10.91 14.92
CA ARG B 29 15.34 11.86 14.59
C ARG B 29 14.08 11.14 14.10
N LYS B 30 12.99 11.89 14.03
CA LYS B 30 11.72 11.33 13.56
C LYS B 30 11.56 11.64 12.09
N GLY B 31 12.54 11.23 11.31
CA GLY B 31 12.49 11.43 9.90
C GLY B 31 11.96 10.22 9.22
N SER B 32 12.82 9.30 8.89
CA SER B 32 12.35 8.10 8.23
C SER B 32 13.13 6.88 8.66
N LEU B 33 12.73 5.75 8.11
CA LEU B 33 13.41 4.50 8.39
C LEU B 33 14.42 4.30 7.29
N ASN B 34 15.48 3.56 7.56
CA ASN B 34 16.49 3.42 6.53
C ASN B 34 16.50 2.01 5.96
N ILE B 35 17.62 1.33 6.07
CA ILE B 35 17.71 -0.03 5.56
C ILE B 35 18.48 -0.93 6.51
N ASN B 36 18.45 -0.58 7.79
CA ASN B 36 19.13 -1.36 8.80
C ASN B 36 18.27 -2.55 9.16
N GLU B 37 17.12 -2.30 9.77
CA GLU B 37 16.26 -3.43 10.06
C GLU B 37 15.58 -3.90 8.78
N PHE B 38 15.64 -3.10 7.70
CA PHE B 38 15.10 -3.52 6.43
C PHE B 38 15.77 -4.84 6.07
N LYS B 39 17.00 -4.98 6.56
CA LYS B 39 17.77 -6.20 6.35
C LYS B 39 17.03 -7.39 6.97
N GLU B 40 16.08 -7.08 7.83
CA GLU B 40 15.25 -8.08 8.44
C GLU B 40 14.11 -8.46 7.48
N LEU B 41 14.04 -7.77 6.31
CA LEU B 41 12.99 -8.02 5.35
C LEU B 41 13.26 -9.29 4.57
N ALA B 42 14.06 -9.17 3.51
CA ALA B 42 14.38 -10.33 2.68
C ALA B 42 14.68 -11.53 3.56
N THR B 43 15.45 -11.28 4.58
CA THR B 43 15.87 -12.29 5.52
C THR B 43 14.67 -13.09 6.05
N GLN B 44 13.74 -12.39 6.71
CA GLN B 44 12.55 -13.01 7.28
C GLN B 44 11.48 -13.25 6.24
N GLN B 45 11.24 -12.27 5.38
CA GLN B 45 10.24 -12.42 4.34
C GLN B 45 10.70 -13.47 3.32
N LEU B 46 12.01 -13.74 3.29
CA LEU B 46 12.58 -14.77 2.43
C LEU B 46 11.65 -15.97 2.44
N PRO B 47 11.62 -16.86 3.45
CA PRO B 47 10.70 -17.99 3.30
C PRO B 47 9.25 -17.54 3.34
N HIS B 48 8.75 -17.25 2.14
CA HIS B 48 7.37 -16.91 1.91
C HIS B 48 6.66 -18.13 1.34
N LEU B 49 5.36 -18.06 1.11
CA LEU B 49 4.68 -19.14 0.45
C LEU B 49 5.11 -19.11 -1.03
N LEU B 50 4.49 -18.20 -1.80
CA LEU B 50 4.83 -18.02 -3.20
C LEU B 50 5.98 -17.02 -3.32
N LYS B 51 7.07 -17.31 -2.62
CA LYS B 51 8.23 -16.44 -2.55
C LYS B 51 8.92 -16.25 -3.90
N ASP B 52 9.73 -15.20 -3.96
CA ASP B 52 10.51 -14.87 -5.14
C ASP B 52 11.98 -15.21 -4.90
N VAL B 53 12.38 -15.36 -3.61
CA VAL B 53 13.74 -15.69 -3.26
C VAL B 53 14.69 -14.55 -3.55
N GLY B 54 14.58 -13.51 -2.72
CA GLY B 54 15.44 -12.36 -2.82
C GLY B 54 16.87 -12.69 -3.15
N SER B 55 17.39 -12.01 -4.16
CA SER B 55 18.77 -12.22 -4.59
C SER B 55 19.73 -11.48 -3.68
N LEU B 56 20.80 -12.16 -3.29
CA LEU B 56 21.79 -11.58 -2.39
C LEU B 56 22.11 -10.13 -2.73
N ASP B 57 22.42 -9.87 -4.00
CA ASP B 57 22.73 -8.52 -4.42
C ASP B 57 21.51 -7.64 -4.37
N GLU B 58 20.42 -8.19 -4.86
CA GLU B 58 19.14 -7.51 -4.89
C GLU B 58 18.84 -6.95 -3.51
N LYS B 59 19.20 -7.73 -2.52
CA LYS B 59 19.00 -7.34 -1.14
C LYS B 59 19.91 -6.20 -0.77
N MET B 60 21.06 -6.12 -1.44
CA MET B 60 22.03 -5.06 -1.18
C MET B 60 21.67 -3.77 -1.91
N LYS B 61 21.18 -3.91 -3.14
CA LYS B 61 20.81 -2.76 -3.95
C LYS B 61 19.54 -2.12 -3.42
N THR B 62 18.55 -2.96 -3.19
CA THR B 62 17.26 -2.50 -2.72
C THR B 62 17.40 -1.55 -1.53
N LEU B 63 18.50 -1.65 -0.80
CA LEU B 63 18.72 -0.77 0.34
C LEU B 63 18.51 0.68 -0.08
N ASP B 64 19.50 1.22 -0.79
CA ASP B 64 19.42 2.59 -1.28
C ASP B 64 18.11 2.82 -2.01
N VAL B 65 17.64 1.80 -2.72
CA VAL B 65 16.39 1.88 -3.46
C VAL B 65 15.27 2.23 -2.49
N ASN B 66 14.88 1.27 -1.66
CA ASN B 66 13.84 1.50 -0.66
C ASN B 66 14.40 2.14 0.60
N GLN B 67 15.50 2.88 0.48
CA GLN B 67 16.11 3.56 1.63
C GLN B 67 15.03 4.17 2.52
N ASP B 68 14.22 5.06 1.94
CA ASP B 68 13.13 5.67 2.66
C ASP B 68 11.88 4.79 2.57
N SER B 69 12.04 3.46 2.57
CA SER B 69 10.88 2.57 2.49
C SER B 69 9.80 3.00 3.47
N GLU B 70 10.22 3.68 4.51
CA GLU B 70 9.30 4.19 5.50
C GLU B 70 9.56 5.65 5.67
N LEU B 71 8.59 6.33 6.21
CA LEU B 71 8.75 7.70 6.47
C LEU B 71 8.04 8.20 7.72
N ARG B 72 8.72 9.04 8.47
CA ARG B 72 8.16 9.72 9.62
C ARG B 72 7.97 11.19 9.23
N PHE B 73 8.88 11.66 8.34
CA PHE B 73 8.86 13.05 7.85
C PHE B 73 8.14 13.21 6.45
N SER B 74 8.83 13.32 5.30
CA SER B 74 8.11 13.57 4.02
C SER B 74 8.26 12.46 3.00
N GLU B 75 9.25 11.63 3.19
CA GLU B 75 9.50 10.51 2.27
C GLU B 75 8.40 9.43 2.28
N TYR B 76 7.16 9.77 2.68
CA TYR B 76 6.10 8.79 2.74
C TYR B 76 5.80 8.28 1.34
N TRP B 77 6.11 9.12 0.35
CA TRP B 77 5.92 8.77 -1.04
C TRP B 77 6.70 7.50 -1.38
N ARG B 78 7.65 7.12 -0.53
CA ARG B 78 8.42 5.92 -0.76
C ARG B 78 7.59 4.70 -0.40
N LEU B 79 6.87 4.84 0.69
CA LEU B 79 5.97 3.82 1.18
C LEU B 79 4.93 3.52 0.12
N ILE B 80 4.73 4.49 -0.76
CA ILE B 80 3.79 4.38 -1.85
C ILE B 80 4.01 3.04 -2.59
N GLY B 81 5.25 2.80 -3.01
CA GLY B 81 5.57 1.56 -3.70
C GLY B 81 5.84 0.42 -2.74
N GLU B 82 5.87 0.71 -1.43
CA GLU B 82 6.13 -0.31 -0.42
C GLU B 82 4.89 -1.12 -0.13
N LEU B 83 3.86 -0.45 0.37
CA LEU B 83 2.60 -1.11 0.68
C LEU B 83 2.15 -1.89 -0.53
N ALA B 84 2.59 -1.46 -1.69
CA ALA B 84 2.24 -2.12 -2.93
C ALA B 84 2.95 -3.45 -3.10
N LYS B 85 4.24 -3.49 -2.71
CA LYS B 85 5.05 -4.73 -2.82
C LYS B 85 4.21 -5.91 -2.44
N GLU B 86 3.59 -5.79 -1.31
CA GLU B 86 2.75 -6.83 -0.79
C GLU B 86 1.69 -7.24 -1.79
N VAL B 87 0.93 -6.26 -2.24
CA VAL B 87 -0.15 -6.51 -3.18
C VAL B 87 0.36 -6.67 -4.61
N ARG B 88 1.68 -6.63 -4.80
CA ARG B 88 2.28 -6.80 -6.11
C ARG B 88 2.35 -8.28 -6.47
N LYS B 89 3.21 -9.02 -5.77
CA LYS B 89 3.35 -10.45 -6.01
C LYS B 89 2.00 -11.13 -5.87
N GLU B 90 1.18 -10.57 -4.99
CA GLU B 90 -0.13 -11.09 -4.73
C GLU B 90 -1.05 -10.93 -5.95
N LYS B 91 -0.58 -10.18 -6.95
CA LYS B 91 -1.35 -9.98 -8.16
C LYS B 91 -1.54 -11.32 -8.87
N ALA B 92 -0.48 -12.10 -8.92
CA ALA B 92 -0.52 -13.42 -9.55
C ALA B 92 -1.10 -14.48 -8.61
N LEU B 93 -0.79 -14.37 -7.32
CA LEU B 93 -1.28 -15.36 -6.36
C LEU B 93 -2.72 -15.07 -5.94
N GLY B 94 -3.12 -13.80 -6.02
CA GLY B 94 -4.47 -13.43 -5.64
C GLY B 94 -5.50 -14.41 -6.15
N ILE B 95 -5.29 -14.87 -7.38
CA ILE B 95 -6.19 -15.82 -8.01
C ILE B 95 -6.14 -17.16 -7.33
N ARG B 96 -6.52 -17.19 -6.07
CA ARG B 96 -6.54 -18.44 -5.34
C ARG B 96 -7.53 -19.39 -6.00
N LYS B 97 -8.41 -18.84 -6.83
CA LYS B 97 -9.39 -19.63 -7.56
C LYS B 97 -8.85 -19.92 -8.95
N LYS B 98 -8.02 -20.96 -9.04
CA LYS B 98 -7.42 -21.35 -10.31
C LYS B 98 -8.09 -22.61 -10.86
N MET A 1 18.49 -4.88 2.31
CA MET A 1 17.56 -5.90 1.79
C MET A 1 16.51 -5.28 0.88
N ALA A 2 16.04 -6.08 -0.04
CA ALA A 2 15.01 -5.65 -0.96
C ALA A 2 13.71 -6.43 -0.74
N ALA A 3 12.61 -5.71 -0.67
CA ALA A 3 11.32 -6.36 -0.49
C ALA A 3 10.96 -7.13 -1.75
N GLU A 4 11.24 -8.43 -1.73
CA GLU A 4 10.99 -9.29 -2.88
C GLU A 4 9.48 -9.47 -3.11
N THR A 5 8.86 -10.40 -2.39
CA THR A 5 7.43 -10.63 -2.56
C THR A 5 6.58 -9.75 -1.63
N LEU A 6 6.16 -10.31 -0.48
CA LEU A 6 5.31 -9.59 0.45
C LEU A 6 6.08 -9.14 1.67
N THR A 7 6.21 -7.84 1.85
CA THR A 7 6.87 -7.37 3.03
C THR A 7 5.93 -7.54 4.20
N GLU A 8 6.43 -7.40 5.41
CA GLU A 8 5.57 -7.55 6.59
C GLU A 8 4.25 -6.78 6.42
N LEU A 9 4.28 -5.74 5.57
CA LEU A 9 3.11 -4.93 5.32
C LEU A 9 1.94 -5.78 4.87
N GLU A 10 2.22 -6.94 4.30
CA GLU A 10 1.15 -7.84 3.85
C GLU A 10 0.19 -8.10 5.01
N ALA A 11 0.72 -8.02 6.22
CA ALA A 11 -0.10 -8.17 7.41
C ALA A 11 -1.05 -6.99 7.49
N ALA A 12 -0.54 -5.84 7.07
CA ALA A 12 -1.33 -4.62 7.03
C ALA A 12 -2.40 -4.76 5.96
N ILE A 13 -2.07 -5.49 4.89
CA ILE A 13 -3.03 -5.71 3.83
C ILE A 13 -4.32 -6.31 4.42
N GLU A 14 -4.19 -6.95 5.58
CA GLU A 14 -5.32 -7.55 6.26
C GLU A 14 -6.37 -6.50 6.58
N THR A 15 -5.92 -5.28 6.85
CA THR A 15 -6.86 -4.19 7.17
C THR A 15 -7.51 -3.68 5.89
N VAL A 16 -6.69 -3.08 5.03
CA VAL A 16 -7.15 -2.52 3.76
C VAL A 16 -8.14 -3.45 3.06
N VAL A 17 -7.85 -4.74 3.06
CA VAL A 17 -8.71 -5.72 2.42
C VAL A 17 -10.03 -5.84 3.17
N SER A 18 -9.95 -5.83 4.49
CA SER A 18 -11.13 -5.94 5.35
C SER A 18 -11.84 -4.60 5.53
N THR A 19 -11.16 -3.50 5.22
CA THR A 19 -11.77 -2.17 5.35
C THR A 19 -12.56 -1.72 4.11
N PHE A 20 -11.83 -1.20 3.13
CA PHE A 20 -12.42 -0.65 1.90
C PHE A 20 -12.76 -1.75 0.95
N PHE A 21 -11.89 -2.76 0.87
CA PHE A 21 -12.14 -3.84 -0.04
C PHE A 21 -13.35 -4.63 0.39
N THR A 22 -13.96 -4.21 1.48
CA THR A 22 -15.23 -4.81 1.83
C THR A 22 -16.25 -4.47 0.73
N PHE A 23 -15.93 -3.46 -0.10
CA PHE A 23 -16.86 -3.02 -1.16
C PHE A 23 -17.10 -4.05 -2.27
N ALA A 24 -16.17 -4.96 -2.54
CA ALA A 24 -16.41 -5.99 -3.55
C ALA A 24 -17.72 -6.69 -3.29
N GLY A 25 -18.17 -6.64 -2.03
CA GLY A 25 -19.45 -7.23 -1.66
C GLY A 25 -20.51 -7.01 -2.72
N ARG A 26 -20.38 -5.89 -3.45
CA ARG A 26 -21.30 -5.56 -4.53
C ARG A 26 -21.38 -6.71 -5.52
N GLU A 27 -20.25 -7.06 -6.09
CA GLU A 27 -20.16 -8.15 -7.06
C GLU A 27 -19.71 -9.43 -6.38
N GLY A 28 -20.40 -10.53 -6.65
CA GLY A 28 -20.03 -11.80 -6.03
C GLY A 28 -19.81 -12.89 -7.05
N ARG A 29 -18.58 -13.04 -7.50
CA ARG A 29 -18.24 -14.08 -8.45
C ARG A 29 -16.79 -14.51 -8.28
N LYS A 30 -16.25 -15.19 -9.28
CA LYS A 30 -14.87 -15.66 -9.24
C LYS A 30 -13.98 -14.74 -10.07
N GLY A 31 -14.14 -13.44 -9.88
CA GLY A 31 -13.34 -12.48 -10.60
C GLY A 31 -12.92 -11.31 -9.76
N SER A 32 -13.50 -10.14 -10.01
CA SER A 32 -13.14 -8.96 -9.24
C SER A 32 -14.31 -8.05 -8.95
N LEU A 33 -13.97 -7.02 -8.20
CA LEU A 33 -14.90 -5.99 -7.84
C LEU A 33 -14.75 -4.84 -8.80
N ASN A 34 -15.78 -4.02 -8.88
CA ASN A 34 -15.75 -2.89 -9.75
C ASN A 34 -15.66 -1.61 -8.96
N ILE A 35 -15.65 -0.49 -9.66
CA ILE A 35 -15.54 0.78 -9.00
C ILE A 35 -16.88 1.44 -8.79
N ASN A 36 -17.90 0.62 -8.67
CA ASN A 36 -19.25 1.09 -8.43
C ASN A 36 -19.32 1.56 -7.00
N GLU A 37 -19.02 0.66 -6.08
CA GLU A 37 -19.01 1.02 -4.67
C GLU A 37 -17.92 2.05 -4.48
N PHE A 38 -16.83 1.91 -5.22
CA PHE A 38 -15.76 2.88 -5.15
C PHE A 38 -16.34 4.28 -5.19
N LYS A 39 -17.47 4.40 -5.89
CA LYS A 39 -18.16 5.68 -6.01
C LYS A 39 -18.61 6.22 -4.68
N GLU A 40 -18.61 5.37 -3.70
CA GLU A 40 -18.91 5.75 -2.34
C GLU A 40 -17.64 6.31 -1.69
N LEU A 41 -16.53 6.29 -2.44
CA LEU A 41 -15.23 6.77 -1.97
C LEU A 41 -15.12 8.29 -2.05
N ALA A 42 -14.48 8.82 -3.12
CA ALA A 42 -14.28 10.25 -3.28
C ALA A 42 -15.47 11.05 -2.78
N THR A 43 -16.65 10.48 -2.86
CA THR A 43 -17.84 11.12 -2.39
C THR A 43 -17.77 11.31 -0.87
N GLN A 44 -17.63 10.21 -0.13
CA GLN A 44 -17.51 10.26 1.32
C GLN A 44 -16.09 10.56 1.75
N GLN A 45 -15.14 10.32 0.85
CA GLN A 45 -13.74 10.61 1.09
C GLN A 45 -13.48 12.07 0.82
N LEU A 46 -14.27 12.64 -0.10
CA LEU A 46 -14.17 14.05 -0.50
C LEU A 46 -13.82 14.88 0.70
N PRO A 47 -14.60 14.74 1.78
CA PRO A 47 -14.26 15.43 3.00
C PRO A 47 -13.36 14.56 3.86
N HIS A 48 -12.06 14.68 3.66
CA HIS A 48 -11.06 14.01 4.49
C HIS A 48 -10.55 14.99 5.53
N LEU A 49 -9.30 14.81 5.95
CA LEU A 49 -8.70 15.78 6.85
C LEU A 49 -8.21 16.94 5.97
N LEU A 50 -6.96 16.85 5.51
CA LEU A 50 -6.40 17.85 4.60
C LEU A 50 -6.73 17.51 3.13
N LYS A 51 -7.81 16.75 2.92
CA LYS A 51 -8.21 16.31 1.57
C LYS A 51 -8.01 17.36 0.52
N ASP A 52 -8.01 16.91 -0.71
CA ASP A 52 -7.85 17.76 -1.87
C ASP A 52 -9.20 17.94 -2.58
N VAL A 53 -10.30 17.51 -1.93
CA VAL A 53 -11.61 17.62 -2.51
C VAL A 53 -11.61 17.09 -3.94
N GLY A 54 -11.53 15.76 -4.07
CA GLY A 54 -11.51 15.13 -5.37
C GLY A 54 -12.47 15.80 -6.36
N SER A 55 -11.91 16.34 -7.45
CA SER A 55 -12.70 17.02 -8.47
C SER A 55 -13.85 16.14 -8.96
N LEU A 56 -14.53 16.57 -10.00
CA LEU A 56 -15.65 15.80 -10.55
C LEU A 56 -15.16 14.68 -11.46
N ASP A 57 -14.64 15.04 -12.63
CA ASP A 57 -14.15 14.05 -13.57
C ASP A 57 -13.07 13.21 -12.95
N GLU A 58 -12.28 13.83 -12.08
CA GLU A 58 -11.19 13.13 -11.41
C GLU A 58 -11.71 11.83 -10.85
N LYS A 59 -12.94 11.89 -10.37
CA LYS A 59 -13.62 10.75 -9.81
C LYS A 59 -14.01 9.76 -10.90
N MET A 60 -14.34 10.28 -12.08
CA MET A 60 -14.75 9.45 -13.20
C MET A 60 -13.57 8.82 -13.94
N LYS A 61 -12.39 9.41 -13.80
CA LYS A 61 -11.20 8.91 -14.49
C LYS A 61 -10.60 7.73 -13.77
N THR A 62 -9.98 8.01 -12.62
CA THR A 62 -9.35 6.96 -11.83
C THR A 62 -10.32 5.81 -11.61
N LEU A 63 -11.61 6.11 -11.67
CA LEU A 63 -12.65 5.11 -11.51
C LEU A 63 -12.37 3.91 -12.41
N ASP A 64 -12.45 4.12 -13.72
CA ASP A 64 -12.19 3.03 -14.64
C ASP A 64 -10.75 2.58 -14.52
N VAL A 65 -9.86 3.51 -14.13
CA VAL A 65 -8.46 3.16 -13.96
C VAL A 65 -8.37 2.01 -12.97
N ASN A 66 -8.55 2.32 -11.68
CA ASN A 66 -8.55 1.27 -10.66
C ASN A 66 -9.95 0.66 -10.58
N GLN A 67 -10.48 0.25 -11.72
CA GLN A 67 -11.82 -0.32 -11.74
C GLN A 67 -11.86 -1.52 -10.82
N ASP A 68 -10.89 -2.37 -10.98
CA ASP A 68 -10.74 -3.57 -10.18
C ASP A 68 -9.90 -3.27 -8.95
N SER A 69 -10.10 -2.10 -8.33
CA SER A 69 -9.37 -1.72 -7.13
C SER A 69 -9.51 -2.81 -6.07
N GLU A 70 -10.47 -3.69 -6.31
CA GLU A 70 -10.67 -4.86 -5.50
C GLU A 70 -10.92 -6.03 -6.41
N LEU A 71 -10.48 -7.19 -5.97
CA LEU A 71 -10.66 -8.36 -6.74
C LEU A 71 -10.85 -9.63 -5.93
N ARG A 72 -11.31 -10.64 -6.64
CA ARG A 72 -11.50 -11.96 -6.11
C ARG A 72 -10.45 -12.88 -6.73
N PHE A 73 -10.08 -12.55 -7.97
CA PHE A 73 -9.10 -13.29 -8.72
C PHE A 73 -7.68 -12.68 -8.68
N SER A 74 -7.14 -12.19 -9.81
CA SER A 74 -5.76 -11.70 -9.84
C SER A 74 -5.66 -10.24 -10.11
N GLU A 75 -6.70 -9.50 -9.83
CA GLU A 75 -6.66 -8.08 -10.05
C GLU A 75 -5.97 -7.34 -8.89
N TYR A 76 -5.30 -8.08 -8.00
CA TYR A 76 -4.65 -7.48 -6.84
C TYR A 76 -3.66 -6.41 -7.22
N TRP A 77 -3.25 -6.41 -8.47
CA TRP A 77 -2.33 -5.38 -8.92
C TRP A 77 -3.04 -4.02 -8.97
N ARG A 78 -4.37 -4.02 -8.77
CA ARG A 78 -5.11 -2.77 -8.80
C ARG A 78 -5.08 -2.13 -7.43
N LEU A 79 -5.05 -2.98 -6.41
CA LEU A 79 -5.03 -2.53 -5.05
C LEU A 79 -3.61 -2.15 -4.64
N ILE A 80 -2.66 -2.37 -5.55
CA ILE A 80 -1.27 -2.06 -5.28
C ILE A 80 -1.07 -0.55 -5.12
N GLY A 81 -1.60 0.22 -6.06
CA GLY A 81 -1.48 1.66 -5.98
C GLY A 81 -2.53 2.26 -5.05
N GLU A 82 -3.39 1.40 -4.49
CA GLU A 82 -4.45 1.86 -3.60
C GLU A 82 -3.91 2.15 -2.21
N LEU A 83 -3.41 1.13 -1.54
CA LEU A 83 -2.83 1.30 -0.21
C LEU A 83 -1.85 2.45 -0.21
N ALA A 84 -1.31 2.74 -1.40
CA ALA A 84 -0.37 3.83 -1.55
C ALA A 84 -1.09 5.17 -1.43
N LYS A 85 -2.34 5.25 -1.91
CA LYS A 85 -3.13 6.49 -1.82
C LYS A 85 -3.03 7.06 -0.42
N GLU A 86 -2.80 6.18 0.54
CA GLU A 86 -2.68 6.55 1.93
C GLU A 86 -1.29 7.08 2.22
N VAL A 87 -0.29 6.26 1.92
CA VAL A 87 1.09 6.64 2.16
C VAL A 87 1.54 7.70 1.14
N ARG A 88 0.68 8.02 0.18
CA ARG A 88 1.00 9.03 -0.83
C ARG A 88 0.96 10.42 -0.22
N LYS A 89 -0.24 10.89 0.13
CA LYS A 89 -0.37 12.21 0.74
C LYS A 89 0.52 12.28 1.96
N GLU A 90 0.55 11.15 2.66
CA GLU A 90 1.35 11.01 3.86
C GLU A 90 2.80 11.41 3.59
N LYS A 91 3.19 11.41 2.32
CA LYS A 91 4.54 11.82 1.93
C LYS A 91 4.79 13.28 2.28
N ALA A 92 3.90 14.15 1.85
CA ALA A 92 4.01 15.58 2.12
C ALA A 92 3.51 15.95 3.51
N LEU A 93 2.51 15.24 4.00
CA LEU A 93 1.99 15.55 5.33
C LEU A 93 2.86 14.91 6.41
N GLY A 94 3.56 13.84 6.04
CA GLY A 94 4.42 13.15 6.98
C GLY A 94 5.23 14.08 7.84
N ILE A 95 5.72 15.16 7.25
CA ILE A 95 6.54 16.11 7.98
C ILE A 95 5.75 16.81 9.06
N ARG A 96 5.30 16.04 10.05
CA ARG A 96 4.56 16.60 11.16
C ARG A 96 5.44 17.64 11.85
N LYS A 97 6.75 17.45 11.70
CA LYS A 97 7.73 18.36 12.25
C LYS A 97 8.04 19.45 11.24
N LYS A 98 7.22 20.49 11.22
CA LYS A 98 7.40 21.60 10.29
C LYS A 98 8.01 22.80 11.00
N MET B 1 -15.84 6.93 -8.52
CA MET B 1 -15.07 7.84 -7.62
C MET B 1 -13.58 7.57 -7.73
N ALA B 2 -12.81 8.61 -7.51
CA ALA B 2 -11.37 8.51 -7.55
C ALA B 2 -10.76 8.73 -6.16
N ALA B 3 -9.85 7.84 -5.77
CA ALA B 3 -9.18 7.97 -4.48
C ALA B 3 -8.26 9.19 -4.54
N GLU B 4 -8.77 10.33 -4.08
CA GLU B 4 -8.03 11.58 -4.10
C GLU B 4 -6.84 11.55 -3.16
N THR B 5 -7.07 11.77 -1.87
CA THR B 5 -5.98 11.77 -0.90
C THR B 5 -5.78 10.39 -0.27
N LEU B 6 -6.37 10.17 0.92
CA LEU B 6 -6.21 8.90 1.62
C LEU B 6 -7.48 8.08 1.56
N THR B 7 -7.42 6.94 0.90
CA THR B 7 -8.57 6.07 0.86
C THR B 7 -8.69 5.38 2.20
N GLU B 8 -9.80 4.73 2.47
CA GLU B 8 -10.00 4.06 3.76
C GLU B 8 -8.76 3.26 4.16
N LEU B 9 -8.02 2.81 3.15
CA LEU B 9 -6.81 2.04 3.36
C LEU B 9 -5.85 2.71 4.33
N GLU B 10 -5.94 4.03 4.45
CA GLU B 10 -5.08 4.75 5.37
C GLU B 10 -5.23 4.16 6.76
N ALA B 11 -6.39 3.57 7.02
CA ALA B 11 -6.63 2.91 8.30
C ALA B 11 -5.74 1.68 8.35
N ALA B 12 -5.57 1.07 7.19
CA ALA B 12 -4.71 -0.10 7.05
C ALA B 12 -3.26 0.32 7.25
N ILE B 13 -2.94 1.55 6.83
CA ILE B 13 -1.60 2.08 7.00
C ILE B 13 -1.22 1.99 8.48
N GLU B 14 -2.22 1.95 9.35
CA GLU B 14 -1.99 1.85 10.79
C GLU B 14 -1.22 0.58 11.11
N THR B 15 -1.44 -0.49 10.34
CA THR B 15 -0.75 -1.72 10.58
C THR B 15 0.67 -1.65 10.05
N VAL B 16 0.79 -1.51 8.74
CA VAL B 16 2.08 -1.42 8.07
C VAL B 16 3.06 -0.50 8.81
N VAL B 17 2.55 0.63 9.28
CA VAL B 17 3.37 1.58 10.01
C VAL B 17 3.79 1.00 11.36
N SER B 18 2.87 0.32 12.01
CA SER B 18 3.13 -0.30 13.31
C SER B 18 3.82 -1.65 13.18
N THR B 19 3.77 -2.25 11.99
CA THR B 19 4.41 -3.55 11.77
C THR B 19 5.89 -3.42 11.38
N PHE B 20 6.15 -3.33 10.08
CA PHE B 20 7.51 -3.24 9.54
C PHE B 20 8.14 -1.91 9.84
N PHE B 21 7.37 -0.85 9.72
CA PHE B 21 7.90 0.47 9.96
C PHE B 21 8.32 0.65 11.42
N THR B 22 8.17 -0.38 12.22
CA THR B 22 8.70 -0.30 13.56
C THR B 22 10.23 -0.23 13.49
N PHE B 23 10.77 -0.61 12.31
CA PHE B 23 12.22 -0.63 12.08
C PHE B 23 12.91 0.75 12.14
N ALA B 24 12.20 1.84 11.86
CA ALA B 24 12.80 3.18 11.98
C ALA B 24 13.41 3.35 13.36
N GLY B 25 12.93 2.55 14.32
CA GLY B 25 13.46 2.62 15.67
C GLY B 25 14.97 2.73 15.68
N ARG B 26 15.61 2.19 14.64
CA ARG B 26 17.06 2.27 14.49
C ARG B 26 17.50 3.71 14.59
N GLU B 27 17.02 4.51 13.66
CA GLU B 27 17.35 5.94 13.64
C GLU B 27 16.27 6.75 14.36
N GLY B 28 16.70 7.65 15.24
CA GLY B 28 15.75 8.46 15.98
C GLY B 28 16.00 9.95 15.86
N ARG B 29 15.38 10.57 14.88
CA ARG B 29 15.54 12.01 14.67
C ARG B 29 14.29 12.60 14.04
N LYS B 30 14.42 13.80 13.48
CA LYS B 30 13.30 14.47 12.83
C LYS B 30 13.41 14.33 11.31
N GLY B 31 13.68 13.12 10.85
CA GLY B 31 13.81 12.87 9.43
C GLY B 31 13.22 11.54 9.03
N SER B 32 14.08 10.59 8.68
CA SER B 32 13.57 9.29 8.26
C SER B 32 14.42 8.13 8.71
N LEU B 33 13.91 6.97 8.38
CA LEU B 33 14.56 5.72 8.65
C LEU B 33 15.35 5.30 7.43
N ASN B 34 16.32 4.44 7.63
CA ASN B 34 17.11 3.97 6.55
C ASN B 34 16.79 2.51 6.28
N ILE B 35 17.50 1.96 5.34
CA ILE B 35 17.26 0.58 4.95
C ILE B 35 18.23 -0.37 5.62
N ASN B 36 18.73 0.04 6.77
CA ASN B 36 19.64 -0.80 7.55
C ASN B 36 18.83 -1.92 8.14
N GLU B 37 17.85 -1.56 8.95
CA GLU B 37 16.96 -2.56 9.51
C GLU B 37 16.27 -3.28 8.37
N PHE B 38 15.96 -2.54 7.30
CA PHE B 38 15.35 -3.15 6.13
C PHE B 38 16.10 -4.44 5.77
N LYS B 39 17.41 -4.42 6.03
CA LYS B 39 18.27 -5.58 5.74
C LYS B 39 17.82 -6.81 6.50
N GLU B 40 16.97 -6.61 7.49
CA GLU B 40 16.39 -7.71 8.22
C GLU B 40 15.17 -8.24 7.45
N LEU B 41 14.87 -7.60 6.30
CA LEU B 41 13.73 -7.94 5.49
C LEU B 41 14.01 -9.14 4.59
N ALA B 42 14.42 -8.86 3.35
CA ALA B 42 14.69 -9.92 2.37
C ALA B 42 15.37 -11.11 3.00
N THR B 43 16.13 -10.85 4.04
CA THR B 43 16.81 -11.89 4.76
C THR B 43 15.79 -12.83 5.43
N GLN B 44 14.96 -12.26 6.29
CA GLN B 44 13.91 -13.00 6.99
C GLN B 44 12.67 -13.18 6.11
N GLN B 45 12.53 -12.31 5.13
CA GLN B 45 11.43 -12.35 4.19
C GLN B 45 11.77 -13.37 3.12
N LEU B 46 13.08 -13.53 2.85
CA LEU B 46 13.59 -14.49 1.84
C LEU B 46 12.72 -15.72 1.85
N PRO B 47 12.55 -16.35 3.02
CA PRO B 47 11.66 -17.47 3.10
C PRO B 47 10.25 -17.00 3.44
N HIS B 48 9.48 -16.73 2.43
CA HIS B 48 8.09 -16.37 2.58
C HIS B 48 7.24 -17.60 2.29
N LEU B 49 6.04 -17.40 1.77
CA LEU B 49 5.22 -18.51 1.35
C LEU B 49 5.71 -18.91 -0.05
N LEU B 50 5.11 -18.31 -1.09
CA LEU B 50 5.53 -18.55 -2.47
C LEU B 50 6.64 -17.57 -2.88
N LYS B 51 7.40 -17.07 -1.89
CA LYS B 51 8.47 -16.10 -2.15
C LYS B 51 9.25 -16.40 -3.40
N ASP B 52 9.98 -15.38 -3.83
CA ASP B 52 10.82 -15.48 -5.01
C ASP B 52 12.29 -15.56 -4.59
N VAL B 53 12.55 -15.75 -3.29
CA VAL B 53 13.91 -15.83 -2.80
C VAL B 53 14.75 -14.66 -3.31
N GLY B 54 14.48 -13.48 -2.76
CA GLY B 54 15.20 -12.29 -3.13
C GLY B 54 16.67 -12.53 -3.35
N SER B 55 17.10 -12.33 -4.58
CA SER B 55 18.48 -12.55 -4.97
C SER B 55 19.43 -11.80 -4.05
N LEU B 56 20.71 -11.76 -4.40
CA LEU B 56 21.70 -11.08 -3.58
C LEU B 56 21.70 -9.58 -3.82
N ASP B 57 22.20 -9.15 -4.98
CA ASP B 57 22.25 -7.74 -5.29
C ASP B 57 20.88 -7.12 -5.22
N GLU B 58 19.90 -7.92 -5.58
CA GLU B 58 18.51 -7.48 -5.58
C GLU B 58 18.21 -6.82 -4.25
N LYS B 59 18.82 -7.37 -3.22
CA LYS B 59 18.65 -6.86 -1.87
C LYS B 59 19.43 -5.56 -1.70
N MET B 60 20.54 -5.45 -2.41
CA MET B 60 21.42 -4.27 -2.33
C MET B 60 20.92 -3.10 -3.18
N LYS B 61 20.10 -3.39 -4.18
CA LYS B 61 19.61 -2.35 -5.08
C LYS B 61 18.43 -1.62 -4.48
N THR B 62 17.28 -2.30 -4.42
CA THR B 62 16.08 -1.71 -3.87
C THR B 62 16.37 -1.08 -2.52
N LEU B 63 17.39 -1.59 -1.84
CA LEU B 63 17.80 -1.06 -0.56
C LEU B 63 17.97 0.45 -0.63
N ASP B 64 18.94 0.89 -1.41
CA ASP B 64 19.17 2.32 -1.58
C ASP B 64 17.95 2.98 -2.20
N VAL B 65 17.23 2.22 -3.04
CA VAL B 65 16.03 2.74 -3.67
C VAL B 65 15.06 3.21 -2.60
N ASN B 66 14.42 2.26 -1.93
CA ASN B 66 13.52 2.58 -0.83
C ASN B 66 14.29 2.78 0.47
N GLN B 67 15.40 3.52 0.41
CA GLN B 67 16.20 3.75 1.59
C GLN B 67 15.32 4.24 2.74
N ASP B 68 14.56 5.28 2.45
CA ASP B 68 13.65 5.85 3.40
C ASP B 68 12.31 5.17 3.34
N SER B 69 12.30 3.84 3.17
CA SER B 69 11.04 3.09 3.12
C SER B 69 10.21 3.41 4.36
N GLU B 70 10.86 4.03 5.34
CA GLU B 70 10.21 4.52 6.53
C GLU B 70 10.74 5.90 6.80
N LEU B 71 9.88 6.73 7.35
CA LEU B 71 10.28 8.06 7.66
C LEU B 71 9.58 8.64 8.88
N ARG B 72 10.17 9.73 9.32
CA ARG B 72 9.67 10.51 10.42
C ARG B 72 9.11 11.81 9.85
N PHE B 73 9.73 12.26 8.75
CA PHE B 73 9.35 13.48 8.07
C PHE B 73 8.43 13.27 6.84
N SER B 74 8.91 13.53 5.62
CA SER B 74 8.03 13.47 4.44
C SER B 74 8.43 12.42 3.44
N GLU B 75 9.21 11.47 3.88
CA GLU B 75 9.65 10.40 3.01
C GLU B 75 8.57 9.33 2.81
N TYR B 76 7.34 9.62 3.27
CA TYR B 76 6.26 8.66 3.20
C TYR B 76 6.03 8.16 1.79
N TRP B 77 6.49 8.91 0.82
CA TRP B 77 6.36 8.49 -0.57
C TRP B 77 7.19 7.25 -0.84
N ARG B 78 8.08 6.89 0.11
CA ARG B 78 8.89 5.72 -0.06
C ARG B 78 8.10 4.48 0.34
N LEU B 79 7.20 4.67 1.29
CA LEU B 79 6.38 3.60 1.78
C LEU B 79 5.18 3.38 0.86
N ILE B 80 5.03 4.29 -0.11
CA ILE B 80 3.95 4.20 -1.06
C ILE B 80 4.02 2.87 -1.83
N GLY B 81 5.20 2.57 -2.36
CA GLY B 81 5.39 1.35 -3.11
C GLY B 81 5.65 0.14 -2.22
N GLU B 82 5.77 0.37 -0.91
CA GLU B 82 6.03 -0.71 0.04
C GLU B 82 4.78 -1.54 0.28
N LEU B 83 3.75 -0.89 0.82
CA LEU B 83 2.49 -1.56 1.08
C LEU B 83 2.04 -2.29 -0.16
N ALA B 84 2.52 -1.80 -1.30
CA ALA B 84 2.18 -2.41 -2.56
C ALA B 84 2.88 -3.76 -2.73
N LYS B 85 4.10 -3.86 -2.19
CA LYS B 85 4.86 -5.13 -2.27
C LYS B 85 3.99 -6.30 -1.88
N GLU B 86 3.00 -6.00 -1.06
CA GLU B 86 2.05 -7.00 -0.60
C GLU B 86 0.99 -7.26 -1.65
N VAL B 87 0.31 -6.20 -2.06
CA VAL B 87 -0.74 -6.30 -3.05
C VAL B 87 -0.16 -6.55 -4.45
N ARG B 88 1.17 -6.55 -4.57
CA ARG B 88 1.83 -6.79 -5.85
C ARG B 88 1.76 -8.28 -6.19
N LYS B 89 2.47 -9.09 -5.43
CA LYS B 89 2.48 -10.54 -5.66
C LYS B 89 1.05 -11.05 -5.67
N GLU B 90 0.27 -10.49 -4.75
CA GLU B 90 -1.11 -10.85 -4.59
C GLU B 90 -1.86 -10.73 -5.89
N LYS B 91 -1.31 -9.96 -6.82
CA LYS B 91 -1.91 -9.78 -8.13
C LYS B 91 -1.98 -11.13 -8.84
N ALA B 92 -0.86 -11.82 -8.91
CA ALA B 92 -0.80 -13.12 -9.57
C ALA B 92 -1.30 -14.26 -8.68
N LEU B 93 -1.04 -14.18 -7.39
CA LEU B 93 -1.49 -15.22 -6.48
C LEU B 93 -2.95 -15.04 -6.12
N GLY B 94 -3.43 -13.80 -6.23
CA GLY B 94 -4.81 -13.50 -5.92
C GLY B 94 -5.78 -14.52 -6.45
N ILE B 95 -5.51 -15.01 -7.66
CA ILE B 95 -6.38 -16.00 -8.29
C ILE B 95 -6.40 -17.31 -7.53
N ARG B 96 -6.91 -17.27 -6.30
CA ARG B 96 -7.00 -18.47 -5.50
C ARG B 96 -7.85 -19.49 -6.25
N LYS B 97 -8.71 -18.98 -7.12
CA LYS B 97 -9.57 -19.81 -7.95
C LYS B 97 -8.88 -20.12 -9.27
N LYS B 98 -8.05 -21.15 -9.27
CA LYS B 98 -7.32 -21.56 -10.46
C LYS B 98 -7.95 -22.79 -11.10
N MET A 1 18.37 -4.58 3.40
CA MET A 1 17.94 -5.57 2.39
C MET A 1 17.01 -4.95 1.35
N ALA A 2 16.55 -5.79 0.43
CA ALA A 2 15.63 -5.35 -0.60
C ALA A 2 14.25 -5.94 -0.41
N ALA A 3 13.25 -5.08 -0.26
CA ALA A 3 11.89 -5.56 -0.09
C ALA A 3 11.43 -6.18 -1.38
N GLU A 4 11.59 -7.49 -1.47
CA GLU A 4 11.22 -8.22 -2.66
C GLU A 4 9.72 -8.18 -2.86
N THR A 5 9.00 -9.09 -2.23
CA THR A 5 7.54 -9.10 -2.38
C THR A 5 6.77 -8.70 -1.10
N LEU A 6 6.20 -9.69 -0.40
CA LEU A 6 5.37 -9.43 0.77
C LEU A 6 6.17 -8.98 1.97
N THR A 7 6.48 -7.71 2.05
CA THR A 7 7.17 -7.24 3.24
C THR A 7 6.19 -7.33 4.37
N GLU A 8 6.65 -7.22 5.61
CA GLU A 8 5.74 -7.28 6.77
C GLU A 8 4.44 -6.53 6.48
N LEU A 9 4.53 -5.52 5.62
CA LEU A 9 3.39 -4.73 5.22
C LEU A 9 2.25 -5.62 4.75
N GLU A 10 2.57 -6.81 4.25
CA GLU A 10 1.55 -7.73 3.77
C GLU A 10 0.48 -7.90 4.82
N ALA A 11 0.91 -7.94 6.09
CA ALA A 11 -0.01 -8.05 7.21
C ALA A 11 -0.99 -6.89 7.16
N ALA A 12 -0.49 -5.75 6.72
CA ALA A 12 -1.32 -4.56 6.58
C ALA A 12 -2.33 -4.75 5.45
N ILE A 13 -1.99 -5.64 4.51
CA ILE A 13 -2.87 -5.92 3.40
C ILE A 13 -4.26 -6.31 3.93
N GLU A 14 -4.27 -6.88 5.13
CA GLU A 14 -5.50 -7.33 5.78
C GLU A 14 -6.42 -6.15 6.09
N THR A 15 -5.86 -5.07 6.63
CA THR A 15 -6.67 -3.90 6.96
C THR A 15 -7.27 -3.31 5.70
N VAL A 16 -6.38 -2.96 4.77
CA VAL A 16 -6.76 -2.37 3.50
C VAL A 16 -7.75 -3.25 2.75
N VAL A 17 -7.48 -4.55 2.69
CA VAL A 17 -8.36 -5.48 1.98
C VAL A 17 -9.65 -5.70 2.77
N SER A 18 -9.53 -5.77 4.09
CA SER A 18 -10.67 -5.99 4.95
C SER A 18 -11.45 -4.70 5.19
N THR A 19 -10.89 -3.57 4.78
CA THR A 19 -11.56 -2.30 4.94
C THR A 19 -12.55 -1.98 3.80
N PHE A 20 -12.07 -1.25 2.80
CA PHE A 20 -12.90 -0.82 1.68
C PHE A 20 -12.99 -1.88 0.61
N PHE A 21 -11.90 -2.59 0.41
CA PHE A 21 -11.87 -3.63 -0.58
C PHE A 21 -13.01 -4.61 -0.31
N THR A 22 -13.51 -4.59 0.92
CA THR A 22 -14.63 -5.43 1.26
C THR A 22 -15.85 -5.08 0.41
N PHE A 23 -15.83 -3.86 -0.17
CA PHE A 23 -16.96 -3.43 -1.00
C PHE A 23 -17.10 -4.34 -2.21
N ALA A 24 -16.04 -5.13 -2.50
CA ALA A 24 -16.04 -6.08 -3.62
C ALA A 24 -17.38 -6.80 -3.67
N GLY A 25 -17.88 -7.07 -2.47
CA GLY A 25 -19.15 -7.74 -2.30
C GLY A 25 -20.22 -7.26 -3.29
N ARG A 26 -20.11 -6.00 -3.72
CA ARG A 26 -21.06 -5.43 -4.68
C ARG A 26 -21.30 -6.38 -5.85
N GLU A 27 -20.22 -6.97 -6.33
CA GLU A 27 -20.30 -7.90 -7.44
C GLU A 27 -20.59 -9.31 -6.93
N GLY A 28 -21.68 -9.90 -7.41
CA GLY A 28 -22.07 -11.23 -6.98
C GLY A 28 -20.91 -12.19 -6.80
N ARG A 29 -20.48 -12.82 -7.90
CA ARG A 29 -19.38 -13.77 -7.85
C ARG A 29 -18.23 -13.26 -6.98
N LYS A 30 -17.32 -14.16 -6.63
CA LYS A 30 -16.17 -13.80 -5.82
C LYS A 30 -14.95 -13.59 -6.70
N GLY A 31 -15.11 -12.70 -7.68
CA GLY A 31 -14.01 -12.38 -8.58
C GLY A 31 -13.32 -11.14 -8.15
N SER A 32 -13.90 -10.00 -8.43
CA SER A 32 -13.27 -8.76 -8.02
C SER A 32 -14.26 -7.70 -7.60
N LEU A 33 -13.69 -6.60 -7.16
CA LEU A 33 -14.42 -5.43 -6.72
C LEU A 33 -14.45 -4.46 -7.88
N ASN A 34 -15.43 -3.57 -7.93
CA ASN A 34 -15.48 -2.68 -9.06
C ASN A 34 -15.54 -1.21 -8.64
N ILE A 35 -16.61 -0.50 -8.97
CA ILE A 35 -16.70 0.88 -8.57
C ILE A 35 -18.11 1.27 -8.16
N ASN A 36 -18.82 0.35 -7.53
CA ASN A 36 -20.16 0.63 -7.07
C ASN A 36 -20.04 1.36 -5.74
N GLU A 37 -19.46 0.70 -4.76
CA GLU A 37 -19.26 1.37 -3.48
C GLU A 37 -18.07 2.29 -3.59
N PHE A 38 -17.17 2.04 -4.55
CA PHE A 38 -16.04 2.92 -4.76
C PHE A 38 -16.58 4.34 -4.87
N LYS A 39 -17.82 4.44 -5.37
CA LYS A 39 -18.50 5.72 -5.53
C LYS A 39 -18.71 6.40 -4.20
N GLU A 40 -18.54 5.64 -3.16
CA GLU A 40 -18.62 6.16 -1.81
C GLU A 40 -17.26 6.79 -1.45
N LEU A 41 -16.28 6.63 -2.36
CA LEU A 41 -14.92 7.15 -2.14
C LEU A 41 -14.81 8.64 -2.41
N ALA A 42 -14.39 9.04 -3.61
CA ALA A 42 -14.20 10.46 -3.94
C ALA A 42 -15.23 11.34 -3.28
N THR A 43 -16.43 10.82 -3.14
CA THR A 43 -17.51 11.54 -2.51
C THR A 43 -17.16 11.84 -1.05
N GLN A 44 -17.11 10.79 -0.22
CA GLN A 44 -16.77 10.90 1.19
C GLN A 44 -15.28 11.15 1.36
N GLN A 45 -14.53 10.79 0.33
CA GLN A 45 -13.11 10.98 0.27
C GLN A 45 -12.79 12.44 0.04
N LEU A 46 -13.59 13.07 -0.83
CA LEU A 46 -13.40 14.47 -1.19
C LEU A 46 -12.88 15.25 0.01
N PRO A 47 -13.62 15.24 1.12
CA PRO A 47 -13.14 15.90 2.31
C PRO A 47 -12.34 14.96 3.22
N HIS A 48 -11.03 14.88 3.00
CA HIS A 48 -10.13 14.14 3.90
C HIS A 48 -9.45 15.15 4.80
N LEU A 49 -8.27 14.82 5.28
CA LEU A 49 -7.51 15.78 6.04
C LEU A 49 -6.80 16.68 5.02
N LEU A 50 -5.62 16.27 4.58
CA LEU A 50 -4.88 17.00 3.54
C LEU A 50 -5.31 16.55 2.13
N LYS A 51 -6.52 16.00 2.00
CA LYS A 51 -7.03 15.50 0.73
C LYS A 51 -6.65 16.38 -0.44
N ASP A 52 -6.74 15.78 -1.62
CA ASP A 52 -6.44 16.46 -2.86
C ASP A 52 -7.74 16.76 -3.60
N VAL A 53 -8.86 16.75 -2.87
CA VAL A 53 -10.16 17.01 -3.45
C VAL A 53 -10.38 16.20 -4.72
N GLY A 54 -10.66 14.91 -4.55
CA GLY A 54 -10.91 14.04 -5.70
C GLY A 54 -11.74 14.73 -6.78
N SER A 55 -11.08 15.06 -7.89
CA SER A 55 -11.74 15.75 -8.99
C SER A 55 -13.04 15.05 -9.37
N LEU A 56 -14.12 15.82 -9.38
CA LEU A 56 -15.45 15.30 -9.70
C LEU A 56 -15.43 14.29 -10.85
N ASP A 57 -15.33 14.78 -12.09
CA ASP A 57 -15.32 13.92 -13.27
C ASP A 57 -14.41 12.72 -13.09
N GLU A 58 -13.24 12.97 -12.51
CA GLU A 58 -12.27 11.91 -12.28
C GLU A 58 -12.95 10.75 -11.58
N LYS A 59 -13.93 11.10 -10.75
CA LYS A 59 -14.69 10.11 -10.03
C LYS A 59 -15.47 9.24 -11.01
N MET A 60 -15.92 9.86 -12.09
CA MET A 60 -16.67 9.16 -13.11
C MET A 60 -15.73 8.43 -14.05
N LYS A 61 -14.54 8.99 -14.23
CA LYS A 61 -13.54 8.43 -15.11
C LYS A 61 -12.80 7.30 -14.41
N THR A 62 -12.08 7.63 -13.34
CA THR A 62 -11.35 6.63 -12.58
C THR A 62 -12.26 5.45 -12.27
N LEU A 63 -13.56 5.72 -12.22
CA LEU A 63 -14.56 4.70 -11.98
C LEU A 63 -14.28 3.46 -12.83
N ASP A 64 -14.22 3.66 -14.13
CA ASP A 64 -13.95 2.57 -15.05
C ASP A 64 -12.52 2.06 -14.88
N VAL A 65 -11.64 2.92 -14.37
CA VAL A 65 -10.23 2.57 -14.16
C VAL A 65 -10.02 1.78 -12.87
N ASN A 66 -10.18 2.45 -11.73
CA ASN A 66 -9.97 1.83 -10.42
C ASN A 66 -11.15 0.97 -9.97
N GLN A 67 -11.68 0.15 -10.84
CA GLN A 67 -12.79 -0.70 -10.43
C GLN A 67 -12.29 -1.89 -9.67
N ASP A 68 -11.22 -2.47 -10.16
CA ASP A 68 -10.64 -3.63 -9.56
C ASP A 68 -9.69 -3.25 -8.43
N SER A 69 -9.76 -1.99 -7.96
CA SER A 69 -8.89 -1.51 -6.87
C SER A 69 -8.79 -2.59 -5.82
N GLU A 70 -9.88 -3.33 -5.72
CA GLU A 70 -9.98 -4.50 -4.87
C GLU A 70 -10.15 -5.68 -5.77
N LEU A 71 -9.71 -6.83 -5.33
CA LEU A 71 -9.87 -7.99 -6.11
C LEU A 71 -10.06 -9.27 -5.28
N ARG A 72 -10.72 -10.27 -5.86
CA ARG A 72 -10.89 -11.57 -5.24
C ARG A 72 -10.18 -12.62 -6.12
N PHE A 73 -10.10 -12.32 -7.43
CA PHE A 73 -9.41 -13.17 -8.38
C PHE A 73 -7.96 -12.67 -8.69
N SER A 74 -7.64 -12.08 -9.86
CA SER A 74 -6.23 -11.70 -10.14
C SER A 74 -5.98 -10.22 -10.29
N GLU A 75 -7.02 -9.45 -10.27
CA GLU A 75 -6.89 -7.99 -10.41
C GLU A 75 -6.31 -7.29 -9.16
N TYR A 76 -5.69 -8.04 -8.23
CA TYR A 76 -5.17 -7.48 -7.01
C TYR A 76 -4.13 -6.43 -7.30
N TRP A 77 -3.52 -6.52 -8.46
CA TRP A 77 -2.54 -5.52 -8.85
C TRP A 77 -3.20 -4.15 -8.89
N ARG A 78 -4.54 -4.10 -8.83
CA ARG A 78 -5.24 -2.84 -8.88
C ARG A 78 -5.17 -2.18 -7.52
N LEU A 79 -5.08 -2.98 -6.47
CA LEU A 79 -4.93 -2.45 -5.13
C LEU A 79 -3.58 -1.74 -5.06
N ILE A 80 -2.65 -2.22 -5.88
CA ILE A 80 -1.28 -1.72 -5.90
C ILE A 80 -1.21 -0.19 -5.77
N GLY A 81 -1.88 0.53 -6.64
CA GLY A 81 -1.85 1.98 -6.58
C GLY A 81 -2.82 2.52 -5.54
N GLU A 82 -3.57 1.62 -4.90
CA GLU A 82 -4.55 2.05 -3.90
C GLU A 82 -3.90 2.28 -2.55
N LEU A 83 -3.24 1.26 -2.02
CA LEU A 83 -2.58 1.38 -0.73
C LEU A 83 -1.69 2.59 -0.72
N ALA A 84 -1.25 3.00 -1.90
CA ALA A 84 -0.42 4.18 -2.02
C ALA A 84 -1.26 5.43 -1.87
N LYS A 85 -2.54 5.36 -2.25
CA LYS A 85 -3.44 6.49 -2.10
C LYS A 85 -3.35 7.01 -0.66
N GLU A 86 -2.96 6.10 0.24
CA GLU A 86 -2.80 6.45 1.62
C GLU A 86 -1.48 7.17 1.83
N VAL A 87 -0.42 6.52 1.37
CA VAL A 87 0.93 7.06 1.50
C VAL A 87 1.18 8.22 0.55
N ARG A 88 0.23 8.51 -0.32
CA ARG A 88 0.39 9.59 -1.28
C ARG A 88 0.53 10.93 -0.57
N LYS A 89 -0.56 11.46 -0.02
CA LYS A 89 -0.49 12.73 0.69
C LYS A 89 0.39 12.56 1.91
N GLU A 90 0.28 11.39 2.50
CA GLU A 90 1.02 11.04 3.69
C GLU A 90 2.51 11.28 3.52
N LYS A 91 2.98 11.39 2.28
CA LYS A 91 4.39 11.67 2.03
C LYS A 91 4.77 13.04 2.57
N ALA A 92 3.97 14.03 2.23
CA ALA A 92 4.22 15.41 2.65
C ALA A 92 3.73 15.67 4.08
N LEU A 93 2.67 14.99 4.50
CA LEU A 93 2.15 15.21 5.85
C LEU A 93 2.96 14.45 6.90
N GLY A 94 3.71 13.43 6.47
CA GLY A 94 4.53 12.69 7.41
C GLY A 94 5.29 13.62 8.32
N ILE A 95 5.75 14.71 7.73
CA ILE A 95 6.50 15.70 8.48
C ILE A 95 5.59 16.42 9.44
N ARG A 96 5.09 15.67 10.40
CA ARG A 96 4.22 16.22 11.42
C ARG A 96 5.11 16.88 12.46
N LYS A 97 6.26 16.26 12.67
CA LYS A 97 7.25 16.79 13.58
C LYS A 97 7.88 18.02 12.91
N LYS A 98 7.19 19.14 13.03
CA LYS A 98 7.64 20.38 12.42
C LYS A 98 8.10 21.38 13.49
N MET B 1 -16.43 6.08 -8.00
CA MET B 1 -15.71 7.36 -7.75
C MET B 1 -14.22 7.19 -7.96
N ALA B 2 -13.47 8.24 -7.69
CA ALA B 2 -12.02 8.20 -7.86
C ALA B 2 -11.28 8.28 -6.52
N ALA B 3 -10.47 7.27 -6.24
CA ALA B 3 -9.69 7.24 -5.02
C ALA B 3 -8.65 8.33 -5.12
N GLU B 4 -8.99 9.50 -4.62
CA GLU B 4 -8.10 10.64 -4.69
C GLU B 4 -6.87 10.41 -3.82
N THR B 5 -6.98 10.67 -2.53
CA THR B 5 -5.84 10.48 -1.65
C THR B 5 -6.02 9.32 -0.63
N LEU B 6 -6.31 9.65 0.64
CA LEU B 6 -6.44 8.65 1.68
C LEU B 6 -7.72 7.83 1.58
N THR B 7 -7.71 6.78 0.78
CA THR B 7 -8.88 5.93 0.72
C THR B 7 -8.94 5.18 2.04
N GLU B 8 -10.05 4.51 2.33
CA GLU B 8 -10.17 3.79 3.61
C GLU B 8 -8.88 3.04 3.95
N LEU B 9 -8.15 2.68 2.90
CA LEU B 9 -6.87 2.00 3.03
C LEU B 9 -5.95 2.72 4.00
N GLU B 10 -6.12 4.02 4.14
CA GLU B 10 -5.27 4.78 5.05
C GLU B 10 -5.30 4.13 6.43
N ALA B 11 -6.44 3.60 6.81
CA ALA B 11 -6.56 2.91 8.09
C ALA B 11 -5.57 1.76 8.11
N ALA B 12 -5.35 1.17 6.94
CA ALA B 12 -4.40 0.08 6.80
C ALA B 12 -2.98 0.60 6.95
N ILE B 13 -2.79 1.89 6.66
CA ILE B 13 -1.48 2.51 6.79
C ILE B 13 -0.93 2.26 8.19
N GLU B 14 -1.85 2.10 9.15
CA GLU B 14 -1.49 1.86 10.54
C GLU B 14 -0.78 0.53 10.72
N THR B 15 -1.28 -0.52 10.07
CA THR B 15 -0.67 -1.82 10.21
C THR B 15 0.74 -1.80 9.62
N VAL B 16 0.80 -1.41 8.36
CA VAL B 16 2.05 -1.33 7.62
C VAL B 16 3.05 -0.41 8.31
N VAL B 17 2.61 0.75 8.74
CA VAL B 17 3.49 1.68 9.41
C VAL B 17 3.85 1.18 10.80
N SER B 18 2.87 0.58 11.47
CA SER B 18 3.08 0.04 12.81
C SER B 18 3.75 -1.33 12.77
N THR B 19 3.83 -1.94 11.59
CA THR B 19 4.47 -3.24 11.46
C THR B 19 5.98 -3.13 11.30
N PHE B 20 6.46 -3.14 10.06
CA PHE B 20 7.89 -3.08 9.82
C PHE B 20 8.44 -1.69 9.92
N PHE B 21 7.72 -0.75 9.36
CA PHE B 21 8.14 0.63 9.38
C PHE B 21 8.55 1.05 10.80
N THR B 22 8.07 0.34 11.80
CA THR B 22 8.46 0.61 13.17
C THR B 22 9.97 0.50 13.34
N PHE B 23 10.62 -0.17 12.39
CA PHE B 23 12.06 -0.35 12.43
C PHE B 23 12.76 0.99 12.34
N ALA B 24 12.03 2.02 11.87
CA ALA B 24 12.56 3.38 11.77
C ALA B 24 13.42 3.72 12.98
N GLY B 25 12.93 3.35 14.15
CA GLY B 25 13.64 3.57 15.39
C GLY B 25 15.13 3.36 15.27
N ARG B 26 15.57 2.50 14.35
CA ARG B 26 17.01 2.25 14.16
C ARG B 26 17.77 3.56 14.16
N GLU B 27 17.19 4.53 13.45
CA GLU B 27 17.76 5.87 13.38
C GLU B 27 17.30 6.71 14.57
N GLY B 28 18.27 7.22 15.34
CA GLY B 28 17.96 8.02 16.52
C GLY B 28 16.79 8.95 16.35
N ARG B 29 17.07 10.14 15.81
CA ARG B 29 16.03 11.15 15.61
C ARG B 29 14.75 10.54 15.05
N LYS B 30 13.67 11.29 15.11
CA LYS B 30 12.39 10.82 14.60
C LYS B 30 12.15 11.37 13.20
N GLY B 31 13.10 11.13 12.32
CA GLY B 31 12.99 11.59 10.95
C GLY B 31 12.48 10.49 10.09
N SER B 32 13.34 9.57 9.74
CA SER B 32 12.89 8.47 8.92
C SER B 32 13.56 7.16 9.25
N LEU B 33 13.10 6.15 8.54
CA LEU B 33 13.61 4.81 8.65
C LEU B 33 14.60 4.60 7.54
N ASN B 34 15.57 3.71 7.70
CA ASN B 34 16.54 3.55 6.67
C ASN B 34 16.60 2.11 6.17
N ILE B 35 17.73 1.45 6.31
CA ILE B 35 17.82 0.07 5.88
C ILE B 35 18.64 -0.77 6.83
N ASN B 36 18.53 -0.48 8.12
CA ASN B 36 19.24 -1.27 9.11
C ASN B 36 18.44 -2.51 9.39
N GLU B 37 17.23 -2.34 9.93
CA GLU B 37 16.40 -3.52 10.14
C GLU B 37 15.84 -3.99 8.82
N PHE B 38 15.80 -3.10 7.80
CA PHE B 38 15.35 -3.50 6.49
C PHE B 38 16.12 -4.73 6.08
N LYS B 39 17.37 -4.81 6.56
CA LYS B 39 18.25 -5.94 6.30
C LYS B 39 17.65 -7.23 6.85
N GLU B 40 16.62 -7.09 7.66
CA GLU B 40 15.90 -8.24 8.16
C GLU B 40 14.84 -8.64 7.12
N LEU B 41 14.74 -7.88 6.01
CA LEU B 41 13.73 -8.13 5.00
C LEU B 41 14.13 -9.22 4.03
N ALA B 42 14.71 -8.83 2.90
CA ALA B 42 15.07 -9.78 1.85
C ALA B 42 15.57 -11.09 2.41
N THR B 43 16.25 -10.98 3.52
CA THR B 43 16.77 -12.13 4.23
C THR B 43 15.64 -13.09 4.63
N GLN B 44 14.80 -12.61 5.54
CA GLN B 44 13.64 -13.37 6.04
C GLN B 44 12.51 -13.32 5.02
N GLN B 45 12.55 -12.30 4.20
CA GLN B 45 11.60 -12.09 3.13
C GLN B 45 11.85 -13.11 2.05
N LEU B 46 13.14 -13.38 1.78
CA LEU B 46 13.57 -14.31 0.73
C LEU B 46 12.57 -15.46 0.65
N PRO B 47 12.41 -16.23 1.73
CA PRO B 47 11.42 -17.27 1.73
C PRO B 47 10.06 -16.80 2.20
N HIS B 48 9.24 -16.34 1.28
CA HIS B 48 7.87 -16.01 1.56
C HIS B 48 6.99 -17.14 1.07
N LEU B 49 5.76 -16.84 0.70
CA LEU B 49 4.90 -17.84 0.11
C LEU B 49 5.28 -17.90 -1.38
N LEU B 50 4.63 -17.06 -2.20
CA LEU B 50 4.94 -16.97 -3.63
C LEU B 50 6.07 -15.96 -3.89
N LYS B 51 6.91 -15.70 -2.87
CA LYS B 51 8.00 -14.74 -2.97
C LYS B 51 8.70 -14.77 -4.32
N ASP B 52 9.43 -13.70 -4.58
CA ASP B 52 10.18 -13.56 -5.80
C ASP B 52 11.67 -13.74 -5.52
N VAL B 53 11.98 -14.30 -4.35
CA VAL B 53 13.36 -14.52 -3.95
C VAL B 53 14.19 -13.25 -4.08
N GLY B 54 14.03 -12.35 -3.10
CA GLY B 54 14.79 -11.10 -3.07
C GLY B 54 16.22 -11.29 -3.50
N SER B 55 16.52 -10.87 -4.71
CA SER B 55 17.86 -11.00 -5.26
C SER B 55 18.90 -10.50 -4.26
N LEU B 56 19.86 -11.35 -3.97
CA LEU B 56 20.90 -11.04 -3.00
C LEU B 56 21.42 -9.60 -3.13
N ASP B 57 22.27 -9.36 -4.12
CA ASP B 57 22.85 -8.02 -4.32
C ASP B 57 21.83 -6.92 -4.19
N GLU B 58 20.67 -7.19 -4.73
CA GLU B 58 19.58 -6.23 -4.72
C GLU B 58 19.34 -5.77 -3.29
N LYS B 59 19.58 -6.70 -2.37
CA LYS B 59 19.43 -6.41 -0.97
C LYS B 59 20.44 -5.38 -0.54
N MET B 60 21.61 -5.43 -1.17
CA MET B 60 22.67 -4.49 -0.87
C MET B 60 22.47 -3.17 -1.62
N LYS B 61 21.85 -3.28 -2.80
CA LYS B 61 21.58 -2.13 -3.63
C LYS B 61 20.33 -1.40 -3.17
N THR B 62 19.19 -2.08 -3.25
CA THR B 62 17.93 -1.49 -2.81
C THR B 62 18.10 -0.88 -1.43
N LEU B 63 19.06 -1.40 -0.68
CA LEU B 63 19.38 -0.90 0.65
C LEU B 63 19.49 0.62 0.63
N ASP B 64 20.36 1.13 -0.22
CA ASP B 64 20.55 2.57 -0.35
C ASP B 64 19.30 3.23 -0.93
N VAL B 65 18.52 2.46 -1.68
CA VAL B 65 17.30 2.97 -2.31
C VAL B 65 16.11 3.00 -1.34
N ASN B 66 15.63 1.82 -0.98
CA ASN B 66 14.47 1.68 -0.10
C ASN B 66 14.81 1.91 1.37
N GLN B 67 15.61 2.91 1.70
CA GLN B 67 15.91 3.13 3.09
C GLN B 67 14.80 3.87 3.79
N ASP B 68 14.24 4.83 3.11
CA ASP B 68 13.19 5.61 3.67
C ASP B 68 11.85 4.93 3.49
N SER B 69 11.85 3.63 3.10
CA SER B 69 10.61 2.89 2.89
C SER B 69 9.61 3.27 3.96
N GLU B 70 10.17 3.57 5.13
CA GLU B 70 9.40 4.06 6.25
C GLU B 70 9.85 5.47 6.50
N LEU B 71 8.99 6.27 7.02
CA LEU B 71 9.35 7.61 7.29
C LEU B 71 8.65 8.19 8.53
N ARG B 72 9.31 9.16 9.18
CA ARG B 72 8.72 9.87 10.29
C ARG B 72 8.55 11.34 9.88
N PHE B 73 9.41 11.79 8.96
CA PHE B 73 9.36 13.14 8.42
C PHE B 73 8.63 13.21 7.04
N SER B 74 9.33 13.31 5.90
CA SER B 74 8.61 13.50 4.61
C SER B 74 8.82 12.41 3.58
N GLU B 75 9.76 11.55 3.84
CA GLU B 75 10.08 10.45 2.93
C GLU B 75 8.99 9.35 2.90
N TYR B 76 7.78 9.64 3.38
CA TYR B 76 6.73 8.65 3.44
C TYR B 76 6.41 8.12 2.06
N TRP B 77 6.66 8.94 1.06
CA TRP B 77 6.45 8.51 -0.32
C TRP B 77 7.25 7.25 -0.59
N ARG B 78 8.24 6.98 0.26
CA ARG B 78 9.05 5.78 0.11
C ARG B 78 8.24 4.54 0.46
N LEU B 79 7.20 4.71 1.28
CA LEU B 79 6.33 3.60 1.63
C LEU B 79 5.46 3.28 0.43
N ILE B 80 5.20 4.32 -0.37
CA ILE B 80 4.36 4.21 -1.55
C ILE B 80 4.57 2.89 -2.30
N GLY B 81 5.82 2.59 -2.63
CA GLY B 81 6.12 1.35 -3.34
C GLY B 81 6.24 0.14 -2.43
N GLU B 82 6.20 0.36 -1.11
CA GLU B 82 6.31 -0.73 -0.16
C GLU B 82 5.00 -1.45 0.02
N LEU B 83 3.97 -0.70 0.39
CA LEU B 83 2.66 -1.27 0.61
C LEU B 83 2.26 -2.07 -0.61
N ALA B 84 2.85 -1.71 -1.74
CA ALA B 84 2.57 -2.43 -2.97
C ALA B 84 3.32 -3.75 -3.00
N LYS B 85 4.46 -3.80 -2.32
CA LYS B 85 5.25 -5.03 -2.25
C LYS B 85 4.37 -6.19 -1.83
N GLU B 86 3.27 -5.85 -1.15
CA GLU B 86 2.33 -6.86 -0.72
C GLU B 86 1.41 -7.21 -1.87
N VAL B 87 0.79 -6.18 -2.43
CA VAL B 87 -0.13 -6.33 -3.53
C VAL B 87 0.57 -6.74 -4.83
N ARG B 88 1.90 -6.78 -4.81
CA ARG B 88 2.67 -7.15 -5.98
C ARG B 88 2.39 -8.60 -6.39
N LYS B 89 2.89 -9.55 -5.62
CA LYS B 89 2.67 -10.96 -5.92
C LYS B 89 1.19 -11.27 -5.83
N GLU B 90 0.62 -10.69 -4.78
CA GLU B 90 -0.75 -10.86 -4.45
C GLU B 90 -1.66 -10.64 -5.65
N LYS B 91 -1.15 -9.94 -6.67
CA LYS B 91 -1.93 -9.74 -7.88
C LYS B 91 -2.25 -11.07 -8.54
N ALA B 92 -1.21 -11.89 -8.70
CA ALA B 92 -1.35 -13.19 -9.32
C ALA B 92 -1.88 -14.25 -8.36
N LEU B 93 -1.51 -14.16 -7.08
CA LEU B 93 -1.98 -15.15 -6.12
C LEU B 93 -3.42 -14.88 -5.70
N GLY B 94 -3.87 -13.64 -5.89
CA GLY B 94 -5.24 -13.30 -5.53
C GLY B 94 -6.20 -14.36 -6.00
N ILE B 95 -5.94 -14.87 -7.20
CA ILE B 95 -6.78 -15.89 -7.77
C ILE B 95 -6.62 -17.20 -7.02
N ARG B 96 -7.06 -17.18 -5.77
CA ARG B 96 -7.00 -18.36 -4.95
C ARG B 96 -8.18 -19.24 -5.33
N LYS B 97 -9.27 -18.58 -5.69
CA LYS B 97 -10.45 -19.28 -6.15
C LYS B 97 -10.20 -19.81 -7.56
N LYS B 98 -9.53 -20.95 -7.61
CA LYS B 98 -9.19 -21.57 -8.88
C LYS B 98 -10.00 -22.86 -9.09
N MET A 1 18.50 -4.96 4.00
CA MET A 1 18.03 -6.09 3.16
C MET A 1 17.10 -5.59 2.06
N ALA A 2 16.68 -6.51 1.19
CA ALA A 2 15.79 -6.16 0.09
C ALA A 2 14.42 -6.79 0.21
N ALA A 3 13.39 -5.96 0.16
CA ALA A 3 12.03 -6.46 0.20
C ALA A 3 11.72 -7.17 -1.11
N GLU A 4 11.92 -8.48 -1.11
CA GLU A 4 11.71 -9.29 -2.31
C GLU A 4 10.24 -9.35 -2.70
N THR A 5 9.52 -10.33 -2.15
CA THR A 5 8.12 -10.52 -2.46
C THR A 5 7.21 -9.66 -1.58
N LEU A 6 6.73 -10.23 -0.48
CA LEU A 6 5.80 -9.52 0.38
C LEU A 6 6.45 -9.06 1.66
N THR A 7 6.60 -7.74 1.81
CA THR A 7 7.15 -7.22 3.04
C THR A 7 6.05 -7.18 4.07
N GLU A 8 6.42 -6.88 5.30
CA GLU A 8 5.44 -6.79 6.39
C GLU A 8 4.13 -6.12 5.95
N LEU A 9 4.19 -5.26 4.92
CA LEU A 9 3.01 -4.55 4.46
C LEU A 9 1.93 -5.53 4.01
N GLU A 10 2.33 -6.73 3.60
CA GLU A 10 1.37 -7.73 3.17
C GLU A 10 0.35 -7.94 4.27
N ALA A 11 0.80 -7.77 5.51
CA ALA A 11 -0.08 -7.88 6.66
C ALA A 11 -1.02 -6.69 6.64
N ALA A 12 -0.49 -5.57 6.19
CA ALA A 12 -1.27 -4.35 6.06
C ALA A 12 -2.30 -4.52 4.97
N ILE A 13 -1.99 -5.39 3.99
CA ILE A 13 -2.91 -5.65 2.91
C ILE A 13 -4.27 -6.08 3.49
N GLU A 14 -4.21 -6.67 4.70
CA GLU A 14 -5.39 -7.14 5.41
C GLU A 14 -6.33 -5.99 5.77
N THR A 15 -5.76 -4.88 6.24
CA THR A 15 -6.58 -3.72 6.60
C THR A 15 -7.25 -3.14 5.37
N VAL A 16 -6.43 -2.83 4.40
CA VAL A 16 -6.87 -2.25 3.15
C VAL A 16 -7.77 -3.20 2.35
N VAL A 17 -7.54 -4.50 2.48
CA VAL A 17 -8.33 -5.48 1.74
C VAL A 17 -9.67 -5.76 2.42
N SER A 18 -9.67 -5.79 3.74
CA SER A 18 -10.88 -6.08 4.50
C SER A 18 -11.78 -4.85 4.65
N THR A 19 -11.21 -3.67 4.46
CA THR A 19 -12.00 -2.45 4.57
C THR A 19 -12.72 -2.06 3.28
N PHE A 20 -11.96 -1.48 2.37
CA PHE A 20 -12.45 -0.96 1.10
C PHE A 20 -12.58 -2.02 0.04
N PHE A 21 -11.62 -2.93 -0.02
CA PHE A 21 -11.63 -3.96 -1.02
C PHE A 21 -12.73 -4.97 -0.78
N THR A 22 -13.44 -4.84 0.32
CA THR A 22 -14.55 -5.76 0.58
C THR A 22 -15.85 -5.37 -0.12
N PHE A 23 -15.84 -4.28 -0.90
CA PHE A 23 -17.10 -3.87 -1.56
C PHE A 23 -17.45 -4.72 -2.79
N ALA A 24 -16.72 -5.82 -3.00
CA ALA A 24 -17.02 -6.74 -4.11
C ALA A 24 -18.39 -7.36 -3.88
N GLY A 25 -18.81 -7.37 -2.63
CA GLY A 25 -20.11 -7.91 -2.29
C GLY A 25 -21.17 -7.42 -3.27
N ARG A 26 -20.91 -6.24 -3.84
CA ARG A 26 -21.76 -5.64 -4.84
C ARG A 26 -21.98 -6.61 -6.00
N GLU A 27 -20.87 -7.16 -6.50
CA GLU A 27 -20.93 -8.12 -7.60
C GLU A 27 -21.11 -9.54 -7.07
N GLY A 28 -21.63 -10.41 -7.93
CA GLY A 28 -21.86 -11.79 -7.54
C GLY A 28 -20.61 -12.55 -7.14
N ARG A 29 -19.95 -13.14 -8.13
CA ARG A 29 -18.74 -13.93 -7.90
C ARG A 29 -17.81 -13.26 -6.87
N LYS A 30 -16.88 -14.05 -6.35
CA LYS A 30 -15.91 -13.55 -5.38
C LYS A 30 -14.60 -13.22 -6.08
N GLY A 31 -14.70 -12.35 -7.07
CA GLY A 31 -13.52 -11.95 -7.83
C GLY A 31 -13.06 -10.59 -7.42
N SER A 32 -13.70 -9.57 -7.93
CA SER A 32 -13.34 -8.21 -7.59
C SER A 32 -14.53 -7.31 -7.47
N LEU A 33 -14.26 -6.15 -6.94
CA LEU A 33 -15.23 -5.11 -6.81
C LEU A 33 -14.93 -4.15 -7.92
N ASN A 34 -15.91 -3.41 -8.33
CA ASN A 34 -15.74 -2.52 -9.44
C ASN A 34 -15.77 -1.06 -9.00
N ILE A 35 -16.87 -0.36 -9.25
CA ILE A 35 -16.96 1.01 -8.83
C ILE A 35 -18.37 1.41 -8.42
N ASN A 36 -19.11 0.44 -7.94
CA ASN A 36 -20.46 0.68 -7.48
C ASN A 36 -20.40 1.23 -6.07
N GLU A 37 -19.87 0.43 -5.16
CA GLU A 37 -19.72 0.88 -3.81
C GLU A 37 -18.54 1.82 -3.73
N PHE A 38 -17.61 1.74 -4.70
CA PHE A 38 -16.50 2.68 -4.74
C PHE A 38 -17.11 4.06 -4.64
N LYS A 39 -18.34 4.18 -5.19
CA LYS A 39 -19.10 5.42 -5.18
C LYS A 39 -19.30 5.93 -3.77
N GLU A 40 -19.15 5.03 -2.84
CA GLU A 40 -19.27 5.35 -1.43
C GLU A 40 -17.94 5.95 -0.93
N LEU A 41 -16.91 5.94 -1.81
CA LEU A 41 -15.61 6.46 -1.47
C LEU A 41 -15.60 7.99 -1.46
N ALA A 42 -15.23 8.62 -2.58
CA ALA A 42 -15.17 10.07 -2.67
C ALA A 42 -16.33 10.73 -1.96
N THR A 43 -17.44 10.02 -1.86
CA THR A 43 -18.62 10.52 -1.19
C THR A 43 -18.37 10.69 0.32
N GLN A 44 -18.06 9.59 1.00
CA GLN A 44 -17.74 9.63 2.41
C GLN A 44 -16.28 10.02 2.63
N GLN A 45 -15.49 9.84 1.59
CA GLN A 45 -14.08 10.15 1.62
C GLN A 45 -13.81 11.62 1.36
N LEU A 46 -14.59 12.24 0.44
CA LEU A 46 -14.37 13.65 0.09
C LEU A 46 -14.00 14.46 1.31
N PRO A 47 -14.64 14.24 2.48
CA PRO A 47 -14.19 14.92 3.66
C PRO A 47 -13.14 14.05 4.36
N HIS A 48 -11.90 14.19 3.93
CA HIS A 48 -10.78 13.50 4.56
C HIS A 48 -10.00 14.46 5.42
N LEU A 49 -8.74 14.15 5.65
CA LEU A 49 -7.88 15.05 6.38
C LEU A 49 -7.38 16.09 5.38
N LEU A 50 -6.34 15.74 4.64
CA LEU A 50 -5.78 16.61 3.60
C LEU A 50 -6.53 16.43 2.25
N LYS A 51 -7.71 15.82 2.31
CA LYS A 51 -8.51 15.55 1.10
C LYS A 51 -8.48 16.70 0.09
N ASP A 52 -8.94 16.36 -1.10
CA ASP A 52 -9.02 17.32 -2.20
C ASP A 52 -10.46 17.43 -2.69
N VAL A 53 -11.40 17.03 -1.83
CA VAL A 53 -12.83 17.09 -2.18
C VAL A 53 -13.08 16.55 -3.58
N GLY A 54 -13.12 15.22 -3.68
CA GLY A 54 -13.37 14.58 -4.96
C GLY A 54 -14.50 15.21 -5.75
N SER A 55 -14.19 15.64 -6.96
CA SER A 55 -15.18 16.24 -7.84
C SER A 55 -15.97 15.14 -8.53
N LEU A 56 -17.25 15.40 -8.79
CA LEU A 56 -18.10 14.41 -9.44
C LEU A 56 -17.42 13.81 -10.67
N ASP A 57 -16.90 14.67 -11.55
CA ASP A 57 -16.23 14.19 -12.75
C ASP A 57 -15.17 13.15 -12.40
N GLU A 58 -14.21 13.55 -11.57
CA GLU A 58 -13.15 12.66 -11.14
C GLU A 58 -13.77 11.38 -10.62
N LYS A 59 -14.75 11.56 -9.75
CA LYS A 59 -15.46 10.44 -9.17
C LYS A 59 -16.16 9.63 -10.25
N MET A 60 -16.48 10.29 -11.36
CA MET A 60 -17.14 9.63 -12.49
C MET A 60 -16.15 8.89 -13.37
N LYS A 61 -15.11 9.60 -13.82
CA LYS A 61 -14.09 9.04 -14.68
C LYS A 61 -13.33 7.92 -13.99
N THR A 62 -12.55 8.29 -12.98
CA THR A 62 -11.77 7.31 -12.24
C THR A 62 -12.63 6.10 -11.89
N LEU A 63 -13.94 6.34 -11.80
CA LEU A 63 -14.90 5.29 -11.53
C LEU A 63 -14.63 4.07 -12.41
N ASP A 64 -14.90 4.21 -13.71
CA ASP A 64 -14.69 3.12 -14.65
C ASP A 64 -13.21 2.79 -14.80
N VAL A 65 -12.34 3.64 -14.26
CA VAL A 65 -10.90 3.42 -14.32
C VAL A 65 -10.43 2.47 -13.22
N ASN A 66 -10.64 2.87 -11.97
CA ASN A 66 -10.24 2.10 -10.80
C ASN A 66 -11.24 1.02 -10.40
N GLN A 67 -11.97 0.46 -11.34
CA GLN A 67 -12.98 -0.55 -11.02
C GLN A 67 -12.38 -1.74 -10.29
N ASP A 68 -11.36 -2.31 -10.89
CA ASP A 68 -10.69 -3.48 -10.35
C ASP A 68 -9.67 -3.07 -9.30
N SER A 69 -9.54 -1.76 -9.07
CA SER A 69 -8.57 -1.22 -8.11
C SER A 69 -8.76 -1.89 -6.77
N GLU A 70 -9.93 -2.47 -6.60
CA GLU A 70 -10.30 -3.21 -5.44
C GLU A 70 -10.71 -4.61 -5.87
N LEU A 71 -10.01 -5.63 -5.41
CA LEU A 71 -10.38 -6.96 -5.81
C LEU A 71 -10.14 -8.04 -4.80
N ARG A 72 -10.72 -9.17 -5.13
CA ARG A 72 -10.63 -10.39 -4.36
C ARG A 72 -9.92 -11.47 -5.17
N PHE A 73 -9.66 -11.20 -6.46
CA PHE A 73 -9.02 -12.17 -7.33
C PHE A 73 -7.59 -11.75 -7.71
N SER A 74 -7.23 -11.76 -9.00
CA SER A 74 -5.87 -11.43 -9.39
C SER A 74 -5.75 -10.03 -9.92
N GLU A 75 -6.77 -9.24 -9.73
CA GLU A 75 -6.72 -7.88 -10.18
C GLU A 75 -5.97 -7.03 -9.14
N TYR A 76 -5.40 -7.69 -8.10
CA TYR A 76 -4.69 -6.98 -7.02
C TYR A 76 -3.74 -5.93 -7.55
N TRP A 77 -3.25 -6.11 -8.76
CA TRP A 77 -2.36 -5.10 -9.33
C TRP A 77 -3.13 -3.80 -9.53
N ARG A 78 -4.45 -3.84 -9.35
CA ARG A 78 -5.28 -2.66 -9.53
C ARG A 78 -5.20 -1.84 -8.24
N LEU A 79 -5.14 -2.51 -7.08
CA LEU A 79 -4.95 -1.79 -5.82
C LEU A 79 -3.59 -1.11 -5.82
N ILE A 80 -2.72 -1.55 -6.72
CA ILE A 80 -1.37 -1.02 -6.79
C ILE A 80 -1.33 0.50 -6.67
N GLY A 81 -2.14 1.18 -7.47
CA GLY A 81 -2.19 2.62 -7.39
C GLY A 81 -3.00 3.08 -6.17
N GLU A 82 -3.74 2.14 -5.58
CA GLU A 82 -4.57 2.44 -4.42
C GLU A 82 -3.78 2.38 -3.13
N LEU A 83 -3.07 1.28 -2.91
CA LEU A 83 -2.28 1.14 -1.71
C LEU A 83 -1.38 2.36 -1.53
N ALA A 84 -1.13 3.05 -2.64
CA ALA A 84 -0.37 4.28 -2.60
C ALA A 84 -1.28 5.46 -2.26
N LYS A 85 -2.55 5.35 -2.67
CA LYS A 85 -3.56 6.40 -2.40
C LYS A 85 -3.37 6.98 -1.00
N GLU A 86 -2.88 6.13 -0.11
CA GLU A 86 -2.58 6.54 1.25
C GLU A 86 -1.20 7.19 1.34
N VAL A 87 -0.20 6.51 0.78
CA VAL A 87 1.19 6.96 0.83
C VAL A 87 1.50 8.19 -0.04
N ARG A 88 0.91 8.25 -1.22
CA ARG A 88 1.16 9.35 -2.15
C ARG A 88 1.08 10.73 -1.52
N LYS A 89 -0.03 11.02 -0.86
CA LYS A 89 -0.21 12.33 -0.22
C LYS A 89 0.48 12.33 1.11
N GLU A 90 0.44 11.18 1.76
CA GLU A 90 1.09 11.01 3.02
C GLU A 90 2.58 11.25 2.88
N LYS A 91 3.08 11.17 1.64
CA LYS A 91 4.50 11.40 1.39
C LYS A 91 4.97 12.69 2.04
N ALA A 92 4.35 13.79 1.67
CA ALA A 92 4.71 15.10 2.22
C ALA A 92 4.07 15.37 3.57
N LEU A 93 2.89 14.81 3.80
CA LEU A 93 2.21 15.03 5.07
C LEU A 93 2.76 14.11 6.17
N GLY A 94 3.51 13.09 5.79
CA GLY A 94 4.08 12.17 6.75
C GLY A 94 4.95 12.87 7.75
N ILE A 95 5.68 13.86 7.28
CA ILE A 95 6.56 14.63 8.13
C ILE A 95 5.74 15.43 9.13
N ARG A 96 5.04 14.74 10.01
CA ARG A 96 4.22 15.40 11.01
C ARG A 96 5.13 16.26 11.86
N LYS A 97 6.35 15.79 12.02
CA LYS A 97 7.35 16.50 12.78
C LYS A 97 8.08 17.49 11.86
N LYS A 98 7.47 18.66 11.67
CA LYS A 98 8.04 19.70 10.82
C LYS A 98 8.66 20.80 11.67
N MET B 1 -17.01 6.10 -7.51
CA MET B 1 -16.37 7.36 -7.08
C MET B 1 -14.86 7.31 -7.31
N ALA B 2 -14.19 8.41 -7.02
CA ALA B 2 -12.75 8.48 -7.21
C ALA B 2 -11.98 8.61 -5.91
N ALA B 3 -11.02 7.71 -5.70
CA ALA B 3 -10.17 7.77 -4.52
C ALA B 3 -9.26 8.98 -4.66
N GLU B 4 -9.71 10.12 -4.14
CA GLU B 4 -8.96 11.36 -4.25
C GLU B 4 -7.66 11.33 -3.46
N THR B 5 -7.72 11.73 -2.19
CA THR B 5 -6.54 11.77 -1.35
C THR B 5 -6.27 10.41 -0.68
N LEU B 6 -6.78 10.22 0.52
CA LEU B 6 -6.53 8.98 1.24
C LEU B 6 -7.73 8.06 1.26
N THR B 7 -7.63 6.92 0.60
CA THR B 7 -8.72 5.96 0.61
C THR B 7 -8.60 5.13 1.88
N GLU B 8 -9.59 4.30 2.15
CA GLU B 8 -9.59 3.47 3.35
C GLU B 8 -8.21 2.88 3.65
N LEU B 9 -7.41 2.68 2.60
CA LEU B 9 -6.08 2.10 2.76
C LEU B 9 -5.22 2.92 3.72
N GLU B 10 -5.54 4.20 3.87
CA GLU B 10 -4.77 5.04 4.79
C GLU B 10 -4.82 4.42 6.17
N ALA B 11 -5.94 3.75 6.46
CA ALA B 11 -6.09 3.05 7.72
C ALA B 11 -5.14 1.88 7.72
N ALA B 12 -4.95 1.30 6.54
CA ALA B 12 -4.04 0.19 6.36
C ALA B 12 -2.62 0.67 6.54
N ILE B 13 -2.39 1.95 6.25
CA ILE B 13 -1.08 2.53 6.40
C ILE B 13 -0.59 2.29 7.85
N GLU B 14 -1.56 2.15 8.75
CA GLU B 14 -1.30 1.91 10.16
C GLU B 14 -0.60 0.57 10.39
N THR B 15 -1.06 -0.48 9.70
CA THR B 15 -0.46 -1.79 9.86
C THR B 15 0.96 -1.78 9.35
N VAL B 16 1.09 -1.34 8.10
CA VAL B 16 2.37 -1.27 7.42
C VAL B 16 3.31 -0.27 8.07
N VAL B 17 2.77 0.80 8.65
CA VAL B 17 3.60 1.82 9.27
C VAL B 17 4.06 1.40 10.66
N SER B 18 3.17 0.74 11.40
CA SER B 18 3.49 0.31 12.76
C SER B 18 4.30 -0.97 12.78
N THR B 19 4.26 -1.73 11.70
CA THR B 19 5.01 -2.98 11.63
C THR B 19 6.47 -2.78 11.20
N PHE B 20 6.66 -2.71 9.89
CA PHE B 20 7.97 -2.58 9.30
C PHE B 20 8.54 -1.16 9.39
N PHE B 21 7.70 -0.17 9.14
CA PHE B 21 8.15 1.20 9.16
C PHE B 21 8.55 1.69 10.56
N THR B 22 8.37 0.87 11.56
CA THR B 22 8.77 1.25 12.92
C THR B 22 10.25 1.02 13.21
N PHE B 23 11.01 0.54 12.24
CA PHE B 23 12.43 0.27 12.47
C PHE B 23 13.31 1.54 12.47
N ALA B 24 12.69 2.72 12.45
CA ALA B 24 13.43 3.99 12.50
C ALA B 24 14.15 4.12 13.83
N GLY B 25 13.63 3.43 14.85
CA GLY B 25 14.27 3.47 16.15
C GLY B 25 15.77 3.29 16.02
N ARG B 26 16.18 2.61 14.95
CA ARG B 26 17.59 2.40 14.65
C ARG B 26 18.29 3.75 14.66
N GLU B 27 17.72 4.69 13.91
CA GLU B 27 18.25 6.05 13.83
C GLU B 27 17.70 6.90 14.97
N GLY B 28 18.43 7.97 15.30
CA GLY B 28 18.03 8.85 16.37
C GLY B 28 16.70 9.55 16.14
N ARG B 29 16.75 10.70 15.49
CA ARG B 29 15.55 11.50 15.22
C ARG B 29 14.36 10.62 14.82
N LYS B 30 13.17 11.20 14.89
CA LYS B 30 11.94 10.49 14.53
C LYS B 30 11.54 10.87 13.12
N GLY B 31 12.46 10.65 12.18
CA GLY B 31 12.20 10.96 10.79
C GLY B 31 11.91 9.73 10.00
N SER B 32 12.94 9.01 9.64
CA SER B 32 12.77 7.78 8.88
C SER B 32 13.74 6.71 9.29
N LEU B 33 13.44 5.53 8.80
CA LEU B 33 14.29 4.40 9.00
C LEU B 33 15.02 4.23 7.70
N ASN B 34 16.17 3.64 7.76
CA ASN B 34 16.97 3.51 6.58
C ASN B 34 17.02 2.07 6.08
N ILE B 35 18.12 1.40 6.28
CA ILE B 35 18.22 0.02 5.86
C ILE B 35 19.05 -0.82 6.81
N ASN B 36 19.06 -0.43 8.07
CA ASN B 36 19.78 -1.18 9.09
C ASN B 36 18.90 -2.32 9.51
N GLU B 37 17.78 -2.00 10.13
CA GLU B 37 16.87 -3.05 10.53
C GLU B 37 16.17 -3.60 9.29
N PHE B 38 16.14 -2.83 8.18
CA PHE B 38 15.56 -3.34 6.95
C PHE B 38 16.23 -4.68 6.69
N LYS B 39 17.51 -4.75 7.09
CA LYS B 39 18.31 -5.96 6.95
C LYS B 39 17.62 -7.15 7.61
N GLU B 40 16.72 -6.85 8.52
CA GLU B 40 15.94 -7.88 9.19
C GLU B 40 14.78 -8.33 8.29
N LEU B 41 14.67 -7.72 7.10
CA LEU B 41 13.59 -8.03 6.19
C LEU B 41 13.90 -9.29 5.41
N ALA B 42 14.55 -9.14 4.25
CA ALA B 42 14.85 -10.28 3.41
C ALA B 42 15.36 -11.45 4.23
N THR B 43 15.97 -11.12 5.36
CA THR B 43 16.49 -12.13 6.27
C THR B 43 15.37 -13.02 6.81
N GLN B 44 14.42 -12.39 7.50
CA GLN B 44 13.25 -13.07 8.06
C GLN B 44 12.14 -13.20 7.02
N GLN B 45 12.20 -12.35 6.01
CA GLN B 45 11.26 -12.30 4.92
C GLN B 45 11.58 -13.33 3.86
N LEU B 46 12.88 -13.55 3.58
CA LEU B 46 13.29 -14.50 2.52
C LEU B 46 12.39 -15.73 2.54
N PRO B 47 12.04 -16.28 3.72
CA PRO B 47 11.10 -17.37 3.72
C PRO B 47 9.71 -16.80 3.87
N HIS B 48 9.13 -16.44 2.77
CA HIS B 48 7.78 -15.95 2.73
C HIS B 48 6.84 -17.01 2.18
N LEU B 49 5.73 -16.57 1.61
CA LEU B 49 4.82 -17.48 0.95
C LEU B 49 5.36 -17.73 -0.46
N LEU B 50 5.03 -16.83 -1.38
CA LEU B 50 5.50 -16.88 -2.76
C LEU B 50 6.88 -16.21 -2.91
N LYS B 51 7.57 -15.99 -1.78
CA LYS B 51 8.87 -15.31 -1.78
C LYS B 51 9.75 -15.73 -2.93
N ASP B 52 10.80 -14.95 -3.11
CA ASP B 52 11.79 -15.19 -4.16
C ASP B 52 13.17 -15.35 -3.53
N VAL B 53 13.20 -15.65 -2.22
CA VAL B 53 14.45 -15.84 -1.50
C VAL B 53 15.45 -14.72 -1.81
N GLY B 54 15.25 -13.58 -1.16
CA GLY B 54 16.12 -12.44 -1.35
C GLY B 54 17.59 -12.80 -1.35
N SER B 55 18.25 -12.47 -2.44
CA SER B 55 19.66 -12.72 -2.59
C SER B 55 20.45 -11.63 -1.88
N LEU B 56 21.61 -11.98 -1.33
CA LEU B 56 22.43 -11.00 -0.62
C LEU B 56 22.61 -9.74 -1.43
N ASP B 57 23.01 -9.88 -2.70
CA ASP B 57 23.22 -8.72 -3.55
C ASP B 57 22.03 -7.80 -3.51
N GLU B 58 20.89 -8.35 -3.88
CA GLU B 58 19.64 -7.61 -3.89
C GLU B 58 19.46 -6.95 -2.53
N LYS B 59 19.62 -7.77 -1.51
CA LYS B 59 19.50 -7.30 -0.15
C LYS B 59 20.53 -6.22 0.14
N MET B 60 21.64 -6.25 -0.61
CA MET B 60 22.70 -5.26 -0.44
C MET B 60 22.41 -3.96 -1.18
N LYS B 61 22.13 -4.07 -2.47
CA LYS B 61 21.86 -2.90 -3.30
C LYS B 61 20.57 -2.21 -2.89
N THR B 62 19.44 -2.89 -3.05
CA THR B 62 18.16 -2.31 -2.68
C THR B 62 18.26 -1.68 -1.30
N LEU B 63 19.18 -2.19 -0.50
CA LEU B 63 19.44 -1.68 0.83
C LEU B 63 19.56 -0.16 0.80
N ASP B 64 20.64 0.33 0.20
CA ASP B 64 20.87 1.76 0.10
C ASP B 64 19.84 2.44 -0.79
N VAL B 65 19.06 1.65 -1.53
CA VAL B 65 18.03 2.18 -2.40
C VAL B 65 16.74 2.49 -1.65
N ASN B 66 16.22 1.48 -0.97
CA ASN B 66 14.98 1.61 -0.21
C ASN B 66 15.14 2.18 1.21
N GLN B 67 16.29 2.78 1.50
CA GLN B 67 16.53 3.30 2.85
C GLN B 67 15.33 4.06 3.43
N ASP B 68 14.88 5.10 2.75
CA ASP B 68 13.76 5.89 3.22
C ASP B 68 12.44 5.22 2.89
N SER B 69 12.49 4.04 2.25
CA SER B 69 11.27 3.32 1.86
C SER B 69 10.37 3.15 3.07
N GLU B 70 10.97 3.29 4.22
CA GLU B 70 10.30 3.21 5.48
C GLU B 70 10.55 4.50 6.24
N LEU B 71 9.52 5.25 6.56
CA LEU B 71 9.75 6.49 7.26
C LEU B 71 8.67 6.90 8.21
N ARG B 72 9.04 7.89 9.00
CA ARG B 72 8.20 8.50 9.98
C ARG B 72 7.97 9.97 9.63
N PHE B 73 8.69 10.49 8.62
CA PHE B 73 8.56 11.86 8.24
C PHE B 73 7.88 12.01 6.87
N SER B 74 8.48 12.76 5.97
CA SER B 74 7.86 13.00 4.67
C SER B 74 8.45 12.15 3.57
N GLU B 75 9.26 11.18 3.93
CA GLU B 75 9.81 10.29 2.94
C GLU B 75 8.78 9.23 2.56
N TYR B 76 7.54 9.35 3.10
CA TYR B 76 6.48 8.37 2.86
C TYR B 76 6.38 7.95 1.40
N TRP B 77 6.72 8.85 0.48
CA TRP B 77 6.70 8.48 -0.95
C TRP B 77 7.68 7.34 -1.21
N ARG B 78 8.55 7.06 -0.24
CA ARG B 78 9.50 6.00 -0.35
C ARG B 78 8.79 4.66 -0.11
N LEU B 79 7.74 4.65 0.74
CA LEU B 79 6.96 3.43 0.94
C LEU B 79 6.14 3.15 -0.30
N ILE B 80 5.95 4.18 -1.11
CA ILE B 80 5.16 4.08 -2.33
C ILE B 80 5.41 2.75 -3.06
N GLY B 81 6.68 2.38 -3.21
CA GLY B 81 7.02 1.14 -3.87
C GLY B 81 6.89 -0.06 -2.94
N GLU B 82 6.88 0.21 -1.64
CA GLU B 82 6.77 -0.83 -0.62
C GLU B 82 5.34 -1.25 -0.40
N LEU B 83 4.45 -0.27 -0.21
CA LEU B 83 3.05 -0.59 -0.01
C LEU B 83 2.58 -1.45 -1.16
N ALA B 84 3.31 -1.38 -2.28
CA ALA B 84 3.00 -2.23 -3.40
C ALA B 84 3.66 -3.59 -3.23
N LYS B 85 4.82 -3.60 -2.56
CA LYS B 85 5.57 -4.83 -2.28
C LYS B 85 4.63 -5.97 -1.94
N GLU B 86 3.50 -5.62 -1.36
CA GLU B 86 2.48 -6.60 -1.01
C GLU B 86 1.58 -6.88 -2.22
N VAL B 87 1.08 -5.80 -2.82
CA VAL B 87 0.15 -5.90 -3.95
C VAL B 87 0.77 -6.42 -5.25
N ARG B 88 1.99 -6.00 -5.54
CA ARG B 88 2.67 -6.37 -6.79
C ARG B 88 2.61 -7.87 -7.10
N LYS B 89 3.01 -8.70 -6.16
CA LYS B 89 3.03 -10.14 -6.36
C LYS B 89 1.66 -10.71 -6.12
N GLU B 90 1.00 -10.11 -5.16
CA GLU B 90 -0.32 -10.51 -4.80
C GLU B 90 -1.27 -10.28 -5.97
N LYS B 91 -0.82 -9.49 -6.94
CA LYS B 91 -1.63 -9.23 -8.11
C LYS B 91 -2.08 -10.53 -8.75
N ALA B 92 -1.13 -11.40 -9.07
CA ALA B 92 -1.43 -12.68 -9.69
C ALA B 92 -1.84 -13.73 -8.67
N LEU B 93 -1.27 -13.67 -7.48
CA LEU B 93 -1.58 -14.64 -6.44
C LEU B 93 -2.90 -14.31 -5.75
N GLY B 94 -3.37 -13.08 -5.92
CA GLY B 94 -4.63 -12.67 -5.30
C GLY B 94 -5.77 -13.57 -5.70
N ILE B 95 -5.74 -14.02 -6.95
CA ILE B 95 -6.77 -14.91 -7.46
C ILE B 95 -6.70 -16.26 -6.77
N ARG B 96 -6.93 -16.27 -5.47
CA ARG B 96 -6.87 -17.52 -4.73
C ARG B 96 -7.89 -18.49 -5.30
N LYS B 97 -8.98 -17.93 -5.79
CA LYS B 97 -10.03 -18.70 -6.41
C LYS B 97 -9.73 -18.89 -7.90
N LYS B 98 -8.90 -19.89 -8.20
CA LYS B 98 -8.52 -20.17 -9.59
C LYS B 98 -9.27 -21.39 -10.11
#